data_8UA4
#
_entry.id   8UA4
#
_cell.length_a   1.00
_cell.length_b   1.00
_cell.length_c   1.00
_cell.angle_alpha   90.00
_cell.angle_beta   90.00
_cell.angle_gamma   90.00
#
_symmetry.space_group_name_H-M   'P 1'
#
loop_
_entity.id
_entity.type
_entity.pdbx_description
1 polymer 'Envelope glycoprotein E1'
2 polymer 'Envelope glycoprotein E2'
3 polymer 'Capsid protein'
4 polymer 'Envelope glycoprotein E3'
5 polymer 'Very low-density lipoprotein receptor'
6 non-polymer 2-acetamido-2-deoxy-beta-D-glucopyranose
7 non-polymer 'CALCIUM ION'
#
loop_
_entity_poly.entity_id
_entity_poly.type
_entity_poly.pdbx_seq_one_letter_code
_entity_poly.pdbx_strand_id
1 'polypeptide(L)'
;YEHTAVMPNKVGIPYKALVERPGYAPVHLQIQLVNTRIIPSTNLEYITCKYKTKVPSPVVKCCGATQCTSKPHPDYQCQV
FSGVYPFMWGGAYCFCDTENTQMSEAYVERSEECSIDHAKAYKVHTGTVQAMVNITYGSVSWRSADVYVNGETPAKIGDA
KLIIGPLSSAWSPFDNKVVVYGHEVYNYDFPEYGTGKAGSFGDLQSRTSTSNDLYANTNLKLQRPQAGIVHTPFTQVPSG
FERWKKDKGAPLNDVAPFGCSIALEPLRAENCAVGSIPISIDIPDAAFTRISETPTVSDLECKITECTYAFDFGGIATVA
YKSSKAGNCPIHSPSGVAVIKENDVTLAESGSFTFHFSTANIHPAFKLQVCTSAVTCKGDCKPPKDHIVDYPAQHTESFT
SAISATAWSWIKVLVGGTSAFIVLGLIATAVVALVLFFHRH
;
A,D,G,J
2 'polypeptide(L)'
;DLDTHFTQYKLARPYIADCPNCGHSRCDSPIAIEEVRGDAHAGVIRIQTSAMFGLKTDGVDLAYMSFMNGKTQKSIKIDN
LHVRTSAPCSLVSHHGYYILAQCPPGDTVTVGFHDGPNRHTCTVAHKVEFRPVGREKYRHPPEHGVELPCNRYTHKRADQ
GHYVEMHQPGLVADHSLLSIHSAKVKITVPSGAQVKYYCKCPDVRKGITSSDHTTTCTDVKQCRAYLIDNKKWVYNSGRL
PRGEGDTFKGKLHVPFVPVKAKCIATLAPEPLVEHKHRTLILHLHPDHPTLLTTRSLGSDANPTRQWIERPTTVNFTVTG
EGLEYTWGNHPPKRVWAQESGEGNPHGWPHEVVVYYYNRYPLTTIIGLCTCVAIIMVSCVTSVWLLCRTRNLCITPYKLA
PNAQVPILLALLCCIKPTRA
;
B,E,H,K
3 'polypeptide(L)'
;MFPYPTLNYPPMAPINPMAYRDPNPPRRRWRPFRPPLAAQIEDLRRSIASLTLKQRAPNPPAGPPANRKKPAPKPKPAQA
KKKRPPPPAKKQKRKPKPGKRQRMCMKLESDKTFPIMLNGQVNGYACVVGGRVFKPLHVEGRIDNEQLAAIKLKKASIYD
LEYGDVPQCMKSDTLQYTSDKPPGFYNWHHGAVQYENNRFTVPRGVGGKGDSGRPILDNKGRVVAIVLGGVNEGSRTALS
VVTWNQKGVTVKDTPEGSEPW
;
C,F,I,L
4 'polypeptide(L)' SLATVMCVLANITFPCDQPPCMPCCYEKNPHETLTMLEQNYDSRAYDQLLDAAVKCNARRTRR M,N,O,P
5 'polypeptide(L)' CEPSQFQCTNGRCITLLWKCDGDEDCVDGSDEKNCV R
#
# COMPACT_ATOMS: atom_id res chain seq x y z
N TYR A 1 16.09 -26.09 26.14
CA TYR A 1 14.74 -25.83 26.72
C TYR A 1 14.66 -24.43 27.29
N GLU A 2 13.45 -23.88 27.31
CA GLU A 2 13.18 -22.57 27.89
C GLU A 2 12.30 -22.76 29.12
N HIS A 3 12.67 -22.10 30.21
CA HIS A 3 11.91 -22.12 31.44
C HIS A 3 11.52 -20.70 31.78
N THR A 4 10.23 -20.48 31.97
CA THR A 4 9.74 -19.16 32.31
C THR A 4 9.15 -19.20 33.70
N ALA A 5 9.28 -18.10 34.41
CA ALA A 5 8.79 -18.02 35.76
C ALA A 5 8.56 -16.56 36.12
N VAL A 6 8.33 -16.31 37.40
CA VAL A 6 8.20 -14.99 37.98
C VAL A 6 8.87 -15.09 39.34
N MET A 7 9.30 -13.95 39.90
CA MET A 7 10.10 -14.02 41.11
C MET A 7 9.95 -12.79 41.96
N PRO A 8 9.90 -12.94 43.28
CA PRO A 8 9.90 -11.76 44.15
C PRO A 8 11.13 -10.91 43.95
N ASN A 9 10.92 -9.62 43.71
CA ASN A 9 12.02 -8.68 43.55
C ASN A 9 12.56 -8.37 44.94
N LYS A 10 13.16 -9.39 45.54
CA LYS A 10 13.79 -9.40 46.84
C LYS A 10 15.27 -9.61 46.61
N VAL A 11 16.08 -9.21 47.58
CA VAL A 11 17.48 -8.93 47.35
C VAL A 11 18.37 -10.04 47.88
N GLY A 12 18.03 -10.65 49.01
CA GLY A 12 18.79 -11.80 49.48
C GLY A 12 18.13 -13.14 49.31
N ILE A 13 16.85 -13.19 48.98
CA ILE A 13 16.13 -14.46 48.88
C ILE A 13 16.54 -15.13 47.58
N PRO A 14 17.06 -16.36 47.59
CA PRO A 14 17.22 -17.09 46.34
C PRO A 14 15.90 -17.63 45.83
N TYR A 15 15.80 -17.72 44.51
CA TYR A 15 14.62 -18.24 43.83
C TYR A 15 14.98 -19.57 43.20
N LYS A 16 14.29 -20.62 43.63
CA LYS A 16 14.61 -22.00 43.32
C LYS A 16 13.51 -22.61 42.47
N ALA A 17 13.89 -23.26 41.37
CA ALA A 17 12.94 -24.01 40.56
C ALA A 17 13.60 -25.29 40.08
N LEU A 18 12.84 -26.14 39.40
CA LEU A 18 13.41 -27.28 38.68
C LEU A 18 12.87 -27.23 37.27
N VAL A 19 13.76 -27.15 36.31
CA VAL A 19 13.35 -27.33 34.94
C VAL A 19 13.10 -28.81 34.72
N GLU A 20 12.01 -29.10 34.03
CA GLU A 20 11.54 -30.45 33.72
C GLU A 20 11.24 -30.53 32.22
N ARG A 21 12.24 -30.89 31.40
CA ARG A 21 11.99 -31.18 30.00
C ARG A 21 11.85 -32.69 29.90
N PRO A 22 10.73 -33.23 29.39
CA PRO A 22 10.38 -34.61 29.69
C PRO A 22 11.41 -35.59 29.16
N GLY A 23 11.50 -36.73 29.83
CA GLY A 23 12.48 -37.72 29.46
C GLY A 23 13.86 -37.45 29.99
N TYR A 24 14.02 -36.42 30.82
CA TYR A 24 15.30 -36.08 31.43
C TYR A 24 15.11 -35.88 32.92
N ALA A 25 16.21 -35.91 33.65
CA ALA A 25 16.14 -35.67 35.07
C ALA A 25 15.79 -34.21 35.31
N PRO A 26 15.06 -33.90 36.38
CA PRO A 26 14.85 -32.49 36.68
C PRO A 26 16.18 -31.87 37.03
N VAL A 27 16.32 -30.58 36.75
CA VAL A 27 17.58 -29.87 36.94
C VAL A 27 17.30 -28.61 37.71
N HIS A 28 18.16 -28.27 38.65
CA HIS A 28 17.80 -27.33 39.69
C HIS A 28 18.34 -25.97 39.32
N LEU A 29 17.47 -24.99 39.36
CA LEU A 29 17.78 -23.64 38.91
C LEU A 29 17.70 -22.72 40.12
N GLN A 30 18.68 -21.84 40.24
CA GLN A 30 18.75 -20.87 41.32
C GLN A 30 19.06 -19.52 40.72
N ILE A 31 18.23 -18.53 41.01
CA ILE A 31 18.49 -17.13 40.66
C ILE A 31 18.56 -16.33 41.94
N GLN A 32 19.59 -15.51 42.05
CA GLN A 32 19.81 -14.62 43.17
C GLN A 32 20.06 -13.23 42.59
N LEU A 33 19.35 -12.24 43.10
CA LEU A 33 19.43 -10.89 42.56
C LEU A 33 20.09 -10.04 43.62
N VAL A 34 21.20 -9.39 43.27
CA VAL A 34 22.14 -8.87 44.25
C VAL A 34 22.14 -7.35 44.31
N ASN A 35 21.61 -6.67 43.31
CA ASN A 35 21.22 -5.29 43.45
C ASN A 35 20.08 -5.04 42.50
N THR A 36 19.30 -4.00 42.76
CA THR A 36 18.26 -3.56 41.84
C THR A 36 18.54 -2.11 41.51
N ARG A 37 19.09 -1.90 40.33
CA ARG A 37 19.62 -0.61 39.87
C ARG A 37 18.59 0.05 38.97
N ILE A 38 17.74 0.91 39.53
CA ILE A 38 16.76 1.62 38.73
C ILE A 38 17.37 2.98 38.42
N ILE A 39 17.65 3.19 37.14
CA ILE A 39 18.49 4.25 36.62
C ILE A 39 17.56 5.21 35.93
N PRO A 40 17.21 6.35 36.52
CA PRO A 40 16.31 7.27 35.85
C PRO A 40 17.05 8.23 34.93
N SER A 41 16.58 8.39 33.70
CA SER A 41 17.14 9.41 32.84
C SER A 41 16.88 10.79 33.43
N THR A 42 17.93 11.60 33.55
CA THR A 42 17.86 12.90 34.18
C THR A 42 18.53 13.97 33.34
N ASN A 43 18.04 15.21 33.46
CA ASN A 43 18.69 16.38 32.87
C ASN A 43 18.94 17.41 33.96
N LEU A 44 20.19 17.86 34.07
CA LEU A 44 20.53 18.93 34.99
C LEU A 44 19.85 20.21 34.58
N GLU A 45 19.05 20.81 35.46
CA GLU A 45 18.35 22.02 35.08
C GLU A 45 19.25 23.20 35.42
N TYR A 46 19.67 23.30 36.67
CA TYR A 46 20.53 24.39 37.12
C TYR A 46 21.16 24.00 38.44
N ILE A 47 22.26 24.65 38.75
CA ILE A 47 22.98 24.43 40.00
C ILE A 47 22.91 25.70 40.81
N THR A 48 23.20 25.58 42.09
CA THR A 48 23.06 26.72 42.97
C THR A 48 24.02 26.60 44.14
N CYS A 49 24.39 27.74 44.69
CA CYS A 49 25.31 27.76 45.81
C CYS A 49 25.18 29.11 46.50
N LYS A 50 25.96 29.29 47.54
CA LYS A 50 26.02 30.57 48.22
C LYS A 50 26.47 31.64 47.25
N TYR A 51 25.83 32.80 47.34
CA TYR A 51 26.28 33.92 46.53
C TYR A 51 27.45 34.61 47.21
N LYS A 52 28.06 35.53 46.49
CA LYS A 52 29.05 36.40 47.09
C LYS A 52 28.93 37.69 46.32
N THR A 53 28.97 38.77 47.04
CA THR A 53 28.62 40.06 46.50
C THR A 53 29.93 40.79 46.36
N LYS A 54 30.36 40.98 45.13
CA LYS A 54 31.56 41.76 44.90
C LYS A 54 31.10 43.19 44.72
N VAL A 55 31.74 44.06 45.48
CA VAL A 55 31.44 45.47 45.47
C VAL A 55 32.69 46.08 44.87
N PRO A 56 32.69 46.40 43.58
CA PRO A 56 33.87 47.03 43.03
C PRO A 56 34.10 48.37 43.70
N SER A 57 35.24 48.93 43.41
CA SER A 57 35.63 50.14 44.08
C SER A 57 34.64 51.25 43.72
N PRO A 58 34.20 52.07 44.68
CA PRO A 58 33.31 53.15 44.32
C PRO A 58 34.06 54.22 43.54
N VAL A 59 33.29 54.98 42.77
CA VAL A 59 33.82 56.11 42.01
C VAL A 59 33.45 57.37 42.76
N VAL A 60 34.46 58.13 43.14
CA VAL A 60 34.32 59.31 43.96
C VAL A 60 34.86 60.46 43.13
N LYS A 61 33.97 61.16 42.42
CA LYS A 61 34.36 62.08 41.38
C LYS A 61 34.53 63.51 41.88
N CYS A 62 34.43 63.74 43.18
CA CYS A 62 34.53 65.09 43.77
C CYS A 62 33.49 65.96 43.08
N CYS A 63 33.83 67.22 42.79
CA CYS A 63 32.85 68.17 42.30
C CYS A 63 32.21 67.67 41.03
N GLY A 64 30.90 67.80 40.97
CA GLY A 64 30.06 67.27 39.92
C GLY A 64 29.58 65.85 40.16
N ALA A 65 28.92 65.32 39.14
CA ALA A 65 28.12 64.11 39.22
C ALA A 65 28.32 63.25 38.00
N THR A 66 28.69 61.99 38.19
CA THR A 66 28.60 61.01 37.12
C THR A 66 27.30 60.23 37.20
N GLN A 67 27.01 59.51 36.11
CA GLN A 67 25.89 58.57 36.03
C GLN A 67 26.42 57.24 35.50
N CYS A 68 25.77 56.14 35.88
CA CYS A 68 26.27 54.81 35.55
C CYS A 68 25.22 53.99 34.80
N THR A 69 25.71 53.24 33.81
CA THR A 69 24.87 52.44 32.94
C THR A 69 24.54 51.10 33.59
N SER A 70 23.50 50.47 33.08
CA SER A 70 23.16 49.10 33.46
C SER A 70 24.00 48.15 32.63
N LYS A 71 25.23 47.94 33.06
CA LYS A 71 26.07 46.91 32.48
C LYS A 71 25.51 45.52 32.84
N PRO A 72 25.51 44.58 31.91
CA PRO A 72 24.80 43.33 32.16
C PRO A 72 25.54 42.47 33.18
N HIS A 73 24.97 42.38 34.36
CA HIS A 73 25.54 41.64 35.47
C HIS A 73 24.41 41.06 36.28
N PRO A 74 24.58 39.88 36.89
CA PRO A 74 23.56 39.37 37.80
C PRO A 74 23.25 40.33 38.94
N ASP A 75 21.97 40.67 39.06
CA ASP A 75 21.39 41.48 40.13
C ASP A 75 22.28 42.68 40.42
N TYR A 76 22.47 43.47 39.38
CA TYR A 76 23.35 44.62 39.40
C TYR A 76 22.63 45.85 39.91
N GLN A 77 23.26 46.54 40.85
CA GLN A 77 22.86 47.87 41.30
C GLN A 77 23.97 48.86 41.06
N CYS A 78 23.59 50.12 40.80
CA CYS A 78 24.53 51.24 40.72
C CYS A 78 23.75 52.51 40.99
N GLN A 79 24.05 53.17 42.11
CA GLN A 79 23.30 54.34 42.55
C GLN A 79 24.28 55.41 42.99
N VAL A 80 24.10 56.62 42.48
CA VAL A 80 24.97 57.74 42.76
C VAL A 80 24.47 58.47 44.00
N PHE A 81 25.32 58.57 45.01
CA PHE A 81 25.02 59.24 46.26
C PHE A 81 25.62 60.64 46.25
N SER A 82 24.75 61.63 46.18
CA SER A 82 25.12 63.03 46.04
C SER A 82 25.12 63.70 47.41
N GLY A 83 26.20 64.43 47.71
CA GLY A 83 26.34 65.13 48.97
C GLY A 83 27.26 64.44 49.93
N VAL A 84 28.35 63.89 49.40
CA VAL A 84 29.31 63.09 50.13
C VAL A 84 30.53 63.93 50.43
N TYR A 85 31.14 63.71 51.60
CA TYR A 85 32.37 64.39 52.01
C TYR A 85 33.39 63.38 52.51
N PRO A 86 33.81 62.44 51.67
CA PRO A 86 34.67 61.33 52.13
C PRO A 86 35.96 61.80 52.77
N PHE A 87 36.15 61.40 54.02
CA PHE A 87 37.13 61.99 54.93
C PHE A 87 38.09 60.88 55.33
N MET A 88 39.14 60.73 54.53
CA MET A 88 40.20 59.74 54.71
C MET A 88 41.26 60.21 55.73
N TRP A 89 42.27 59.36 55.90
CA TRP A 89 43.50 59.78 56.56
C TRP A 89 44.22 60.81 55.70
N GLY A 90 44.95 61.69 56.37
CA GLY A 90 45.76 62.67 55.70
C GLY A 90 44.95 63.50 54.74
N GLY A 91 43.89 64.13 55.21
CA GLY A 91 43.10 65.01 54.36
C GLY A 91 41.79 64.34 54.02
N ALA A 92 40.77 65.15 53.78
CA ALA A 92 39.58 64.62 53.16
C ALA A 92 39.85 64.45 51.68
N TYR A 93 39.28 63.40 51.11
CA TYR A 93 39.36 63.13 49.68
C TYR A 93 38.15 63.72 48.97
N CYS A 94 37.95 65.02 49.07
CA CYS A 94 37.62 65.81 47.88
C CYS A 94 37.65 67.28 48.26
N PHE A 95 38.02 68.14 47.30
CA PHE A 95 37.91 69.58 47.49
C PHE A 95 36.60 70.10 46.91
N CYS A 96 35.52 69.72 47.58
CA CYS A 96 34.32 70.52 47.52
C CYS A 96 33.60 70.29 48.83
N ASP A 97 32.79 71.26 49.25
CA ASP A 97 31.80 71.03 50.29
C ASP A 97 30.49 70.72 49.59
N THR A 98 30.04 69.48 49.70
CA THR A 98 28.83 69.05 49.03
C THR A 98 28.99 69.16 47.52
N GLU A 99 27.95 68.80 46.79
CA GLU A 99 28.06 68.57 45.35
C GLU A 99 29.26 67.70 45.02
N ASN A 100 29.40 66.60 45.75
CA ASN A 100 30.31 65.52 45.40
C ASN A 100 29.59 64.20 45.18
N THR A 101 30.22 63.38 44.35
CA THR A 101 29.71 62.12 43.83
C THR A 101 30.30 60.94 44.59
N GLN A 102 29.44 60.03 45.05
CA GLN A 102 29.90 58.71 45.51
C GLN A 102 29.13 57.68 44.71
N MET A 103 29.74 57.11 43.69
CA MET A 103 29.09 56.03 42.98
C MET A 103 29.36 54.72 43.70
N SER A 104 28.33 53.90 43.78
CA SER A 104 28.22 52.84 44.79
C SER A 104 27.98 51.50 44.16
N GLU A 105 28.69 51.20 43.09
CA GLU A 105 28.50 49.98 42.31
C GLU A 105 28.53 48.74 43.18
N ALA A 106 27.52 47.89 43.01
CA ALA A 106 27.44 46.57 43.63
C ALA A 106 27.09 45.54 42.57
N TYR A 107 27.43 44.28 42.84
CA TYR A 107 27.39 43.28 41.79
C TYR A 107 27.52 41.93 42.49
N VAL A 108 26.75 40.94 42.09
CA VAL A 108 26.73 39.67 42.81
C VAL A 108 27.06 38.53 41.86
N GLU A 109 27.91 37.62 42.33
CA GLU A 109 28.37 36.52 41.52
C GLU A 109 28.66 35.32 42.39
N ARG A 110 28.73 34.19 41.71
CA ARG A 110 28.90 32.88 42.30
C ARG A 110 30.13 32.82 43.19
N SER A 111 29.98 32.24 44.38
CA SER A 111 31.10 32.09 45.29
C SER A 111 32.01 30.96 44.84
N GLU A 112 33.23 30.96 45.38
CA GLU A 112 34.15 29.90 44.99
C GLU A 112 33.82 28.57 45.64
N GLU A 113 32.97 28.55 46.65
CA GLU A 113 32.62 27.28 47.25
C GLU A 113 31.73 26.51 46.31
N CYS A 114 31.10 27.20 45.37
CA CYS A 114 30.31 26.56 44.35
C CYS A 114 31.12 25.52 43.60
N SER A 115 32.44 25.68 43.53
CA SER A 115 33.22 24.66 42.85
C SER A 115 33.11 23.32 43.55
N ILE A 116 33.10 23.33 44.88
CA ILE A 116 33.20 22.08 45.64
C ILE A 116 31.85 21.60 46.13
N ASP A 117 30.91 22.51 46.42
CA ASP A 117 29.57 22.09 46.81
C ASP A 117 28.51 22.90 46.10
N HIS A 118 27.48 22.19 45.68
CA HIS A 118 26.42 22.78 44.90
C HIS A 118 25.23 21.83 44.85
N ALA A 119 24.04 22.35 45.10
CA ALA A 119 22.84 21.55 45.11
C ALA A 119 22.30 21.50 43.71
N LYS A 120 22.84 20.61 42.90
CA LYS A 120 22.43 20.57 41.51
C LYS A 120 21.05 19.95 41.34
N ALA A 121 20.19 20.61 40.56
CA ALA A 121 18.79 20.25 40.39
C ALA A 121 18.56 19.53 39.07
N TYR A 122 17.97 18.34 39.13
CA TYR A 122 17.70 17.54 37.94
C TYR A 122 16.21 17.55 37.63
N LYS A 123 15.87 16.90 36.53
CA LYS A 123 14.48 16.59 36.19
C LYS A 123 14.40 15.12 35.81
N VAL A 124 13.76 14.33 36.65
CA VAL A 124 13.74 12.88 36.50
C VAL A 124 12.76 12.46 35.41
N HIS A 125 13.16 11.48 34.61
CA HIS A 125 12.27 10.79 33.68
C HIS A 125 12.19 9.30 34.01
N THR A 126 11.49 8.56 33.16
CA THR A 126 11.23 7.14 33.41
C THR A 126 12.52 6.33 33.43
N GLY A 127 13.37 6.50 32.43
CA GLY A 127 14.65 5.81 32.44
C GLY A 127 14.57 4.30 32.23
N THR A 128 15.63 3.63 32.66
CA THR A 128 15.79 2.19 32.50
C THR A 128 16.06 1.56 33.85
N VAL A 129 15.87 0.24 33.93
CA VAL A 129 16.10 -0.52 35.16
C VAL A 129 17.03 -1.68 34.80
N GLN A 130 18.06 -1.92 35.61
CA GLN A 130 18.92 -3.08 35.40
C GLN A 130 19.34 -3.65 36.75
N ALA A 131 19.92 -4.85 36.74
CA ALA A 131 20.21 -5.59 37.97
C ALA A 131 21.38 -6.53 37.78
N MET A 132 22.13 -6.81 38.85
CA MET A 132 23.17 -7.83 38.83
C MET A 132 22.61 -9.12 39.39
N VAL A 133 22.72 -10.19 38.61
CA VAL A 133 22.07 -11.46 38.91
C VAL A 133 23.12 -12.55 38.95
N ASN A 134 22.79 -13.63 39.65
CA ASN A 134 23.70 -14.70 40.01
C ASN A 134 22.92 -15.98 39.77
N ILE A 135 23.39 -16.84 38.87
CA ILE A 135 22.68 -18.05 38.53
C ILE A 135 23.48 -19.26 38.99
N THR A 136 22.75 -20.34 39.26
CA THR A 136 23.32 -21.62 39.63
C THR A 136 22.45 -22.71 39.04
N TYR A 137 23.01 -23.56 38.17
CA TYR A 137 22.21 -24.61 37.58
C TYR A 137 23.01 -25.89 37.46
N GLY A 138 22.33 -26.99 37.73
CA GLY A 138 22.96 -28.30 37.64
C GLY A 138 24.14 -28.36 38.58
N SER A 139 25.26 -28.83 38.05
CA SER A 139 26.53 -28.83 38.77
C SER A 139 27.42 -27.67 38.39
N VAL A 140 26.97 -26.80 37.49
CA VAL A 140 27.76 -25.62 37.16
C VAL A 140 27.76 -24.68 38.36
N SER A 141 28.90 -24.06 38.61
CA SER A 141 29.06 -23.21 39.78
C SER A 141 28.40 -21.86 39.50
N TRP A 142 28.59 -20.91 40.42
CA TRP A 142 27.87 -19.65 40.36
C TRP A 142 28.39 -18.80 39.21
N ARG A 143 27.47 -18.21 38.45
CA ARG A 143 27.78 -17.40 37.29
C ARG A 143 27.01 -16.09 37.38
N SER A 144 27.73 -14.97 37.47
CA SER A 144 27.14 -13.67 37.74
C SER A 144 27.23 -12.77 36.51
N ALA A 145 26.21 -11.94 36.33
CA ALA A 145 26.15 -11.04 35.18
C ALA A 145 25.16 -9.91 35.45
N ASP A 146 25.57 -8.69 35.11
CA ASP A 146 24.59 -7.61 35.05
C ASP A 146 23.67 -7.80 33.85
N VAL A 147 22.44 -7.31 33.99
CA VAL A 147 21.39 -7.53 33.01
C VAL A 147 20.48 -6.31 32.95
N TYR A 148 20.20 -5.83 31.74
CA TYR A 148 19.11 -4.89 31.57
C TYR A 148 17.79 -5.58 31.83
N VAL A 149 16.93 -4.94 32.62
CA VAL A 149 15.62 -5.49 32.90
C VAL A 149 14.70 -4.95 31.81
N ASN A 150 14.67 -5.65 30.69
CA ASN A 150 13.64 -5.45 29.68
C ASN A 150 13.68 -6.69 28.79
N GLY A 151 12.52 -7.20 28.43
CA GLY A 151 12.42 -8.42 27.63
C GLY A 151 13.28 -8.51 26.39
N GLU A 152 13.69 -7.37 25.84
CA GLU A 152 14.24 -7.27 24.50
C GLU A 152 15.77 -7.32 24.47
N THR A 153 16.40 -7.98 25.44
CA THR A 153 17.85 -7.91 25.63
C THR A 153 18.40 -9.30 26.02
N PRO A 154 19.18 -9.97 25.15
CA PRO A 154 19.59 -11.36 25.47
C PRO A 154 20.34 -11.53 26.79
N ALA A 155 21.42 -10.79 27.01
CA ALA A 155 22.13 -10.81 28.29
C ALA A 155 22.62 -12.22 28.64
N LYS A 156 23.46 -12.78 27.77
CA LYS A 156 23.84 -14.19 27.88
C LYS A 156 24.66 -14.40 29.14
N ILE A 157 24.08 -15.06 30.12
CA ILE A 157 24.75 -15.34 31.40
C ILE A 157 25.48 -16.67 31.24
N GLY A 158 26.71 -16.60 30.73
CA GLY A 158 27.52 -17.79 30.64
C GLY A 158 27.29 -18.51 29.34
N ASP A 159 26.48 -19.58 29.41
CA ASP A 159 26.06 -20.34 28.24
C ASP A 159 24.54 -20.45 28.14
N ALA A 160 23.79 -19.73 28.97
CA ALA A 160 22.33 -19.75 28.93
C ALA A 160 21.80 -18.36 28.62
N LYS A 161 20.68 -18.30 27.91
CA LYS A 161 20.04 -17.03 27.58
C LYS A 161 19.11 -16.64 28.70
N LEU A 162 19.36 -15.49 29.34
CA LEU A 162 18.49 -14.99 30.40
C LEU A 162 17.82 -13.72 29.93
N ILE A 163 16.49 -13.75 29.85
CA ILE A 163 15.70 -12.61 29.49
C ILE A 163 14.90 -12.25 30.73
N ILE A 164 15.05 -11.01 31.20
CA ILE A 164 14.41 -10.56 32.42
C ILE A 164 13.39 -9.52 31.99
N GLY A 165 12.12 -9.86 32.13
CA GLY A 165 11.08 -9.08 31.54
C GLY A 165 10.81 -7.86 32.38
N PRO A 166 10.20 -6.84 31.79
CA PRO A 166 10.10 -5.54 32.46
C PRO A 166 9.41 -5.64 33.81
N LEU A 167 9.98 -4.94 34.78
CA LEU A 167 9.60 -5.06 36.18
C LEU A 167 8.11 -4.83 36.36
N SER A 168 7.48 -5.72 37.12
CA SER A 168 6.02 -5.77 37.25
C SER A 168 5.41 -4.41 37.54
N SER A 169 5.98 -3.69 38.48
CA SER A 169 5.54 -2.36 38.83
C SER A 169 6.56 -1.35 38.33
N ALA A 170 6.08 -0.14 38.02
CA ALA A 170 6.92 0.92 37.47
C ALA A 170 7.20 2.01 38.49
N TRP A 171 7.07 1.70 39.76
CA TRP A 171 7.28 2.68 40.80
C TRP A 171 8.73 3.13 40.84
N SER A 172 8.93 4.43 41.06
CA SER A 172 10.24 5.00 41.25
C SER A 172 10.23 5.92 42.47
N PRO A 173 11.27 5.90 43.30
CA PRO A 173 11.28 6.79 44.46
C PRO A 173 11.27 8.25 44.09
N PHE A 174 11.82 8.60 42.93
CA PHE A 174 12.06 9.99 42.58
C PHE A 174 10.86 10.59 41.88
N ASP A 175 10.50 11.81 42.28
CA ASP A 175 9.44 12.53 41.59
C ASP A 175 10.13 13.27 40.44
N ASN A 176 9.41 14.15 39.76
CA ASN A 176 10.00 14.76 38.57
C ASN A 176 11.07 15.75 38.94
N LYS A 177 10.92 16.44 40.05
CA LYS A 177 11.93 17.36 40.56
C LYS A 177 12.73 16.70 41.68
N VAL A 178 14.05 16.62 41.51
CA VAL A 178 14.98 16.12 42.52
C VAL A 178 16.16 17.08 42.57
N VAL A 179 16.72 17.26 43.75
CA VAL A 179 17.91 18.09 43.90
C VAL A 179 18.95 17.29 44.65
N VAL A 180 20.12 17.12 44.04
CA VAL A 180 21.22 16.33 44.57
C VAL A 180 22.15 17.26 45.30
N TYR A 181 22.51 16.89 46.51
CA TYR A 181 23.43 17.67 47.33
C TYR A 181 24.36 16.72 48.03
N GLY A 182 25.65 16.92 47.81
CA GLY A 182 26.62 16.05 48.43
C GLY A 182 26.34 14.62 48.09
N HIS A 183 26.16 13.82 49.12
CA HIS A 183 25.99 12.38 48.99
C HIS A 183 24.54 11.97 49.08
N GLU A 184 23.61 12.87 48.79
CA GLU A 184 22.20 12.56 49.00
C GLU A 184 21.36 13.31 48.00
N VAL A 185 20.09 12.93 47.92
CA VAL A 185 19.14 13.58 47.05
C VAL A 185 17.94 13.99 47.86
N TYR A 186 17.18 14.92 47.32
CA TYR A 186 15.97 15.43 47.92
C TYR A 186 14.85 15.44 46.90
N ASN A 187 13.68 14.94 47.30
CA ASN A 187 12.49 14.94 46.48
C ASN A 187 11.79 16.28 46.70
N TYR A 188 12.42 17.32 46.16
CA TYR A 188 12.02 18.69 46.39
C TYR A 188 11.73 19.35 45.06
N ASP A 189 10.62 20.07 44.97
CA ASP A 189 10.44 20.95 43.83
C ASP A 189 11.37 22.13 43.94
N PHE A 190 11.83 22.61 42.80
CA PHE A 190 12.82 23.66 42.76
C PHE A 190 12.30 24.78 41.87
N PRO A 191 12.21 26.02 42.34
CA PRO A 191 11.73 27.07 41.45
C PRO A 191 12.69 27.25 40.32
N GLU A 192 12.25 26.95 39.10
CA GLU A 192 13.25 26.71 38.08
C GLU A 192 13.67 28.02 37.44
N TYR A 193 14.46 27.92 36.37
CA TYR A 193 15.32 29.00 35.90
C TYR A 193 14.61 30.34 35.86
N GLY A 194 15.19 31.32 36.52
CA GLY A 194 14.63 32.64 36.51
C GLY A 194 13.36 32.83 37.29
N THR A 195 12.81 31.79 37.91
CA THR A 195 11.71 31.93 38.84
C THR A 195 12.21 32.00 40.27
N GLY A 196 13.46 32.38 40.48
CA GLY A 196 14.05 32.33 41.80
C GLY A 196 13.30 33.18 42.79
N LYS A 197 12.97 32.62 43.94
CA LYS A 197 12.05 33.30 44.85
C LYS A 197 12.71 34.42 45.63
N ALA A 198 13.95 34.76 45.34
CA ALA A 198 14.66 35.83 46.02
C ALA A 198 14.68 35.56 47.52
N GLY A 199 15.28 34.44 47.87
CA GLY A 199 15.78 34.23 49.20
C GLY A 199 15.60 32.86 49.79
N SER A 200 14.78 31.96 49.22
CA SER A 200 14.74 30.65 49.83
C SER A 200 15.67 29.59 49.24
N PHE A 201 15.52 29.26 47.95
CA PHE A 201 16.45 28.34 47.30
C PHE A 201 17.21 28.92 46.13
N GLY A 202 16.51 29.56 45.23
CA GLY A 202 17.07 29.94 43.96
C GLY A 202 17.64 31.33 43.95
N ASP A 203 18.31 31.73 45.02
CA ASP A 203 18.92 33.05 45.00
C ASP A 203 19.91 33.15 43.84
N LEU A 204 20.72 32.11 43.64
CA LEU A 204 21.58 31.95 42.49
C LEU A 204 21.08 30.77 41.68
N GLN A 205 21.18 30.88 40.38
CA GLN A 205 20.78 29.80 39.49
C GLN A 205 21.74 29.84 38.31
N SER A 206 22.71 28.93 38.28
CA SER A 206 23.72 28.90 37.24
C SER A 206 23.48 27.68 36.38
N ARG A 207 23.46 27.88 35.08
CA ARG A 207 23.01 26.83 34.17
C ARG A 207 23.91 25.61 34.26
N THR A 208 25.23 25.83 34.33
CA THR A 208 26.16 24.75 34.64
C THR A 208 27.17 25.29 35.65
N SER A 209 28.09 24.41 36.06
CA SER A 209 29.03 24.77 37.11
C SER A 209 29.88 25.96 36.71
N THR A 210 30.33 25.98 35.47
CA THR A 210 31.08 27.10 34.90
C THR A 210 30.21 27.63 33.77
N SER A 211 29.34 28.56 34.11
CA SER A 211 28.46 29.23 33.16
C SER A 211 28.68 30.71 33.32
N ASN A 212 28.68 31.44 32.20
CA ASN A 212 28.89 32.88 32.27
C ASN A 212 27.61 33.61 32.65
N ASP A 213 26.45 33.10 32.25
CA ASP A 213 25.20 33.66 32.71
C ASP A 213 24.86 33.14 34.09
N LEU A 214 24.30 34.02 34.92
CA LEU A 214 23.94 33.69 36.28
C LEU A 214 22.68 34.44 36.64
N TYR A 215 21.58 33.75 36.94
CA TYR A 215 20.37 34.43 37.38
C TYR A 215 20.44 34.60 38.88
N ALA A 216 21.29 35.52 39.30
CA ALA A 216 21.16 35.99 40.65
C ALA A 216 19.80 36.63 40.80
N ASN A 217 19.20 36.48 41.96
CA ASN A 217 18.11 37.36 42.35
C ASN A 217 18.17 37.40 43.87
N THR A 218 18.73 38.44 44.41
CA THR A 218 19.05 38.48 45.82
C THR A 218 18.59 39.74 46.50
N ASN A 219 17.87 40.60 45.80
CA ASN A 219 17.33 41.81 46.38
C ASN A 219 18.43 42.64 47.02
N LEU A 220 19.43 42.97 46.22
CA LEU A 220 20.50 43.85 46.66
C LEU A 220 19.99 45.28 46.68
N LYS A 221 20.22 45.96 47.78
CA LYS A 221 19.91 47.38 47.92
C LYS A 221 21.18 48.05 48.42
N LEU A 222 21.37 49.30 48.04
CA LEU A 222 22.56 50.06 48.43
C LEU A 222 22.16 51.23 49.28
N GLN A 223 23.00 51.57 50.24
CA GLN A 223 22.72 52.62 51.20
C GLN A 223 23.75 53.73 51.09
N ARG A 224 23.46 54.83 51.75
CA ARG A 224 24.34 55.98 51.78
C ARG A 224 25.58 55.67 52.60
N PRO A 225 26.78 55.84 52.07
CA PRO A 225 27.94 55.69 52.95
C PRO A 225 27.94 56.77 54.01
N GLN A 226 27.77 56.34 55.25
CA GLN A 226 27.61 57.26 56.36
C GLN A 226 28.81 58.19 56.51
N ALA A 227 28.53 59.41 56.96
CA ALA A 227 29.50 60.29 57.62
C ALA A 227 30.82 60.42 56.86
N GLY A 228 30.75 60.33 55.54
CA GLY A 228 31.94 60.55 54.73
C GLY A 228 33.08 59.59 55.00
N ILE A 229 32.76 58.30 55.06
CA ILE A 229 33.74 57.23 55.04
C ILE A 229 33.53 56.46 53.75
N VAL A 230 34.61 56.23 53.02
CA VAL A 230 34.53 55.53 51.74
C VAL A 230 34.22 54.06 51.97
N HIS A 231 33.04 53.63 51.54
CA HIS A 231 32.64 52.23 51.54
C HIS A 231 31.31 52.13 50.85
N THR A 232 30.93 50.91 50.47
CA THR A 232 29.72 50.68 49.70
C THR A 232 28.85 49.79 50.57
N PRO A 233 28.03 50.37 51.45
CA PRO A 233 27.21 49.58 52.36
C PRO A 233 26.00 49.02 51.62
N PHE A 234 25.88 47.71 51.62
CA PHE A 234 24.85 47.02 50.88
C PHE A 234 24.10 46.10 51.82
N THR A 235 22.78 46.19 51.79
CA THR A 235 21.87 45.42 52.61
C THR A 235 21.11 44.47 51.73
N GLN A 236 21.07 43.19 52.09
CA GLN A 236 20.30 42.27 51.27
C GLN A 236 20.05 40.97 52.01
N VAL A 237 19.14 40.18 51.45
CA VAL A 237 18.63 38.97 52.09
C VAL A 237 19.76 37.96 52.20
N PRO A 238 19.84 37.16 53.27
CA PRO A 238 20.87 36.14 53.30
C PRO A 238 20.68 35.09 52.23
N SER A 239 21.71 34.25 52.11
CA SER A 239 21.78 33.28 51.05
C SER A 239 20.66 32.28 51.15
N GLY A 240 20.14 31.87 50.01
CA GLY A 240 19.16 30.81 50.03
C GLY A 240 19.73 29.47 50.45
N PHE A 241 21.00 29.21 50.14
CA PHE A 241 21.60 27.99 50.64
C PHE A 241 21.65 27.91 52.14
N GLU A 242 21.82 29.05 52.80
CA GLU A 242 21.80 29.06 54.26
C GLU A 242 20.49 28.48 54.77
N ARG A 243 19.38 29.11 54.40
CA ARG A 243 18.09 28.69 54.91
C ARG A 243 17.72 27.32 54.38
N TRP A 244 18.24 26.93 53.23
CA TRP A 244 17.90 25.61 52.74
C TRP A 244 18.63 24.55 53.53
N LYS A 245 19.84 24.85 53.98
CA LYS A 245 20.56 23.92 54.83
C LYS A 245 19.91 23.83 56.19
N LYS A 246 19.59 24.98 56.79
CA LYS A 246 19.01 24.96 58.12
C LYS A 246 17.67 24.25 58.12
N ASP A 247 16.79 24.60 57.18
CA ASP A 247 15.46 24.00 57.07
C ASP A 247 15.42 22.91 56.00
N LYS A 248 16.54 22.25 55.80
CA LYS A 248 16.63 21.13 54.87
C LYS A 248 15.71 20.02 55.35
N GLY A 249 15.06 19.36 54.42
CA GLY A 249 14.14 18.31 54.77
C GLY A 249 14.88 17.02 55.06
N ALA A 250 14.12 15.98 55.36
CA ALA A 250 14.75 14.69 55.48
C ALA A 250 15.25 14.25 54.10
N PRO A 251 16.49 13.81 53.96
CA PRO A 251 16.94 13.27 52.68
C PRO A 251 16.06 12.15 52.18
N LEU A 252 15.98 12.03 50.86
CA LEU A 252 15.15 10.98 50.28
C LEU A 252 15.55 9.61 50.76
N ASN A 253 16.84 9.31 50.78
CA ASN A 253 17.26 7.97 51.21
C ASN A 253 16.81 7.62 52.61
N ASP A 254 16.58 8.60 53.47
CA ASP A 254 15.98 8.34 54.76
C ASP A 254 14.46 8.32 54.73
N VAL A 255 13.84 8.55 53.57
CA VAL A 255 12.38 8.56 53.45
C VAL A 255 11.91 7.66 52.32
N ALA A 256 12.82 7.15 51.52
CA ALA A 256 12.40 6.41 50.35
C ALA A 256 11.80 5.08 50.77
N PRO A 257 10.55 4.77 50.44
CA PRO A 257 9.96 3.52 50.92
C PRO A 257 10.54 2.30 50.25
N PHE A 258 10.03 1.12 50.62
CA PHE A 258 10.46 -0.15 50.06
C PHE A 258 11.96 -0.37 50.23
N GLY A 259 12.49 0.02 51.39
CA GLY A 259 13.92 -0.16 51.69
C GLY A 259 14.86 0.27 50.59
N CYS A 260 14.53 1.35 49.91
CA CYS A 260 15.25 1.79 48.73
C CYS A 260 16.43 2.62 49.17
N SER A 261 17.65 2.15 48.92
CA SER A 261 18.83 2.96 49.19
C SER A 261 19.14 3.73 47.93
N ILE A 262 19.88 4.83 48.06
CA ILE A 262 20.24 5.63 46.89
C ILE A 262 21.75 5.74 46.78
N ALA A 263 22.24 5.58 45.56
CA ALA A 263 23.59 5.92 45.13
C ALA A 263 23.52 7.06 44.14
N LEU A 264 24.68 7.65 43.86
CA LEU A 264 24.75 8.99 43.33
C LEU A 264 25.24 9.06 41.89
N GLU A 265 26.38 8.48 41.56
CA GLU A 265 27.02 8.90 40.31
C GLU A 265 26.21 8.56 39.03
N PRO A 266 25.40 7.51 38.98
CA PRO A 266 24.26 7.49 38.04
C PRO A 266 22.92 8.01 38.56
N LEU A 267 22.83 8.47 39.80
CA LEU A 267 21.59 8.85 40.48
C LEU A 267 20.58 7.71 40.45
N ARG A 268 20.98 6.61 41.07
CA ARG A 268 20.26 5.34 41.03
C ARG A 268 19.79 4.96 42.42
N ALA A 269 18.60 4.40 42.51
CA ALA A 269 18.08 3.84 43.75
C ALA A 269 18.26 2.34 43.72
N GLU A 270 19.02 1.80 44.67
CA GLU A 270 19.33 0.39 44.71
C GLU A 270 18.44 -0.36 45.68
N ASN A 271 18.44 -1.69 45.54
CA ASN A 271 17.85 -2.61 46.50
C ASN A 271 16.38 -2.30 46.76
N CYS A 272 15.66 -1.94 45.70
CA CYS A 272 14.33 -1.35 45.81
C CYS A 272 13.31 -2.47 45.73
N ALA A 273 12.77 -2.89 46.87
CA ALA A 273 12.05 -4.17 46.93
C ALA A 273 10.56 -3.96 46.73
N VAL A 274 10.21 -3.62 45.50
CA VAL A 274 8.84 -3.47 45.04
C VAL A 274 8.52 -4.54 44.01
N GLY A 275 7.36 -5.15 44.15
CA GLY A 275 6.75 -5.99 43.15
C GLY A 275 7.59 -7.20 42.77
N SER A 276 7.43 -7.64 41.53
CA SER A 276 8.01 -8.90 41.08
C SER A 276 8.60 -8.71 39.69
N ILE A 277 9.29 -9.75 39.24
CA ILE A 277 9.99 -9.75 37.96
C ILE A 277 9.65 -11.01 37.19
N PRO A 278 9.26 -10.96 35.92
CA PRO A 278 9.25 -12.18 35.10
C PRO A 278 10.64 -12.58 34.66
N ILE A 279 10.82 -13.88 34.44
CA ILE A 279 12.11 -14.47 34.06
C ILE A 279 11.88 -15.47 32.96
N SER A 280 12.79 -15.51 31.99
CA SER A 280 12.75 -16.52 30.93
C SER A 280 14.19 -16.95 30.64
N ILE A 281 14.56 -18.12 31.13
CA ILE A 281 15.93 -18.62 31.09
C ILE A 281 15.96 -19.84 30.19
N ASP A 282 16.73 -19.75 29.12
CA ASP A 282 16.89 -20.82 28.13
C ASP A 282 18.21 -21.50 28.45
N ILE A 283 18.12 -22.67 29.06
CA ILE A 283 19.26 -23.36 29.64
C ILE A 283 19.91 -24.14 28.50
N PRO A 284 21.19 -24.50 28.56
CA PRO A 284 21.73 -25.44 27.57
C PRO A 284 21.05 -26.80 27.69
N ASP A 285 20.94 -27.48 26.54
CA ASP A 285 20.42 -28.84 26.57
C ASP A 285 21.45 -29.82 27.11
N ALA A 286 22.73 -29.51 26.96
CA ALA A 286 23.78 -30.42 27.38
C ALA A 286 23.78 -30.65 28.89
N ALA A 287 23.30 -29.68 29.66
CA ALA A 287 23.30 -29.83 31.11
C ALA A 287 22.24 -30.80 31.60
N PHE A 288 21.35 -31.25 30.73
CA PHE A 288 20.34 -32.23 31.09
C PHE A 288 20.93 -33.64 31.03
N THR A 289 20.14 -34.61 31.47
CA THR A 289 20.58 -36.00 31.41
C THR A 289 19.38 -36.91 31.27
N ARG A 290 19.55 -37.95 30.44
CA ARG A 290 18.48 -38.88 30.12
C ARG A 290 17.89 -39.53 31.37
N ILE A 291 16.56 -39.60 31.42
CA ILE A 291 15.86 -40.12 32.59
C ILE A 291 16.26 -41.56 32.84
N SER A 292 16.49 -42.32 31.77
CA SER A 292 16.84 -43.74 31.90
C SER A 292 18.17 -43.92 32.61
N GLU A 293 19.04 -42.92 32.58
CA GLU A 293 20.25 -42.96 33.38
C GLU A 293 19.93 -42.70 34.85
N THR A 294 18.93 -41.88 35.13
CA THR A 294 18.68 -41.38 36.46
C THR A 294 18.30 -42.52 37.42
N PRO A 295 18.68 -42.43 38.70
CA PRO A 295 18.21 -43.43 39.66
C PRO A 295 16.70 -43.39 39.88
N THR A 296 16.13 -44.56 40.13
CA THR A 296 14.81 -44.65 40.73
C THR A 296 14.90 -44.44 42.23
N VAL A 297 13.96 -43.69 42.78
CA VAL A 297 13.81 -43.52 44.21
C VAL A 297 12.39 -43.90 44.57
N SER A 298 12.22 -44.65 45.64
CA SER A 298 10.89 -45.17 45.94
C SER A 298 10.76 -45.46 47.42
N ASP A 299 9.49 -45.50 47.84
CA ASP A 299 9.10 -45.69 49.22
C ASP A 299 9.80 -44.61 50.06
N LEU A 300 9.45 -43.38 49.70
CA LEU A 300 9.89 -42.17 50.38
C LEU A 300 9.02 -41.90 51.59
N GLU A 301 9.64 -41.54 52.71
CA GLU A 301 8.88 -41.19 53.91
C GLU A 301 9.65 -40.10 54.62
N CYS A 302 9.07 -38.88 54.66
CA CYS A 302 9.69 -37.72 55.30
C CYS A 302 8.93 -37.33 56.54
N LYS A 303 9.69 -37.02 57.59
CA LYS A 303 9.15 -36.71 58.90
C LYS A 303 9.79 -35.44 59.39
N ILE A 304 9.00 -34.49 59.88
CA ILE A 304 9.57 -33.26 60.40
C ILE A 304 10.04 -33.53 61.82
N THR A 305 11.30 -33.22 62.08
CA THR A 305 11.92 -33.60 63.34
C THR A 305 11.93 -32.47 64.33
N GLU A 306 12.00 -31.23 63.87
CA GLU A 306 11.65 -30.12 64.75
C GLU A 306 11.46 -28.89 63.88
N CYS A 307 10.36 -28.16 64.03
CA CYS A 307 10.18 -26.94 63.28
C CYS A 307 9.63 -25.85 64.18
N THR A 308 9.94 -24.62 63.81
CA THR A 308 9.53 -23.44 64.56
C THR A 308 9.61 -22.29 63.59
N TYR A 309 8.49 -21.59 63.39
CA TYR A 309 8.30 -20.76 62.21
C TYR A 309 9.09 -19.46 62.39
N ALA A 310 10.40 -19.62 62.40
CA ALA A 310 11.35 -18.52 62.41
C ALA A 310 11.61 -18.05 60.99
N PHE A 311 12.16 -16.85 60.91
CA PHE A 311 12.63 -16.31 59.64
C PHE A 311 13.72 -17.19 59.06
N ASP A 312 14.79 -17.38 59.80
CA ASP A 312 15.86 -18.24 59.35
C ASP A 312 15.35 -19.66 59.25
N PHE A 313 16.17 -20.54 58.68
CA PHE A 313 15.63 -21.86 58.41
C PHE A 313 15.57 -22.53 59.76
N GLY A 314 14.41 -22.45 60.39
CA GLY A 314 14.20 -23.05 61.69
C GLY A 314 13.32 -24.26 61.62
N GLY A 315 13.47 -25.08 60.59
CA GLY A 315 12.90 -26.39 60.60
C GLY A 315 13.81 -27.46 60.06
N ILE A 316 14.00 -28.54 60.81
CA ILE A 316 14.84 -29.66 60.40
C ILE A 316 13.92 -30.84 60.20
N ALA A 317 14.13 -31.59 59.11
CA ALA A 317 13.34 -32.78 58.89
C ALA A 317 14.22 -33.86 58.29
N THR A 318 13.70 -35.09 58.29
CA THR A 318 14.40 -36.28 57.83
C THR A 318 13.55 -37.02 56.81
N VAL A 319 14.19 -37.48 55.74
CA VAL A 319 13.54 -38.30 54.73
C VAL A 319 14.25 -39.63 54.69
N ALA A 320 13.50 -40.70 54.88
CA ALA A 320 13.98 -42.05 54.62
C ALA A 320 13.72 -42.38 53.15
N TYR A 321 14.78 -42.58 52.40
CA TYR A 321 14.68 -42.97 51.00
C TYR A 321 15.30 -44.34 50.82
N LYS A 322 14.80 -45.04 49.82
CA LYS A 322 15.38 -46.24 49.28
C LYS A 322 15.63 -46.00 47.80
N SER A 323 16.69 -46.62 47.28
CA SER A 323 17.37 -46.11 46.10
C SER A 323 17.59 -47.18 45.06
N SER A 324 17.84 -46.73 43.84
CA SER A 324 18.36 -47.59 42.78
C SER A 324 19.89 -47.60 42.75
N LYS A 325 20.50 -46.43 42.61
CA LYS A 325 21.95 -46.36 42.54
C LYS A 325 22.41 -44.98 42.98
N ALA A 326 23.70 -44.88 43.31
CA ALA A 326 24.28 -43.60 43.71
C ALA A 326 24.02 -42.53 42.67
N GLY A 327 23.90 -41.28 43.11
CA GLY A 327 23.58 -40.21 42.18
C GLY A 327 23.00 -39.01 42.88
N ASN A 328 22.74 -37.96 42.10
CA ASN A 328 22.24 -36.71 42.65
C ASN A 328 20.75 -36.53 42.41
N CYS A 329 20.10 -35.85 43.35
CA CYS A 329 18.74 -35.33 43.28
C CYS A 329 18.62 -33.86 43.67
N PRO A 330 17.81 -33.09 42.95
CA PRO A 330 17.34 -31.82 43.50
C PRO A 330 16.10 -31.99 44.35
N ILE A 331 16.04 -31.17 45.39
CA ILE A 331 14.93 -31.16 46.33
C ILE A 331 14.46 -29.72 46.43
N HIS A 332 13.33 -29.40 45.80
CA HIS A 332 12.65 -28.18 46.20
C HIS A 332 11.15 -28.42 46.23
N SER A 333 10.48 -27.67 47.08
CA SER A 333 9.04 -27.72 47.15
C SER A 333 8.42 -26.87 46.04
N PRO A 334 7.56 -27.44 45.18
CA PRO A 334 7.04 -26.68 44.04
C PRO A 334 6.11 -25.54 44.42
N SER A 335 5.88 -25.31 45.71
CA SER A 335 4.86 -24.41 46.21
C SER A 335 5.49 -23.62 47.32
N GLY A 336 4.95 -22.45 47.56
CA GLY A 336 5.60 -21.50 48.42
C GLY A 336 5.53 -21.83 49.88
N VAL A 337 4.95 -22.96 50.24
CA VAL A 337 4.68 -23.23 51.63
C VAL A 337 5.97 -23.43 52.40
N ALA A 338 7.01 -23.92 51.74
CA ALA A 338 8.33 -24.09 52.30
C ALA A 338 9.40 -23.57 51.37
N VAL A 339 10.55 -23.22 51.92
CA VAL A 339 11.76 -23.02 51.15
C VAL A 339 12.84 -23.91 51.74
N ILE A 340 13.48 -24.69 50.88
CA ILE A 340 14.41 -25.73 51.26
C ILE A 340 15.82 -25.17 51.25
N LYS A 341 16.58 -25.40 52.32
CA LYS A 341 17.91 -24.81 52.34
C LYS A 341 18.84 -25.46 51.33
N GLU A 342 18.65 -26.74 51.03
CA GLU A 342 19.67 -27.53 50.35
C GLU A 342 19.35 -27.62 48.88
N ASN A 343 20.30 -27.19 48.05
CA ASN A 343 20.10 -27.20 46.62
C ASN A 343 19.97 -28.62 46.09
N ASP A 344 20.98 -29.45 46.36
CA ASP A 344 21.10 -30.80 45.81
C ASP A 344 21.52 -31.74 46.91
N VAL A 345 21.06 -32.99 46.83
CA VAL A 345 21.52 -34.06 47.71
C VAL A 345 22.04 -35.19 46.84
N THR A 346 23.32 -35.50 47.03
CA THR A 346 24.02 -36.53 46.29
C THR A 346 24.11 -37.72 47.22
N LEU A 347 23.57 -38.84 46.76
CA LEU A 347 22.94 -39.80 47.63
C LEU A 347 23.38 -41.21 47.26
N ALA A 348 23.72 -41.99 48.28
CA ALA A 348 23.98 -43.41 48.16
C ALA A 348 22.67 -44.19 48.28
N GLU A 349 22.76 -45.51 48.38
CA GLU A 349 21.59 -46.36 48.59
C GLU A 349 21.03 -46.31 50.01
N SER A 350 19.73 -46.62 50.11
CA SER A 350 19.14 -47.35 51.25
C SER A 350 19.38 -46.64 52.58
N GLY A 351 18.85 -45.42 52.72
CA GLY A 351 19.38 -44.51 53.71
C GLY A 351 18.38 -43.42 54.04
N SER A 352 18.78 -42.57 54.99
CA SER A 352 17.86 -41.62 55.63
C SER A 352 18.61 -40.31 55.85
N PHE A 353 18.29 -39.30 55.04
CA PHE A 353 19.02 -38.04 55.09
C PHE A 353 18.13 -36.91 55.57
N THR A 354 18.78 -35.83 55.99
CA THR A 354 18.16 -34.73 56.70
C THR A 354 18.24 -33.46 55.86
N PHE A 355 17.13 -32.73 55.75
CA PHE A 355 17.17 -31.42 55.10
C PHE A 355 16.54 -30.35 55.96
N HIS A 356 17.20 -29.19 55.98
CA HIS A 356 16.74 -27.95 56.58
C HIS A 356 15.81 -27.14 55.68
N PHE A 357 14.79 -26.54 56.28
CA PHE A 357 13.81 -25.74 55.57
C PHE A 357 13.25 -24.65 56.46
N SER A 358 12.65 -23.64 55.82
CA SER A 358 12.08 -22.46 56.47
C SER A 358 10.65 -22.29 56.02
N THR A 359 9.77 -21.96 56.96
CA THR A 359 8.34 -21.86 56.70
C THR A 359 7.69 -21.11 57.85
N ALA A 360 6.52 -20.52 57.56
CA ALA A 360 5.76 -19.74 58.53
C ALA A 360 4.42 -20.35 58.88
N ASN A 361 3.88 -21.21 58.04
CA ASN A 361 2.63 -21.88 58.38
C ASN A 361 2.85 -22.77 59.58
N ILE A 362 1.79 -22.96 60.35
CA ILE A 362 1.92 -23.63 61.62
C ILE A 362 1.59 -25.11 61.51
N HIS A 363 1.45 -25.61 60.28
CA HIS A 363 1.35 -27.02 59.95
C HIS A 363 1.74 -27.14 58.48
N PRO A 364 3.01 -27.04 58.15
CA PRO A 364 3.41 -27.02 56.74
C PRO A 364 3.05 -28.30 56.03
N ALA A 365 2.81 -28.20 54.73
CA ALA A 365 2.38 -29.33 53.92
C ALA A 365 3.18 -29.40 52.65
N PHE A 366 4.49 -29.24 52.78
CA PHE A 366 5.35 -29.27 51.60
C PHE A 366 5.26 -30.63 50.92
N LYS A 367 5.22 -30.59 49.60
CA LYS A 367 5.25 -31.76 48.74
C LYS A 367 6.58 -31.74 48.01
N LEU A 368 7.58 -32.43 48.51
CA LEU A 368 8.95 -32.19 48.10
C LEU A 368 9.42 -33.26 47.16
N GLN A 369 9.95 -32.86 46.02
CA GLN A 369 10.30 -33.79 44.95
C GLN A 369 11.79 -34.11 44.95
N VAL A 370 12.11 -35.33 45.38
CA VAL A 370 13.46 -35.90 45.34
C VAL A 370 13.59 -36.67 44.04
N CYS A 371 14.41 -36.20 43.11
CA CYS A 371 14.79 -37.00 41.93
C CYS A 371 13.54 -37.44 41.15
N THR A 372 12.80 -36.45 40.66
CA THR A 372 11.51 -36.63 39.99
C THR A 372 10.58 -37.64 40.69
N SER A 373 10.52 -37.54 42.01
CA SER A 373 9.55 -38.27 42.81
C SER A 373 8.82 -37.28 43.69
N ALA A 374 8.00 -37.77 44.60
CA ALA A 374 7.14 -36.93 45.43
C ALA A 374 7.07 -37.48 46.84
N VAL A 375 7.02 -36.60 47.83
CA VAL A 375 6.68 -37.04 49.17
C VAL A 375 6.14 -35.86 49.96
N THR A 376 5.04 -36.08 50.67
CA THR A 376 4.35 -35.03 51.40
C THR A 376 4.47 -35.28 52.89
N CYS A 377 4.86 -34.26 53.63
CA CYS A 377 5.00 -34.40 55.07
C CYS A 377 4.70 -33.11 55.83
N LYS A 378 4.09 -33.27 57.00
CA LYS A 378 3.55 -32.16 57.76
C LYS A 378 3.71 -32.40 59.25
N GLY A 379 3.50 -31.35 60.04
CA GLY A 379 3.59 -31.44 61.48
C GLY A 379 3.58 -30.07 62.11
N ASP A 380 3.50 -30.06 63.44
CA ASP A 380 3.41 -28.79 64.18
C ASP A 380 4.74 -28.05 64.24
N CYS A 381 4.67 -26.72 64.18
CA CYS A 381 5.77 -25.79 64.45
C CYS A 381 5.38 -24.87 65.61
N LYS A 382 6.37 -24.39 66.36
CA LYS A 382 6.12 -23.59 67.55
C LYS A 382 6.75 -22.20 67.46
N PRO A 383 6.24 -21.22 68.21
CA PRO A 383 6.71 -19.83 68.08
C PRO A 383 8.18 -19.69 68.47
N PRO A 384 9.09 -19.18 67.57
CA PRO A 384 10.50 -19.07 67.94
C PRO A 384 10.95 -17.84 68.71
N LYS A 385 10.22 -17.49 69.77
CA LYS A 385 10.77 -16.99 71.03
C LYS A 385 11.93 -16.00 70.93
N ASP A 386 11.90 -15.02 70.01
CA ASP A 386 12.91 -13.97 70.00
C ASP A 386 12.39 -12.54 69.88
N HIS A 387 11.16 -12.32 69.44
CA HIS A 387 10.69 -11.00 69.04
C HIS A 387 11.55 -10.55 67.87
N ILE A 388 12.19 -9.39 67.91
CA ILE A 388 12.76 -8.79 66.71
C ILE A 388 14.14 -9.38 66.43
N VAL A 389 14.35 -9.79 65.19
CA VAL A 389 15.64 -10.24 64.71
C VAL A 389 15.98 -9.50 63.43
N ASP A 390 17.18 -9.75 62.92
CA ASP A 390 17.76 -8.99 61.83
C ASP A 390 17.87 -9.78 60.54
N TYR A 391 17.39 -10.97 60.51
CA TYR A 391 17.39 -11.77 59.29
C TYR A 391 16.12 -11.47 58.51
N PRO A 392 16.17 -11.07 57.25
CA PRO A 392 14.91 -10.87 56.53
C PRO A 392 14.15 -12.18 56.37
N ALA A 393 12.96 -12.06 55.82
CA ALA A 393 12.00 -13.15 55.76
C ALA A 393 12.38 -14.08 54.62
N GLN A 394 12.76 -15.29 54.96
CA GLN A 394 13.16 -16.23 53.94
C GLN A 394 11.94 -16.75 53.21
N HIS A 395 10.85 -16.97 53.92
CA HIS A 395 9.61 -17.47 53.33
C HIS A 395 8.62 -16.33 53.07
N THR A 396 7.65 -16.61 52.24
CA THR A 396 6.57 -15.70 51.91
C THR A 396 5.31 -16.13 52.65
N GLU A 397 4.73 -15.22 53.42
CA GLU A 397 3.53 -15.58 54.14
C GLU A 397 2.29 -15.46 53.28
N SER A 398 1.40 -16.43 53.42
CA SER A 398 0.08 -16.46 52.79
C SER A 398 -0.96 -16.43 53.88
N PHE A 399 -2.19 -16.07 53.54
CA PHE A 399 -3.18 -15.87 54.61
C PHE A 399 -3.46 -17.16 55.33
N THR A 400 -3.49 -18.29 54.61
CA THR A 400 -3.82 -19.53 55.27
C THR A 400 -2.53 -20.15 55.80
N SER A 401 -1.96 -19.45 56.76
CA SER A 401 -0.75 -19.89 57.43
C SER A 401 -0.88 -19.96 58.93
N ALA A 402 -1.62 -19.05 59.53
CA ALA A 402 -1.60 -18.96 60.97
C ALA A 402 -2.62 -19.82 61.65
N ILE A 403 -3.47 -20.54 60.93
CA ILE A 403 -4.62 -21.16 61.54
C ILE A 403 -4.19 -22.50 62.12
N SER A 404 -4.43 -22.68 63.41
CA SER A 404 -3.69 -23.64 64.18
C SER A 404 -4.27 -25.04 64.15
N ALA A 405 -5.21 -25.32 63.26
CA ALA A 405 -5.83 -26.62 63.03
C ALA A 405 -6.73 -27.03 64.18
N THR A 406 -6.86 -26.23 65.23
CA THR A 406 -8.04 -26.21 66.06
C THR A 406 -8.92 -25.03 65.72
N ALA A 407 -8.29 -23.88 65.49
CA ALA A 407 -9.04 -22.75 64.99
C ALA A 407 -9.60 -23.07 63.61
N TRP A 408 -8.84 -23.81 62.83
CA TRP A 408 -9.38 -24.32 61.58
C TRP A 408 -10.56 -25.22 61.87
N SER A 409 -10.41 -26.09 62.86
CA SER A 409 -11.54 -26.90 63.31
C SER A 409 -12.66 -26.05 63.84
N TRP A 410 -12.34 -24.99 64.56
CA TRP A 410 -13.39 -24.17 65.16
C TRP A 410 -14.20 -23.46 64.10
N ILE A 411 -13.54 -22.84 63.14
CA ILE A 411 -14.29 -22.15 62.11
C ILE A 411 -15.03 -23.15 61.25
N LYS A 412 -14.45 -24.33 61.05
CA LYS A 412 -15.14 -25.34 60.25
C LYS A 412 -16.42 -25.78 60.95
N VAL A 413 -16.34 -26.07 62.24
CA VAL A 413 -17.54 -26.54 62.93
C VAL A 413 -18.55 -25.42 63.03
N LEU A 414 -18.10 -24.18 63.17
CA LEU A 414 -19.06 -23.09 63.23
C LEU A 414 -19.77 -22.91 61.89
N VAL A 415 -19.02 -22.88 60.79
CA VAL A 415 -19.64 -22.68 59.49
C VAL A 415 -20.51 -23.86 59.14
N GLY A 416 -20.10 -25.06 59.54
CA GLY A 416 -20.95 -26.21 59.36
C GLY A 416 -22.22 -26.10 60.17
N GLY A 417 -22.12 -25.61 61.41
CA GLY A 417 -23.30 -25.50 62.23
C GLY A 417 -24.31 -24.53 61.66
N THR A 418 -23.85 -23.37 61.18
CA THR A 418 -24.79 -22.46 60.53
C THR A 418 -25.40 -23.10 59.29
N SER A 419 -24.57 -23.66 58.42
CA SER A 419 -25.10 -24.19 57.18
C SER A 419 -26.07 -25.31 57.44
N ALA A 420 -25.73 -26.20 58.37
CA ALA A 420 -26.61 -27.33 58.65
C ALA A 420 -27.88 -26.90 59.34
N PHE A 421 -27.85 -25.85 60.16
CA PHE A 421 -29.08 -25.39 60.77
C PHE A 421 -30.01 -24.80 59.72
N ILE A 422 -29.46 -24.01 58.79
CA ILE A 422 -30.28 -23.48 57.70
C ILE A 422 -30.80 -24.61 56.82
N VAL A 423 -29.97 -25.62 56.57
CA VAL A 423 -30.41 -26.75 55.77
C VAL A 423 -31.52 -27.50 56.48
N LEU A 424 -31.42 -27.64 57.80
CA LEU A 424 -32.48 -28.30 58.55
C LEU A 424 -33.77 -27.52 58.42
N GLY A 425 -33.68 -26.20 58.47
CA GLY A 425 -34.85 -25.39 58.22
C GLY A 425 -35.42 -25.60 56.82
N LEU A 426 -34.54 -25.62 55.82
CA LEU A 426 -35.01 -25.79 54.45
C LEU A 426 -35.69 -27.15 54.27
N ILE A 427 -35.13 -28.18 54.87
CA ILE A 427 -35.76 -29.49 54.79
C ILE A 427 -37.10 -29.48 55.49
N ALA A 428 -37.18 -28.83 56.66
CA ALA A 428 -38.45 -28.78 57.37
C ALA A 428 -39.52 -28.03 56.59
N THR A 429 -39.16 -26.93 55.95
CA THR A 429 -40.14 -26.22 55.13
C THR A 429 -40.59 -27.08 53.97
N ALA A 430 -39.67 -27.79 53.31
CA ALA A 430 -40.11 -28.63 52.21
C ALA A 430 -41.01 -29.76 52.70
N VAL A 431 -40.63 -30.41 53.79
CA VAL A 431 -41.39 -31.58 54.20
C VAL A 431 -42.74 -31.19 54.77
N VAL A 432 -42.85 -30.03 55.43
CA VAL A 432 -44.18 -29.57 55.81
C VAL A 432 -44.92 -29.08 54.58
N ALA A 433 -44.21 -28.48 53.64
CA ALA A 433 -44.82 -27.99 52.42
C ALA A 433 -45.45 -29.09 51.60
N LEU A 434 -45.00 -30.33 51.76
CA LEU A 434 -45.56 -31.43 50.98
C LEU A 434 -46.33 -32.42 51.84
N VAL A 435 -45.72 -32.96 52.89
CA VAL A 435 -46.39 -33.90 53.77
C VAL A 435 -47.70 -33.33 54.29
N LEU A 436 -47.69 -32.06 54.66
CA LEU A 436 -48.84 -31.47 55.32
C LEU A 436 -49.78 -30.74 54.36
N PHE A 437 -49.30 -30.31 53.20
CA PHE A 437 -50.18 -29.64 52.26
C PHE A 437 -50.69 -30.58 51.18
N PHE A 438 -49.80 -31.30 50.51
CA PHE A 438 -50.17 -32.01 49.31
C PHE A 438 -50.63 -33.41 49.59
N HIS A 439 -50.23 -34.00 50.71
CA HIS A 439 -50.61 -35.38 50.97
C HIS A 439 -51.98 -35.44 51.61
N ARG A 440 -52.30 -34.49 52.49
CA ARG A 440 -53.67 -34.40 52.99
C ARG A 440 -54.61 -34.09 51.84
N HIS A 441 -54.28 -33.07 51.07
CA HIS A 441 -54.75 -32.98 49.70
C HIS A 441 -56.21 -32.63 49.68
N LEU B 2 58.51 32.84 47.56
CA LEU B 2 59.71 32.35 46.90
C LEU B 2 59.37 31.74 45.54
N ASP B 3 58.38 30.87 45.53
CA ASP B 3 57.97 30.16 44.32
C ASP B 3 57.00 31.02 43.53
N THR B 4 56.38 30.43 42.50
CA THR B 4 55.24 31.04 41.82
C THR B 4 54.12 31.41 42.79
N HIS B 5 54.08 30.81 43.97
CA HIS B 5 52.95 31.00 44.86
C HIS B 5 53.00 32.36 45.55
N PHE B 6 54.19 32.96 45.67
CA PHE B 6 54.33 34.27 46.28
C PHE B 6 55.03 35.25 45.35
N THR B 7 55.45 34.81 44.16
CA THR B 7 55.90 35.73 43.12
C THR B 7 54.88 36.83 42.87
N GLN B 8 53.60 36.46 42.88
CA GLN B 8 52.53 37.36 42.47
C GLN B 8 52.49 38.58 43.36
N TYR B 9 52.80 38.37 44.63
CA TYR B 9 52.43 39.29 45.70
C TYR B 9 53.47 40.36 45.95
N LYS B 10 54.36 40.56 45.00
CA LYS B 10 55.16 41.78 44.93
C LYS B 10 54.49 42.80 44.03
N LEU B 11 53.79 42.34 43.00
CA LEU B 11 53.02 43.22 42.12
C LEU B 11 52.06 44.14 42.86
N ALA B 12 51.64 43.81 44.08
CA ALA B 12 50.56 44.46 44.79
C ALA B 12 51.00 44.80 46.20
N ARG B 13 50.46 45.87 46.75
CA ARG B 13 51.02 46.46 47.97
C ARG B 13 50.01 46.48 49.11
N PRO B 14 50.41 46.83 50.32
CA PRO B 14 49.47 47.01 51.44
C PRO B 14 48.71 48.31 51.31
N TYR B 15 47.38 48.24 51.21
CA TYR B 15 46.58 49.45 51.25
C TYR B 15 45.92 49.65 52.60
N ILE B 16 45.72 50.92 52.94
CA ILE B 16 45.08 51.34 54.18
C ILE B 16 43.60 51.60 53.91
N ALA B 17 42.73 50.88 54.61
CA ALA B 17 41.29 50.90 54.39
C ALA B 17 40.54 51.28 55.65
N ASP B 18 39.49 52.10 55.54
CA ASP B 18 38.64 52.30 56.71
C ASP B 18 38.10 50.97 57.20
N CYS B 19 38.16 50.76 58.51
CA CYS B 19 37.57 49.62 59.18
C CYS B 19 36.72 50.07 60.36
N PRO B 20 35.62 49.35 60.63
CA PRO B 20 34.64 49.82 61.61
C PRO B 20 35.15 50.13 63.00
N ASN B 21 35.98 49.30 63.60
CA ASN B 21 36.36 49.56 64.99
C ASN B 21 37.81 49.13 65.21
N CYS B 22 38.76 50.05 65.16
CA CYS B 22 40.04 49.84 65.85
C CYS B 22 39.86 50.38 67.25
N GLY B 23 39.64 49.50 68.23
CA GLY B 23 39.69 50.03 69.57
C GLY B 23 38.34 50.49 70.00
N HIS B 24 38.14 51.80 69.91
CA HIS B 24 36.99 52.46 70.51
C HIS B 24 36.36 53.48 69.58
N SER B 25 36.79 53.56 68.33
CA SER B 25 36.19 54.48 67.38
C SER B 25 36.32 53.89 65.99
N ARG B 26 35.56 54.47 65.06
CA ARG B 26 35.68 54.09 63.67
C ARG B 26 36.98 54.64 63.13
N CYS B 27 37.69 53.83 62.35
CA CYS B 27 39.13 53.99 62.29
C CYS B 27 39.70 53.58 60.95
N ASP B 28 40.68 54.33 60.50
CA ASP B 28 41.30 54.14 59.21
C ASP B 28 42.51 53.22 59.38
N SER B 29 42.38 51.91 59.08
CA SER B 29 43.35 50.96 59.61
C SER B 29 44.22 50.35 58.51
N PRO B 30 45.48 50.03 58.81
CA PRO B 30 46.25 49.25 57.84
C PRO B 30 45.79 47.83 57.74
N ILE B 31 45.17 47.32 58.79
CA ILE B 31 44.58 46.01 58.83
C ILE B 31 43.10 46.29 58.79
N ALA B 32 42.45 45.92 57.71
CA ALA B 32 41.01 46.10 57.61
C ALA B 32 40.49 44.85 56.97
N ILE B 33 39.22 44.61 57.20
CA ILE B 33 38.65 43.29 57.05
C ILE B 33 37.60 43.36 55.96
N GLU B 34 37.74 42.52 54.97
CA GLU B 34 36.81 42.35 53.89
C GLU B 34 36.63 40.86 53.68
N GLU B 35 35.41 40.47 53.34
CA GLU B 35 35.10 39.14 52.86
C GLU B 35 35.66 38.05 53.79
N VAL B 36 35.45 38.25 55.08
CA VAL B 36 35.75 37.16 55.99
C VAL B 36 34.73 36.06 55.74
N ARG B 37 35.21 34.87 55.45
CA ARG B 37 34.36 33.74 55.14
C ARG B 37 34.47 32.68 56.22
N GLY B 38 33.33 32.15 56.65
CA GLY B 38 33.27 30.80 57.15
C GLY B 38 32.29 30.02 56.33
N ASP B 39 32.75 29.02 55.59
CA ASP B 39 31.87 28.01 55.05
C ASP B 39 32.35 26.59 55.30
N ALA B 40 33.62 26.38 55.62
CA ALA B 40 34.08 25.03 55.89
C ALA B 40 33.56 24.57 57.23
N HIS B 41 33.64 23.27 57.46
CA HIS B 41 32.95 22.70 58.58
C HIS B 41 33.73 22.72 59.88
N ALA B 42 34.96 23.20 59.89
CA ALA B 42 35.85 22.96 61.00
C ALA B 42 35.99 24.14 61.93
N GLY B 43 35.14 25.14 61.82
CA GLY B 43 35.46 26.39 62.48
C GLY B 43 36.63 27.12 61.87
N VAL B 44 36.94 26.87 60.60
CA VAL B 44 38.07 27.51 59.94
C VAL B 44 37.54 28.63 59.06
N ILE B 45 38.16 29.78 59.15
CA ILE B 45 37.75 30.99 58.45
C ILE B 45 38.94 31.57 57.74
N ARG B 46 38.72 32.11 56.54
CA ARG B 46 39.72 32.87 55.81
C ARG B 46 39.29 34.32 55.77
N ILE B 47 40.21 35.22 56.09
CA ILE B 47 39.93 36.64 56.19
C ILE B 47 40.76 37.34 55.15
N GLN B 48 40.13 38.23 54.37
CA GLN B 48 40.82 39.05 53.39
C GLN B 48 41.24 40.29 54.15
N THR B 49 42.46 40.30 54.65
CA THR B 49 42.86 41.47 55.39
C THR B 49 43.38 42.51 54.40
N SER B 50 43.77 43.67 54.92
CA SER B 50 44.14 44.80 54.09
C SER B 50 45.63 45.00 53.99
N ALA B 51 46.42 44.01 54.40
CA ALA B 51 47.86 44.17 54.46
C ALA B 51 48.56 43.00 53.81
N MET B 52 49.68 43.30 53.14
CA MET B 52 50.57 42.29 52.63
C MET B 52 51.25 41.59 53.78
N PHE B 53 51.89 40.46 53.51
CA PHE B 53 52.61 39.73 54.54
C PHE B 53 54.07 40.15 54.70
N SER B 66 53.50 43.64 55.49
CA SER B 66 53.72 45.04 55.24
C SER B 66 52.37 45.73 55.30
N PHE B 67 52.42 47.02 55.50
CA PHE B 67 51.29 47.83 55.87
C PHE B 67 51.74 49.25 55.61
N MET B 68 50.93 50.24 56.00
CA MET B 68 51.30 51.62 55.71
C MET B 68 50.97 52.53 56.87
N ASN B 69 52.01 53.11 57.45
CA ASN B 69 51.92 54.27 58.34
C ASN B 69 52.16 55.55 57.54
N GLY B 70 51.24 55.84 56.62
CA GLY B 70 51.45 56.82 55.59
C GLY B 70 51.47 56.17 54.23
N LYS B 71 52.30 56.68 53.33
CA LYS B 71 52.64 55.94 52.12
C LYS B 71 53.98 55.23 52.25
N THR B 72 54.41 54.95 53.49
CA THR B 72 55.61 54.19 53.75
C THR B 72 55.26 52.72 53.91
N GLN B 73 56.08 51.87 53.31
CA GLN B 73 55.90 50.42 53.43
C GLN B 73 56.89 49.89 54.45
N LYS B 74 56.36 49.45 55.58
CA LYS B 74 57.15 48.87 56.65
C LYS B 74 57.03 47.36 56.56
N SER B 75 58.05 46.65 57.02
CA SER B 75 58.05 45.19 56.97
C SER B 75 58.64 44.69 58.28
N ILE B 76 57.80 44.04 59.08
CA ILE B 76 58.18 43.45 60.36
C ILE B 76 57.50 42.10 60.39
N LYS B 77 58.26 41.02 60.23
CA LYS B 77 57.54 39.76 60.24
C LYS B 77 56.97 39.53 61.64
N ILE B 78 56.19 38.48 61.81
CA ILE B 78 54.90 38.58 62.46
C ILE B 78 55.07 38.30 63.93
N ASP B 79 54.68 39.27 64.78
CA ASP B 79 55.01 39.09 66.18
C ASP B 79 53.92 38.41 67.00
N ASN B 80 52.71 38.97 67.04
CA ASN B 80 51.48 38.23 67.31
C ASN B 80 50.36 38.64 66.35
N LEU B 81 50.20 37.99 65.21
CA LEU B 81 48.95 38.14 64.48
C LEU B 81 47.93 37.33 65.22
N HIS B 82 47.18 37.96 66.12
CA HIS B 82 46.07 37.25 66.72
C HIS B 82 44.79 37.52 65.95
N VAL B 83 43.96 36.49 65.87
CA VAL B 83 42.59 36.55 65.41
C VAL B 83 41.73 36.14 66.58
N ARG B 84 40.96 37.08 67.13
CA ARG B 84 40.16 36.82 68.31
C ARG B 84 38.69 36.90 67.90
N THR B 85 37.92 35.85 68.21
CA THR B 85 36.51 35.81 67.84
C THR B 85 35.56 35.84 69.02
N SER B 86 35.70 34.93 69.98
CA SER B 86 35.25 35.20 71.34
C SER B 86 36.35 34.88 72.33
N ALA B 87 37.23 33.98 71.93
CA ALA B 87 38.48 33.64 72.59
C ALA B 87 39.49 33.46 71.48
N PRO B 88 40.78 33.56 71.78
CA PRO B 88 41.78 33.59 70.71
C PRO B 88 41.74 32.36 69.84
N CYS B 89 41.80 32.57 68.54
CA CYS B 89 41.85 31.50 67.58
C CYS B 89 43.29 31.17 67.26
N SER B 90 43.47 30.01 66.68
CA SER B 90 44.79 29.46 66.40
C SER B 90 45.09 29.74 64.94
N LEU B 91 46.03 30.62 64.68
CA LEU B 91 46.33 30.95 63.31
C LEU B 91 46.92 29.74 62.66
N VAL B 92 46.46 29.42 61.46
CA VAL B 92 46.97 28.29 60.71
C VAL B 92 47.91 28.70 59.61
N SER B 93 47.52 29.65 58.78
CA SER B 93 48.31 29.92 57.58
C SER B 93 48.01 31.32 57.07
N HIS B 94 49.02 31.96 56.48
CA HIS B 94 48.80 33.27 55.89
C HIS B 94 49.65 33.50 54.66
N HIS B 95 49.06 34.19 53.70
CA HIS B 95 49.68 34.42 52.41
C HIS B 95 49.09 35.70 51.84
N GLY B 96 49.82 36.80 51.92
CA GLY B 96 49.32 38.02 51.31
C GLY B 96 48.14 38.56 52.06
N TYR B 97 47.03 38.84 51.39
CA TYR B 97 45.88 39.39 52.10
C TYR B 97 44.98 38.29 52.61
N TYR B 98 45.50 37.33 53.36
CA TYR B 98 44.72 36.15 53.71
C TYR B 98 45.18 35.59 55.03
N ILE B 99 44.33 35.59 56.03
CA ILE B 99 44.60 34.93 57.31
C ILE B 99 43.62 33.77 57.44
N LEU B 100 44.09 32.53 57.29
CA LEU B 100 43.26 31.34 57.49
C LEU B 100 43.52 30.81 58.87
N ALA B 101 42.53 30.92 59.75
CA ALA B 101 42.64 30.49 61.14
C ALA B 101 41.40 29.71 61.57
N GLN B 102 41.53 28.96 62.67
CA GLN B 102 40.48 28.09 63.19
C GLN B 102 39.90 28.70 64.46
N CYS B 103 38.70 29.25 64.35
CA CYS B 103 38.15 30.16 65.35
C CYS B 103 36.92 29.56 66.05
N PRO B 104 36.73 29.80 67.34
CA PRO B 104 35.52 29.34 68.00
C PRO B 104 34.32 30.14 67.56
N PRO B 105 33.10 29.62 67.72
CA PRO B 105 31.94 30.35 67.23
C PRO B 105 31.79 31.72 67.86
N GLY B 106 31.35 32.67 67.06
CA GLY B 106 31.24 34.02 67.56
C GLY B 106 30.62 34.94 66.55
N ASP B 107 30.40 36.17 67.01
CA ASP B 107 29.73 37.20 66.23
C ASP B 107 30.64 38.32 65.76
N THR B 108 31.80 38.49 66.37
CA THR B 108 32.75 39.53 66.07
C THR B 108 34.09 38.89 65.77
N VAL B 109 34.73 39.28 64.67
CA VAL B 109 36.08 38.80 64.37
C VAL B 109 37.01 40.00 64.38
N THR B 110 38.13 39.87 65.09
CA THR B 110 39.12 40.94 65.18
C THR B 110 40.49 40.41 64.82
N VAL B 111 41.30 41.24 64.16
CA VAL B 111 42.65 40.88 63.78
C VAL B 111 43.59 41.95 64.29
N GLY B 112 44.76 41.53 64.78
CA GLY B 112 45.70 42.46 65.39
C GLY B 112 47.16 42.03 65.42
N PHE B 113 48.08 42.97 65.16
CA PHE B 113 49.52 42.74 65.26
C PHE B 113 50.15 43.86 66.07
N HIS B 114 51.23 43.56 66.78
CA HIS B 114 51.96 44.62 67.45
C HIS B 114 53.15 45.03 66.61
N ASP B 115 53.66 46.23 66.90
CA ASP B 115 55.06 46.56 66.66
C ASP B 115 55.74 47.25 67.83
N GLY B 116 54.98 47.74 68.80
CA GLY B 116 55.51 48.29 70.03
C GLY B 116 55.08 49.72 70.31
N PRO B 117 54.99 50.57 69.27
CA PRO B 117 54.29 51.85 69.44
C PRO B 117 52.79 51.81 69.22
N ASN B 118 52.25 50.79 68.55
CA ASN B 118 50.81 50.74 68.35
C ASN B 118 50.33 49.30 68.40
N ARG B 119 49.04 49.14 68.76
CA ARG B 119 48.40 47.84 68.78
C ARG B 119 47.84 47.42 67.43
N HIS B 120 47.32 48.36 66.64
CA HIS B 120 46.89 48.15 65.26
C HIS B 120 45.94 46.95 65.11
N THR B 121 44.96 46.86 66.00
CA THR B 121 44.00 45.77 66.03
C THR B 121 42.64 46.33 65.72
N CYS B 122 41.94 45.77 64.73
CA CYS B 122 40.58 46.23 64.48
C CYS B 122 39.66 45.08 64.11
N THR B 123 38.37 45.30 64.36
CA THR B 123 37.36 44.26 64.42
C THR B 123 36.17 44.60 63.54
N VAL B 124 35.45 43.56 63.14
CA VAL B 124 34.22 43.69 62.39
C VAL B 124 33.22 42.73 63.00
N ALA B 125 31.96 42.95 62.68
CA ALA B 125 30.87 42.12 63.16
C ALA B 125 30.53 41.13 62.07
N HIS B 126 30.72 39.87 62.35
CA HIS B 126 30.41 38.82 61.39
C HIS B 126 30.19 37.54 62.18
N LYS B 127 29.01 36.97 62.04
CA LYS B 127 28.68 35.72 62.71
C LYS B 127 29.48 34.61 62.05
N VAL B 128 30.41 34.03 62.78
CA VAL B 128 30.96 32.72 62.44
C VAL B 128 30.48 31.77 63.52
N GLU B 129 29.97 30.63 63.10
CA GLU B 129 29.49 29.60 64.00
C GLU B 129 30.08 28.29 63.55
N PHE B 130 30.35 27.41 64.50
CA PHE B 130 30.91 26.14 64.14
C PHE B 130 29.88 25.36 63.35
N ARG B 131 30.34 24.67 62.31
CA ARG B 131 29.49 23.93 61.40
C ARG B 131 29.81 22.45 61.53
N PRO B 132 29.24 21.77 62.52
CA PRO B 132 29.50 20.34 62.67
C PRO B 132 29.05 19.60 61.44
N VAL B 133 29.74 18.51 61.13
CA VAL B 133 29.40 17.71 59.99
C VAL B 133 28.70 16.44 60.47
N GLY B 134 28.09 15.72 59.53
CA GLY B 134 27.30 14.55 59.85
C GLY B 134 26.04 14.87 60.63
N ARG B 135 25.71 14.00 61.58
CA ARG B 135 24.41 14.00 62.22
C ARG B 135 24.44 14.31 63.71
N GLU B 136 25.53 14.87 64.24
CA GLU B 136 25.54 15.39 65.60
C GLU B 136 26.19 16.75 65.60
N LYS B 137 25.79 17.56 66.58
CA LYS B 137 26.48 18.82 66.79
C LYS B 137 27.60 18.61 67.78
N TYR B 138 28.63 19.44 67.65
CA TYR B 138 29.77 19.43 68.54
C TYR B 138 30.43 20.79 68.47
N ARG B 139 31.21 21.10 69.49
CA ARG B 139 31.82 22.40 69.66
C ARG B 139 33.29 22.44 69.29
N HIS B 140 33.95 21.30 69.08
CA HIS B 140 35.38 21.19 68.81
C HIS B 140 35.40 19.97 67.92
N PRO B 141 36.15 19.95 66.84
CA PRO B 141 36.27 18.73 66.08
C PRO B 141 36.87 17.63 66.94
N PRO B 142 36.37 16.40 66.85
CA PRO B 142 36.73 15.40 67.85
C PRO B 142 38.03 14.69 67.52
N GLU B 143 38.44 13.73 68.36
CA GLU B 143 39.69 13.01 68.17
C GLU B 143 39.49 11.60 67.66
N HIS B 144 38.34 10.98 67.93
CA HIS B 144 38.02 9.68 67.35
C HIS B 144 36.62 9.71 66.81
N GLY B 145 36.41 8.96 65.75
CA GLY B 145 35.08 8.81 65.18
C GLY B 145 35.18 8.68 63.68
N VAL B 146 34.00 8.63 63.06
CA VAL B 146 33.99 8.29 61.65
C VAL B 146 34.65 9.41 60.87
N GLU B 147 35.13 9.07 59.70
CA GLU B 147 35.80 10.01 58.81
C GLU B 147 34.89 10.17 57.62
N LEU B 148 34.19 11.30 57.58
CA LEU B 148 33.20 11.54 56.54
C LEU B 148 33.54 12.87 55.86
N PRO B 149 33.15 13.04 54.59
CA PRO B 149 33.65 14.20 53.84
C PRO B 149 33.09 15.50 54.35
N CYS B 150 33.88 16.57 54.21
CA CYS B 150 33.37 17.90 54.51
C CYS B 150 34.21 18.93 53.78
N ASN B 151 33.67 20.13 53.70
CA ASN B 151 34.36 21.23 53.05
C ASN B 151 35.54 21.67 53.90
N ARG B 152 36.61 22.11 53.24
CA ARG B 152 37.75 22.59 53.98
C ARG B 152 38.53 23.53 53.09
N TYR B 153 39.32 24.37 53.73
CA TYR B 153 40.12 25.37 53.06
C TYR B 153 41.56 24.90 53.06
N THR B 154 42.16 24.84 51.87
CA THR B 154 43.47 24.27 51.73
C THR B 154 44.51 25.11 52.44
N HIS B 155 45.38 24.44 53.16
CA HIS B 155 46.61 25.08 53.63
C HIS B 155 47.57 25.31 52.48
N LYS B 156 47.31 24.74 51.32
CA LYS B 156 48.21 24.88 50.19
C LYS B 156 48.20 26.33 49.73
N ARG B 157 49.38 26.81 49.32
CA ARG B 157 49.60 28.23 49.10
C ARG B 157 49.14 28.70 47.73
N ALA B 158 48.90 27.80 46.78
CA ALA B 158 48.56 28.23 45.44
C ALA B 158 47.85 27.11 44.71
N ASP B 159 46.78 27.48 44.01
CA ASP B 159 46.16 26.61 43.04
C ASP B 159 45.56 27.50 41.97
N GLN B 160 45.33 26.95 40.80
CA GLN B 160 44.60 27.64 39.75
C GLN B 160 43.23 26.95 39.73
N GLY B 161 42.33 27.46 40.55
CA GLY B 161 40.92 27.40 40.27
C GLY B 161 40.23 28.74 40.42
N HIS B 162 40.92 29.73 41.00
CA HIS B 162 40.20 30.90 41.49
C HIS B 162 41.14 32.10 41.54
N TYR B 163 40.58 33.27 41.25
CA TYR B 163 41.32 34.51 41.16
C TYR B 163 40.65 35.63 41.94
N VAL B 164 41.46 36.50 42.52
CA VAL B 164 41.02 37.78 43.04
C VAL B 164 41.57 38.86 42.12
N GLU B 165 40.68 39.60 41.47
CA GLU B 165 41.13 40.68 40.60
C GLU B 165 41.67 41.84 41.42
N MET B 166 42.66 42.52 40.86
CA MET B 166 43.12 43.79 41.40
C MET B 166 43.21 44.80 40.28
N HIS B 167 43.21 46.08 40.64
CA HIS B 167 43.25 47.18 39.70
C HIS B 167 44.29 48.18 40.16
N GLN B 168 44.49 49.22 39.36
CA GLN B 168 45.50 50.20 39.72
C GLN B 168 45.10 50.93 41.01
N PRO B 169 46.07 51.31 41.84
CA PRO B 169 45.80 52.30 42.88
C PRO B 169 45.26 53.58 42.27
N GLY B 170 44.19 54.08 42.85
CA GLY B 170 43.60 55.31 42.41
C GLY B 170 44.18 56.48 43.16
N LEU B 171 43.56 57.63 42.97
CA LEU B 171 44.07 58.85 43.56
C LEU B 171 44.02 58.75 45.09
N VAL B 172 45.14 59.08 45.73
CA VAL B 172 45.36 58.82 47.15
C VAL B 172 45.49 60.15 47.89
N ALA B 173 44.44 60.56 48.59
CA ALA B 173 44.44 61.85 49.26
C ALA B 173 45.45 61.86 50.39
N ASP B 174 46.40 62.80 50.32
CA ASP B 174 47.38 63.00 51.38
C ASP B 174 47.48 64.48 51.70
N HIS B 175 48.10 64.76 52.85
CA HIS B 175 48.16 66.10 53.41
C HIS B 175 49.59 66.51 53.68
N SER B 176 50.42 65.55 54.04
CA SER B 176 51.84 65.83 54.19
C SER B 176 52.52 66.12 52.87
N LEU B 177 51.83 65.96 51.74
CA LEU B 177 52.43 66.24 50.46
C LEU B 177 52.40 67.73 50.15
N LEU B 178 51.38 68.45 50.60
CA LEU B 178 51.34 69.90 50.49
C LEU B 178 51.94 70.52 51.75
N SER B 179 53.11 71.17 51.63
CA SER B 179 53.61 72.04 52.68
C SER B 179 53.81 73.45 52.15
N ILE B 180 53.84 74.44 53.04
CA ILE B 180 54.09 75.83 52.65
C ILE B 180 55.58 76.12 52.67
N HIS B 181 56.13 76.53 51.52
CA HIS B 181 57.43 77.21 51.55
C HIS B 181 57.18 78.72 51.46
N SER B 182 56.85 79.28 52.61
CA SER B 182 57.21 80.55 53.25
C SER B 182 56.55 81.78 52.67
N ALA B 183 55.78 81.70 51.58
CA ALA B 183 54.56 82.49 51.44
C ALA B 183 53.37 81.69 50.93
N LYS B 184 53.61 80.48 50.41
CA LYS B 184 52.73 79.85 49.44
C LYS B 184 52.84 78.34 49.59
N VAL B 185 51.80 77.61 49.20
CA VAL B 185 51.91 76.16 49.28
C VAL B 185 52.85 75.66 48.19
N LYS B 186 53.51 74.56 48.51
CA LYS B 186 54.36 73.78 47.64
C LYS B 186 53.86 72.33 47.66
N ILE B 187 54.12 71.62 46.57
CA ILE B 187 53.72 70.24 46.41
C ILE B 187 55.01 69.44 46.22
N THR B 188 55.38 68.69 47.25
CA THR B 188 56.54 67.82 47.18
C THR B 188 56.12 66.52 46.51
N VAL B 189 57.09 65.64 46.27
CA VAL B 189 56.84 64.42 45.50
C VAL B 189 57.86 63.37 45.93
N PRO B 190 57.45 62.12 46.20
CA PRO B 190 58.45 61.07 46.37
C PRO B 190 59.01 60.69 45.02
N SER B 191 59.88 59.69 44.95
CA SER B 191 60.86 59.62 43.88
C SER B 191 60.35 58.61 42.86
N GLY B 192 59.59 59.13 41.91
CA GLY B 192 59.09 58.39 40.78
C GLY B 192 57.60 58.18 40.83
N ALA B 193 56.88 59.07 41.50
CA ALA B 193 55.43 59.03 41.57
C ALA B 193 54.87 60.34 41.07
N GLN B 194 53.82 60.25 40.27
CA GLN B 194 53.15 61.44 39.77
C GLN B 194 52.19 61.97 40.83
N VAL B 195 51.92 63.27 40.78
CA VAL B 195 51.03 63.89 41.74
C VAL B 195 50.02 64.72 40.96
N LYS B 196 48.85 64.94 41.57
CA LYS B 196 47.82 65.82 41.06
C LYS B 196 47.49 66.80 42.17
N TYR B 197 46.94 67.95 41.80
CA TYR B 197 46.12 68.66 42.77
C TYR B 197 44.90 69.24 42.07
N TYR B 198 44.01 69.81 42.87
CA TYR B 198 42.99 70.73 42.38
C TYR B 198 42.70 71.64 43.57
N CYS B 199 43.27 72.85 43.54
CA CYS B 199 43.24 73.70 44.72
C CYS B 199 41.86 74.27 44.98
N LYS B 200 41.29 74.99 44.01
CA LYS B 200 40.04 75.73 44.20
C LYS B 200 40.24 76.92 45.14
N CYS B 201 41.40 77.55 45.03
CA CYS B 201 41.63 78.94 45.42
C CYS B 201 40.86 79.73 44.35
N PRO B 202 40.74 81.08 44.40
CA PRO B 202 39.57 81.71 43.75
C PRO B 202 39.40 81.49 42.25
N ASP B 203 40.34 80.83 41.59
CA ASP B 203 40.06 80.11 40.36
C ASP B 203 40.77 78.77 40.40
N VAL B 204 40.64 77.97 39.35
CA VAL B 204 40.85 76.52 39.48
C VAL B 204 42.28 76.21 39.03
N ARG B 205 43.13 75.99 40.02
CA ARG B 205 44.50 75.50 39.82
C ARG B 205 44.46 73.98 39.71
N LYS B 206 44.68 73.45 38.52
CA LYS B 206 44.82 72.01 38.33
C LYS B 206 46.20 71.74 37.77
N GLY B 207 46.89 70.77 38.35
CA GLY B 207 48.18 70.36 37.85
C GLY B 207 48.41 68.88 37.98
N ILE B 208 48.76 68.23 36.86
CA ILE B 208 49.27 66.87 36.83
C ILE B 208 50.79 66.99 36.82
N THR B 209 51.40 66.99 38.00
CA THR B 209 52.78 67.39 38.17
C THR B 209 53.67 66.19 38.48
N SER B 210 54.85 66.17 37.87
CA SER B 210 55.88 65.21 38.19
C SER B 210 57.08 65.85 38.87
N SER B 211 57.10 67.17 39.03
CA SER B 211 58.19 67.91 39.64
C SER B 211 57.67 68.67 40.84
N ASP B 212 58.60 69.17 41.66
CA ASP B 212 58.17 69.94 42.81
C ASP B 212 57.61 71.27 42.33
N HIS B 213 56.30 71.40 42.44
CA HIS B 213 55.53 72.54 41.96
C HIS B 213 55.13 73.44 43.11
N THR B 214 55.29 74.75 42.91
CA THR B 214 54.76 75.77 43.82
C THR B 214 53.57 76.42 43.13
N THR B 215 52.41 76.34 43.77
CA THR B 215 51.18 76.79 43.16
C THR B 215 50.79 78.18 43.66
N THR B 216 49.72 78.68 43.07
CA THR B 216 49.33 80.08 43.16
C THR B 216 48.31 80.29 44.27
N CYS B 217 48.74 80.16 45.52
CA CYS B 217 47.77 80.16 46.62
C CYS B 217 48.48 80.49 47.92
N THR B 218 47.68 80.55 48.98
CA THR B 218 48.04 80.99 50.32
C THR B 218 48.32 79.84 51.26
N ASP B 219 47.37 78.91 51.39
CA ASP B 219 47.21 78.10 52.58
C ASP B 219 47.10 76.63 52.18
N VAL B 220 47.42 75.79 53.16
CA VAL B 220 47.34 74.33 53.07
C VAL B 220 45.87 73.88 53.07
N LYS B 221 44.94 74.83 53.21
CA LYS B 221 43.54 74.53 53.37
C LYS B 221 42.74 74.92 52.16
N GLN B 222 43.24 75.83 51.33
CA GLN B 222 42.64 76.10 50.05
C GLN B 222 43.22 75.25 48.93
N CYS B 223 44.13 74.34 49.22
CA CYS B 223 44.51 73.28 48.30
C CYS B 223 44.59 71.97 49.05
N ARG B 224 44.11 70.88 48.43
CA ARG B 224 44.36 69.54 48.93
C ARG B 224 44.80 68.64 47.78
N ALA B 225 46.06 68.26 47.78
CA ALA B 225 46.71 67.57 46.69
C ALA B 225 46.71 66.06 46.90
N TYR B 226 46.72 65.33 45.79
CA TYR B 226 46.50 63.90 45.76
C TYR B 226 47.66 63.24 45.00
N LEU B 227 47.87 61.95 45.27
CA LEU B 227 49.03 61.25 44.75
C LEU B 227 48.59 60.14 43.82
N ILE B 228 49.29 59.98 42.69
CA ILE B 228 49.17 58.81 41.83
C ILE B 228 50.49 58.07 41.90
N ASP B 229 50.45 56.91 42.53
CA ASP B 229 51.56 55.99 42.68
C ASP B 229 51.22 54.81 41.77
N ASN B 230 51.66 54.89 40.52
CA ASN B 230 51.33 53.86 39.55
C ASN B 230 52.11 52.58 39.80
N LYS B 231 53.08 52.60 40.72
CA LYS B 231 54.07 51.55 40.93
C LYS B 231 53.48 50.13 40.88
N LYS B 232 52.49 49.85 41.72
CA LYS B 232 52.07 48.49 41.99
C LYS B 232 50.56 48.43 41.99
N TRP B 233 50.02 47.22 42.10
CA TRP B 233 48.58 46.97 42.08
C TRP B 233 47.96 47.15 43.46
N VAL B 234 46.63 47.21 43.48
CA VAL B 234 45.88 47.16 44.72
C VAL B 234 44.59 46.41 44.45
N TYR B 235 44.04 45.79 45.49
CA TYR B 235 42.86 44.94 45.34
C TYR B 235 41.61 45.79 45.25
N ASN B 236 40.71 45.44 44.33
CA ASN B 236 39.55 46.31 44.16
C ASN B 236 38.65 46.08 45.33
N SER B 237 38.78 46.94 46.31
CA SER B 237 37.99 46.92 47.51
C SER B 237 36.97 48.04 47.43
N GLY B 238 35.87 47.86 48.11
CA GLY B 238 34.91 48.91 48.10
C GLY B 238 35.28 50.05 48.98
N ARG B 239 36.36 49.90 49.75
CA ARG B 239 36.77 50.89 50.71
C ARG B 239 37.86 51.83 50.19
N LEU B 240 38.28 51.70 48.94
CA LEU B 240 39.27 52.59 48.31
C LEU B 240 38.68 53.24 47.07
N PRO B 241 38.67 54.58 46.95
CA PRO B 241 38.09 55.23 45.78
C PRO B 241 38.81 54.93 44.49
N ARG B 242 38.05 55.06 43.41
CA ARG B 242 38.48 54.61 42.09
C ARG B 242 37.88 55.55 41.05
N GLY B 243 38.65 56.51 40.56
CA GLY B 243 38.10 57.46 39.61
C GLY B 243 37.72 56.77 38.30
N GLU B 244 37.47 57.58 37.28
CA GLU B 244 36.39 57.25 36.36
C GLU B 244 36.87 57.23 34.92
N GLY B 245 36.35 56.26 34.17
CA GLY B 245 36.91 55.83 32.90
C GLY B 245 38.40 55.56 32.97
N ASP B 246 38.86 55.15 34.15
CA ASP B 246 40.28 54.92 34.44
C ASP B 246 40.50 53.55 35.07
N THR B 247 39.67 52.57 34.74
CA THR B 247 39.62 51.32 35.48
C THR B 247 40.23 50.21 34.62
N PHE B 248 41.19 49.51 35.19
CA PHE B 248 41.83 48.37 34.56
C PHE B 248 42.17 47.37 35.64
N LYS B 249 41.70 46.15 35.47
CA LYS B 249 41.64 45.15 36.52
C LYS B 249 42.41 43.91 36.11
N GLY B 250 42.94 43.17 37.09
CA GLY B 250 43.64 41.94 36.79
C GLY B 250 43.67 40.87 37.87
N LYS B 251 43.37 39.64 37.45
CA LYS B 251 43.44 38.45 38.28
C LYS B 251 44.77 38.27 39.02
N LEU B 252 44.66 37.58 40.17
CA LEU B 252 45.75 37.09 41.02
C LEU B 252 45.29 35.81 41.69
N HIS B 253 46.26 34.92 41.95
CA HIS B 253 45.96 33.61 42.51
C HIS B 253 45.63 33.72 43.98
N VAL B 254 44.57 33.02 44.40
CA VAL B 254 44.09 33.06 45.77
C VAL B 254 44.55 31.79 46.46
N PRO B 255 45.26 31.88 47.58
CA PRO B 255 45.95 30.69 48.08
C PRO B 255 45.04 29.62 48.65
N PHE B 256 44.03 30.03 49.41
CA PHE B 256 43.25 29.10 50.20
C PHE B 256 41.99 28.68 49.47
N VAL B 257 42.18 27.99 48.37
CA VAL B 257 41.02 27.49 47.63
C VAL B 257 40.29 26.47 48.49
N PRO B 258 38.96 26.50 48.59
CA PRO B 258 38.25 25.44 49.28
C PRO B 258 38.29 24.16 48.46
N VAL B 259 38.60 23.06 49.13
CA VAL B 259 38.61 21.73 48.55
C VAL B 259 37.90 20.81 49.52
N LYS B 260 37.13 19.89 48.98
CA LYS B 260 36.54 18.81 49.76
C LYS B 260 37.64 17.97 50.40
N ALA B 261 37.62 17.86 51.72
CA ALA B 261 38.59 17.06 52.46
C ALA B 261 37.87 16.19 53.47
N LYS B 262 38.52 15.10 53.85
CA LYS B 262 37.96 14.25 54.88
C LYS B 262 37.95 14.96 56.21
N CYS B 263 37.04 14.54 57.09
CA CYS B 263 36.65 15.38 58.20
C CYS B 263 36.19 14.43 59.29
N ILE B 264 36.55 14.71 60.53
CA ILE B 264 36.37 13.73 61.59
C ILE B 264 35.09 14.10 62.33
N ALA B 265 34.21 13.12 62.54
CA ALA B 265 32.90 13.27 63.16
C ALA B 265 32.82 12.44 64.43
N THR B 266 31.76 12.64 65.21
CA THR B 266 31.58 11.91 66.46
C THR B 266 30.65 10.71 66.26
N LEU B 267 30.77 9.75 67.18
CA LEU B 267 29.87 8.59 67.28
C LEU B 267 29.15 8.66 68.61
N ALA B 268 27.84 8.77 68.56
CA ALA B 268 27.08 8.71 69.78
C ALA B 268 27.19 7.30 70.34
N PRO B 269 27.09 7.13 71.66
CA PRO B 269 27.19 5.80 72.26
C PRO B 269 26.13 4.88 71.69
N GLU B 270 26.50 3.63 71.51
CA GLU B 270 25.64 2.69 70.81
C GLU B 270 24.36 2.54 71.61
N PRO B 271 23.20 2.62 70.98
CA PRO B 271 21.96 2.57 71.75
C PRO B 271 21.81 1.26 72.49
N LEU B 272 21.27 1.34 73.70
CA LEU B 272 20.92 0.15 74.44
C LEU B 272 19.58 -0.32 73.91
N VAL B 273 19.55 -1.49 73.30
CA VAL B 273 18.45 -1.92 72.45
C VAL B 273 17.79 -3.09 73.12
N GLU B 274 16.45 -3.09 73.18
CA GLU B 274 15.82 -4.27 73.70
C GLU B 274 14.41 -4.39 73.15
N HIS B 275 13.97 -5.62 73.01
CA HIS B 275 12.87 -6.03 72.18
C HIS B 275 11.61 -6.37 72.98
N LYS B 276 10.46 -6.00 72.44
CA LYS B 276 9.20 -6.57 72.91
C LYS B 276 8.35 -6.78 71.67
N HIS B 277 7.07 -7.08 71.86
CA HIS B 277 6.36 -7.82 70.85
C HIS B 277 6.03 -6.91 69.69
N ARG B 278 6.73 -7.12 68.58
CA ARG B 278 6.63 -6.31 67.38
C ARG B 278 7.10 -4.88 67.58
N THR B 279 7.71 -4.56 68.73
CA THR B 279 8.22 -3.24 69.01
C THR B 279 9.67 -3.32 69.43
N LEU B 280 10.45 -2.34 69.01
CA LEU B 280 11.85 -2.20 69.38
C LEU B 280 11.97 -0.97 70.24
N ILE B 281 12.66 -1.07 71.38
CA ILE B 281 12.75 0.05 72.30
C ILE B 281 14.21 0.38 72.55
N LEU B 282 14.58 1.56 72.11
CA LEU B 282 15.93 2.09 72.14
C LEU B 282 16.04 2.99 73.35
N HIS B 283 16.93 2.66 74.26
CA HIS B 283 17.36 3.63 75.25
C HIS B 283 18.56 4.33 74.65
N LEU B 284 18.46 5.65 74.54
CA LEU B 284 19.46 6.49 73.92
C LEU B 284 19.98 7.45 74.97
N HIS B 285 21.31 7.61 74.97
CA HIS B 285 21.97 8.54 75.87
C HIS B 285 22.93 9.38 75.04
N PRO B 286 22.40 10.36 74.31
CA PRO B 286 23.26 11.23 73.52
C PRO B 286 24.10 12.14 74.40
N ASP B 287 25.41 12.10 74.18
CA ASP B 287 26.31 13.06 74.83
C ASP B 287 26.24 14.42 74.17
N HIS B 288 26.00 14.45 72.88
CA HIS B 288 25.77 15.64 72.09
C HIS B 288 24.44 15.49 71.36
N PRO B 289 23.79 16.59 70.97
CA PRO B 289 22.58 16.48 70.15
C PRO B 289 22.75 15.59 68.94
N THR B 290 21.89 14.58 68.81
CA THR B 290 22.05 13.51 67.84
C THR B 290 20.78 13.29 67.07
N LEU B 291 20.91 12.98 65.79
CA LEU B 291 19.80 12.81 64.88
C LEU B 291 19.47 11.34 64.78
N LEU B 292 18.20 10.99 64.96
CA LEU B 292 17.78 9.61 64.81
C LEU B 292 16.68 9.59 63.77
N THR B 293 16.90 8.77 62.74
CA THR B 293 15.94 8.57 61.68
C THR B 293 15.54 7.11 61.69
N THR B 294 14.25 6.89 61.50
CA THR B 294 13.68 5.57 61.35
C THR B 294 12.79 5.57 60.13
N ARG B 295 12.73 4.43 59.47
CA ARG B 295 11.87 4.33 58.31
C ARG B 295 11.50 2.88 58.09
N SER B 296 10.22 2.62 57.96
CA SER B 296 9.77 1.29 57.59
C SER B 296 10.17 0.99 56.16
N LEU B 297 10.35 -0.28 55.85
CA LEU B 297 10.69 -0.69 54.51
C LEU B 297 9.48 -1.18 53.73
N GLY B 298 8.27 -0.86 54.18
CA GLY B 298 7.07 -1.31 53.52
C GLY B 298 6.61 -0.36 52.44
N SER B 299 5.33 -0.46 52.10
CA SER B 299 4.76 0.48 51.16
C SER B 299 4.83 1.90 51.68
N ASP B 300 4.51 2.08 52.95
CA ASP B 300 4.53 3.39 53.58
C ASP B 300 5.84 3.50 54.33
N ALA B 301 6.65 4.49 53.97
CA ALA B 301 7.92 4.65 54.64
C ALA B 301 7.69 4.97 56.10
N ASN B 302 6.74 5.81 56.38
CA ASN B 302 6.42 6.27 57.71
C ASN B 302 7.69 6.81 58.33
N PRO B 303 8.25 7.89 57.83
CA PRO B 303 9.53 8.35 58.37
C PRO B 303 9.35 8.95 59.74
N THR B 304 10.42 8.89 60.53
CA THR B 304 10.44 9.61 61.79
C THR B 304 11.85 10.12 61.97
N ARG B 305 11.97 11.42 62.22
CA ARG B 305 13.26 12.11 62.27
C ARG B 305 13.25 13.06 63.45
N GLN B 306 13.94 12.73 64.54
CA GLN B 306 14.02 13.66 65.66
C GLN B 306 15.43 13.80 66.21
N TRP B 307 15.71 15.00 66.73
CA TRP B 307 16.96 15.30 67.41
C TRP B 307 16.78 15.03 68.89
N ILE B 308 17.73 14.30 69.47
CA ILE B 308 17.73 13.90 70.85
C ILE B 308 18.82 14.67 71.56
N GLU B 309 18.43 15.52 72.50
CA GLU B 309 19.40 16.24 73.32
C GLU B 309 19.68 15.49 74.62
N ARG B 310 18.70 15.23 75.39
CA ARG B 310 18.78 14.58 76.69
C ARG B 310 18.50 13.09 76.57
N PRO B 311 19.05 12.25 77.45
CA PRO B 311 18.81 10.81 77.36
C PRO B 311 17.32 10.49 77.43
N THR B 312 16.85 9.75 76.43
CA THR B 312 15.45 9.41 76.29
C THR B 312 15.33 7.97 75.87
N THR B 313 14.14 7.41 76.06
CA THR B 313 13.79 6.12 75.53
C THR B 313 12.76 6.33 74.44
N VAL B 314 12.82 5.52 73.41
CA VAL B 314 11.87 5.63 72.31
C VAL B 314 11.46 4.23 71.87
N ASN B 315 10.18 4.09 71.56
CA ASN B 315 9.57 2.89 71.04
C ASN B 315 9.29 3.05 69.56
N PHE B 316 9.50 2.01 68.80
CA PHE B 316 9.04 1.98 67.43
C PHE B 316 8.38 0.65 67.19
N THR B 317 7.48 0.62 66.23
CA THR B 317 6.69 -0.57 65.93
C THR B 317 7.24 -1.14 64.65
N VAL B 318 7.89 -2.28 64.75
CA VAL B 318 8.52 -2.93 63.61
C VAL B 318 7.64 -4.06 63.16
N THR B 319 7.27 -4.04 61.89
CA THR B 319 6.43 -5.06 61.30
C THR B 319 7.28 -6.01 60.49
N GLY B 320 6.64 -7.03 59.95
CA GLY B 320 7.35 -8.09 59.29
C GLY B 320 8.10 -7.68 58.06
N GLU B 321 7.84 -6.49 57.54
CA GLU B 321 8.53 -6.03 56.36
C GLU B 321 9.91 -5.47 56.70
N GLY B 322 10.04 -4.79 57.84
CA GLY B 322 11.32 -4.26 58.26
C GLY B 322 11.32 -2.84 58.78
N LEU B 323 12.46 -2.41 59.31
CA LEU B 323 12.60 -1.06 59.83
C LEU B 323 14.08 -0.72 59.88
N GLU B 324 14.46 0.29 59.10
CA GLU B 324 15.84 0.75 59.02
C GLU B 324 15.98 1.95 59.92
N TYR B 325 16.94 1.89 60.84
CA TYR B 325 17.15 3.01 61.74
C TYR B 325 18.62 3.37 61.83
N THR B 326 18.86 4.68 61.77
CA THR B 326 20.17 5.30 61.87
C THR B 326 20.15 6.21 63.08
N TRP B 327 21.10 6.03 63.98
CA TRP B 327 21.26 6.93 65.11
C TRP B 327 22.68 7.44 65.09
N GLY B 328 22.82 8.75 65.06
CA GLY B 328 24.13 9.29 64.88
C GLY B 328 24.65 8.89 63.51
N ASN B 329 25.97 8.82 63.39
CA ASN B 329 26.61 8.41 62.16
C ASN B 329 26.84 6.91 62.05
N HIS B 330 26.30 6.11 62.94
CA HIS B 330 26.42 4.68 62.76
C HIS B 330 25.68 4.30 61.50
N PRO B 331 26.16 3.35 60.72
CA PRO B 331 25.52 3.05 59.47
C PRO B 331 24.14 2.48 59.72
N PRO B 332 23.23 2.62 58.76
CA PRO B 332 21.85 2.21 59.01
C PRO B 332 21.76 0.73 59.29
N LYS B 333 20.89 0.35 60.23
CA LYS B 333 20.74 -1.06 60.57
C LYS B 333 19.27 -1.45 60.48
N ARG B 334 19.04 -2.58 59.82
CA ARG B 334 17.72 -3.14 59.62
C ARG B 334 17.29 -3.97 60.81
N VAL B 335 15.99 -4.02 61.01
CA VAL B 335 15.39 -4.85 62.04
C VAL B 335 14.14 -5.48 61.43
N TRP B 336 13.73 -6.62 61.97
CA TRP B 336 12.59 -7.36 61.45
C TRP B 336 11.90 -8.08 62.59
N ALA B 337 10.59 -8.10 62.56
CA ALA B 337 9.76 -8.51 63.70
C ALA B 337 9.22 -9.92 63.51
N GLN B 338 9.77 -10.87 64.25
CA GLN B 338 9.22 -12.21 64.21
C GLN B 338 7.88 -12.28 64.90
N GLU B 339 7.15 -13.35 64.60
CA GLU B 339 5.82 -13.57 65.11
C GLU B 339 5.84 -14.19 66.51
N SER B 340 6.53 -13.54 67.43
CA SER B 340 6.65 -14.08 68.78
C SER B 340 5.38 -13.80 69.59
N GLY B 341 4.28 -14.34 69.10
CA GLY B 341 2.98 -14.05 69.68
C GLY B 341 2.84 -14.77 70.99
N GLU B 342 2.63 -14.03 72.08
CA GLU B 342 2.70 -14.60 73.42
C GLU B 342 1.36 -15.22 73.79
N GLY B 343 0.97 -16.22 73.00
CA GLY B 343 -0.26 -16.95 73.20
C GLY B 343 -0.13 -18.37 72.68
N ASN B 344 -1.16 -19.17 72.95
CA ASN B 344 -1.10 -20.62 72.87
C ASN B 344 -2.01 -21.05 71.73
N PRO B 345 -1.58 -21.01 70.47
CA PRO B 345 -2.52 -21.27 69.37
C PRO B 345 -3.09 -22.67 69.31
N HIS B 346 -2.70 -23.59 70.20
CA HIS B 346 -3.25 -24.93 70.25
C HIS B 346 -3.74 -25.10 71.67
N GLY B 347 -4.98 -24.74 71.92
CA GLY B 347 -5.36 -24.44 73.27
C GLY B 347 -6.86 -24.39 73.45
N TRP B 348 -7.26 -23.87 74.59
CA TRP B 348 -8.66 -23.81 74.97
C TRP B 348 -9.27 -22.60 74.28
N PRO B 349 -10.57 -22.38 74.44
CA PRO B 349 -11.19 -21.26 73.72
C PRO B 349 -10.58 -19.92 74.07
N HIS B 350 -10.20 -19.70 75.33
CA HIS B 350 -9.51 -18.47 75.67
C HIS B 350 -8.22 -18.34 74.87
N GLU B 351 -7.51 -19.45 74.68
CA GLU B 351 -6.17 -19.38 74.10
C GLU B 351 -6.22 -18.93 72.65
N VAL B 352 -7.06 -19.58 71.85
CA VAL B 352 -7.18 -19.24 70.43
C VAL B 352 -7.46 -17.75 70.27
N VAL B 353 -8.45 -17.25 71.00
CA VAL B 353 -8.72 -15.81 71.01
C VAL B 353 -7.45 -15.02 71.32
N VAL B 354 -6.68 -15.46 72.32
CA VAL B 354 -5.50 -14.70 72.70
C VAL B 354 -4.49 -14.63 71.56
N TYR B 355 -4.20 -15.74 70.91
CA TYR B 355 -3.06 -15.69 70.00
C TYR B 355 -3.44 -15.18 68.63
N TYR B 356 -4.70 -15.08 68.27
CA TYR B 356 -5.06 -14.43 67.03
C TYR B 356 -5.75 -13.12 67.33
N TYR B 357 -5.28 -12.45 68.38
CA TYR B 357 -5.39 -11.01 68.50
C TYR B 357 -4.02 -10.40 68.47
N ASN B 358 -3.12 -10.88 69.31
CA ASN B 358 -1.77 -10.38 69.32
C ASN B 358 -1.04 -10.64 68.02
N ARG B 359 -1.57 -11.51 67.19
CA ARG B 359 -0.90 -11.85 65.95
C ARG B 359 -1.40 -10.99 64.81
N TYR B 360 -2.70 -11.03 64.56
CA TYR B 360 -3.34 -10.29 63.49
C TYR B 360 -4.41 -9.35 64.05
N PRO B 361 -4.10 -8.48 65.00
CA PRO B 361 -5.15 -7.65 65.55
C PRO B 361 -5.98 -6.79 64.59
N LEU B 362 -7.25 -6.75 64.89
CA LEU B 362 -8.34 -6.03 64.26
C LEU B 362 -8.74 -6.70 62.96
N THR B 363 -8.08 -7.78 62.53
CA THR B 363 -8.70 -8.80 61.72
C THR B 363 -9.28 -9.90 62.59
N THR B 364 -9.31 -9.73 63.90
CA THR B 364 -10.04 -10.61 64.79
C THR B 364 -11.20 -9.94 65.48
N ILE B 365 -11.14 -8.62 65.64
CA ILE B 365 -12.31 -7.91 66.10
C ILE B 365 -13.35 -7.92 65.00
N ILE B 366 -12.93 -7.64 63.77
CA ILE B 366 -13.86 -7.70 62.66
C ILE B 366 -14.20 -9.13 62.33
N GLY B 367 -13.21 -10.02 62.29
CA GLY B 367 -13.50 -11.43 62.05
C GLY B 367 -14.47 -12.00 63.06
N LEU B 368 -14.22 -11.78 64.35
CA LEU B 368 -15.14 -12.25 65.37
C LEU B 368 -16.50 -11.59 65.23
N CYS B 369 -16.51 -10.30 64.90
CA CYS B 369 -17.77 -9.61 64.74
C CYS B 369 -18.59 -10.25 63.63
N THR B 370 -17.98 -10.48 62.47
CA THR B 370 -18.72 -11.11 61.38
C THR B 370 -19.05 -12.55 61.69
N CYS B 371 -18.22 -13.26 62.45
CA CYS B 371 -18.56 -14.65 62.73
C CYS B 371 -19.75 -14.72 63.66
N VAL B 372 -19.89 -13.73 64.53
CA VAL B 372 -21.05 -13.72 65.40
C VAL B 372 -22.25 -13.18 64.65
N ALA B 373 -22.03 -12.29 63.68
CA ALA B 373 -23.15 -11.85 62.87
C ALA B 373 -23.70 -13.00 62.04
N ILE B 374 -22.84 -13.83 61.46
CA ILE B 374 -23.34 -14.96 60.69
C ILE B 374 -24.05 -15.93 61.62
N ILE B 375 -23.48 -16.24 62.79
CA ILE B 375 -24.15 -17.25 63.59
C ILE B 375 -25.48 -16.72 64.10
N MET B 376 -25.57 -15.43 64.40
CA MET B 376 -26.84 -14.93 64.87
C MET B 376 -27.84 -14.80 63.72
N VAL B 377 -27.35 -14.63 62.50
CA VAL B 377 -28.27 -14.34 61.41
C VAL B 377 -28.74 -15.62 60.75
N SER B 378 -27.97 -16.68 60.84
CA SER B 378 -28.52 -17.98 60.48
C SER B 378 -29.40 -18.51 61.60
N CYS B 379 -29.05 -18.29 62.87
CA CYS B 379 -29.89 -18.83 63.92
C CYS B 379 -31.26 -18.18 63.97
N VAL B 380 -31.33 -16.86 63.79
CA VAL B 380 -32.64 -16.21 63.81
C VAL B 380 -33.51 -16.71 62.65
N THR B 381 -32.97 -16.73 61.43
CA THR B 381 -33.81 -17.18 60.32
C THR B 381 -34.19 -18.64 60.46
N SER B 382 -33.27 -19.47 60.94
CA SER B 382 -33.59 -20.88 61.03
C SER B 382 -34.60 -21.14 62.12
N VAL B 383 -34.52 -20.43 63.24
CA VAL B 383 -35.49 -20.70 64.29
C VAL B 383 -36.85 -20.16 63.91
N TRP B 384 -36.89 -19.02 63.21
CA TRP B 384 -38.18 -18.54 62.72
C TRP B 384 -38.77 -19.52 61.72
N LEU B 385 -37.93 -20.09 60.85
CA LEU B 385 -38.41 -21.03 59.86
C LEU B 385 -38.89 -22.32 60.53
N LEU B 386 -38.14 -22.83 61.49
CA LEU B 386 -38.53 -24.08 62.12
C LEU B 386 -39.72 -23.90 63.03
N CYS B 387 -39.89 -22.72 63.64
CA CYS B 387 -41.08 -22.49 64.42
C CYS B 387 -42.28 -22.20 63.54
N ARG B 388 -42.05 -21.71 62.33
CA ARG B 388 -43.13 -21.60 61.37
C ARG B 388 -43.59 -22.98 60.92
N THR B 389 -42.65 -23.89 60.73
CA THR B 389 -43.04 -25.26 60.43
C THR B 389 -43.77 -25.88 61.62
N ARG B 390 -43.34 -25.58 62.84
CA ARG B 390 -44.05 -26.06 64.02
C ARG B 390 -45.49 -25.57 64.03
N ASN B 391 -45.68 -24.28 63.75
CA ASN B 391 -47.03 -23.74 63.71
C ASN B 391 -47.84 -24.40 62.62
N LEU B 392 -47.23 -24.60 61.46
CA LEU B 392 -47.93 -25.31 60.40
C LEU B 392 -48.17 -26.78 60.71
N CYS B 393 -47.51 -27.34 61.72
CA CYS B 393 -47.83 -28.70 62.16
C CYS B 393 -48.88 -28.73 63.25
N ILE B 394 -48.97 -27.67 64.05
CA ILE B 394 -50.00 -27.60 65.07
C ILE B 394 -51.34 -27.33 64.43
N THR B 395 -51.41 -26.29 63.61
CA THR B 395 -52.67 -25.75 63.08
C THR B 395 -53.64 -26.80 62.59
N PRO B 396 -53.26 -27.77 61.76
CA PRO B 396 -54.27 -28.69 61.25
C PRO B 396 -54.93 -29.49 62.34
N TYR B 397 -54.24 -29.73 63.45
CA TYR B 397 -54.78 -30.60 64.48
C TYR B 397 -55.41 -29.80 65.60
N LYS B 398 -54.85 -28.65 65.97
CA LYS B 398 -55.58 -27.81 66.89
C LYS B 398 -56.90 -27.36 66.28
N LEU B 399 -56.95 -27.15 64.97
CA LEU B 399 -58.21 -26.70 64.38
C LEU B 399 -59.27 -27.79 64.41
N ALA B 400 -58.91 -29.05 64.11
CA ALA B 400 -59.82 -30.16 64.39
C ALA B 400 -59.51 -30.69 65.77
N PRO B 401 -60.28 -30.35 66.85
CA PRO B 401 -59.98 -30.91 68.18
C PRO B 401 -59.96 -32.44 68.24
N ASN B 402 -61.07 -33.03 67.81
CA ASN B 402 -61.31 -34.47 67.93
C ASN B 402 -60.64 -35.27 66.81
N ALA B 403 -59.32 -35.15 66.71
CA ALA B 403 -58.60 -35.67 65.55
C ALA B 403 -57.60 -36.74 65.95
N GLN B 404 -57.09 -37.41 64.92
CA GLN B 404 -56.37 -38.68 65.04
C GLN B 404 -54.86 -38.49 65.24
N VAL B 405 -54.47 -37.73 66.26
CA VAL B 405 -53.10 -37.22 66.39
C VAL B 405 -52.05 -38.30 66.20
N PRO B 406 -51.08 -38.13 65.29
CA PRO B 406 -49.90 -38.99 65.28
C PRO B 406 -49.02 -38.76 66.49
N ILE B 407 -48.50 -39.85 67.06
CA ILE B 407 -47.54 -39.71 68.15
C ILE B 407 -46.24 -39.16 67.61
N LEU B 408 -45.93 -39.40 66.33
CA LEU B 408 -44.65 -38.98 65.79
C LEU B 408 -44.68 -37.49 65.44
N LEU B 409 -45.82 -37.01 64.94
CA LEU B 409 -45.96 -35.57 64.77
C LEU B 409 -46.08 -34.91 66.12
N ALA B 410 -46.75 -35.57 67.06
CA ALA B 410 -46.90 -35.02 68.40
C ALA B 410 -45.54 -34.78 69.04
N LEU B 411 -44.60 -35.70 68.85
CA LEU B 411 -43.27 -35.49 69.43
C LEU B 411 -42.43 -34.56 68.56
N LEU B 412 -42.20 -34.94 67.30
CA LEU B 412 -41.21 -34.24 66.49
C LEU B 412 -41.67 -32.86 66.05
N CYS B 413 -42.97 -32.58 66.10
CA CYS B 413 -43.48 -31.23 65.89
C CYS B 413 -44.09 -30.66 67.17
N CYS B 414 -43.90 -31.31 68.32
CA CYS B 414 -44.25 -30.77 69.62
C CYS B 414 -45.76 -30.60 69.83
N ILE B 415 -46.23 -30.91 71.03
CA ILE B 415 -47.58 -30.50 71.45
C ILE B 415 -47.56 -30.14 72.92
N LEU C 108 -83.78 -38.55 28.35
CA LEU C 108 -84.06 -37.13 28.46
C LEU C 108 -82.81 -36.30 28.30
N GLU C 109 -81.67 -36.80 28.78
CA GLU C 109 -80.42 -36.07 28.68
C GLU C 109 -79.80 -36.16 27.29
N SER C 110 -80.46 -36.82 26.34
CA SER C 110 -79.97 -36.87 24.97
C SER C 110 -79.96 -35.52 24.30
N ASP C 111 -80.72 -34.54 24.83
CA ASP C 111 -80.54 -33.15 24.40
C ASP C 111 -79.08 -32.72 24.44
N LYS C 112 -78.28 -33.27 25.35
CA LYS C 112 -76.90 -32.82 25.55
C LYS C 112 -75.91 -33.65 24.77
N THR C 113 -76.32 -34.27 23.68
CA THR C 113 -75.42 -34.66 22.61
C THR C 113 -75.77 -33.77 21.44
N PHE C 114 -74.83 -32.94 21.05
CA PHE C 114 -75.10 -31.86 20.14
C PHE C 114 -74.81 -32.32 18.71
N PRO C 115 -75.78 -32.27 17.80
CA PRO C 115 -75.55 -32.77 16.44
C PRO C 115 -74.53 -31.92 15.69
N ILE C 116 -73.50 -32.58 15.18
CA ILE C 116 -72.65 -31.93 14.21
C ILE C 116 -73.43 -31.72 12.91
N MET C 117 -73.11 -30.65 12.21
CA MET C 117 -73.57 -30.38 10.86
C MET C 117 -72.35 -30.42 9.97
N LEU C 118 -72.49 -31.00 8.80
CA LEU C 118 -71.55 -30.70 7.72
C LEU C 118 -72.40 -30.56 6.48
N ASN C 119 -72.14 -29.52 5.70
CA ASN C 119 -72.92 -29.18 4.53
C ASN C 119 -74.42 -29.31 4.81
N GLY C 120 -74.83 -28.75 5.94
CA GLY C 120 -76.24 -28.63 6.25
C GLY C 120 -76.98 -29.94 6.41
N GLN C 121 -76.34 -30.96 6.96
CA GLN C 121 -77.03 -32.19 7.27
C GLN C 121 -76.30 -32.88 8.39
N VAL C 122 -76.97 -33.83 9.03
CA VAL C 122 -76.42 -34.37 10.26
C VAL C 122 -75.41 -35.44 9.89
N ASN C 123 -74.14 -35.03 9.82
CA ASN C 123 -73.08 -35.99 9.54
C ASN C 123 -72.87 -36.89 10.74
N GLY C 124 -72.99 -36.35 11.94
CA GLY C 124 -72.95 -37.15 13.13
C GLY C 124 -73.28 -36.30 14.34
N TYR C 125 -72.83 -36.75 15.51
CA TYR C 125 -73.10 -36.06 16.76
C TYR C 125 -71.81 -35.98 17.55
N ALA C 126 -71.77 -35.06 18.52
CA ALA C 126 -70.68 -34.95 19.47
C ALA C 126 -71.27 -34.82 20.85
N CYS C 127 -70.54 -35.28 21.86
CA CYS C 127 -71.10 -35.42 23.18
C CYS C 127 -70.14 -34.88 24.21
N VAL C 128 -70.69 -34.43 25.33
CA VAL C 128 -69.89 -33.93 26.44
C VAL C 128 -70.06 -34.89 27.60
N VAL C 129 -68.98 -35.48 28.03
CA VAL C 129 -68.99 -36.37 29.15
C VAL C 129 -67.87 -35.95 30.07
N GLY C 130 -68.15 -35.98 31.37
CA GLY C 130 -67.12 -35.72 32.35
C GLY C 130 -66.49 -34.38 32.16
N GLY C 131 -67.26 -33.39 31.75
CA GLY C 131 -66.68 -32.08 31.59
C GLY C 131 -65.74 -31.95 30.42
N ARG C 132 -65.85 -32.79 29.40
CA ARG C 132 -65.09 -32.57 28.19
C ARG C 132 -65.93 -32.95 27.00
N VAL C 133 -65.73 -32.25 25.92
CA VAL C 133 -66.51 -32.51 24.72
C VAL C 133 -65.70 -33.47 23.88
N PHE C 134 -66.41 -34.22 23.03
CA PHE C 134 -65.89 -35.36 22.31
C PHE C 134 -66.52 -35.39 20.94
N LYS C 135 -65.70 -35.55 19.92
CA LYS C 135 -66.15 -35.59 18.53
C LYS C 135 -65.29 -36.60 17.78
N PRO C 136 -65.84 -37.62 17.14
CA PRO C 136 -64.99 -38.57 16.43
C PRO C 136 -64.27 -37.91 15.26
N LEU C 137 -63.09 -38.43 14.93
CA LEU C 137 -62.33 -37.86 13.82
C LEU C 137 -63.05 -38.05 12.51
N HIS C 138 -63.50 -39.29 12.25
CA HIS C 138 -64.00 -39.64 10.92
C HIS C 138 -65.11 -38.71 10.48
N VAL C 139 -66.03 -38.39 11.39
CA VAL C 139 -67.17 -37.56 11.03
C VAL C 139 -66.71 -36.12 11.15
N GLU C 140 -66.49 -35.49 10.01
CA GLU C 140 -66.07 -34.09 10.04
C GLU C 140 -67.29 -33.21 10.05
N GLY C 141 -67.10 -31.95 10.39
CA GLY C 141 -68.21 -31.03 10.43
C GLY C 141 -67.95 -29.87 11.34
N ARG C 142 -68.80 -28.86 11.22
CA ARG C 142 -68.92 -27.81 12.21
C ARG C 142 -69.97 -28.21 13.22
N ILE C 143 -69.58 -28.26 14.49
CA ILE C 143 -70.53 -28.51 15.57
C ILE C 143 -71.63 -27.47 15.53
N ASP C 144 -72.87 -27.94 15.65
CA ASP C 144 -74.05 -27.08 15.71
C ASP C 144 -74.30 -26.55 17.11
N ASN C 145 -73.32 -25.83 17.62
CA ASN C 145 -73.50 -25.14 18.88
C ASN C 145 -72.42 -24.10 19.01
N GLU C 146 -72.84 -22.86 19.26
CA GLU C 146 -71.88 -21.76 19.28
C GLU C 146 -70.93 -21.90 20.46
N GLN C 147 -71.44 -22.21 21.65
CA GLN C 147 -70.52 -22.19 22.79
C GLN C 147 -69.55 -23.33 22.76
N LEU C 148 -69.86 -24.46 22.12
CA LEU C 148 -68.82 -25.46 21.92
C LEU C 148 -68.05 -25.25 20.63
N ALA C 149 -68.50 -24.37 19.75
CA ALA C 149 -67.76 -24.16 18.52
C ALA C 149 -66.37 -23.61 18.75
N ALA C 150 -66.16 -22.85 19.83
CA ALA C 150 -64.90 -22.15 20.00
C ALA C 150 -63.86 -22.95 20.78
N ILE C 151 -64.21 -24.12 21.28
CA ILE C 151 -63.21 -25.03 21.82
C ILE C 151 -62.39 -25.59 20.68
N LYS C 152 -61.06 -25.52 20.79
CA LYS C 152 -60.21 -26.17 19.80
C LYS C 152 -59.94 -27.59 20.28
N LEU C 153 -60.31 -28.55 19.45
CA LEU C 153 -60.32 -29.96 19.76
C LEU C 153 -58.95 -30.57 19.53
N LYS C 154 -58.33 -31.08 20.57
CA LYS C 154 -57.03 -31.72 20.43
C LYS C 154 -57.25 -33.20 20.16
N LYS C 155 -56.60 -33.71 19.12
CA LYS C 155 -56.97 -34.99 18.56
C LYS C 155 -56.38 -36.14 19.36
N ALA C 156 -56.97 -37.31 19.17
CA ALA C 156 -56.41 -38.57 19.65
C ALA C 156 -56.80 -39.63 18.64
N SER C 157 -55.90 -39.93 17.72
CA SER C 157 -56.20 -40.92 16.69
C SER C 157 -56.41 -42.30 17.29
N ILE C 158 -55.63 -42.64 18.32
CA ILE C 158 -55.61 -44.00 18.81
C ILE C 158 -56.92 -44.38 19.49
N TYR C 159 -57.72 -43.40 19.89
CA TYR C 159 -59.10 -43.61 20.30
C TYR C 159 -60.12 -43.06 19.31
N ASP C 160 -59.68 -42.47 18.21
CA ASP C 160 -60.55 -41.88 17.19
C ASP C 160 -61.56 -40.93 17.82
N LEU C 161 -61.02 -39.93 18.51
CA LEU C 161 -61.85 -38.92 19.17
C LEU C 161 -61.00 -37.69 19.40
N GLU C 162 -61.38 -36.58 18.77
CA GLU C 162 -60.90 -35.27 19.20
C GLU C 162 -61.73 -34.80 20.36
N TYR C 163 -61.07 -34.28 21.37
CA TYR C 163 -61.73 -33.93 22.61
C TYR C 163 -61.20 -32.61 23.11
N GLY C 164 -61.86 -32.10 24.14
CA GLY C 164 -61.38 -30.87 24.72
C GLY C 164 -62.18 -30.34 25.88
N ASP C 165 -61.52 -29.62 26.78
CA ASP C 165 -62.17 -29.17 27.99
C ASP C 165 -63.29 -28.20 27.66
N VAL C 166 -64.42 -28.38 28.32
CA VAL C 166 -65.64 -27.67 27.95
C VAL C 166 -65.50 -26.25 28.46
N PRO C 167 -66.17 -25.25 27.89
CA PRO C 167 -65.96 -23.88 28.36
C PRO C 167 -66.44 -23.74 29.79
N GLN C 168 -66.09 -22.60 30.38
CA GLN C 168 -66.25 -22.42 31.82
C GLN C 168 -67.68 -22.63 32.25
N CYS C 169 -68.65 -22.21 31.45
CA CYS C 169 -70.01 -22.04 31.94
C CYS C 169 -70.89 -23.27 31.70
N MET C 170 -70.28 -24.44 31.43
CA MET C 170 -71.04 -25.69 31.35
C MET C 170 -70.33 -26.86 32.04
N LYS C 171 -69.42 -26.59 32.97
CA LYS C 171 -68.78 -27.68 33.72
C LYS C 171 -69.78 -28.51 34.51
N SER C 172 -70.86 -27.92 34.99
CA SER C 172 -71.85 -28.61 35.80
C SER C 172 -72.99 -29.19 34.98
N ASP C 173 -72.92 -29.11 33.66
CA ASP C 173 -74.00 -29.55 32.79
C ASP C 173 -73.46 -30.52 31.76
N THR C 174 -72.60 -31.43 32.20
CA THR C 174 -72.12 -32.54 31.40
C THR C 174 -72.76 -33.83 31.87
N LEU C 175 -72.89 -34.78 30.95
CA LEU C 175 -73.24 -36.10 31.40
C LEU C 175 -72.05 -36.72 32.10
N GLN C 176 -72.30 -37.80 32.80
CA GLN C 176 -71.30 -38.40 33.69
C GLN C 176 -71.21 -39.87 33.37
N TYR C 177 -69.99 -40.40 33.38
CA TYR C 177 -69.78 -41.77 32.93
C TYR C 177 -69.53 -42.72 34.10
N THR C 178 -69.27 -43.97 33.75
CA THR C 178 -68.81 -44.99 34.66
C THR C 178 -68.45 -46.21 33.83
N SER C 179 -67.48 -46.98 34.31
CA SER C 179 -66.90 -48.07 33.55
C SER C 179 -67.56 -49.42 33.82
N ASP C 180 -68.45 -49.50 34.82
CA ASP C 180 -69.08 -50.76 35.21
C ASP C 180 -70.23 -51.05 34.28
N LYS C 181 -70.07 -52.06 33.44
CA LYS C 181 -71.06 -52.42 32.42
C LYS C 181 -71.35 -53.92 32.51
N PRO C 182 -72.26 -54.33 33.38
CA PRO C 182 -72.70 -55.71 33.35
C PRO C 182 -73.39 -56.02 32.02
N PRO C 183 -73.22 -57.21 31.46
CA PRO C 183 -73.98 -57.57 30.26
C PRO C 183 -75.47 -57.54 30.54
N TYR C 186 -78.75 -51.64 27.70
CA TYR C 186 -78.51 -50.26 28.06
C TYR C 186 -79.20 -49.36 27.05
N ASN C 187 -79.56 -48.18 27.48
CA ASN C 187 -80.36 -47.29 26.65
C ASN C 187 -79.46 -46.52 25.69
N TRP C 188 -80.09 -46.03 24.63
CA TRP C 188 -79.38 -45.38 23.54
C TRP C 188 -80.47 -44.68 22.73
N HIS C 189 -80.06 -43.64 22.01
CA HIS C 189 -80.96 -42.81 21.21
C HIS C 189 -82.03 -43.58 20.48
N HIS C 190 -81.63 -44.62 19.79
CA HIS C 190 -82.55 -45.38 18.96
C HIS C 190 -83.23 -46.51 19.71
N GLY C 191 -82.79 -46.84 20.90
CA GLY C 191 -83.49 -47.82 21.67
C GLY C 191 -82.54 -48.49 22.62
N VAL C 193 -79.74 -51.32 23.54
CA VAL C 193 -78.62 -52.03 22.97
C VAL C 193 -78.28 -53.13 23.94
N TYR C 195 -75.68 -55.84 25.52
CA TYR C 195 -74.26 -55.97 25.80
C TYR C 195 -74.02 -57.38 26.28
N ASN C 197 -71.01 -60.91 25.88
CA ASN C 197 -69.72 -61.38 25.41
C ASN C 197 -68.73 -60.22 25.24
N ASN C 198 -68.85 -59.22 26.11
CA ASN C 198 -68.10 -57.97 26.00
C ASN C 198 -68.19 -57.38 24.60
N ARG C 199 -69.40 -57.05 24.20
CA ARG C 199 -69.61 -56.56 22.85
C ARG C 199 -70.98 -55.91 22.77
N PHE C 200 -71.03 -54.77 22.10
CA PHE C 200 -72.25 -54.00 21.94
C PHE C 200 -72.82 -54.27 20.57
N THR C 201 -74.06 -54.73 20.54
CA THR C 201 -74.78 -55.08 19.34
C THR C 201 -76.19 -54.54 19.51
N VAL C 202 -76.89 -54.37 18.40
CA VAL C 202 -78.27 -53.89 18.44
C VAL C 202 -79.12 -54.62 17.41
N ARG C 204 -80.73 -55.04 13.89
CA ARG C 204 -80.25 -54.73 12.54
C ARG C 204 -81.26 -53.88 11.80
N GLY C 205 -81.08 -52.56 11.86
CA GLY C 205 -82.04 -51.62 11.31
C GLY C 205 -82.42 -50.50 12.26
N GLY C 207 -80.07 -48.32 13.50
CA GLY C 207 -79.10 -47.24 13.39
C GLY C 207 -77.87 -47.55 12.56
N GLY C 208 -77.58 -46.60 11.67
CA GLY C 208 -76.67 -46.76 10.56
C GLY C 208 -75.63 -45.67 10.39
N LYS C 209 -75.63 -45.13 9.17
CA LYS C 209 -74.54 -44.33 8.60
C LYS C 209 -74.24 -43.06 9.38
N GLY C 210 -75.17 -42.53 10.15
CA GLY C 210 -74.99 -41.21 10.71
C GLY C 210 -74.92 -41.14 12.22
N ASP C 211 -75.32 -42.20 12.91
CA ASP C 211 -75.25 -42.23 14.37
C ASP C 211 -73.83 -42.53 14.83
N SER C 212 -72.96 -41.56 14.59
CA SER C 212 -71.59 -41.60 15.10
C SER C 212 -71.44 -40.57 16.21
N GLY C 213 -70.89 -41.00 17.33
CA GLY C 213 -70.74 -40.14 18.46
C GLY C 213 -71.89 -40.17 19.43
N ARG C 214 -72.86 -41.03 19.20
CA ARG C 214 -74.05 -41.12 20.01
C ARG C 214 -73.72 -41.84 21.31
N PRO C 215 -73.64 -41.17 22.46
CA PRO C 215 -73.40 -41.88 23.71
C PRO C 215 -74.45 -42.93 23.99
N ILE C 216 -74.07 -43.98 24.70
CA ILE C 216 -75.01 -45.02 25.09
C ILE C 216 -75.03 -45.04 26.61
N LEU C 217 -76.13 -44.49 27.12
CA LEU C 217 -76.47 -44.27 28.51
C LEU C 217 -76.88 -45.56 29.19
N ASP C 218 -77.04 -45.46 30.49
CA ASP C 218 -77.32 -46.54 31.41
C ASP C 218 -78.38 -46.04 32.36
N LYS C 220 -79.72 -45.66 35.14
CA LYS C 220 -79.40 -44.52 36.01
C LYS C 220 -78.45 -43.54 35.31
N GLY C 221 -78.83 -43.09 34.13
CA GLY C 221 -78.31 -41.93 33.44
C GLY C 221 -76.80 -41.75 33.36
N ARG C 222 -76.02 -42.81 33.44
CA ARG C 222 -74.59 -42.78 33.22
C ARG C 222 -74.27 -43.24 31.82
N VAL C 223 -73.31 -42.58 31.18
CA VAL C 223 -72.82 -43.03 29.88
C VAL C 223 -71.72 -44.06 30.08
N VAL C 224 -71.88 -45.23 29.48
CA VAL C 224 -70.86 -46.27 29.51
C VAL C 224 -70.23 -46.51 28.15
N ALA C 225 -70.48 -45.67 27.15
CA ALA C 225 -69.78 -45.83 25.89
C ALA C 225 -70.16 -44.70 24.96
N ILE C 226 -69.34 -44.49 23.94
CA ILE C 226 -69.69 -43.67 22.78
C ILE C 226 -69.57 -44.54 21.53
N VAL C 227 -70.60 -44.55 20.73
CA VAL C 227 -70.63 -45.33 19.50
C VAL C 227 -69.94 -44.56 18.38
N LEU C 228 -69.10 -45.26 17.61
CA LEU C 228 -68.43 -44.68 16.46
C LEU C 228 -68.72 -45.37 15.14
N GLY C 229 -69.07 -46.65 15.15
CA GLY C 229 -69.40 -47.30 13.90
C GLY C 229 -69.93 -48.68 14.15
N GLY C 230 -69.92 -49.52 13.12
CA GLY C 230 -70.33 -50.89 13.37
C GLY C 230 -70.09 -51.82 12.22
N VAL C 231 -70.33 -53.10 12.49
CA VAL C 231 -70.40 -54.15 11.50
C VAL C 231 -71.69 -54.92 11.71
N ASN C 232 -72.49 -55.07 10.67
CA ASN C 232 -73.60 -56.00 10.77
C ASN C 232 -73.11 -57.42 11.06
N GLU C 233 -73.44 -57.96 12.23
CA GLU C 233 -73.52 -59.39 12.47
C GLU C 233 -74.97 -59.76 12.17
N GLY C 234 -75.25 -59.99 10.89
CA GLY C 234 -76.41 -59.46 10.20
C GLY C 234 -77.70 -59.44 10.97
N THR C 237 -76.44 -56.46 15.07
CA THR C 237 -75.44 -55.64 14.39
C THR C 237 -74.52 -55.03 15.44
N ALA C 238 -73.25 -55.40 15.40
CA ALA C 238 -72.27 -54.99 16.39
C ALA C 238 -71.84 -53.55 16.21
N LEU C 239 -71.44 -52.94 17.32
CA LEU C 239 -71.07 -51.53 17.40
C LEU C 239 -69.58 -51.40 17.69
N SER C 240 -68.89 -50.66 16.84
CA SER C 240 -67.58 -50.09 17.12
C SER C 240 -67.72 -48.93 18.09
N VAL C 241 -67.09 -49.03 19.25
CA VAL C 241 -67.39 -48.22 20.43
C VAL C 241 -66.10 -47.83 21.15
N VAL C 242 -66.18 -46.78 21.98
CA VAL C 242 -65.13 -46.41 22.94
C VAL C 242 -65.71 -46.53 24.34
N THR C 243 -64.98 -47.19 25.22
CA THR C 243 -65.44 -47.47 26.56
C THR C 243 -64.29 -47.22 27.53
N TRP C 244 -64.52 -47.61 28.78
CA TRP C 244 -63.55 -47.51 29.86
C TRP C 244 -63.51 -48.83 30.59
N ASN C 245 -62.32 -49.38 30.79
CA ASN C 245 -62.22 -50.78 31.14
C ASN C 245 -62.48 -50.99 32.63
N GLN C 246 -62.23 -52.21 33.10
CA GLN C 246 -62.49 -52.54 34.50
C GLN C 246 -61.64 -51.69 35.43
N LYS C 247 -60.36 -51.54 35.13
CA LYS C 247 -59.53 -50.61 35.89
C LYS C 247 -59.81 -49.16 35.50
N GLY C 248 -60.62 -48.93 34.49
CA GLY C 248 -61.09 -47.60 34.17
C GLY C 248 -60.33 -46.85 33.10
N VAL C 249 -59.28 -47.42 32.54
CA VAL C 249 -58.59 -46.74 31.45
C VAL C 249 -59.45 -46.81 30.20
N THR C 250 -59.41 -45.75 29.40
CA THR C 250 -60.15 -45.69 28.16
C THR C 250 -59.61 -46.68 27.14
N VAL C 251 -60.50 -47.31 26.38
CA VAL C 251 -60.09 -48.19 25.30
C VAL C 251 -61.13 -48.18 24.21
N LYS C 252 -60.69 -48.40 22.97
CA LYS C 252 -61.60 -48.67 21.87
C LYS C 252 -61.85 -50.17 21.77
N ASP C 253 -63.10 -50.55 21.60
CA ASP C 253 -63.52 -51.90 21.21
C ASP C 253 -64.15 -51.83 19.83
N THR C 254 -63.45 -52.33 18.81
CA THR C 254 -63.89 -52.22 17.43
C THR C 254 -64.01 -53.60 16.80
N PRO C 255 -65.21 -54.05 16.42
CA PRO C 255 -65.33 -55.40 15.87
C PRO C 255 -64.63 -55.50 14.54
N GLU C 256 -64.24 -56.72 14.21
CA GLU C 256 -63.67 -56.99 12.90
C GLU C 256 -64.69 -56.64 11.85
N GLY C 257 -64.24 -55.98 10.79
CA GLY C 257 -65.14 -55.56 9.75
C GLY C 257 -65.96 -54.34 10.06
N SER C 258 -65.64 -53.60 11.10
CA SER C 258 -66.42 -52.42 11.42
C SER C 258 -66.20 -51.33 10.39
N GLU C 259 -67.19 -50.73 10.06
CA GLU C 259 -67.22 -49.53 9.25
C GLU C 259 -67.51 -48.34 10.15
N PRO C 260 -66.99 -47.15 9.86
CA PRO C 260 -67.37 -45.98 10.64
C PRO C 260 -68.70 -45.46 10.12
N TRP C 261 -69.35 -44.68 10.95
CA TRP C 261 -70.62 -44.08 10.61
C TRP C 261 -70.54 -42.57 10.71
N TYR D 1 3.11 43.30 35.51
CA TYR D 1 1.69 42.89 35.41
C TYR D 1 1.54 41.67 34.56
N GLU D 2 0.84 40.69 35.09
CA GLU D 2 0.79 39.35 34.53
C GLU D 2 -0.48 39.24 33.72
N HIS D 3 -0.35 38.83 32.46
CA HIS D 3 -1.50 38.63 31.60
C HIS D 3 -1.38 37.29 30.90
N THR D 4 -2.46 36.52 30.96
CA THR D 4 -2.50 35.17 30.44
C THR D 4 -3.44 35.09 29.26
N ALA D 5 -3.16 34.17 28.35
CA ALA D 5 -4.00 34.03 27.16
C ALA D 5 -3.70 32.67 26.54
N VAL D 6 -4.33 32.43 25.40
CA VAL D 6 -4.07 31.26 24.59
C VAL D 6 -3.89 31.74 23.16
N MET D 7 -2.84 31.26 22.50
CA MET D 7 -2.53 31.68 21.15
C MET D 7 -2.43 30.47 20.24
N PRO D 8 -2.91 30.55 19.01
CA PRO D 8 -2.83 29.38 18.13
C PRO D 8 -1.40 29.13 17.71
N ASN D 9 -1.04 27.86 17.61
CA ASN D 9 0.31 27.46 17.22
C ASN D 9 0.46 27.58 15.71
N LYS D 10 0.42 28.80 15.22
CA LYS D 10 0.55 29.07 13.79
C LYS D 10 1.61 30.13 13.60
N VAL D 11 2.67 29.77 12.88
CA VAL D 11 3.93 30.49 12.99
C VAL D 11 3.79 31.93 12.52
N GLY D 12 3.42 32.13 11.26
CA GLY D 12 3.53 33.45 10.68
C GLY D 12 2.76 34.57 11.35
N ILE D 13 1.45 34.44 11.31
CA ILE D 13 0.45 35.41 11.77
C ILE D 13 0.72 35.92 13.19
N PRO D 14 0.82 37.22 13.44
CA PRO D 14 1.00 37.67 14.81
C PRO D 14 -0.25 37.43 15.63
N TYR D 15 -0.06 37.47 16.95
CA TYR D 15 -1.14 37.37 17.91
C TYR D 15 -1.19 38.66 18.70
N LYS D 16 -2.29 39.38 18.58
CA LYS D 16 -2.42 40.71 19.15
C LYS D 16 -3.34 40.62 20.35
N ALA D 17 -2.95 41.26 21.44
CA ALA D 17 -3.81 41.38 22.60
C ALA D 17 -3.59 42.74 23.22
N LEU D 18 -4.50 43.11 24.08
CA LEU D 18 -4.50 44.41 24.74
C LEU D 18 -4.48 44.15 26.23
N VAL D 19 -3.34 44.26 26.88
CA VAL D 19 -3.33 44.05 28.32
C VAL D 19 -3.74 45.36 28.97
N GLU D 20 -4.62 45.26 29.94
CA GLU D 20 -5.38 46.40 30.43
C GLU D 20 -5.33 46.36 31.94
N ARG D 21 -4.66 47.34 32.51
CA ARG D 21 -4.62 47.55 33.93
C ARG D 21 -5.58 48.66 34.23
N PRO D 22 -6.64 48.47 34.99
CA PRO D 22 -7.52 49.61 35.27
C PRO D 22 -6.74 50.73 35.90
N GLY D 23 -6.98 51.93 35.41
CA GLY D 23 -6.28 53.11 35.83
C GLY D 23 -5.07 53.44 35.01
N TYR D 24 -4.70 52.59 34.07
CA TYR D 24 -3.58 52.84 33.18
C TYR D 24 -4.02 52.67 31.74
N ALA D 25 -3.36 53.36 30.85
CA ALA D 25 -3.69 53.25 29.44
C ALA D 25 -3.42 51.84 28.96
N PRO D 26 -4.38 51.17 28.34
CA PRO D 26 -4.17 49.79 27.93
C PRO D 26 -3.04 49.68 26.93
N VAL D 27 -2.04 48.86 27.25
CA VAL D 27 -0.88 48.71 26.36
C VAL D 27 -1.04 47.45 25.51
N HIS D 28 -0.74 47.60 24.23
CA HIS D 28 -1.01 46.62 23.19
C HIS D 28 0.21 45.75 22.94
N LEU D 29 0.10 44.44 23.15
CA LEU D 29 1.21 43.54 22.90
C LEU D 29 0.94 42.64 21.72
N GLN D 30 2.04 42.16 21.15
CA GLN D 30 2.05 41.33 19.97
C GLN D 30 3.05 40.22 20.20
N ILE D 31 2.63 38.98 20.00
CA ILE D 31 3.46 37.79 20.13
C ILE D 31 3.45 37.07 18.79
N GLN D 32 4.60 36.95 18.15
CA GLN D 32 4.71 36.29 16.86
C GLN D 32 5.72 35.15 16.94
N LEU D 33 5.25 33.94 16.76
CA LEU D 33 6.15 32.81 16.62
C LEU D 33 6.85 32.89 15.27
N VAL D 34 8.13 32.56 15.24
CA VAL D 34 8.86 32.45 13.99
C VAL D 34 9.49 31.09 13.80
N ASN D 35 9.75 30.34 14.85
CA ASN D 35 10.11 28.94 14.81
C ASN D 35 9.31 28.24 15.88
N THR D 36 8.76 27.08 15.57
CA THR D 36 8.33 26.17 16.63
C THR D 36 8.80 24.78 16.27
N ARG D 37 9.69 24.26 17.11
CA ARG D 37 10.49 23.09 16.82
C ARG D 37 10.19 22.00 17.82
N ILE D 38 9.86 20.82 17.33
CA ILE D 38 9.64 19.64 18.13
C ILE D 38 10.93 18.84 18.06
N ILE D 39 11.73 18.91 19.11
CA ILE D 39 13.06 18.31 19.14
C ILE D 39 12.96 17.02 19.93
N PRO D 40 13.01 15.85 19.31
CA PRO D 40 12.96 14.62 20.09
C PRO D 40 14.32 14.21 20.58
N SER D 41 14.33 13.57 21.74
CA SER D 41 15.54 12.98 22.28
C SER D 41 15.80 11.66 21.59
N THR D 42 16.95 11.55 20.95
CA THR D 42 17.30 10.41 20.11
C THR D 42 18.63 9.82 20.54
N ASN D 43 18.80 8.52 20.28
CA ASN D 43 20.11 7.89 20.36
C ASN D 43 20.39 7.02 19.15
N LEU D 44 21.64 7.03 18.72
CA LEU D 44 22.07 6.32 17.51
C LEU D 44 22.16 4.83 17.80
N GLU D 45 21.23 4.06 17.25
CA GLU D 45 21.35 2.61 17.33
C GLU D 45 22.52 2.09 16.50
N TYR D 46 22.61 2.51 15.25
CA TYR D 46 23.69 2.06 14.37
C TYR D 46 23.66 2.88 13.10
N ILE D 47 24.60 2.61 12.20
CA ILE D 47 24.59 3.19 10.87
C ILE D 47 24.80 2.06 9.87
N THR D 48 24.31 2.26 8.66
CA THR D 48 24.43 1.24 7.64
C THR D 48 24.86 1.89 6.34
N CYS D 49 25.48 1.07 5.50
CA CYS D 49 26.04 1.53 4.24
C CYS D 49 26.29 0.34 3.35
N LYS D 50 26.74 0.62 2.15
CA LYS D 50 27.16 -0.41 1.22
C LYS D 50 28.36 -1.12 1.75
N TYR D 51 28.41 -2.40 1.46
CA TYR D 51 29.52 -3.21 1.93
C TYR D 51 30.48 -3.44 0.80
N LYS D 52 31.63 -3.93 1.18
CA LYS D 52 32.70 -4.29 0.27
C LYS D 52 33.12 -5.67 0.71
N THR D 53 33.24 -6.60 -0.22
CA THR D 53 33.47 -7.98 0.12
C THR D 53 34.89 -8.18 -0.30
N LYS D 54 35.81 -7.90 0.61
CA LYS D 54 37.19 -8.04 0.27
C LYS D 54 37.56 -9.51 0.32
N VAL D 55 38.38 -9.91 -0.65
CA VAL D 55 38.85 -11.28 -0.78
C VAL D 55 40.36 -11.27 -0.59
N PRO D 56 40.90 -11.87 0.45
CA PRO D 56 42.33 -12.10 0.48
C PRO D 56 42.78 -12.98 -0.66
N SER D 57 44.01 -12.82 -1.05
CA SER D 57 44.61 -13.65 -2.07
C SER D 57 44.60 -15.10 -1.61
N PRO D 58 43.98 -16.02 -2.33
CA PRO D 58 43.89 -17.37 -1.80
C PRO D 58 45.24 -18.06 -1.77
N VAL D 59 45.38 -18.97 -0.82
CA VAL D 59 46.59 -19.77 -0.69
C VAL D 59 46.33 -21.07 -1.40
N VAL D 60 47.25 -21.47 -2.28
CA VAL D 60 47.13 -22.71 -3.03
C VAL D 60 48.38 -23.54 -2.75
N LYS D 61 48.21 -24.69 -2.10
CA LYS D 61 49.30 -25.62 -1.85
C LYS D 61 49.24 -26.83 -2.78
N CYS D 62 50.38 -27.10 -3.42
CA CYS D 62 50.62 -28.28 -4.24
C CYS D 62 50.95 -29.57 -3.50
N CYS D 63 50.41 -30.67 -4.01
CA CYS D 63 50.59 -32.01 -3.46
C CYS D 63 50.32 -31.97 -1.96
N GLY D 64 49.11 -31.60 -1.61
CA GLY D 64 48.72 -31.49 -0.22
C GLY D 64 47.67 -30.43 -0.02
N ALA D 65 46.92 -30.61 1.07
CA ALA D 65 45.70 -29.89 1.36
C ALA D 65 45.88 -29.09 2.64
N THR D 66 45.47 -27.84 2.62
CA THR D 66 45.41 -27.05 3.84
C THR D 66 44.05 -27.27 4.47
N GLN D 67 43.79 -26.63 5.60
CA GLN D 67 42.45 -26.62 6.16
C GLN D 67 42.02 -25.19 6.41
N CYS D 68 40.75 -25.05 6.68
CA CYS D 68 40.12 -23.77 6.96
C CYS D 68 40.05 -23.54 8.46
N THR D 69 40.20 -22.28 8.84
CA THR D 69 40.10 -21.85 10.21
C THR D 69 39.23 -20.62 10.22
N SER D 70 38.80 -20.21 11.41
CA SER D 70 37.81 -19.16 11.54
C SER D 70 38.45 -17.98 12.22
N LYS D 71 38.22 -16.79 11.69
CA LYS D 71 38.79 -15.57 12.20
C LYS D 71 37.69 -14.56 12.49
N PRO D 72 37.86 -13.73 13.48
CA PRO D 72 36.75 -12.92 13.97
C PRO D 72 36.39 -11.78 13.04
N HIS D 73 35.82 -12.07 11.87
CA HIS D 73 35.57 -11.05 10.87
C HIS D 73 34.13 -11.12 10.41
N PRO D 74 33.54 -9.99 10.02
CA PRO D 74 32.13 -9.96 9.64
C PRO D 74 31.83 -10.85 8.46
N ASP D 75 31.00 -11.86 8.67
CA ASP D 75 30.57 -12.76 7.61
C ASP D 75 31.77 -13.41 6.94
N TYR D 76 32.62 -14.02 7.75
CA TYR D 76 33.81 -14.66 7.23
C TYR D 76 33.44 -16.01 6.70
N GLN D 77 34.01 -16.34 5.55
CA GLN D 77 33.76 -17.62 4.92
C GLN D 77 35.07 -18.16 4.40
N CYS D 78 35.31 -19.44 4.66
CA CYS D 78 36.43 -20.20 4.14
C CYS D 78 35.89 -21.48 3.53
N GLN D 79 36.48 -21.88 2.41
CA GLN D 79 36.07 -23.13 1.77
C GLN D 79 37.24 -23.67 0.96
N VAL D 80 37.85 -24.75 1.41
CA VAL D 80 38.96 -25.34 0.68
C VAL D 80 38.40 -26.21 -0.43
N PHE D 81 38.69 -25.85 -1.68
CA PHE D 81 38.26 -26.59 -2.85
C PHE D 81 39.39 -27.46 -3.33
N SER D 82 39.08 -28.70 -3.70
CA SER D 82 40.12 -29.67 -4.04
C SER D 82 40.32 -29.80 -5.54
N GLY D 83 41.49 -30.30 -5.90
CA GLY D 83 41.87 -30.51 -7.28
C GLY D 83 41.76 -29.28 -8.15
N VAL D 84 42.31 -28.16 -7.71
CA VAL D 84 42.15 -26.92 -8.48
C VAL D 84 42.99 -26.96 -9.75
N TYR D 85 44.27 -27.24 -9.63
CA TYR D 85 45.22 -27.16 -10.75
C TYR D 85 45.23 -25.82 -11.46
N PRO D 86 45.65 -24.75 -10.80
CA PRO D 86 45.63 -23.45 -11.45
C PRO D 86 46.62 -23.35 -12.60
N PHE D 87 46.32 -22.42 -13.49
CA PHE D 87 47.10 -22.14 -14.70
C PHE D 87 47.38 -20.65 -14.73
N MET D 88 48.48 -20.22 -14.13
CA MET D 88 48.83 -18.81 -14.17
C MET D 88 49.54 -18.49 -15.48
N TRP D 89 49.94 -17.24 -15.63
CA TRP D 89 50.77 -16.87 -16.74
C TRP D 89 52.12 -17.50 -16.54
N GLY D 90 52.81 -17.74 -17.63
CA GLY D 90 54.09 -18.39 -17.49
C GLY D 90 53.91 -19.78 -16.94
N GLY D 91 53.03 -20.56 -17.55
CA GLY D 91 52.96 -21.96 -17.24
C GLY D 91 51.93 -22.27 -16.19
N ALA D 92 51.65 -23.55 -16.06
CA ALA D 92 50.86 -23.94 -14.92
C ALA D 92 51.69 -23.66 -13.69
N TYR D 93 51.02 -23.65 -12.55
CA TYR D 93 51.62 -23.14 -11.35
C TYR D 93 51.85 -24.25 -10.34
N CYS D 94 50.83 -25.03 -10.12
CA CYS D 94 50.85 -26.03 -9.08
C CYS D 94 51.11 -27.39 -9.72
N PHE D 95 52.15 -28.08 -9.27
CA PHE D 95 52.68 -29.22 -10.02
C PHE D 95 51.67 -30.35 -10.13
N CYS D 96 51.02 -30.70 -9.03
CA CYS D 96 50.48 -32.03 -8.81
C CYS D 96 49.08 -32.08 -9.39
N ASP D 97 48.84 -32.95 -10.37
CA ASP D 97 47.50 -33.08 -10.92
C ASP D 97 46.59 -33.71 -9.87
N THR D 98 45.57 -32.97 -9.43
CA THR D 98 44.79 -33.30 -8.25
C THR D 98 45.66 -33.07 -7.02
N GLU D 99 45.13 -33.33 -5.83
CA GLU D 99 45.80 -32.98 -4.58
C GLU D 99 46.29 -31.54 -4.54
N ASN D 100 45.57 -30.65 -5.23
CA ASN D 100 45.80 -29.22 -5.23
C ASN D 100 44.59 -28.52 -4.62
N THR D 101 44.82 -27.69 -3.60
CA THR D 101 43.71 -27.10 -2.84
C THR D 101 43.86 -25.60 -2.72
N GLN D 102 42.78 -24.86 -2.99
CA GLN D 102 42.71 -23.41 -2.81
C GLN D 102 41.86 -23.04 -1.61
N MET D 103 42.41 -22.20 -0.71
CA MET D 103 41.66 -21.72 0.44
C MET D 103 40.44 -20.89 0.04
N SER D 104 40.65 -19.79 -0.67
CA SER D 104 39.57 -18.95 -1.17
C SER D 104 38.64 -18.41 -0.09
N GLU D 105 39.19 -17.61 0.83
CA GLU D 105 38.41 -16.95 1.88
C GLU D 105 37.99 -15.53 1.49
N ALA D 106 36.77 -15.14 1.89
CA ALA D 106 36.29 -13.76 1.78
C ALA D 106 35.94 -13.17 3.14
N TYR D 107 35.49 -11.91 3.14
CA TYR D 107 34.86 -11.29 4.32
C TYR D 107 34.36 -9.90 3.95
N VAL D 108 33.45 -9.37 4.78
CA VAL D 108 32.68 -8.18 4.47
C VAL D 108 33.13 -7.04 5.37
N GLU D 109 33.12 -5.82 4.84
CA GLU D 109 33.53 -4.65 5.61
C GLU D 109 32.90 -3.41 5.01
N ARG D 110 32.90 -2.34 5.79
CA ARG D 110 32.29 -1.10 5.36
C ARG D 110 32.97 -0.58 4.12
N SER D 111 32.18 -0.06 3.20
CA SER D 111 32.74 0.47 1.97
C SER D 111 33.37 1.82 2.23
N GLU D 112 34.14 2.30 1.26
CA GLU D 112 34.77 3.60 1.42
C GLU D 112 33.81 4.76 1.29
N GLU D 113 32.51 4.53 1.14
CA GLU D 113 31.53 5.57 1.04
C GLU D 113 30.71 5.71 2.29
N CYS D 114 30.82 4.76 3.22
CA CYS D 114 30.11 4.87 4.49
C CYS D 114 30.39 6.19 5.16
N SER D 115 31.64 6.63 5.17
CA SER D 115 31.93 7.89 5.85
C SER D 115 31.26 9.07 5.19
N ILE D 116 30.94 8.97 3.90
CA ILE D 116 30.31 10.06 3.19
C ILE D 116 28.80 9.92 3.26
N ASP D 117 28.25 8.80 2.78
CA ASP D 117 26.82 8.55 2.85
C ASP D 117 26.54 7.27 3.62
N HIS D 118 25.60 7.36 4.54
CA HIS D 118 25.26 6.27 5.41
C HIS D 118 23.94 6.55 6.09
N ALA D 119 23.02 5.61 6.08
CA ALA D 119 21.82 5.81 6.87
C ALA D 119 22.16 5.69 8.33
N LYS D 120 21.45 6.44 9.15
CA LYS D 120 21.64 6.42 10.60
C LYS D 120 20.33 6.02 11.24
N ALA D 121 20.34 4.93 11.98
CA ALA D 121 19.17 4.47 12.70
C ALA D 121 19.09 5.14 14.06
N TYR D 122 17.95 5.72 14.38
CA TYR D 122 17.71 6.46 15.61
C TYR D 122 16.47 5.90 16.28
N LYS D 123 16.48 5.85 17.60
CA LYS D 123 15.29 5.58 18.40
C LYS D 123 14.93 6.86 19.15
N VAL D 124 13.70 7.33 19.00
CA VAL D 124 13.34 8.64 19.52
C VAL D 124 12.39 8.49 20.70
N HIS D 125 12.36 9.54 21.52
CA HIS D 125 11.52 9.62 22.70
C HIS D 125 10.72 10.90 22.65
N THR D 126 10.00 11.23 23.72
CA THR D 126 9.12 12.38 23.69
C THR D 126 9.88 13.68 23.46
N GLY D 127 11.00 13.88 24.13
CA GLY D 127 11.79 15.07 23.88
C GLY D 127 11.12 16.35 24.36
N THR D 128 11.66 17.47 23.88
CA THR D 128 11.20 18.80 24.26
C THR D 128 10.75 19.56 23.02
N VAL D 129 10.13 20.71 23.25
CA VAL D 129 9.64 21.56 22.19
C VAL D 129 10.10 22.97 22.53
N GLN D 130 10.68 23.69 21.58
CA GLN D 130 11.06 25.07 21.82
C GLN D 130 10.76 25.91 20.59
N ALA D 131 10.75 27.22 20.79
CA ALA D 131 10.30 28.14 19.76
C ALA D 131 11.06 29.45 19.86
N MET D 132 11.04 30.21 18.77
CA MET D 132 11.59 31.56 18.71
C MET D 132 10.41 32.51 18.65
N VAL D 133 10.33 33.42 19.61
CA VAL D 133 9.18 34.29 19.75
C VAL D 133 9.63 35.72 19.60
N ASN D 134 8.80 36.53 18.95
CA ASN D 134 9.03 37.93 18.67
C ASN D 134 7.97 38.70 19.44
N ILE D 135 8.38 39.63 20.28
CA ILE D 135 7.49 40.33 21.20
C ILE D 135 7.54 41.81 20.91
N THR D 136 6.37 42.45 20.95
CA THR D 136 6.27 43.89 20.95
C THR D 136 5.24 44.27 21.98
N TYR D 137 5.40 45.43 22.59
CA TYR D 137 4.41 45.91 23.53
C TYR D 137 4.65 47.38 23.77
N GLY D 138 3.59 48.16 23.68
CA GLY D 138 3.72 49.60 23.85
C GLY D 138 4.67 50.19 22.85
N SER D 139 5.57 51.04 23.34
CA SER D 139 6.57 51.62 22.48
C SER D 139 7.79 50.74 22.25
N VAL D 140 7.91 49.61 22.95
CA VAL D 140 9.12 48.80 22.85
C VAL D 140 9.13 48.10 21.50
N SER D 141 10.22 48.22 20.77
CA SER D 141 10.28 47.66 19.43
C SER D 141 10.32 46.14 19.51
N TRP D 142 10.31 45.50 18.35
CA TRP D 142 10.28 44.05 18.30
C TRP D 142 11.55 43.52 18.93
N ARG D 143 11.42 42.53 19.81
CA ARG D 143 12.57 41.86 20.39
C ARG D 143 12.32 40.37 20.37
N SER D 144 13.29 39.60 19.91
CA SER D 144 13.14 38.17 19.72
C SER D 144 13.93 37.39 20.76
N ALA D 145 13.43 36.23 21.13
CA ALA D 145 14.22 35.33 21.94
C ALA D 145 13.76 33.91 21.74
N ASP D 146 14.64 32.98 22.11
CA ASP D 146 14.33 31.56 22.05
C ASP D 146 13.81 31.14 23.41
N VAL D 147 12.70 30.41 23.41
CA VAL D 147 12.04 29.97 24.62
C VAL D 147 11.79 28.49 24.54
N TYR D 148 11.64 27.87 25.70
CA TYR D 148 11.27 26.48 25.80
C TYR D 148 9.78 26.43 26.01
N VAL D 149 9.07 25.70 25.16
CA VAL D 149 7.62 25.65 25.24
C VAL D 149 7.31 24.57 26.27
N ASN D 150 7.21 25.00 27.51
CA ASN D 150 6.76 24.18 28.60
C ASN D 150 6.29 25.15 29.64
N GLY D 151 5.42 24.70 30.51
CA GLY D 151 4.69 25.65 31.30
C GLY D 151 5.49 26.39 32.34
N GLU D 152 6.77 26.05 32.49
CA GLU D 152 7.57 26.46 33.62
C GLU D 152 8.70 27.40 33.23
N THR D 153 9.46 27.08 32.21
CA THR D 153 10.65 27.84 31.91
C THR D 153 10.29 29.23 31.42
N PRO D 154 10.68 30.29 32.09
CA PRO D 154 10.43 31.64 31.57
C PRO D 154 11.58 32.10 30.70
N ALA D 155 11.33 33.18 29.97
CA ALA D 155 12.34 33.75 29.11
C ALA D 155 12.24 35.25 29.26
N LYS D 156 13.38 35.89 29.47
CA LYS D 156 13.41 37.32 29.68
C LYS D 156 13.56 37.95 28.32
N ILE D 157 12.44 38.21 27.66
CA ILE D 157 12.46 38.88 26.37
C ILE D 157 12.59 40.35 26.67
N GLY D 158 13.75 40.93 26.42
CA GLY D 158 13.93 42.30 26.78
C GLY D 158 13.78 42.44 28.27
N ASP D 159 12.69 43.07 28.67
CA ASP D 159 12.37 43.30 30.05
C ASP D 159 11.10 42.60 30.47
N ALA D 160 10.29 42.13 29.53
CA ALA D 160 9.16 41.32 29.93
C ALA D 160 9.61 39.88 30.17
N LYS D 161 8.82 39.18 30.97
CA LYS D 161 9.02 37.77 31.23
C LYS D 161 7.92 37.00 30.51
N LEU D 162 8.27 35.90 29.86
CA LEU D 162 7.31 35.17 29.05
C LEU D 162 7.41 33.69 29.32
N ILE D 163 6.25 33.06 29.54
CA ILE D 163 6.14 31.64 29.82
C ILE D 163 5.18 31.08 28.79
N ILE D 164 5.65 30.15 27.99
CA ILE D 164 4.92 29.62 26.86
C ILE D 164 4.87 28.13 27.05
N GLY D 165 3.68 27.55 26.97
CA GLY D 165 3.59 26.12 27.01
C GLY D 165 2.60 25.59 28.01
N PRO D 166 2.24 24.32 27.91
CA PRO D 166 2.71 23.32 26.96
C PRO D 166 1.94 23.38 25.68
N LEU D 167 2.33 22.69 24.63
CA LEU D 167 1.46 22.56 23.49
C LEU D 167 0.20 21.83 23.91
N SER D 168 -0.94 22.27 23.39
CA SER D 168 -2.18 21.60 23.72
C SER D 168 -2.19 20.16 23.24
N SER D 169 -1.39 19.83 22.24
CA SER D 169 -1.32 18.48 21.69
C SER D 169 0.12 18.00 21.69
N ALA D 170 0.33 16.80 22.21
CA ALA D 170 1.65 16.21 22.32
C ALA D 170 2.05 15.47 21.05
N TRP D 171 1.40 15.75 19.94
CA TRP D 171 1.70 15.08 18.69
C TRP D 171 3.11 15.41 18.24
N SER D 172 3.82 14.40 17.73
CA SER D 172 5.11 14.57 17.08
C SER D 172 5.13 13.74 15.80
N PRO D 173 5.76 14.23 14.73
CA PRO D 173 5.71 13.47 13.47
C PRO D 173 6.44 12.16 13.50
N PHE D 174 7.30 11.92 14.48
CA PHE D 174 8.21 10.79 14.48
C PHE D 174 7.63 9.62 15.24
N ASP D 175 7.78 8.43 14.66
CA ASP D 175 7.39 7.22 15.35
C ASP D 175 8.55 6.81 16.24
N ASN D 176 8.49 5.63 16.83
CA ASN D 176 9.52 5.22 17.79
C ASN D 176 10.89 5.18 17.13
N LYS D 177 10.98 4.55 15.98
CA LYS D 177 12.23 4.37 15.26
C LYS D 177 12.20 5.21 14.01
N VAL D 178 13.29 5.94 13.73
CA VAL D 178 13.42 6.72 12.52
C VAL D 178 14.80 6.43 11.93
N VAL D 179 14.97 6.76 10.66
CA VAL D 179 16.26 6.65 9.99
C VAL D 179 16.52 7.93 9.22
N VAL D 180 17.68 8.52 9.43
CA VAL D 180 18.07 9.75 8.76
C VAL D 180 19.04 9.40 7.67
N TYR D 181 18.79 9.88 6.46
CA TYR D 181 19.71 9.68 5.36
C TYR D 181 19.78 10.95 4.58
N GLY D 182 21.00 11.35 4.23
CA GLY D 182 21.17 12.61 3.56
C GLY D 182 20.63 13.71 4.42
N HIS D 183 19.53 14.31 3.96
CA HIS D 183 18.85 15.36 4.67
C HIS D 183 17.37 15.09 4.82
N GLU D 184 16.96 13.82 4.79
CA GLU D 184 15.56 13.50 4.96
C GLU D 184 15.45 12.29 5.88
N VAL D 185 14.36 12.24 6.63
CA VAL D 185 14.16 11.22 7.64
C VAL D 185 13.01 10.34 7.18
N TYR D 186 13.03 9.09 7.63
CA TYR D 186 12.02 8.13 7.25
C TYR D 186 11.59 7.37 8.49
N ASN D 187 10.29 7.13 8.59
CA ASN D 187 9.72 6.39 9.70
C ASN D 187 9.80 4.90 9.40
N TYR D 188 11.01 4.39 9.43
CA TYR D 188 11.28 3.00 9.12
C TYR D 188 11.47 2.22 10.41
N ASP D 189 10.97 0.99 10.42
CA ASP D 189 11.10 0.08 11.56
C ASP D 189 12.34 -0.77 11.36
N PHE D 190 13.45 -0.22 11.69
CA PHE D 190 14.70 -0.83 11.32
C PHE D 190 15.02 -2.02 12.20
N PRO D 191 15.72 -3.03 11.68
CA PRO D 191 16.02 -4.20 12.50
C PRO D 191 16.90 -3.86 13.69
N GLU D 192 16.47 -4.33 14.85
CA GLU D 192 17.25 -4.21 16.07
C GLU D 192 18.63 -4.79 15.87
N TYR D 193 19.65 -4.05 16.26
CA TYR D 193 21.05 -4.39 16.03
C TYR D 193 21.36 -5.84 16.31
N GLY D 194 21.89 -6.51 15.30
CA GLY D 194 22.27 -7.90 15.41
C GLY D 194 21.19 -8.84 14.98
N THR D 195 20.19 -8.36 14.26
CA THR D 195 19.14 -9.18 13.68
C THR D 195 18.92 -8.74 12.25
N GLY D 196 19.99 -8.43 11.55
CA GLY D 196 19.85 -8.02 10.18
C GLY D 196 19.44 -9.18 9.30
N LYS D 197 18.76 -8.86 8.21
CA LYS D 197 17.97 -9.82 7.47
C LYS D 197 18.48 -9.92 6.06
N ALA D 198 19.80 -9.97 5.95
CA ALA D 198 20.56 -10.28 4.75
C ALA D 198 19.98 -9.61 3.51
N GLY D 199 19.87 -8.31 3.59
CA GLY D 199 19.67 -7.52 2.40
C GLY D 199 18.37 -6.78 2.29
N SER D 200 17.70 -6.35 3.37
CA SER D 200 16.59 -5.42 3.18
C SER D 200 16.78 -4.02 3.72
N PHE D 201 17.10 -3.79 5.01
CA PHE D 201 17.85 -2.57 5.36
C PHE D 201 19.07 -2.82 6.19
N GLY D 202 19.02 -3.76 7.10
CA GLY D 202 20.15 -4.05 7.95
C GLY D 202 20.94 -5.15 7.32
N ASP D 203 22.03 -4.83 6.65
CA ASP D 203 22.95 -5.86 6.30
C ASP D 203 24.34 -5.49 6.77
N LEU D 204 24.62 -4.20 6.92
CA LEU D 204 25.77 -3.68 7.64
C LEU D 204 25.28 -2.82 8.78
N GLN D 205 25.63 -3.20 10.01
CA GLN D 205 25.23 -2.48 11.21
C GLN D 205 26.46 -2.20 12.06
N SER D 206 27.09 -1.05 11.84
CA SER D 206 28.18 -0.60 12.68
C SER D 206 27.67 0.48 13.62
N ARG D 207 27.87 0.26 14.92
CA ARG D 207 27.31 1.16 15.93
C ARG D 207 27.63 2.63 15.67
N THR D 208 28.84 2.92 15.23
CA THR D 208 29.26 4.26 14.91
C THR D 208 30.01 4.17 13.59
N SER D 209 30.26 5.29 12.95
CA SER D 209 30.88 5.27 11.64
C SER D 209 32.29 4.70 11.67
N THR D 210 32.95 4.74 12.82
CA THR D 210 34.34 4.29 12.96
C THR D 210 34.46 3.24 14.05
N SER D 211 33.53 2.29 14.10
CA SER D 211 33.52 1.23 15.09
C SER D 211 34.15 -0.02 14.53
N ASN D 212 35.11 -0.58 15.26
CA ASN D 212 35.79 -1.77 14.76
C ASN D 212 34.86 -2.95 14.64
N ASP D 213 34.00 -3.16 15.63
CA ASP D 213 33.03 -4.22 15.54
C ASP D 213 32.05 -3.94 14.42
N LEU D 214 31.49 -5.00 13.86
CA LEU D 214 30.65 -4.87 12.69
C LEU D 214 29.83 -6.11 12.53
N TYR D 215 28.57 -5.92 12.16
CA TYR D 215 27.63 -6.99 11.93
C TYR D 215 27.32 -7.05 10.45
N ALA D 216 27.29 -8.25 9.90
CA ALA D 216 27.17 -8.37 8.47
C ALA D 216 26.64 -9.73 8.12
N ASN D 217 25.57 -9.75 7.34
CA ASN D 217 24.83 -10.94 7.01
C ASN D 217 24.55 -11.00 5.53
N THR D 218 25.55 -10.72 4.71
CA THR D 218 25.31 -10.61 3.29
C THR D 218 25.06 -11.93 2.59
N ASN D 219 24.99 -13.06 3.29
CA ASN D 219 24.76 -14.36 2.67
C ASN D 219 25.86 -14.68 1.66
N LEU D 220 27.07 -14.69 2.16
CA LEU D 220 28.27 -14.78 1.32
C LEU D 220 28.62 -16.23 1.09
N LYS D 221 28.07 -16.82 0.05
CA LYS D 221 28.55 -18.12 -0.36
C LYS D 221 29.79 -17.96 -1.21
N LEU D 222 30.58 -19.02 -1.26
CA LEU D 222 31.90 -18.99 -1.85
C LEU D 222 31.97 -20.13 -2.85
N GLN D 223 31.99 -19.79 -4.14
CA GLN D 223 31.93 -20.77 -5.20
C GLN D 223 33.34 -21.24 -5.53
N ARG D 224 33.41 -22.42 -6.13
CA ARG D 224 34.72 -22.95 -6.44
C ARG D 224 35.28 -22.29 -7.69
N PRO D 225 36.58 -22.10 -7.79
CA PRO D 225 37.14 -21.68 -9.07
C PRO D 225 36.97 -22.80 -10.06
N GLN D 226 36.84 -22.43 -11.32
CA GLN D 226 36.60 -23.39 -12.38
C GLN D 226 37.69 -23.26 -13.43
N ALA D 227 37.89 -24.32 -14.19
CA ALA D 227 38.69 -24.27 -15.39
C ALA D 227 40.13 -23.89 -15.11
N GLY D 228 40.61 -24.18 -13.92
CA GLY D 228 42.01 -23.94 -13.65
C GLY D 228 42.49 -22.52 -13.79
N ILE D 229 41.75 -21.58 -13.24
CA ILE D 229 42.21 -20.20 -13.11
C ILE D 229 42.12 -19.78 -11.66
N VAL D 230 42.92 -18.79 -11.31
CA VAL D 230 43.07 -18.35 -9.92
C VAL D 230 42.14 -17.18 -9.70
N HIS D 231 41.07 -17.41 -8.96
CA HIS D 231 40.24 -16.31 -8.49
C HIS D 231 39.37 -16.83 -7.35
N THR D 232 38.75 -15.90 -6.64
CA THR D 232 37.87 -16.23 -5.52
C THR D 232 36.46 -15.84 -5.92
N PRO D 233 35.69 -16.73 -6.54
CA PRO D 233 34.34 -16.38 -6.92
C PRO D 233 33.39 -16.50 -5.74
N PHE D 234 32.56 -15.49 -5.56
CA PHE D 234 31.55 -15.49 -4.51
C PHE D 234 30.24 -15.00 -5.10
N THR D 235 29.15 -15.54 -4.58
CA THR D 235 27.83 -14.99 -4.77
C THR D 235 27.40 -14.34 -3.46
N GLN D 236 26.57 -13.33 -3.54
CA GLN D 236 26.27 -12.52 -2.37
C GLN D 236 24.98 -11.77 -2.62
N VAL D 237 24.17 -11.62 -1.58
CA VAL D 237 22.96 -10.83 -1.73
C VAL D 237 23.36 -9.38 -1.99
N PRO D 238 22.75 -8.67 -2.94
CA PRO D 238 23.11 -7.27 -3.13
C PRO D 238 22.89 -6.44 -1.88
N SER D 239 23.45 -5.24 -1.90
CA SER D 239 23.42 -4.37 -0.75
C SER D 239 22.00 -4.03 -0.34
N GLY D 240 21.69 -4.27 0.92
CA GLY D 240 20.41 -3.87 1.46
C GLY D 240 20.22 -2.37 1.39
N PHE D 241 21.31 -1.63 1.57
CA PHE D 241 21.24 -0.18 1.49
C PHE D 241 20.81 0.27 0.10
N GLU D 242 21.34 -0.35 -0.94
CA GLU D 242 20.91 0.00 -2.30
C GLU D 242 19.46 -0.30 -2.51
N ARG D 243 19.00 -1.46 -2.07
CA ARG D 243 17.60 -1.78 -2.23
C ARG D 243 16.76 -0.77 -1.51
N TRP D 244 17.17 -0.39 -0.30
CA TRP D 244 16.41 0.60 0.44
C TRP D 244 16.39 1.93 -0.29
N LYS D 245 17.51 2.32 -0.89
CA LYS D 245 17.53 3.57 -1.63
C LYS D 245 16.58 3.53 -2.81
N LYS D 246 16.52 2.43 -3.53
CA LYS D 246 15.62 2.35 -4.66
C LYS D 246 14.16 2.32 -4.22
N ASP D 247 13.83 1.46 -3.26
CA ASP D 247 12.45 1.29 -2.81
C ASP D 247 12.15 2.15 -1.59
N LYS D 248 12.87 3.25 -1.46
CA LYS D 248 12.71 4.18 -0.37
C LYS D 248 11.31 4.73 -0.36
N GLY D 249 10.75 4.90 0.83
CA GLY D 249 9.42 5.42 0.92
C GLY D 249 9.44 6.90 0.64
N ALA D 250 8.28 7.48 0.69
CA ALA D 250 8.20 8.91 0.61
C ALA D 250 8.85 9.48 1.87
N PRO D 251 9.75 10.45 1.77
CA PRO D 251 10.41 10.94 2.97
C PRO D 251 9.43 11.65 3.88
N LEU D 252 9.71 11.61 5.18
CA LEU D 252 8.91 12.33 6.14
C LEU D 252 8.90 13.82 5.89
N ASN D 253 9.88 14.35 5.17
CA ASN D 253 9.86 15.74 4.79
C ASN D 253 8.72 16.07 3.84
N ASP D 254 8.14 15.08 3.18
CA ASP D 254 7.08 15.25 2.21
C ASP D 254 5.77 14.64 2.65
N VAL D 255 5.77 13.84 3.71
CA VAL D 255 4.58 13.10 4.14
C VAL D 255 4.06 13.57 5.49
N ALA D 256 4.85 14.30 6.25
CA ALA D 256 4.44 14.70 7.59
C ALA D 256 3.17 15.54 7.54
N PRO D 257 2.17 15.28 8.37
CA PRO D 257 1.00 16.14 8.39
C PRO D 257 1.29 17.41 9.15
N PHE D 258 0.36 18.34 9.06
CA PHE D 258 0.40 19.66 9.66
C PHE D 258 1.46 20.55 9.06
N GLY D 259 2.18 20.10 8.04
CA GLY D 259 3.14 20.93 7.35
C GLY D 259 4.27 21.43 8.19
N CYS D 260 5.11 20.53 8.67
CA CYS D 260 6.42 20.89 9.20
C CYS D 260 7.55 20.21 8.48
N SER D 261 8.48 21.02 8.04
CA SER D 261 9.75 20.58 7.54
C SER D 261 10.55 19.95 8.64
N ILE D 262 11.31 18.92 8.28
CA ILE D 262 12.24 18.29 9.18
C ILE D 262 13.59 18.90 8.90
N ALA D 263 14.21 19.48 9.92
CA ALA D 263 15.61 19.83 9.87
C ALA D 263 16.40 18.79 10.62
N LEU D 264 17.72 18.89 10.54
CA LEU D 264 18.57 17.74 10.82
C LEU D 264 19.44 17.86 12.05
N GLU D 265 20.24 18.92 12.19
CA GLU D 265 21.32 18.93 13.17
C GLU D 265 20.89 18.58 14.59
N PRO D 266 19.83 19.16 15.17
CA PRO D 266 19.17 18.52 16.32
C PRO D 266 17.99 17.61 16.01
N LEU D 267 17.70 17.31 14.75
CA LEU D 267 16.52 16.54 14.35
C LEU D 267 15.23 17.19 14.79
N ARG D 268 15.01 18.41 14.32
CA ARG D 268 13.81 19.15 14.68
C ARG D 268 12.64 18.70 13.81
N ALA D 269 11.44 19.04 14.27
CA ALA D 269 10.23 19.03 13.46
C ALA D 269 9.66 20.43 13.52
N GLU D 270 9.92 21.21 12.48
CA GLU D 270 9.87 22.66 12.51
C GLU D 270 8.57 23.22 11.93
N ASN D 271 7.91 24.08 12.70
CA ASN D 271 6.80 24.88 12.21
C ASN D 271 5.61 24.08 11.68
N CYS D 272 5.01 23.24 12.52
CA CYS D 272 3.69 22.69 12.21
C CYS D 272 2.64 23.03 13.23
N ALA D 273 1.45 23.32 12.69
CA ALA D 273 0.31 23.84 13.43
C ALA D 273 -0.46 22.71 14.06
N VAL D 274 -0.18 22.45 15.32
CA VAL D 274 -0.96 21.55 16.13
C VAL D 274 -1.45 22.33 17.34
N GLY D 275 -2.75 22.50 17.44
CA GLY D 275 -3.35 23.04 18.64
C GLY D 275 -2.92 24.45 18.96
N SER D 276 -2.85 24.74 20.25
CA SER D 276 -2.59 26.09 20.72
C SER D 276 -1.62 26.04 21.89
N ILE D 277 -1.15 27.21 22.30
CA ILE D 277 -0.19 27.30 23.39
C ILE D 277 -0.74 28.30 24.40
N PRO D 278 -0.70 28.06 25.69
CA PRO D 278 -0.90 29.17 26.61
C PRO D 278 0.25 30.14 26.59
N ILE D 279 -0.06 31.38 26.93
CA ILE D 279 0.89 32.47 27.03
C ILE D 279 0.70 33.06 28.40
N SER D 280 1.78 33.26 29.14
CA SER D 280 1.74 33.99 30.40
C SER D 280 2.85 35.01 30.37
N ILE D 281 2.53 36.28 30.15
CA ILE D 281 3.54 37.32 29.98
C ILE D 281 3.40 38.35 31.09
N ASP D 282 4.52 38.66 31.73
CA ASP D 282 4.61 39.70 32.75
C ASP D 282 5.22 40.91 32.07
N ILE D 283 4.40 41.92 31.83
CA ILE D 283 4.81 43.18 31.23
C ILE D 283 5.43 44.05 32.32
N PRO D 284 6.54 44.74 32.08
CA PRO D 284 7.09 45.61 33.12
C PRO D 284 6.12 46.70 33.52
N ASP D 285 6.14 47.04 34.79
CA ASP D 285 5.28 48.10 35.28
C ASP D 285 5.66 49.45 34.71
N ALA D 286 6.89 49.63 34.27
CA ALA D 286 7.31 50.93 33.76
C ALA D 286 6.76 51.23 32.38
N ALA D 287 6.21 50.25 31.68
CA ALA D 287 5.64 50.47 30.37
C ALA D 287 4.17 50.86 30.42
N PHE D 288 3.59 51.02 31.59
CA PHE D 288 2.20 51.38 31.72
C PHE D 288 2.12 52.86 32.03
N THR D 289 1.28 53.57 31.30
CA THR D 289 1.11 55.00 31.47
C THR D 289 -0.20 55.25 32.19
N ARG D 290 -0.28 56.36 32.89
CA ARG D 290 -1.52 56.67 33.58
C ARG D 290 -2.57 57.00 32.55
N ILE D 291 -3.82 56.78 32.91
CA ILE D 291 -4.92 57.05 32.00
C ILE D 291 -4.95 58.51 31.62
N SER D 292 -4.75 59.40 32.60
CA SER D 292 -4.91 60.82 32.37
C SER D 292 -4.00 61.33 31.27
N GLU D 293 -2.84 60.73 31.10
CA GLU D 293 -1.91 61.16 30.07
C GLU D 293 -2.24 60.65 28.68
N THR D 294 -3.14 59.72 28.55
CA THR D 294 -3.49 59.05 27.31
C THR D 294 -4.91 59.45 26.87
N PRO D 295 -5.17 59.64 25.58
CA PRO D 295 -6.54 60.00 25.17
C PRO D 295 -7.60 58.99 25.60
N THR D 296 -8.72 59.51 26.08
CA THR D 296 -9.93 58.75 26.30
C THR D 296 -10.96 59.12 25.25
N VAL D 297 -11.55 58.11 24.62
CA VAL D 297 -12.40 58.25 23.45
C VAL D 297 -13.84 58.00 23.85
N SER D 298 -14.74 58.91 23.46
CA SER D 298 -16.16 58.74 23.69
C SER D 298 -16.94 59.19 22.47
N ASP D 299 -18.22 58.87 22.45
CA ASP D 299 -19.11 59.16 21.32
C ASP D 299 -18.57 58.54 20.04
N LEU D 300 -18.47 57.23 20.07
CA LEU D 300 -17.92 56.43 18.98
C LEU D 300 -19.02 55.87 18.09
N GLU D 301 -18.77 55.80 16.79
CA GLU D 301 -19.57 54.96 15.93
C GLU D 301 -18.72 54.55 14.74
N CYS D 302 -18.90 53.31 14.31
CA CYS D 302 -18.08 52.69 13.27
C CYS D 302 -18.94 52.20 12.13
N LYS D 303 -18.43 52.34 10.93
CA LYS D 303 -19.19 52.08 9.71
C LYS D 303 -18.26 51.35 8.76
N ILE D 304 -18.56 50.09 8.46
CA ILE D 304 -17.65 49.29 7.65
C ILE D 304 -17.86 49.69 6.20
N THR D 305 -16.91 50.41 5.64
CA THR D 305 -17.04 50.90 4.28
C THR D 305 -17.03 49.76 3.29
N GLU D 306 -15.98 48.94 3.30
CA GLU D 306 -15.87 47.84 2.38
C GLU D 306 -15.41 46.62 3.15
N CYS D 307 -15.83 45.44 2.73
CA CYS D 307 -15.30 44.25 3.36
C CYS D 307 -15.58 43.05 2.48
N THR D 308 -14.53 42.30 2.20
CA THR D 308 -14.64 41.04 1.50
C THR D 308 -13.89 40.01 2.31
N TYR D 309 -14.51 38.86 2.55
CA TYR D 309 -13.90 37.88 3.45
C TYR D 309 -12.81 37.12 2.74
N ALA D 310 -11.77 37.84 2.38
CA ALA D 310 -10.62 37.28 1.74
C ALA D 310 -9.59 36.93 2.79
N PHE D 311 -8.60 36.17 2.39
CA PHE D 311 -7.55 35.80 3.32
C PHE D 311 -6.77 37.02 3.77
N ASP D 312 -6.48 37.94 2.87
CA ASP D 312 -5.67 39.09 3.27
C ASP D 312 -6.58 40.09 3.96
N PHE D 313 -6.06 41.28 4.23
CA PHE D 313 -6.81 42.28 4.94
C PHE D 313 -7.77 42.95 3.97
N GLY D 314 -8.90 42.30 3.78
CA GLY D 314 -9.88 42.74 2.82
C GLY D 314 -11.05 43.46 3.44
N GLY D 315 -10.79 44.30 4.43
CA GLY D 315 -11.85 45.05 5.07
C GLY D 315 -11.38 46.42 5.49
N ILE D 316 -12.08 47.46 5.09
CA ILE D 316 -11.78 48.83 5.48
C ILE D 316 -12.99 49.39 6.18
N ALA D 317 -12.78 49.92 7.39
CA ALA D 317 -13.83 50.56 8.16
C ALA D 317 -13.32 51.86 8.73
N THR D 318 -14.25 52.73 9.07
CA THR D 318 -13.97 54.03 9.64
C THR D 318 -14.70 54.17 10.95
N VAL D 319 -14.17 54.99 11.84
CA VAL D 319 -14.73 55.16 13.17
C VAL D 319 -14.86 56.66 13.41
N ALA D 320 -16.07 57.10 13.69
CA ALA D 320 -16.35 58.43 14.19
C ALA D 320 -15.91 58.51 15.62
N TYR D 321 -15.30 59.61 16.00
CA TYR D 321 -14.44 59.60 17.16
C TYR D 321 -14.40 60.98 17.81
N LYS D 322 -14.60 61.02 19.13
CA LYS D 322 -14.36 62.20 19.95
C LYS D 322 -13.52 61.82 21.16
N SER D 323 -12.59 62.69 21.55
CA SER D 323 -11.58 62.36 22.55
C SER D 323 -11.53 63.40 23.64
N SER D 324 -10.66 63.11 24.62
CA SER D 324 -10.35 64.01 25.71
C SER D 324 -9.16 64.90 25.38
N LYS D 325 -8.17 64.36 24.69
CA LYS D 325 -7.04 65.14 24.23
C LYS D 325 -6.40 64.38 23.09
N ALA D 326 -5.58 65.08 22.32
CA ALA D 326 -4.96 64.41 21.20
C ALA D 326 -3.92 63.42 21.70
N GLY D 327 -3.62 62.43 20.87
CA GLY D 327 -2.61 61.47 21.22
C GLY D 327 -2.74 60.20 20.41
N ASN D 328 -1.86 59.25 20.71
CA ASN D 328 -1.83 57.96 20.05
C ASN D 328 -2.55 56.93 20.91
N CYS D 329 -3.43 56.15 20.29
CA CYS D 329 -4.27 55.21 21.01
C CYS D 329 -4.24 53.82 20.39
N PRO D 330 -4.16 52.75 21.16
CA PRO D 330 -4.21 51.41 20.57
C PRO D 330 -5.63 51.00 20.23
N ILE D 331 -5.71 50.00 19.35
CA ILE D 331 -6.99 49.50 18.84
C ILE D 331 -6.91 47.99 18.84
N HIS D 332 -8.03 47.33 19.07
CA HIS D 332 -8.04 45.87 19.08
C HIS D 332 -9.48 45.36 19.07
N SER D 333 -9.70 44.22 18.43
CA SER D 333 -10.98 43.52 18.45
C SER D 333 -10.86 42.24 19.22
N PRO D 334 -11.39 42.13 20.44
CA PRO D 334 -11.17 40.90 21.22
C PRO D 334 -11.67 39.65 20.56
N SER D 335 -12.82 39.71 19.90
CA SER D 335 -13.44 38.51 19.40
C SER D 335 -12.68 37.99 18.19
N GLY D 336 -12.95 36.74 17.87
CA GLY D 336 -12.31 36.12 16.73
C GLY D 336 -12.96 36.42 15.41
N VAL D 337 -13.97 37.29 15.40
CA VAL D 337 -14.66 37.60 14.15
C VAL D 337 -13.70 38.25 13.17
N ALA D 338 -12.94 39.25 13.63
CA ALA D 338 -12.06 40.00 12.74
C ALA D 338 -10.73 40.26 13.41
N VAL D 339 -9.68 40.34 12.61
CA VAL D 339 -8.33 40.68 13.05
C VAL D 339 -7.97 42.02 12.45
N ILE D 340 -7.44 42.91 13.28
CA ILE D 340 -7.17 44.29 12.91
C ILE D 340 -5.71 44.41 12.51
N LYS D 341 -5.46 44.97 11.33
CA LYS D 341 -4.07 45.12 10.91
C LYS D 341 -3.39 46.25 11.66
N GLU D 342 -4.09 47.34 11.86
CA GLU D 342 -3.49 48.44 12.60
C GLU D 342 -3.41 48.07 14.07
N ASN D 343 -2.42 48.65 14.74
CA ASN D 343 -2.17 48.43 16.14
C ASN D 343 -2.50 49.66 16.96
N ASP D 344 -2.02 50.81 16.53
CA ASP D 344 -2.30 52.08 17.14
C ASP D 344 -2.67 53.08 16.06
N VAL D 345 -3.39 54.10 16.47
CA VAL D 345 -3.90 55.11 15.55
C VAL D 345 -3.72 56.45 16.22
N THR D 346 -3.27 57.41 15.44
CA THR D 346 -3.14 58.76 15.93
C THR D 346 -4.52 59.36 15.95
N LEU D 347 -4.81 60.14 16.98
CA LEU D 347 -6.15 60.61 17.22
C LEU D 347 -6.06 62.10 17.52
N ALA D 348 -6.76 62.90 16.74
CA ALA D 348 -6.90 64.33 16.93
C ALA D 348 -7.97 64.57 17.98
N GLU D 349 -8.38 65.80 18.17
CA GLU D 349 -9.58 66.07 18.94
C GLU D 349 -10.76 66.06 17.99
N SER D 350 -11.71 65.16 18.22
CA SER D 350 -12.96 65.09 17.44
C SER D 350 -12.71 64.92 15.94
N GLY D 351 -11.97 63.88 15.59
CA GLY D 351 -11.72 63.49 14.22
C GLY D 351 -12.52 62.27 13.84
N SER D 352 -12.04 61.55 12.82
CA SER D 352 -12.60 60.24 12.49
C SER D 352 -11.55 59.45 11.73
N PHE D 353 -11.13 58.31 12.28
CA PHE D 353 -10.00 57.57 11.75
C PHE D 353 -10.49 56.36 10.98
N THR D 354 -9.54 55.65 10.35
CA THR D 354 -9.85 54.43 9.61
C THR D 354 -8.91 53.31 10.01
N PHE D 355 -9.41 52.09 9.92
CA PHE D 355 -8.63 50.90 10.19
C PHE D 355 -8.99 49.81 9.20
N HIS D 356 -8.11 48.84 9.13
CA HIS D 356 -8.20 47.72 8.21
C HIS D 356 -8.33 46.44 9.00
N PHE D 357 -8.99 45.46 8.41
CA PHE D 357 -9.22 44.22 9.12
C PHE D 357 -9.49 43.10 8.14
N SER D 358 -9.37 41.88 8.64
CA SER D 358 -9.65 40.67 7.89
C SER D 358 -10.65 39.84 8.65
N THR D 359 -11.69 39.39 7.96
CA THR D 359 -12.76 38.64 8.58
C THR D 359 -13.16 37.51 7.66
N ALA D 360 -13.87 36.55 8.24
CA ALA D 360 -14.33 35.39 7.53
C ALA D 360 -15.84 35.31 7.47
N ASN D 361 -16.56 36.24 8.07
CA ASN D 361 -18.00 36.16 8.15
C ASN D 361 -18.66 36.94 7.02
N ILE D 362 -19.78 36.42 6.54
CA ILE D 362 -20.58 37.18 5.59
C ILE D 362 -21.04 38.46 6.25
N HIS D 363 -21.38 38.39 7.54
CA HIS D 363 -21.90 39.51 8.31
C HIS D 363 -21.00 39.70 9.52
N PRO D 364 -19.93 40.45 9.38
CA PRO D 364 -18.97 40.58 10.45
C PRO D 364 -19.39 41.52 11.58
N ALA D 365 -20.21 41.03 12.50
CA ALA D 365 -20.59 41.81 13.68
C ALA D 365 -19.54 41.59 14.75
N PHE D 366 -18.61 42.54 14.91
CA PHE D 366 -17.52 42.43 15.86
C PHE D 366 -17.35 43.69 16.69
N LYS D 367 -16.74 43.51 17.85
CA LYS D 367 -16.52 44.57 18.82
C LYS D 367 -15.07 45.02 18.75
N LEU D 368 -14.86 46.32 18.70
CA LEU D 368 -13.54 46.92 18.57
C LEU D 368 -13.31 47.90 19.69
N GLN D 369 -12.17 47.78 20.37
CA GLN D 369 -11.84 48.65 21.49
C GLN D 369 -10.84 49.69 21.05
N VAL D 370 -11.11 50.96 21.40
CA VAL D 370 -10.19 52.06 21.21
C VAL D 370 -10.01 52.74 22.56
N CYS D 371 -8.88 52.49 23.22
CA CYS D 371 -8.54 53.11 24.49
C CYS D 371 -9.67 52.98 25.51
N THR D 372 -9.99 51.74 25.84
CA THR D 372 -11.02 51.46 26.84
C THR D 372 -12.36 52.07 26.44
N SER D 373 -12.81 51.73 25.24
CA SER D 373 -14.16 52.06 24.82
C SER D 373 -14.49 51.20 23.62
N ALA D 374 -15.61 50.50 23.66
CA ALA D 374 -15.92 49.55 22.60
C ALA D 374 -16.96 50.11 21.64
N VAL D 375 -16.86 49.67 20.41
CA VAL D 375 -17.78 50.00 19.33
C VAL D 375 -18.16 48.69 18.67
N THR D 376 -19.39 48.58 18.21
CA THR D 376 -19.81 47.41 17.45
C THR D 376 -19.85 47.78 15.99
N CYS D 377 -19.18 46.99 15.15
CA CYS D 377 -19.18 47.16 13.71
C CYS D 377 -19.88 45.99 13.05
N LYS D 378 -20.92 46.27 12.28
CA LYS D 378 -21.75 45.22 11.71
C LYS D 378 -21.35 44.78 10.31
N GLY D 379 -21.33 45.72 9.38
CA GLY D 379 -20.97 45.49 7.98
C GLY D 379 -21.81 44.48 7.24
N ASP D 380 -21.45 44.19 5.98
CA ASP D 380 -21.94 43.02 5.26
C ASP D 380 -20.93 42.68 4.18
N CYS D 381 -20.19 41.61 4.35
CA CYS D 381 -19.14 41.19 3.45
C CYS D 381 -19.66 40.54 2.18
N LYS D 382 -18.73 40.35 1.24
CA LYS D 382 -19.02 39.99 -0.13
C LYS D 382 -17.95 39.02 -0.61
N PRO D 383 -18.31 38.00 -1.41
CA PRO D 383 -17.39 36.91 -1.68
C PRO D 383 -16.10 37.36 -2.32
N PRO D 384 -14.96 36.82 -1.89
CA PRO D 384 -13.73 37.01 -2.66
C PRO D 384 -13.73 36.23 -3.96
N LYS D 385 -12.64 36.33 -4.70
CA LYS D 385 -12.46 35.67 -5.98
C LYS D 385 -11.01 35.18 -6.03
N ASP D 386 -10.58 34.76 -7.20
CA ASP D 386 -9.22 34.34 -7.51
C ASP D 386 -8.74 33.13 -6.70
N HIS D 387 -9.63 32.44 -5.98
CA HIS D 387 -9.46 31.04 -5.63
C HIS D 387 -8.15 30.71 -4.92
N ILE D 388 -7.19 30.08 -5.59
CA ILE D 388 -5.95 29.72 -4.92
C ILE D 388 -5.18 30.98 -4.61
N VAL D 389 -4.62 31.05 -3.41
CA VAL D 389 -3.86 32.18 -2.92
C VAL D 389 -2.59 31.67 -2.28
N ASP D 390 -1.52 32.45 -2.38
CA ASP D 390 -0.21 31.99 -1.92
C ASP D 390 0.00 32.17 -0.42
N TYR D 391 -0.67 33.08 0.21
CA TYR D 391 -0.47 33.36 1.63
C TYR D 391 -1.54 32.72 2.51
N PRO D 392 -1.24 32.40 3.76
CA PRO D 392 -2.24 31.73 4.62
C PRO D 392 -3.37 32.65 5.03
N ALA D 393 -4.41 32.04 5.58
CA ALA D 393 -5.52 32.82 6.10
C ALA D 393 -5.09 33.57 7.34
N GLN D 394 -5.50 34.82 7.42
CA GLN D 394 -5.18 35.67 8.54
C GLN D 394 -6.24 35.64 9.63
N HIS D 395 -7.26 34.80 9.49
CA HIS D 395 -8.40 34.77 10.40
C HIS D 395 -8.73 33.32 10.69
N THR D 396 -9.62 33.10 11.64
CA THR D 396 -10.08 31.76 11.97
C THR D 396 -11.57 31.67 11.67
N GLU D 397 -11.95 30.65 10.91
CA GLU D 397 -13.33 30.43 10.58
C GLU D 397 -14.04 29.77 11.75
N SER D 398 -15.33 30.08 11.88
CA SER D 398 -16.17 29.47 12.87
C SER D 398 -17.37 28.85 12.16
N PHE D 399 -18.08 27.99 12.88
CA PHE D 399 -19.22 27.32 12.26
C PHE D 399 -20.27 28.32 11.81
N THR D 400 -20.55 29.32 12.62
CA THR D 400 -21.53 30.35 12.29
C THR D 400 -20.86 31.54 11.62
N SER D 401 -20.19 31.28 10.51
CA SER D 401 -19.54 32.31 9.72
C SER D 401 -20.18 32.52 8.38
N ALA D 402 -20.59 31.46 7.72
CA ALA D 402 -21.11 31.54 6.38
C ALA D 402 -22.60 31.79 6.33
N ILE D 403 -23.27 31.96 7.45
CA ILE D 403 -24.72 32.12 7.38
C ILE D 403 -24.98 33.58 7.07
N SER D 404 -25.79 33.83 6.04
CA SER D 404 -25.74 35.11 5.35
C SER D 404 -26.95 35.98 5.61
N ALA D 405 -27.62 35.80 6.74
CA ALA D 405 -28.68 36.68 7.22
C ALA D 405 -29.93 36.59 6.41
N THR D 406 -29.97 35.79 5.35
CA THR D 406 -31.17 35.25 4.76
C THR D 406 -31.27 33.78 5.02
N ALA D 407 -30.14 33.08 5.01
CA ALA D 407 -30.14 31.72 5.45
C ALA D 407 -30.53 31.64 6.90
N TRP D 408 -30.07 32.59 7.70
CA TRP D 408 -30.56 32.72 9.07
C TRP D 408 -32.05 32.91 9.07
N SER D 409 -32.54 33.80 8.21
CA SER D 409 -33.97 34.05 8.17
C SER D 409 -34.71 32.80 7.76
N TRP D 410 -34.13 32.01 6.86
CA TRP D 410 -34.80 30.79 6.44
C TRP D 410 -34.83 29.76 7.57
N ILE D 411 -33.71 29.53 8.25
CA ILE D 411 -33.81 28.54 9.32
C ILE D 411 -34.70 29.07 10.42
N LYS D 412 -34.78 30.39 10.57
CA LYS D 412 -35.71 30.96 11.52
C LYS D 412 -37.14 30.63 11.15
N VAL D 413 -37.53 30.92 9.91
CA VAL D 413 -38.92 30.67 9.51
C VAL D 413 -39.22 29.18 9.53
N LEU D 414 -38.24 28.34 9.21
CA LEU D 414 -38.49 26.91 9.24
C LEU D 414 -38.74 26.42 10.65
N VAL D 415 -37.84 26.76 11.58
CA VAL D 415 -38.04 26.30 12.95
C VAL D 415 -39.27 26.96 13.55
N GLY D 416 -39.52 28.21 13.21
CA GLY D 416 -40.71 28.87 13.70
C GLY D 416 -41.98 28.20 13.21
N GLY D 417 -42.02 27.85 11.93
CA GLY D 417 -43.18 27.15 11.39
C GLY D 417 -43.35 25.79 12.03
N THR D 418 -42.27 25.05 12.16
CA THR D 418 -42.34 23.73 12.74
C THR D 418 -42.84 23.80 14.16
N SER D 419 -42.23 24.65 14.97
CA SER D 419 -42.68 24.81 16.35
C SER D 419 -44.10 25.35 16.39
N ALA D 420 -44.45 26.22 15.45
CA ALA D 420 -45.78 26.81 15.48
C ALA D 420 -46.85 25.79 15.21
N PHE D 421 -46.64 24.92 14.22
CA PHE D 421 -47.59 23.84 14.00
C PHE D 421 -47.67 22.94 15.21
N ILE D 422 -46.53 22.59 15.80
CA ILE D 422 -46.57 21.69 16.95
C ILE D 422 -47.31 22.33 18.09
N VAL D 423 -47.01 23.58 18.39
CA VAL D 423 -47.64 24.25 19.52
C VAL D 423 -49.11 24.47 19.24
N LEU D 424 -49.46 24.75 17.99
CA LEU D 424 -50.87 24.87 17.65
C LEU D 424 -51.58 23.56 17.93
N GLY D 425 -50.96 22.44 17.57
CA GLY D 425 -51.56 21.17 17.88
C GLY D 425 -51.72 20.97 19.37
N LEU D 426 -50.73 21.40 20.14
CA LEU D 426 -50.83 21.29 21.58
C LEU D 426 -51.99 22.12 22.12
N ILE D 427 -52.13 23.36 21.67
CA ILE D 427 -53.20 24.20 22.16
C ILE D 427 -54.53 23.64 21.71
N ALA D 428 -54.56 23.02 20.54
CA ALA D 428 -55.78 22.35 20.09
C ALA D 428 -56.15 21.25 21.07
N THR D 429 -55.17 20.44 21.46
CA THR D 429 -55.47 19.39 22.42
C THR D 429 -55.96 20.00 23.72
N ALA D 430 -55.37 21.10 24.14
CA ALA D 430 -55.78 21.72 25.37
C ALA D 430 -57.25 22.13 25.29
N VAL D 431 -57.62 22.83 24.22
CA VAL D 431 -58.98 23.36 24.19
C VAL D 431 -59.99 22.24 24.05
N VAL D 432 -59.68 21.20 23.27
CA VAL D 432 -60.65 20.12 23.15
C VAL D 432 -60.75 19.38 24.45
N ALA D 433 -59.62 19.13 25.11
CA ALA D 433 -59.65 18.43 26.37
C ALA D 433 -60.24 19.26 27.48
N LEU D 434 -60.44 20.55 27.26
CA LEU D 434 -61.01 21.40 28.28
C LEU D 434 -62.51 21.45 28.09
N VAL D 435 -62.94 21.68 26.86
CA VAL D 435 -64.37 21.80 26.67
C VAL D 435 -65.01 20.44 26.79
N LEU D 436 -64.29 19.36 26.54
CA LEU D 436 -64.90 18.05 26.54
C LEU D 436 -64.74 17.34 27.88
N PHE D 437 -63.52 17.27 28.44
CA PHE D 437 -63.33 16.51 29.68
C PHE D 437 -64.12 17.15 30.80
N PHE D 438 -63.94 18.44 30.94
CA PHE D 438 -64.79 19.26 31.77
C PHE D 438 -65.73 19.97 30.81
N HIS D 439 -66.53 20.86 31.36
CA HIS D 439 -67.37 21.79 30.63
C HIS D 439 -68.32 21.13 29.65
N ARG D 440 -68.57 19.84 29.80
CA ARG D 440 -69.82 19.23 29.40
C ARG D 440 -70.58 18.75 30.61
N HIS D 441 -70.08 19.02 31.80
CA HIS D 441 -70.74 18.70 33.01
C HIS D 441 -70.11 19.57 34.07
N LEU E 2 54.64 16.94 -6.08
CA LEU E 2 53.77 15.78 -6.28
C LEU E 2 54.46 14.50 -5.85
N ASP E 3 55.30 14.60 -4.82
CA ASP E 3 56.04 13.44 -4.32
C ASP E 3 55.39 12.78 -3.13
N THR E 4 54.75 13.54 -2.25
CA THR E 4 54.19 12.98 -1.02
C THR E 4 53.12 11.92 -1.27
N HIS E 5 52.57 11.85 -2.48
CA HIS E 5 51.44 10.99 -2.81
C HIS E 5 51.86 9.77 -3.58
N PHE E 6 52.87 9.92 -4.42
CA PHE E 6 53.50 8.83 -5.11
C PHE E 6 54.70 8.35 -4.34
N THR E 7 54.98 8.96 -3.19
CA THR E 7 56.09 8.54 -2.36
C THR E 7 55.97 7.07 -2.00
N GLN E 8 54.77 6.62 -1.69
CA GLN E 8 54.62 5.25 -1.23
C GLN E 8 54.43 4.26 -2.36
N TYR E 9 54.10 4.70 -3.57
CA TYR E 9 53.75 3.74 -4.59
C TYR E 9 54.94 3.26 -5.39
N LYS E 10 56.15 3.72 -5.11
CA LYS E 10 57.32 3.15 -5.76
C LYS E 10 57.82 1.92 -5.01
N LEU E 11 57.05 1.44 -4.03
CA LEU E 11 57.25 0.16 -3.41
C LEU E 11 56.33 -0.90 -3.99
N ALA E 12 55.23 -0.47 -4.59
CA ALA E 12 54.30 -1.34 -5.28
C ALA E 12 54.69 -1.50 -6.73
N ARG E 13 54.24 -2.61 -7.31
CA ARG E 13 54.65 -3.06 -8.62
C ARG E 13 53.43 -3.66 -9.29
N PRO E 14 53.30 -3.53 -10.60
CA PRO E 14 52.15 -4.14 -11.26
C PRO E 14 52.19 -5.65 -11.21
N TYR E 15 51.16 -6.29 -11.73
CA TYR E 15 51.07 -7.73 -11.67
C TYR E 15 50.11 -8.21 -12.74
N ILE E 16 50.21 -9.48 -13.07
CA ILE E 16 49.39 -10.10 -14.09
C ILE E 16 48.35 -10.96 -13.37
N ALA E 17 47.08 -10.63 -13.58
CA ALA E 17 45.95 -11.35 -13.02
C ALA E 17 44.98 -11.71 -14.14
N ASP E 18 44.14 -12.70 -13.89
CA ASP E 18 43.19 -13.17 -14.89
C ASP E 18 42.11 -12.13 -15.15
N CYS E 19 41.92 -11.73 -16.43
CA CYS E 19 40.84 -10.85 -16.86
C CYS E 19 39.74 -11.66 -17.53
N PRO E 20 38.46 -11.53 -17.14
CA PRO E 20 37.45 -12.40 -17.75
C PRO E 20 37.37 -12.36 -19.26
N ASN E 21 37.63 -11.23 -19.90
CA ASN E 21 37.60 -11.13 -21.36
C ASN E 21 38.82 -10.31 -21.77
N CYS E 22 39.90 -11.01 -22.05
CA CYS E 22 41.15 -10.39 -22.49
C CYS E 22 41.10 -10.32 -24.01
N GLY E 23 40.42 -9.30 -24.49
CA GLY E 23 40.24 -9.06 -25.90
C GLY E 23 39.12 -9.87 -26.52
N HIS E 24 39.33 -11.16 -26.71
CA HIS E 24 38.26 -12.08 -27.07
C HIS E 24 38.30 -13.40 -26.33
N SER E 25 39.21 -13.56 -25.40
CA SER E 25 39.47 -14.79 -24.69
C SER E 25 39.57 -14.43 -23.23
N ARG E 26 39.77 -15.44 -22.41
CA ARG E 26 40.11 -15.24 -21.03
C ARG E 26 41.60 -15.46 -20.91
N CYS E 27 42.33 -14.43 -20.47
CA CYS E 27 43.78 -14.51 -20.44
C CYS E 27 44.27 -13.80 -19.20
N ASP E 28 45.52 -14.02 -18.87
CA ASP E 28 46.17 -13.29 -17.79
C ASP E 28 46.60 -11.95 -18.37
N SER E 29 45.86 -10.91 -18.05
CA SER E 29 46.03 -9.65 -18.74
C SER E 29 46.98 -8.73 -17.98
N PRO E 30 47.89 -8.00 -18.62
CA PRO E 30 48.71 -7.04 -17.87
C PRO E 30 47.90 -6.00 -17.13
N ILE E 31 46.70 -5.69 -17.58
CA ILE E 31 45.81 -4.74 -16.90
C ILE E 31 44.53 -5.49 -16.56
N ALA E 32 44.43 -5.96 -15.34
CA ALA E 32 43.29 -6.74 -14.89
C ALA E 32 42.38 -5.87 -14.05
N ILE E 33 41.12 -5.83 -14.40
CA ILE E 33 40.19 -4.96 -13.70
C ILE E 33 39.85 -5.64 -12.38
N GLU E 34 39.98 -4.90 -11.31
CA GLU E 34 39.58 -5.36 -10.00
C GLU E 34 38.72 -4.28 -9.38
N GLU E 35 37.63 -4.69 -8.75
CA GLU E 35 36.72 -3.82 -7.99
C GLU E 35 36.46 -2.47 -8.65
N VAL E 36 35.95 -2.52 -9.88
CA VAL E 36 35.47 -1.29 -10.50
C VAL E 36 34.28 -0.79 -9.71
N ARG E 37 34.46 0.37 -9.09
CA ARG E 37 33.61 0.87 -8.02
C ARG E 37 32.93 2.16 -8.44
N GLY E 38 31.65 2.12 -8.81
CA GLY E 38 30.90 3.35 -8.95
C GLY E 38 29.68 3.46 -8.07
N ASP E 39 29.75 4.41 -7.14
CA ASP E 39 28.59 4.90 -6.40
C ASP E 39 28.43 6.40 -6.50
N ALA E 40 29.31 7.08 -7.22
CA ALA E 40 29.19 8.51 -7.35
C ALA E 40 27.95 8.85 -8.14
N HIS E 41 27.54 10.10 -8.04
CA HIS E 41 26.28 10.50 -8.63
C HIS E 41 26.42 10.72 -10.13
N ALA E 42 27.38 11.52 -10.55
CA ALA E 42 27.43 12.04 -11.90
C ALA E 42 27.92 11.04 -12.94
N GLY E 43 28.06 9.77 -12.62
CA GLY E 43 28.63 8.83 -13.55
C GLY E 43 30.14 8.73 -13.52
N VAL E 44 30.79 9.27 -12.52
CA VAL E 44 32.23 9.09 -12.38
C VAL E 44 32.47 7.81 -11.61
N ILE E 45 33.33 6.95 -12.16
CA ILE E 45 33.67 5.69 -11.55
C ILE E 45 35.18 5.63 -11.40
N ARG E 46 35.64 4.73 -10.55
CA ARG E 46 37.05 4.47 -10.39
C ARG E 46 37.29 2.98 -10.46
N ILE E 47 38.37 2.61 -11.11
CA ILE E 47 38.69 1.23 -11.42
C ILE E 47 40.04 0.94 -10.84
N GLN E 48 40.14 -0.14 -10.08
CA GLN E 48 41.42 -0.58 -9.54
C GLN E 48 41.96 -1.60 -10.51
N THR E 49 42.92 -1.20 -11.32
CA THR E 49 43.49 -2.11 -12.29
C THR E 49 44.78 -2.66 -11.72
N SER E 50 45.44 -3.50 -12.50
CA SER E 50 46.66 -4.16 -12.08
C SER E 50 47.89 -3.45 -12.57
N ALA E 51 47.74 -2.30 -13.23
CA ALA E 51 48.86 -1.58 -13.80
C ALA E 51 49.05 -0.28 -13.05
N MET E 52 50.28 -0.02 -12.64
CA MET E 52 50.63 1.26 -12.05
C MET E 52 50.53 2.34 -13.09
N PHE E 53 49.90 3.45 -12.74
CA PHE E 53 49.85 4.61 -13.61
C PHE E 53 50.48 5.77 -12.89
N GLY E 54 51.26 6.55 -13.63
CA GLY E 54 51.94 7.69 -13.08
C GLY E 54 53.31 7.40 -12.51
N LEU E 55 53.83 6.19 -12.67
CA LEU E 55 55.12 5.80 -12.13
C LEU E 55 56.02 5.26 -13.22
N LYS E 56 57.17 5.91 -13.40
CA LYS E 56 58.23 5.35 -14.23
C LYS E 56 59.03 4.36 -13.40
N THR E 57 59.98 3.68 -14.06
CA THR E 57 60.83 2.78 -13.31
C THR E 57 61.69 3.54 -12.32
N ASP E 58 62.11 4.76 -12.68
CA ASP E 58 62.85 5.60 -11.75
C ASP E 58 61.93 6.25 -10.73
N GLY E 59 60.89 6.94 -11.19
CA GLY E 59 60.05 7.71 -10.30
C GLY E 59 58.81 8.21 -11.01
N VAL E 60 58.23 9.25 -10.44
CA VAL E 60 57.00 9.83 -10.99
C VAL E 60 57.32 10.54 -12.29
N ASP E 61 56.49 10.31 -13.32
CA ASP E 61 56.47 11.23 -14.46
C ASP E 61 55.08 11.73 -14.77
N LEU E 62 54.07 10.93 -14.49
CA LEU E 62 52.65 11.25 -14.53
C LEU E 62 52.10 11.34 -15.94
N ALA E 63 52.92 11.20 -16.97
CA ALA E 63 52.46 10.69 -18.25
C ALA E 63 52.91 9.27 -18.51
N TYR E 64 53.67 8.68 -17.60
CA TYR E 64 54.15 7.32 -17.77
C TYR E 64 53.29 6.35 -16.97
N MET E 65 53.42 5.07 -17.34
CA MET E 65 52.74 3.99 -16.67
C MET E 65 53.60 2.74 -16.79
N SER E 66 53.64 1.96 -15.72
CA SER E 66 54.45 0.75 -15.69
C SER E 66 53.53 -0.44 -15.55
N PHE E 67 53.71 -1.41 -16.42
CA PHE E 67 53.02 -2.68 -16.30
C PHE E 67 54.04 -3.80 -16.33
N MET E 68 53.58 -5.03 -16.38
CA MET E 68 54.40 -6.20 -16.17
C MET E 68 54.21 -7.17 -17.32
N ASN E 69 55.23 -7.35 -18.15
CA ASN E 69 55.18 -8.40 -19.16
C ASN E 69 56.28 -9.40 -18.85
N GLY E 70 55.95 -10.66 -19.01
CA GLY E 70 56.82 -11.69 -18.47
C GLY E 70 57.02 -11.40 -17.00
N LYS E 71 58.28 -11.42 -16.60
CA LYS E 71 58.70 -11.12 -15.24
C LYS E 71 59.33 -9.74 -15.14
N THR E 72 59.28 -8.95 -16.21
CA THR E 72 59.98 -7.69 -16.31
C THR E 72 58.97 -6.55 -16.30
N GLN E 73 59.17 -5.63 -15.36
CA GLN E 73 58.42 -4.39 -15.39
C GLN E 73 58.81 -3.60 -16.64
N LYS E 74 57.82 -3.10 -17.34
CA LYS E 74 58.01 -2.33 -18.56
C LYS E 74 57.24 -1.03 -18.40
N SER E 75 57.93 0.09 -18.53
CA SER E 75 57.37 1.41 -18.32
C SER E 75 57.32 2.16 -19.64
N ILE E 76 56.14 2.66 -20.00
CA ILE E 76 55.93 3.35 -21.26
C ILE E 76 55.09 4.59 -21.07
N LYS E 77 55.17 5.48 -22.04
CA LYS E 77 54.33 6.66 -22.07
C LYS E 77 52.89 6.27 -22.31
N ILE E 78 51.96 6.89 -21.59
CA ILE E 78 50.57 6.53 -21.76
C ILE E 78 50.14 7.06 -23.11
N ASP E 79 49.93 6.16 -24.07
CA ASP E 79 49.59 6.62 -25.42
C ASP E 79 48.08 6.69 -25.66
N ASN E 80 47.37 5.57 -25.49
CA ASN E 80 45.91 5.56 -25.51
C ASN E 80 45.45 4.72 -24.33
N LEU E 81 45.24 5.33 -23.19
CA LEU E 81 44.68 4.64 -22.03
C LEU E 81 43.21 4.99 -22.00
N HIS E 82 42.38 4.08 -22.46
CA HIS E 82 40.97 4.36 -22.63
C HIS E 82 40.12 3.44 -21.77
N VAL E 83 39.10 4.04 -21.18
CA VAL E 83 38.06 3.34 -20.45
C VAL E 83 36.78 3.52 -21.24
N ARG E 84 36.07 2.42 -21.46
CA ARG E 84 34.86 2.44 -22.28
C ARG E 84 33.81 1.60 -21.59
N THR E 85 32.66 2.20 -21.28
CA THR E 85 31.57 1.43 -20.68
C THR E 85 30.58 0.89 -21.69
N SER E 86 29.96 1.76 -22.45
CA SER E 86 29.35 1.43 -23.72
C SER E 86 29.73 2.40 -24.81
N ALA E 87 30.15 3.59 -24.47
CA ALA E 87 30.77 4.57 -25.34
C ALA E 87 32.04 4.99 -24.63
N PRO E 88 33.02 5.47 -25.33
CA PRO E 88 34.25 5.90 -24.67
C PRO E 88 34.06 6.84 -23.51
N CYS E 89 34.45 6.40 -22.33
CA CYS E 89 34.49 7.28 -21.18
C CYS E 89 35.62 8.28 -21.35
N SER E 90 35.71 9.20 -20.40
CA SER E 90 36.70 10.25 -20.40
C SER E 90 37.55 10.15 -19.14
N LEU E 91 38.84 9.98 -19.29
CA LEU E 91 39.70 9.82 -18.13
C LEU E 91 39.78 11.13 -17.36
N VAL E 92 39.65 11.04 -16.05
CA VAL E 92 39.77 12.20 -15.19
C VAL E 92 41.16 12.20 -14.60
N SER E 93 41.51 11.15 -13.88
CA SER E 93 42.85 11.11 -13.29
C SER E 93 43.26 9.67 -13.01
N HIS E 94 44.49 9.35 -13.37
CA HIS E 94 45.06 8.04 -13.14
C HIS E 94 46.19 8.15 -12.12
N HIS E 95 46.15 7.32 -11.10
CA HIS E 95 47.20 7.30 -10.10
C HIS E 95 47.33 5.89 -9.58
N GLY E 96 48.55 5.41 -9.51
CA GLY E 96 48.79 4.12 -8.91
C GLY E 96 48.03 3.06 -9.63
N TYR E 97 47.35 2.21 -8.88
CA TYR E 97 46.57 1.16 -9.49
C TYR E 97 45.26 1.65 -10.06
N TYR E 98 44.89 2.91 -9.84
CA TYR E 98 43.53 3.37 -9.98
C TYR E 98 43.37 4.32 -11.17
N ILE E 99 42.23 4.21 -11.84
CA ILE E 99 41.84 5.07 -12.96
C ILE E 99 40.49 5.64 -12.59
N LEU E 100 40.36 6.96 -12.60
CA LEU E 100 39.11 7.65 -12.33
C LEU E 100 38.62 8.25 -13.63
N ALA E 101 37.42 7.86 -14.07
CA ALA E 101 36.90 8.33 -15.34
C ALA E 101 35.41 8.53 -15.27
N GLN E 102 34.91 9.46 -16.07
CA GLN E 102 33.49 9.73 -16.21
C GLN E 102 32.94 8.88 -17.33
N CYS E 103 31.92 8.09 -17.03
CA CYS E 103 31.45 7.07 -17.94
C CYS E 103 29.96 7.19 -18.23
N PRO E 104 29.51 7.01 -19.46
CA PRO E 104 28.10 6.85 -19.70
C PRO E 104 27.60 5.51 -19.20
N PRO E 105 26.31 5.36 -18.95
CA PRO E 105 25.81 4.12 -18.37
C PRO E 105 25.97 2.95 -19.30
N GLY E 106 26.12 1.77 -18.73
CA GLY E 106 26.30 0.59 -19.54
C GLY E 106 26.42 -0.64 -18.68
N ASP E 107 26.86 -1.71 -19.32
CA ASP E 107 26.86 -3.03 -18.74
C ASP E 107 28.24 -3.65 -18.62
N THR E 108 29.25 -3.05 -19.22
CA THR E 108 30.62 -3.52 -19.13
C THR E 108 31.51 -2.34 -18.78
N VAL E 109 32.70 -2.65 -18.28
CA VAL E 109 33.77 -1.67 -18.17
C VAL E 109 35.01 -2.27 -18.79
N THR E 110 35.57 -1.57 -19.78
CA THR E 110 36.73 -2.05 -20.52
C THR E 110 37.85 -1.04 -20.37
N VAL E 111 39.05 -1.52 -20.06
CA VAL E 111 40.22 -0.68 -19.91
C VAL E 111 41.29 -1.20 -20.85
N GLY E 112 41.88 -0.32 -21.63
CA GLY E 112 42.87 -0.75 -22.61
C GLY E 112 43.98 0.24 -22.80
N PHE E 113 45.15 -0.27 -23.19
CA PHE E 113 46.32 0.56 -23.40
C PHE E 113 47.20 -0.03 -24.48
N HIS E 114 47.72 0.81 -25.36
CA HIS E 114 48.66 0.32 -26.34
C HIS E 114 50.07 0.37 -25.79
N ASP E 115 50.96 -0.42 -26.41
CA ASP E 115 52.39 -0.35 -26.17
C ASP E 115 53.20 -0.43 -27.47
N GLY E 116 52.59 -0.06 -28.59
CA GLY E 116 53.18 -0.27 -29.89
C GLY E 116 52.22 -1.08 -30.74
N PRO E 117 52.67 -2.18 -31.33
CA PRO E 117 51.74 -3.06 -32.06
C PRO E 117 50.70 -3.79 -31.20
N ASN E 118 50.65 -3.62 -29.87
CA ASN E 118 49.82 -4.46 -29.03
C ASN E 118 48.70 -3.66 -28.38
N ARG E 119 47.59 -4.35 -28.11
CA ARG E 119 46.36 -3.70 -27.66
C ARG E 119 46.12 -3.77 -26.15
N HIS E 120 46.35 -4.91 -25.51
CA HIS E 120 46.28 -5.08 -24.06
C HIS E 120 45.01 -4.50 -23.43
N THR E 121 43.86 -5.03 -23.82
CA THR E 121 42.58 -4.63 -23.24
C THR E 121 42.06 -5.66 -22.24
N CYS E 122 41.14 -5.22 -21.39
CA CYS E 122 40.50 -6.11 -20.42
C CYS E 122 39.10 -5.60 -20.12
N THR E 123 38.10 -6.47 -20.21
CA THR E 123 36.70 -6.11 -20.05
C THR E 123 36.05 -6.92 -18.94
N VAL E 124 35.26 -6.23 -18.11
CA VAL E 124 34.64 -6.82 -16.94
C VAL E 124 33.15 -6.50 -16.95
N ALA E 125 32.34 -7.52 -16.70
CA ALA E 125 30.89 -7.39 -16.71
C ALA E 125 30.44 -6.76 -15.41
N HIS E 126 30.50 -5.45 -15.36
CA HIS E 126 30.00 -4.66 -14.24
C HIS E 126 29.01 -3.64 -14.76
N LYS E 127 27.90 -3.48 -14.04
CA LYS E 127 26.85 -2.56 -14.44
C LYS E 127 27.10 -1.23 -13.78
N VAL E 128 27.54 -0.26 -14.54
CA VAL E 128 27.61 1.10 -14.04
C VAL E 128 26.31 1.77 -14.37
N GLU E 129 25.93 2.72 -13.55
CA GLU E 129 24.64 3.37 -13.62
C GLU E 129 24.84 4.86 -13.46
N PHE E 130 24.16 5.62 -14.28
CA PHE E 130 24.11 7.06 -14.10
C PHE E 130 23.12 7.36 -12.99
N ARG E 131 23.61 7.88 -11.87
CA ARG E 131 22.79 8.07 -10.69
C ARG E 131 22.53 9.56 -10.54
N PRO E 132 21.46 10.09 -11.14
CA PRO E 132 21.21 11.52 -11.03
C PRO E 132 20.96 11.94 -9.60
N VAL E 133 21.40 13.13 -9.28
CA VAL E 133 21.11 13.70 -7.98
C VAL E 133 19.82 14.47 -8.09
N GLY E 134 19.10 14.53 -7.00
CA GLY E 134 17.91 15.32 -6.96
C GLY E 134 16.70 14.54 -7.41
N ARG E 135 15.68 15.31 -7.74
CA ARG E 135 14.35 14.78 -8.04
C ARG E 135 14.03 14.79 -9.52
N GLU E 136 15.00 14.97 -10.40
CA GLU E 136 14.80 14.76 -11.82
C GLU E 136 15.79 13.72 -12.28
N LYS E 137 15.32 12.82 -13.10
CA LYS E 137 16.17 11.80 -13.67
C LYS E 137 16.75 12.42 -14.91
N TYR E 138 18.06 12.44 -15.04
CA TYR E 138 18.68 13.22 -16.08
C TYR E 138 19.90 12.44 -16.54
N ARG E 139 19.88 12.16 -17.82
CA ARG E 139 20.80 11.25 -18.44
C ARG E 139 22.25 11.68 -18.37
N HIS E 140 22.54 12.96 -18.17
CA HIS E 140 23.89 13.49 -18.31
C HIS E 140 23.96 14.83 -17.61
N PRO E 141 25.06 15.18 -16.94
CA PRO E 141 25.06 16.39 -16.15
C PRO E 141 24.72 17.60 -16.99
N PRO E 142 23.92 18.52 -16.47
CA PRO E 142 23.39 19.59 -17.31
C PRO E 142 24.31 20.79 -17.29
N GLU E 143 24.04 21.72 -18.20
CA GLU E 143 24.83 22.93 -18.26
C GLU E 143 24.49 23.84 -17.10
N HIS E 144 23.20 23.91 -16.75
CA HIS E 144 22.72 24.83 -15.73
C HIS E 144 21.66 24.15 -14.90
N GLY E 145 21.38 24.72 -13.75
CA GLY E 145 20.32 24.23 -12.89
C GLY E 145 20.52 24.63 -11.46
N VAL E 146 20.33 23.71 -10.52
CA VAL E 146 20.44 24.00 -9.11
C VAL E 146 21.51 23.10 -8.52
N GLU E 147 22.41 23.70 -7.73
CA GLU E 147 23.43 22.93 -7.04
C GLU E 147 22.80 22.13 -5.93
N LEU E 148 23.05 20.83 -5.92
CA LEU E 148 22.59 19.91 -4.90
C LEU E 148 23.76 19.15 -4.32
N PRO E 149 23.70 18.74 -3.06
CA PRO E 149 24.79 17.95 -2.51
C PRO E 149 24.82 16.56 -3.12
N CYS E 150 25.99 16.14 -3.57
CA CYS E 150 26.18 14.83 -4.16
C CYS E 150 27.48 14.28 -3.64
N ASN E 151 27.68 12.99 -3.84
CA ASN E 151 28.91 12.31 -3.44
C ASN E 151 29.63 11.89 -4.69
N ARG E 152 30.90 12.26 -4.79
CA ARG E 152 31.66 11.97 -5.98
C ARG E 152 33.09 11.73 -5.57
N TYR E 153 33.79 11.00 -6.41
CA TYR E 153 35.17 10.65 -6.14
C TYR E 153 36.04 11.84 -6.47
N THR E 154 36.81 12.29 -5.52
CA THR E 154 37.64 13.44 -5.78
C THR E 154 38.73 13.05 -6.76
N HIS E 155 39.31 14.07 -7.39
CA HIS E 155 40.44 13.87 -8.28
C HIS E 155 41.71 14.44 -7.68
N LYS E 156 41.71 14.66 -6.37
CA LYS E 156 42.92 14.90 -5.64
C LYS E 156 43.46 13.55 -5.19
N ARG E 157 44.77 13.40 -5.31
CA ARG E 157 45.44 12.16 -4.95
C ARG E 157 45.98 12.20 -3.53
N ALA E 158 45.35 13.01 -2.69
CA ALA E 158 45.78 13.23 -1.33
C ALA E 158 45.22 12.13 -0.44
N ASP E 159 46.03 11.70 0.50
CA ASP E 159 45.62 10.67 1.45
C ASP E 159 44.42 11.17 2.23
N GLN E 160 43.43 10.29 2.44
CA GLN E 160 42.24 10.65 3.21
C GLN E 160 41.82 9.54 4.17
N GLY E 161 42.77 8.76 4.68
CA GLY E 161 42.46 7.76 5.66
C GLY E 161 42.03 6.41 5.11
N HIS E 162 41.47 6.37 3.91
CA HIS E 162 41.15 5.12 3.27
C HIS E 162 42.42 4.44 2.75
N TYR E 163 42.50 3.13 2.95
CA TYR E 163 43.74 2.37 2.83
C TYR E 163 43.47 1.07 2.12
N VAL E 164 44.30 0.73 1.14
CA VAL E 164 44.31 -0.59 0.54
C VAL E 164 45.55 -1.31 1.02
N GLU E 165 45.37 -2.54 1.46
CA GLU E 165 46.50 -3.35 1.89
C GLU E 165 47.18 -4.02 0.73
N MET E 166 48.49 -4.15 0.83
CA MET E 166 49.24 -4.99 -0.09
C MET E 166 50.35 -5.75 0.62
N HIS E 167 50.53 -6.99 0.16
CA HIS E 167 51.38 -7.95 0.82
C HIS E 167 52.48 -8.43 -0.10
N GLN E 168 53.42 -9.16 0.48
CA GLN E 168 54.53 -9.75 -0.24
C GLN E 168 54.00 -10.60 -1.38
N PRO E 169 54.52 -10.49 -2.60
CA PRO E 169 54.08 -11.40 -3.64
C PRO E 169 54.34 -12.84 -3.28
N GLY E 170 53.40 -13.69 -3.67
CA GLY E 170 53.62 -15.10 -3.55
C GLY E 170 54.58 -15.56 -4.61
N LEU E 171 54.63 -16.87 -4.75
CA LEU E 171 55.50 -17.49 -5.73
C LEU E 171 54.99 -17.17 -7.13
N VAL E 172 55.76 -16.42 -7.91
CA VAL E 172 55.40 -16.14 -9.30
C VAL E 172 55.86 -17.32 -10.15
N ALA E 173 54.90 -18.01 -10.76
CA ALA E 173 55.15 -19.26 -11.49
C ALA E 173 55.67 -18.98 -12.89
N ASP E 174 56.98 -19.08 -13.09
CA ASP E 174 57.64 -18.89 -14.37
C ASP E 174 58.40 -20.15 -14.77
N HIS E 175 58.13 -20.68 -15.96
CA HIS E 175 58.86 -21.85 -16.44
C HIS E 175 59.91 -21.47 -17.46
N SER E 176 59.90 -20.24 -17.96
CA SER E 176 60.90 -19.85 -18.93
C SER E 176 62.29 -19.87 -18.34
N LEU E 177 62.42 -19.85 -17.02
CA LEU E 177 63.71 -19.95 -16.38
C LEU E 177 64.20 -21.40 -16.24
N LEU E 178 63.41 -22.38 -16.68
CA LEU E 178 63.92 -23.72 -16.95
C LEU E 178 64.41 -23.82 -18.39
N SER E 179 65.64 -24.30 -18.56
CA SER E 179 66.23 -24.56 -19.85
C SER E 179 66.83 -25.96 -19.88
N ILE E 180 66.58 -26.71 -20.95
CA ILE E 180 67.14 -28.06 -21.07
C ILE E 180 68.60 -27.94 -21.49
N HIS E 181 69.50 -28.22 -20.56
CA HIS E 181 70.93 -28.04 -20.75
C HIS E 181 71.61 -29.40 -20.65
N SER E 182 72.43 -29.72 -21.65
CA SER E 182 73.00 -31.05 -21.76
C SER E 182 71.88 -32.07 -21.81
N ALA E 183 71.73 -32.91 -20.78
CA ALA E 183 70.63 -33.86 -20.67
C ALA E 183 69.81 -33.63 -19.41
N LYS E 184 70.01 -32.51 -18.73
CA LYS E 184 69.35 -32.19 -17.47
C LYS E 184 68.64 -30.86 -17.62
N VAL E 185 68.00 -30.41 -16.53
CA VAL E 185 67.25 -29.16 -16.52
C VAL E 185 68.01 -28.14 -15.69
N LYS E 186 68.13 -26.93 -16.21
CA LYS E 186 68.89 -25.85 -15.61
C LYS E 186 67.93 -24.75 -15.22
N ILE E 187 68.03 -24.30 -13.98
CA ILE E 187 67.14 -23.29 -13.44
C ILE E 187 67.95 -22.01 -13.38
N THR E 188 67.84 -21.19 -14.42
CA THR E 188 68.53 -19.90 -14.37
C THR E 188 67.88 -19.01 -13.33
N VAL E 189 68.72 -18.26 -12.61
CA VAL E 189 68.27 -17.29 -11.61
C VAL E 189 68.32 -15.92 -12.26
N PRO E 190 67.20 -15.22 -12.45
CA PRO E 190 67.26 -13.95 -13.16
C PRO E 190 67.67 -12.80 -12.25
N SER E 191 68.80 -12.16 -12.56
CA SER E 191 69.20 -10.88 -11.97
C SER E 191 69.25 -10.95 -10.45
N GLY E 192 69.74 -12.05 -9.92
CA GLY E 192 69.88 -12.19 -8.48
C GLY E 192 68.58 -12.05 -7.72
N ALA E 193 67.54 -12.72 -8.23
CA ALA E 193 66.32 -12.96 -7.48
C ALA E 193 66.30 -14.41 -7.04
N GLN E 194 65.99 -14.64 -5.78
CA GLN E 194 65.86 -15.98 -5.24
C GLN E 194 64.76 -16.73 -5.97
N VAL E 195 65.02 -17.99 -6.32
CA VAL E 195 64.10 -18.81 -7.10
C VAL E 195 64.00 -20.16 -6.40
N LYS E 196 62.92 -20.89 -6.65
CA LYS E 196 62.69 -22.17 -5.99
C LYS E 196 62.20 -23.18 -7.02
N TYR E 197 62.42 -24.46 -6.75
CA TYR E 197 62.01 -25.53 -7.66
C TYR E 197 61.33 -26.64 -6.90
N TYR E 198 60.54 -27.41 -7.64
CA TYR E 198 59.87 -28.62 -7.18
C TYR E 198 59.90 -29.59 -8.35
N CYS E 199 60.77 -30.59 -8.26
CA CYS E 199 61.04 -31.56 -9.31
C CYS E 199 60.50 -32.91 -8.86
N LYS E 200 59.72 -33.55 -9.74
CA LYS E 200 59.13 -34.85 -9.46
C LYS E 200 59.44 -35.83 -10.57
N CYS E 201 60.69 -35.85 -11.01
CA CYS E 201 61.25 -37.07 -11.54
C CYS E 201 61.43 -37.98 -10.33
N PRO E 202 61.66 -39.28 -10.52
CA PRO E 202 61.01 -40.28 -9.65
C PRO E 202 61.27 -40.13 -8.15
N ASP E 203 62.17 -39.24 -7.73
CA ASP E 203 62.30 -38.85 -6.33
C ASP E 203 62.10 -37.35 -6.20
N VAL E 204 61.39 -36.94 -5.16
CA VAL E 204 61.11 -35.52 -4.96
C VAL E 204 62.41 -34.75 -4.79
N ARG E 205 62.54 -33.64 -5.49
CA ARG E 205 63.69 -32.74 -5.39
C ARG E 205 63.16 -31.31 -5.29
N LYS E 206 63.05 -30.77 -4.08
CA LYS E 206 62.61 -29.40 -3.90
C LYS E 206 63.80 -28.58 -3.46
N GLY E 207 63.67 -27.26 -3.51
CA GLY E 207 64.83 -26.46 -3.15
C GLY E 207 64.83 -25.01 -3.56
N ILE E 208 65.40 -24.15 -2.73
CA ILE E 208 65.42 -22.71 -2.93
C ILE E 208 66.86 -22.30 -3.24
N THR E 209 67.09 -21.89 -4.48
CA THR E 209 68.41 -21.49 -4.97
C THR E 209 68.47 -20.01 -5.29
N SER E 210 69.58 -19.40 -4.90
CA SER E 210 69.94 -18.07 -5.35
C SER E 210 70.94 -18.11 -6.50
N SER E 211 71.49 -19.29 -6.82
CA SER E 211 72.40 -19.47 -7.92
C SER E 211 71.82 -20.46 -8.93
N ASP E 212 72.42 -20.46 -10.12
CA ASP E 212 72.02 -21.34 -11.22
C ASP E 212 72.30 -22.79 -10.88
N HIS E 213 71.26 -23.60 -10.78
CA HIS E 213 71.35 -24.96 -10.28
C HIS E 213 70.86 -25.92 -11.35
N THR E 214 71.58 -27.03 -11.50
CA THR E 214 71.22 -28.13 -12.37
C THR E 214 70.76 -29.30 -11.53
N THR E 215 69.53 -29.75 -11.75
CA THR E 215 68.99 -30.89 -11.05
C THR E 215 69.12 -32.10 -11.96
N THR E 216 68.58 -33.24 -11.54
CA THR E 216 68.77 -34.49 -12.26
C THR E 216 67.58 -34.89 -13.12
N CYS E 217 66.53 -34.10 -13.16
CA CYS E 217 65.34 -34.45 -13.90
C CYS E 217 65.58 -34.36 -15.40
N THR E 218 64.92 -35.22 -16.15
CA THR E 218 65.32 -35.47 -17.53
C THR E 218 64.73 -34.47 -18.52
N ASP E 219 63.51 -33.96 -18.29
CA ASP E 219 62.95 -32.95 -19.17
C ASP E 219 62.28 -31.84 -18.37
N VAL E 220 61.83 -30.81 -19.11
CA VAL E 220 61.30 -29.60 -18.49
C VAL E 220 59.94 -29.82 -17.85
N LYS E 221 59.19 -30.81 -18.31
CA LYS E 221 57.83 -30.97 -17.82
C LYS E 221 57.79 -31.59 -16.44
N GLN E 222 58.78 -32.41 -16.11
CA GLN E 222 58.79 -33.06 -14.81
C GLN E 222 58.92 -32.07 -13.67
N CYS E 223 59.58 -30.94 -13.91
CA CYS E 223 59.96 -30.01 -12.87
C CYS E 223 59.25 -28.68 -13.08
N ARG E 224 58.96 -27.99 -11.98
CA ARG E 224 58.32 -26.69 -12.06
C ARG E 224 59.01 -25.73 -11.11
N ALA E 225 59.27 -24.52 -11.59
CA ALA E 225 60.02 -23.52 -10.82
C ALA E 225 59.20 -22.28 -10.61
N TYR E 226 59.38 -21.68 -9.44
CA TYR E 226 58.71 -20.47 -9.02
C TYR E 226 59.73 -19.39 -8.71
N LEU E 227 59.57 -18.23 -9.31
CA LEU E 227 60.38 -17.08 -8.97
C LEU E 227 59.81 -16.44 -7.72
N ILE E 228 60.68 -16.13 -6.75
CA ILE E 228 60.26 -15.34 -5.60
C ILE E 228 61.04 -14.05 -5.61
N ASP E 229 60.32 -12.94 -5.42
CA ASP E 229 60.87 -11.61 -5.45
C ASP E 229 60.25 -10.85 -4.30
N ASN E 230 61.05 -10.07 -3.61
CA ASN E 230 60.58 -9.32 -2.46
C ASN E 230 60.98 -7.85 -2.51
N LYS E 231 61.55 -7.39 -3.61
CA LYS E 231 61.93 -5.99 -3.70
C LYS E 231 60.71 -5.09 -3.58
N LYS E 232 59.57 -5.52 -4.10
CA LYS E 232 58.35 -4.74 -4.22
C LYS E 232 57.22 -5.47 -3.51
N TRP E 233 56.00 -4.94 -3.62
CA TRP E 233 54.83 -5.67 -3.10
C TRP E 233 53.60 -5.35 -3.94
N VAL E 234 52.57 -6.19 -3.82
CA VAL E 234 51.40 -6.10 -4.68
C VAL E 234 50.11 -6.14 -3.88
N TYR E 235 49.06 -5.57 -4.45
CA TYR E 235 47.72 -5.60 -3.87
C TYR E 235 47.28 -7.03 -3.67
N ASN E 236 46.82 -7.35 -2.46
CA ASN E 236 46.47 -8.75 -2.26
C ASN E 236 45.16 -8.95 -2.99
N SER E 237 45.28 -9.40 -4.22
CA SER E 237 44.14 -9.55 -5.08
C SER E 237 43.57 -10.94 -4.92
N GLY E 238 42.28 -11.08 -5.17
CA GLY E 238 41.74 -12.41 -5.24
C GLY E 238 42.31 -13.24 -6.37
N ARG E 239 42.93 -12.60 -7.35
CA ARG E 239 43.41 -13.24 -8.54
C ARG E 239 44.88 -13.65 -8.44
N LEU E 240 45.49 -13.59 -7.27
CA LEU E 240 46.90 -13.87 -7.10
C LEU E 240 47.06 -14.92 -6.01
N PRO E 241 47.85 -15.97 -6.21
CA PRO E 241 48.07 -16.93 -5.14
C PRO E 241 48.89 -16.29 -4.03
N ARG E 242 48.40 -16.40 -2.81
CA ARG E 242 49.24 -16.01 -1.70
C ARG E 242 50.16 -17.16 -1.33
N GLY E 243 51.17 -16.83 -0.58
CA GLY E 243 51.95 -17.85 0.09
C GLY E 243 51.26 -18.32 1.34
N GLU E 244 51.59 -19.53 1.79
CA GLU E 244 51.35 -19.85 3.19
C GLU E 244 51.87 -18.71 4.07
N GLY E 245 53.13 -18.35 3.88
CA GLY E 245 53.63 -16.99 4.03
C GLY E 245 53.51 -16.32 5.37
N ASP E 246 52.98 -17.02 6.37
CA ASP E 246 52.88 -16.53 7.75
C ASP E 246 52.17 -15.19 7.83
N THR E 247 51.09 -15.06 7.06
CA THR E 247 50.07 -14.00 7.20
C THR E 247 50.65 -12.60 7.44
N PHE E 248 51.48 -12.11 6.51
CA PHE E 248 52.07 -10.79 6.63
C PHE E 248 51.51 -9.88 5.55
N LYS E 249 51.20 -8.63 5.93
CA LYS E 249 50.54 -7.70 5.02
C LYS E 249 51.07 -6.29 5.26
N GLY E 250 50.39 -5.32 4.66
CA GLY E 250 50.93 -4.01 4.32
C GLY E 250 49.81 -3.03 4.08
N LYS E 251 50.17 -1.76 3.89
CA LYS E 251 49.18 -0.69 3.76
C LYS E 251 49.63 0.33 2.74
N LEU E 252 48.65 1.06 2.19
CA LEU E 252 48.87 2.08 1.18
C LEU E 252 47.66 2.99 1.14
N HIS E 253 47.81 4.10 0.42
CA HIS E 253 46.83 5.16 0.32
C HIS E 253 46.11 5.08 -1.02
N VAL E 254 44.78 5.22 -1.02
CA VAL E 254 44.04 5.08 -2.27
C VAL E 254 43.85 6.48 -2.84
N PRO E 255 44.17 6.72 -4.10
CA PRO E 255 44.22 8.10 -4.59
C PRO E 255 42.94 8.87 -4.43
N PHE E 256 41.88 8.31 -4.98
CA PHE E 256 40.60 8.96 -5.12
C PHE E 256 39.65 8.37 -4.12
N VAL E 257 39.11 9.20 -3.25
CA VAL E 257 38.21 8.75 -2.19
C VAL E 257 36.91 9.51 -2.36
N PRO E 258 35.78 8.95 -1.98
CA PRO E 258 34.52 9.69 -2.08
C PRO E 258 34.52 10.91 -1.19
N VAL E 259 33.93 11.99 -1.69
CA VAL E 259 33.76 13.21 -0.92
C VAL E 259 32.46 13.87 -1.34
N LYS E 260 31.94 14.69 -0.43
CA LYS E 260 30.72 15.44 -0.70
C LYS E 260 31.07 16.69 -1.47
N ALA E 261 30.42 16.88 -2.61
CA ALA E 261 30.61 18.05 -3.43
C ALA E 261 29.24 18.48 -3.90
N LYS E 262 29.20 19.42 -4.81
CA LYS E 262 27.95 19.96 -5.32
C LYS E 262 27.84 19.64 -6.79
N CYS E 263 26.73 19.06 -7.18
CA CYS E 263 26.47 18.66 -8.54
C CYS E 263 25.34 19.52 -9.07
N ILE E 264 25.37 19.78 -10.35
CA ILE E 264 24.33 20.56 -11.00
C ILE E 264 23.21 19.60 -11.34
N ALA E 265 22.02 19.90 -10.89
CA ALA E 265 20.82 19.16 -11.19
C ALA E 265 20.12 19.96 -12.25
N THR E 266 18.92 19.55 -12.63
CA THR E 266 18.18 20.29 -13.63
C THR E 266 17.00 20.94 -12.96
N LEU E 267 16.39 21.87 -13.67
CA LEU E 267 15.11 22.44 -13.29
C LEU E 267 14.08 22.03 -14.31
N ALA E 268 13.00 21.45 -13.86
CA ALA E 268 11.88 21.20 -14.74
C ALA E 268 11.35 22.53 -15.28
N PRO E 269 10.77 22.55 -16.46
CA PRO E 269 10.07 23.75 -16.90
C PRO E 269 9.00 24.14 -15.91
N GLU E 270 8.87 25.43 -15.70
CA GLU E 270 7.95 25.94 -14.71
C GLU E 270 6.52 25.53 -15.03
N PRO E 271 5.80 24.88 -14.12
CA PRO E 271 4.46 24.40 -14.46
C PRO E 271 3.49 25.52 -14.76
N LEU E 272 2.56 25.24 -15.67
CA LEU E 272 1.45 26.15 -15.94
C LEU E 272 0.37 25.94 -14.89
N VAL E 273 0.14 26.94 -14.06
CA VAL E 273 -0.77 26.84 -12.94
C VAL E 273 -2.08 27.49 -13.31
N GLU E 274 -3.17 26.76 -13.11
CA GLU E 274 -4.52 27.21 -13.41
C GLU E 274 -5.38 26.99 -12.18
N HIS E 275 -5.99 28.04 -11.68
CA HIS E 275 -6.79 27.95 -10.48
C HIS E 275 -8.23 27.66 -10.84
N LYS E 276 -8.89 26.83 -10.02
CA LYS E 276 -10.32 26.65 -10.12
C LYS E 276 -10.79 26.45 -8.68
N HIS E 277 -12.09 26.53 -8.46
CA HIS E 277 -12.61 26.56 -7.10
C HIS E 277 -12.20 25.34 -6.30
N ARG E 278 -11.40 25.57 -5.28
CA ARG E 278 -10.89 24.55 -4.38
C ARG E 278 -10.00 23.54 -5.06
N THR E 279 -9.61 23.77 -6.31
CA THR E 279 -8.65 22.87 -6.95
C THR E 279 -7.59 23.67 -7.68
N LEU E 280 -6.43 23.05 -7.80
CA LEU E 280 -5.28 23.61 -8.46
C LEU E 280 -4.90 22.69 -9.59
N ILE E 281 -4.75 23.24 -10.78
CA ILE E 281 -4.47 22.48 -11.99
C ILE E 281 -3.06 22.81 -12.40
N LEU E 282 -2.25 21.78 -12.55
CA LEU E 282 -0.86 21.90 -12.89
C LEU E 282 -0.69 21.23 -14.24
N HIS E 283 -0.32 22.00 -15.25
CA HIS E 283 0.02 21.47 -16.56
C HIS E 283 1.52 21.35 -16.54
N LEU E 284 2.00 20.13 -16.40
CA LEU E 284 3.40 19.84 -16.25
C LEU E 284 3.94 19.32 -17.55
N HIS E 285 5.06 19.89 -17.99
CA HIS E 285 5.71 19.53 -19.25
C HIS E 285 7.17 19.21 -18.99
N PRO E 286 7.47 18.08 -18.39
CA PRO E 286 8.87 17.77 -18.14
C PRO E 286 9.60 17.41 -19.40
N ASP E 287 10.90 17.68 -19.40
CA ASP E 287 11.79 17.16 -20.44
C ASP E 287 12.54 15.91 -20.05
N HIS E 288 12.63 15.62 -18.76
CA HIS E 288 13.14 14.37 -18.23
C HIS E 288 12.21 13.94 -17.12
N PRO E 289 12.15 12.65 -16.81
CA PRO E 289 11.26 12.20 -15.73
C PRO E 289 11.42 12.94 -14.42
N THR E 290 10.37 13.63 -13.99
CA THR E 290 10.40 14.54 -12.86
C THR E 290 9.42 14.14 -11.78
N LEU E 291 9.84 14.25 -10.53
CA LEU E 291 9.01 13.94 -9.37
C LEU E 291 8.09 15.09 -8.99
N LEU E 292 6.86 14.76 -8.67
CA LEU E 292 5.86 15.73 -8.21
C LEU E 292 5.27 15.17 -6.94
N THR E 293 5.43 15.88 -5.84
CA THR E 293 5.00 15.40 -4.54
C THR E 293 4.19 16.49 -3.86
N THR E 294 2.97 16.16 -3.45
CA THR E 294 2.11 17.11 -2.79
C THR E 294 1.62 16.54 -1.48
N ARG E 295 1.31 17.44 -0.56
CA ARG E 295 0.77 17.07 0.73
C ARG E 295 -0.10 18.20 1.24
N SER E 296 -1.21 17.83 1.85
CA SER E 296 -2.03 18.82 2.53
C SER E 296 -1.33 19.29 3.78
N LEU E 297 -1.67 20.50 4.21
CA LEU E 297 -1.11 21.06 5.42
C LEU E 297 -2.05 20.94 6.60
N GLY E 298 -3.07 20.10 6.50
CA GLY E 298 -3.98 19.85 7.59
C GLY E 298 -3.60 18.64 8.40
N SER E 299 -4.56 18.16 9.18
CA SER E 299 -4.33 16.99 10.03
C SER E 299 -4.01 15.78 9.19
N ASP E 300 -4.72 15.60 8.09
CA ASP E 300 -4.49 14.48 7.18
C ASP E 300 -3.52 14.93 6.10
N ALA E 301 -2.37 14.30 6.06
CA ALA E 301 -1.36 14.71 5.10
C ALA E 301 -1.85 14.46 3.70
N ASN E 302 -2.51 13.33 3.50
CA ASN E 302 -2.98 12.89 2.19
C ASN E 302 -1.84 12.98 1.17
N PRO E 303 -0.69 12.39 1.46
CA PRO E 303 0.45 12.58 0.60
C PRO E 303 0.23 11.91 -0.73
N THR E 304 0.87 12.45 -1.75
CA THR E 304 0.87 11.78 -3.03
C THR E 304 2.15 12.13 -3.73
N ARG E 305 2.64 11.17 -4.51
CA ARG E 305 3.85 11.40 -5.26
C ARG E 305 3.76 10.61 -6.53
N GLN E 306 4.31 11.17 -7.59
CA GLN E 306 4.36 10.44 -8.83
C GLN E 306 5.44 11.02 -9.70
N TRP E 307 5.88 10.19 -10.64
CA TRP E 307 6.86 10.57 -11.63
C TRP E 307 6.12 10.93 -12.91
N ILE E 308 6.46 12.07 -13.49
CA ILE E 308 5.87 12.52 -14.74
C ILE E 308 6.96 12.35 -15.78
N GLU E 309 6.67 11.56 -16.80
CA GLU E 309 7.49 11.47 -18.00
C GLU E 309 6.91 12.30 -19.13
N ARG E 310 5.65 12.06 -19.46
CA ARG E 310 4.95 12.73 -20.52
C ARG E 310 4.35 14.04 -20.03
N PRO E 311 4.03 14.96 -20.92
CA PRO E 311 3.30 16.16 -20.50
C PRO E 311 1.89 15.82 -20.04
N THR E 312 1.59 16.06 -18.77
CA THR E 312 0.30 15.73 -18.19
C THR E 312 -0.28 16.87 -17.40
N THR E 313 -1.58 16.77 -17.14
CA THR E 313 -2.31 17.70 -16.30
C THR E 313 -2.73 16.98 -15.03
N VAL E 314 -2.46 17.59 -13.88
CA VAL E 314 -2.87 17.02 -12.60
C VAL E 314 -3.71 18.05 -11.86
N ASN E 315 -4.79 17.59 -11.27
CA ASN E 315 -5.65 18.40 -10.42
C ASN E 315 -5.45 17.97 -8.98
N PHE E 316 -5.29 18.94 -8.10
CA PHE E 316 -5.09 18.70 -6.68
C PHE E 316 -6.14 19.48 -5.92
N THR E 317 -6.87 18.80 -5.05
CA THR E 317 -7.95 19.47 -4.32
C THR E 317 -7.34 20.25 -3.17
N VAL E 318 -7.32 21.57 -3.29
CA VAL E 318 -6.69 22.44 -2.31
C VAL E 318 -7.78 22.99 -1.42
N THR E 319 -7.65 22.72 -0.14
CA THR E 319 -8.65 23.10 0.84
C THR E 319 -8.17 24.35 1.55
N GLY E 320 -8.94 24.80 2.53
CA GLY E 320 -8.55 25.98 3.25
C GLY E 320 -7.29 25.77 4.07
N GLU E 321 -7.01 24.54 4.45
CA GLU E 321 -5.82 24.26 5.23
C GLU E 321 -4.55 24.36 4.41
N GLY E 322 -4.64 24.34 3.09
CA GLY E 322 -3.48 24.55 2.26
C GLY E 322 -2.89 23.27 1.73
N LEU E 323 -2.06 23.42 0.71
CA LEU E 323 -1.43 22.32 -0.01
C LEU E 323 -0.03 22.77 -0.36
N GLU E 324 0.93 21.91 -0.12
CA GLU E 324 2.32 22.16 -0.48
C GLU E 324 2.68 21.19 -1.56
N TYR E 325 3.14 21.70 -2.69
CA TYR E 325 3.55 20.87 -3.81
C TYR E 325 4.94 21.23 -4.24
N THR E 326 5.71 20.20 -4.54
CA THR E 326 7.08 20.30 -4.99
C THR E 326 7.14 19.64 -6.35
N TRP E 327 7.70 20.35 -7.31
CA TRP E 327 7.78 19.89 -8.69
C TRP E 327 9.24 19.84 -9.05
N GLY E 328 9.80 18.67 -9.07
CA GLY E 328 11.18 18.60 -9.45
C GLY E 328 12.02 19.22 -8.37
N ASN E 329 13.13 19.80 -8.79
CA ASN E 329 14.04 20.41 -7.85
C ASN E 329 13.65 21.82 -7.47
N HIS E 330 12.52 22.31 -7.96
CA HIS E 330 12.06 23.62 -7.57
C HIS E 330 11.75 23.63 -6.06
N PRO E 331 11.92 24.76 -5.40
CA PRO E 331 11.57 24.83 -3.99
C PRO E 331 10.09 24.59 -3.79
N PRO E 332 9.70 24.02 -2.66
CA PRO E 332 8.27 23.75 -2.46
C PRO E 332 7.44 25.02 -2.47
N LYS E 333 6.23 24.90 -3.00
CA LYS E 333 5.28 26.01 -3.07
C LYS E 333 4.03 25.65 -2.30
N ARG E 334 3.56 26.57 -1.47
CA ARG E 334 2.36 26.41 -0.68
C ARG E 334 1.25 27.26 -1.25
N VAL E 335 0.07 26.67 -1.40
CA VAL E 335 -1.09 27.36 -1.93
C VAL E 335 -2.27 27.11 -1.02
N TRP E 336 -3.10 28.13 -0.85
CA TRP E 336 -4.29 28.10 -0.01
C TRP E 336 -5.52 28.48 -0.82
N ALA E 337 -6.64 27.78 -0.61
CA ALA E 337 -7.86 28.00 -1.37
C ALA E 337 -8.86 28.80 -0.56
N GLN E 338 -8.96 30.09 -0.82
CA GLN E 338 -9.96 30.90 -0.14
C GLN E 338 -11.36 30.52 -0.55
N GLU E 339 -12.28 30.73 0.38
CA GLU E 339 -13.62 30.16 0.30
C GLU E 339 -14.46 31.04 -0.60
N SER E 340 -14.19 30.91 -1.89
CA SER E 340 -14.78 31.70 -2.96
C SER E 340 -15.45 30.77 -3.95
N GLY E 341 -16.74 30.50 -3.73
CA GLY E 341 -17.48 29.57 -4.55
C GLY E 341 -18.44 30.29 -5.46
N GLU E 342 -19.20 29.50 -6.19
CA GLU E 342 -20.29 30.05 -6.99
C GLU E 342 -21.50 30.17 -6.09
N GLY E 343 -22.58 30.68 -6.63
CA GLY E 343 -23.77 30.84 -5.81
C GLY E 343 -23.80 32.20 -5.16
N ASN E 344 -25.01 32.66 -4.87
CA ASN E 344 -25.24 33.92 -4.19
C ASN E 344 -25.69 33.64 -2.77
N PRO E 345 -24.95 34.03 -1.72
CA PRO E 345 -25.42 33.75 -0.37
C PRO E 345 -26.74 34.39 -0.07
N HIS E 346 -27.07 35.50 -0.73
CA HIS E 346 -28.34 36.16 -0.50
C HIS E 346 -29.28 35.89 -1.66
N GLY E 347 -30.43 36.50 -1.58
CA GLY E 347 -31.41 36.44 -2.65
C GLY E 347 -32.31 35.22 -2.55
N TRP E 348 -32.43 34.50 -3.62
CA TRP E 348 -33.47 33.50 -3.76
C TRP E 348 -33.04 32.17 -3.15
N PRO E 349 -33.98 31.31 -2.76
CA PRO E 349 -33.55 30.04 -2.14
C PRO E 349 -32.67 29.16 -2.98
N HIS E 350 -32.87 29.07 -4.30
CA HIS E 350 -32.08 28.13 -5.08
C HIS E 350 -30.62 28.55 -5.10
N GLU E 351 -30.37 29.85 -5.28
CA GLU E 351 -29.02 30.36 -5.20
C GLU E 351 -28.43 30.19 -3.80
N VAL E 352 -29.26 30.31 -2.77
CA VAL E 352 -28.76 30.08 -1.42
C VAL E 352 -28.24 28.66 -1.29
N VAL E 353 -29.05 27.69 -1.70
CA VAL E 353 -28.66 26.32 -1.49
C VAL E 353 -27.48 25.97 -2.37
N VAL E 354 -27.33 26.61 -3.52
CA VAL E 354 -26.18 26.22 -4.34
C VAL E 354 -24.92 26.84 -3.76
N TYR E 355 -25.01 28.02 -3.16
CA TYR E 355 -23.81 28.61 -2.57
C TYR E 355 -23.35 27.79 -1.39
N TYR E 356 -24.27 27.25 -0.62
CA TYR E 356 -23.83 26.49 0.54
C TYR E 356 -23.44 25.09 0.13
N TYR E 357 -23.99 24.56 -0.94
CA TYR E 357 -23.52 23.26 -1.40
C TYR E 357 -22.12 23.36 -1.91
N ASN E 358 -21.78 24.43 -2.62
CA ASN E 358 -20.41 24.54 -3.05
C ASN E 358 -19.49 24.83 -1.87
N ARG E 359 -19.96 25.58 -0.88
CA ARG E 359 -19.14 25.81 0.30
C ARG E 359 -18.90 24.53 1.07
N TYR E 360 -19.97 23.86 1.49
CA TYR E 360 -19.93 22.70 2.36
C TYR E 360 -20.84 21.62 1.78
N PRO E 361 -20.34 20.75 0.90
CA PRO E 361 -21.24 19.78 0.29
C PRO E 361 -21.90 18.83 1.27
N LEU E 362 -21.09 18.16 2.08
CA LEU E 362 -21.64 17.14 2.96
C LEU E 362 -22.54 17.76 4.01
N THR E 363 -22.12 18.89 4.54
CA THR E 363 -22.93 19.54 5.56
C THR E 363 -24.27 19.96 5.01
N THR E 364 -24.32 20.53 3.80
CA THR E 364 -25.62 20.94 3.32
C THR E 364 -26.49 19.76 2.99
N ILE E 365 -25.91 18.64 2.56
CA ILE E 365 -26.75 17.48 2.25
C ILE E 365 -27.36 16.95 3.54
N ILE E 366 -26.56 16.76 4.57
CA ILE E 366 -27.13 16.24 5.80
C ILE E 366 -28.05 17.27 6.45
N GLY E 367 -27.72 18.55 6.35
CA GLY E 367 -28.58 19.57 6.92
C GLY E 367 -29.93 19.61 6.25
N LEU E 368 -29.94 19.55 4.92
CA LEU E 368 -31.20 19.51 4.19
C LEU E 368 -31.99 18.28 4.55
N CYS E 369 -31.33 17.13 4.62
CA CYS E 369 -32.02 15.89 4.98
C CYS E 369 -32.64 16.00 6.37
N THR E 370 -31.89 16.56 7.31
CA THR E 370 -32.41 16.78 8.65
C THR E 370 -33.60 17.73 8.62
N CYS E 371 -33.51 18.79 7.84
CA CYS E 371 -34.57 19.79 7.86
C CYS E 371 -35.84 19.24 7.23
N VAL E 372 -35.73 18.51 6.13
CA VAL E 372 -36.93 17.89 5.56
C VAL E 372 -37.47 16.87 6.55
N ALA E 373 -36.59 16.16 7.24
CA ALA E 373 -37.04 15.19 8.23
C ALA E 373 -37.79 15.87 9.37
N ILE E 374 -37.27 16.97 9.88
CA ILE E 374 -37.91 17.58 11.03
C ILE E 374 -39.21 18.24 10.63
N ILE E 375 -39.27 18.83 9.44
CA ILE E 375 -40.53 19.42 9.02
C ILE E 375 -41.54 18.33 8.76
N MET E 376 -41.11 17.19 8.19
CA MET E 376 -42.05 16.11 7.96
C MET E 376 -42.63 15.61 9.27
N VAL E 377 -41.79 15.35 10.25
CA VAL E 377 -42.33 14.75 11.47
C VAL E 377 -43.19 15.77 12.18
N SER E 378 -42.77 17.02 12.21
CA SER E 378 -43.61 18.02 12.83
C SER E 378 -44.94 18.18 12.11
N CYS E 379 -44.93 18.22 10.78
CA CYS E 379 -46.18 18.41 10.07
C CYS E 379 -47.11 17.23 10.26
N VAL E 380 -46.58 16.01 10.22
CA VAL E 380 -47.42 14.85 10.40
C VAL E 380 -47.95 14.80 11.83
N THR E 381 -47.11 15.12 12.81
CA THR E 381 -47.60 15.11 14.17
C THR E 381 -48.64 16.18 14.39
N SER E 382 -48.45 17.34 13.76
CA SER E 382 -49.42 18.41 13.90
C SER E 382 -50.74 18.02 13.27
N VAL E 383 -50.70 17.43 12.08
CA VAL E 383 -51.96 17.10 11.43
C VAL E 383 -52.62 15.98 12.20
N TRP E 384 -51.84 15.06 12.76
CA TRP E 384 -52.44 14.03 13.58
C TRP E 384 -53.12 14.64 14.79
N LEU E 385 -52.45 15.57 15.44
CA LEU E 385 -53.05 16.21 16.61
C LEU E 385 -54.33 16.92 16.21
N LEU E 386 -54.29 17.62 15.09
CA LEU E 386 -55.43 18.41 14.68
C LEU E 386 -56.59 17.52 14.32
N CYS E 387 -56.36 16.47 13.54
CA CYS E 387 -57.45 15.61 13.16
C CYS E 387 -57.99 14.85 14.36
N ARG E 388 -57.14 14.56 15.33
CA ARG E 388 -57.63 14.01 16.58
C ARG E 388 -58.59 14.96 17.21
N THR E 389 -58.20 16.21 17.34
CA THR E 389 -59.10 17.18 17.96
C THR E 389 -60.37 17.35 17.15
N ARG E 390 -60.26 17.29 15.84
CA ARG E 390 -61.46 17.38 15.00
C ARG E 390 -62.43 16.29 15.35
N ASN E 391 -61.93 15.07 15.50
CA ASN E 391 -62.79 13.96 15.88
C ASN E 391 -63.38 14.20 17.25
N LEU E 392 -62.53 14.54 18.20
CA LEU E 392 -63.04 14.75 19.54
C LEU E 392 -63.95 15.96 19.63
N CYS E 393 -64.04 16.77 18.59
CA CYS E 393 -64.99 17.87 18.59
C CYS E 393 -66.30 17.41 18.01
N ILE E 394 -66.27 16.64 16.94
CA ILE E 394 -67.52 16.41 16.24
C ILE E 394 -68.27 15.29 16.91
N THR E 395 -67.55 14.30 17.42
CA THR E 395 -68.19 13.10 17.91
C THR E 395 -69.25 13.32 18.96
N PRO E 396 -69.09 14.21 19.93
CA PRO E 396 -70.21 14.47 20.84
C PRO E 396 -71.45 14.90 20.12
N TYR E 397 -71.32 15.74 19.12
CA TYR E 397 -72.48 16.20 18.40
C TYR E 397 -72.97 15.17 17.40
N LYS E 398 -72.04 14.55 16.67
CA LYS E 398 -72.36 13.39 15.84
C LYS E 398 -73.27 12.42 16.56
N LEU E 399 -72.89 12.02 17.76
CA LEU E 399 -73.64 11.01 18.48
C LEU E 399 -75.00 11.52 18.92
N ALA E 400 -75.15 12.81 19.09
CA ALA E 400 -76.38 13.40 19.58
C ALA E 400 -76.98 14.27 18.50
N PRO E 401 -77.57 13.68 17.46
CA PRO E 401 -77.98 14.45 16.29
C PRO E 401 -78.94 15.58 16.57
N ASN E 402 -79.71 15.55 17.63
CA ASN E 402 -80.81 16.50 17.78
C ASN E 402 -80.40 17.79 18.46
N ALA E 403 -79.15 17.92 18.90
CA ALA E 403 -78.74 19.17 19.51
C ALA E 403 -78.36 20.20 18.46
N GLN E 404 -78.17 21.43 18.93
CA GLN E 404 -77.67 22.52 18.12
C GLN E 404 -76.15 22.49 18.16
N VAL E 405 -75.53 22.61 17.00
CA VAL E 405 -74.07 22.58 16.91
C VAL E 405 -73.60 24.04 16.94
N PRO E 406 -72.94 24.49 18.01
CA PRO E 406 -72.59 25.91 18.11
C PRO E 406 -71.86 26.41 16.89
N ILE E 407 -72.26 27.60 16.44
CA ILE E 407 -71.77 28.13 15.17
C ILE E 407 -70.26 28.18 15.15
N LEU E 408 -69.64 28.62 16.25
CA LEU E 408 -68.19 28.69 16.27
C LEU E 408 -67.56 27.32 16.04
N LEU E 409 -68.07 26.32 16.74
CA LEU E 409 -67.62 24.95 16.51
C LEU E 409 -67.95 24.53 15.10
N ALA E 410 -69.12 24.93 14.62
CA ALA E 410 -69.53 24.58 13.28
C ALA E 410 -68.49 25.00 12.27
N LEU E 411 -68.02 26.25 12.34
CA LEU E 411 -67.06 26.72 11.35
C LEU E 411 -65.62 26.32 11.65
N LEU E 412 -65.25 26.06 12.90
CA LEU E 412 -63.83 25.88 13.18
C LEU E 412 -63.40 24.41 13.13
N CYS E 413 -64.04 23.56 13.95
CA CYS E 413 -63.93 22.11 13.84
C CYS E 413 -64.88 21.65 12.74
N CYS E 414 -64.67 22.21 11.54
CA CYS E 414 -65.66 22.33 10.47
C CYS E 414 -66.52 21.08 10.31
N ILE E 415 -67.84 21.27 10.28
CA ILE E 415 -68.80 20.21 10.53
C ILE E 415 -69.90 20.19 9.49
N LYS E 416 -70.33 19.00 9.11
CA LYS E 416 -71.59 18.80 8.39
C LYS E 416 -72.76 19.04 9.34
N PRO E 417 -73.81 19.70 8.91
CA PRO E 417 -75.03 19.68 9.70
C PRO E 417 -75.85 18.39 9.70
N THR E 418 -75.86 17.69 10.83
CA THR E 418 -76.54 16.41 10.88
C THR E 418 -78.04 16.63 11.10
N ARG E 419 -78.80 15.57 10.90
CA ARG E 419 -80.25 15.64 10.98
C ARG E 419 -80.73 15.49 12.42
N LYS F 107 -90.96 -1.76 27.66
CA LYS F 107 -90.67 -3.19 27.73
C LYS F 107 -90.74 -3.83 26.35
N LEU F 108 -91.60 -3.30 25.49
CA LEU F 108 -91.82 -3.92 24.20
C LEU F 108 -90.79 -3.49 23.17
N GLU F 109 -90.18 -2.31 23.35
CA GLU F 109 -89.18 -1.82 22.43
C GLU F 109 -87.81 -2.43 22.66
N SER F 110 -87.64 -3.21 23.74
CA SER F 110 -86.36 -3.82 24.08
C SER F 110 -85.86 -4.78 23.01
N ASP F 111 -86.68 -5.15 22.03
CA ASP F 111 -86.18 -6.00 20.95
C ASP F 111 -84.99 -5.37 20.26
N LYS F 112 -85.06 -4.06 19.94
CA LYS F 112 -84.09 -3.44 19.06
C LYS F 112 -82.69 -3.39 19.65
N THR F 113 -82.51 -3.69 20.93
CA THR F 113 -81.20 -4.04 21.44
C THR F 113 -80.95 -5.51 21.18
N PHE F 114 -79.79 -5.84 20.64
CA PHE F 114 -79.42 -7.22 20.33
C PHE F 114 -78.09 -7.59 20.95
N PRO F 115 -77.92 -8.83 21.38
CA PRO F 115 -76.70 -9.17 22.12
C PRO F 115 -75.49 -9.38 21.24
N ILE F 116 -74.34 -9.30 21.87
CA ILE F 116 -73.05 -9.63 21.27
C ILE F 116 -72.64 -11.00 21.80
N MET F 117 -71.91 -11.75 20.98
CA MET F 117 -71.50 -13.10 21.29
C MET F 117 -69.98 -13.07 21.44
N LEU F 118 -69.48 -13.52 22.58
CA LEU F 118 -68.04 -13.56 22.83
C LEU F 118 -67.68 -14.96 23.28
N ASN F 119 -66.95 -15.68 22.44
CA ASN F 119 -66.68 -17.10 22.66
C ASN F 119 -67.96 -17.89 22.85
N GLY F 120 -69.06 -17.42 22.26
CA GLY F 120 -70.30 -18.14 22.25
C GLY F 120 -71.28 -17.72 23.31
N GLN F 121 -70.91 -16.84 24.22
CA GLN F 121 -71.78 -16.42 25.30
C GLN F 121 -72.04 -14.92 25.21
N VAL F 122 -73.21 -14.53 25.69
CA VAL F 122 -73.61 -13.12 25.69
C VAL F 122 -72.88 -12.40 26.82
N ASN F 123 -72.22 -11.29 26.48
CA ASN F 123 -71.51 -10.48 27.47
C ASN F 123 -71.92 -9.03 27.42
N GLY F 124 -72.91 -8.67 26.61
CA GLY F 124 -73.28 -7.29 26.49
C GLY F 124 -74.33 -7.15 25.42
N TYR F 125 -74.69 -5.91 25.13
CA TYR F 125 -75.73 -5.64 24.17
C TYR F 125 -75.37 -4.40 23.36
N ALA F 126 -75.74 -4.43 22.09
CA ALA F 126 -75.62 -3.29 21.19
C ALA F 126 -77.02 -2.77 20.90
N CYS F 127 -77.20 -1.46 20.97
CA CYS F 127 -78.51 -0.85 20.85
C CYS F 127 -78.51 0.18 19.76
N VAL F 128 -79.62 0.26 19.03
CA VAL F 128 -79.74 1.12 17.86
C VAL F 128 -80.64 2.30 18.21
N VAL F 129 -80.12 3.50 18.02
CA VAL F 129 -80.83 4.73 18.32
C VAL F 129 -80.43 5.76 17.29
N GLY F 130 -81.39 6.57 16.87
CA GLY F 130 -81.06 7.68 16.00
C GLY F 130 -80.37 7.25 14.73
N GLY F 131 -80.75 6.10 14.19
CA GLY F 131 -80.13 5.54 13.02
C GLY F 131 -78.64 5.38 13.20
N ARG F 132 -78.24 4.91 14.37
CA ARG F 132 -76.85 4.76 14.73
C ARG F 132 -76.82 3.65 15.74
N VAL F 133 -76.07 2.64 15.49
CA VAL F 133 -75.98 1.51 16.41
C VAL F 133 -74.78 1.74 17.30
N PHE F 134 -74.94 1.44 18.58
CA PHE F 134 -73.92 1.69 19.58
C PHE F 134 -73.65 0.39 20.30
N LYS F 135 -72.53 0.36 20.98
CA LYS F 135 -72.13 -0.85 21.66
C LYS F 135 -71.01 -0.44 22.59
N PRO F 136 -70.94 -0.93 23.82
CA PRO F 136 -69.81 -0.50 24.65
C PRO F 136 -68.49 -1.00 24.10
N LEU F 137 -67.46 -0.16 24.24
CA LEU F 137 -66.14 -0.55 23.78
C LEU F 137 -65.58 -1.68 24.60
N HIS F 138 -65.70 -1.56 25.93
CA HIS F 138 -65.04 -2.49 26.83
C HIS F 138 -65.44 -3.93 26.58
N VAL F 139 -66.59 -4.13 26.03
CA VAL F 139 -67.14 -5.46 25.81
C VAL F 139 -66.87 -5.87 24.37
N GLU F 140 -66.53 -7.13 24.17
CA GLU F 140 -66.05 -7.63 22.90
C GLU F 140 -67.09 -8.62 22.42
N GLY F 141 -67.06 -8.94 21.14
CA GLY F 141 -67.96 -9.90 20.57
C GLY F 141 -68.34 -9.49 19.17
N ARG F 142 -69.36 -10.14 18.65
CA ARG F 142 -69.96 -9.76 17.39
C ARG F 142 -71.45 -9.69 17.61
N ILE F 143 -72.07 -8.58 17.18
CA ILE F 143 -73.49 -8.39 17.40
C ILE F 143 -74.27 -9.54 16.78
N ASP F 144 -75.23 -10.07 17.53
CA ASP F 144 -76.03 -11.21 17.11
C ASP F 144 -77.10 -10.80 16.10
N ASN F 145 -76.64 -10.40 14.92
CA ASN F 145 -77.47 -10.38 13.71
C ASN F 145 -76.57 -9.98 12.56
N GLU F 146 -77.04 -10.24 11.35
CA GLU F 146 -76.16 -10.24 10.20
C GLU F 146 -75.97 -8.83 9.66
N GLN F 147 -77.07 -8.14 9.40
CA GLN F 147 -76.95 -6.81 8.79
C GLN F 147 -76.18 -5.85 9.68
N LEU F 148 -76.38 -5.92 11.00
CA LEU F 148 -75.58 -5.08 11.87
C LEU F 148 -74.22 -5.68 12.20
N ALA F 149 -73.96 -6.92 11.79
CA ALA F 149 -72.65 -7.48 11.99
C ALA F 149 -71.66 -6.90 11.01
N ALA F 150 -72.14 -6.30 9.92
CA ALA F 150 -71.24 -5.98 8.83
C ALA F 150 -70.50 -4.68 9.08
N ILE F 151 -71.15 -3.69 9.68
CA ILE F 151 -70.65 -2.32 9.62
C ILE F 151 -69.36 -2.20 10.40
N LYS F 152 -68.39 -1.50 9.84
CA LYS F 152 -67.19 -1.16 10.59
C LYS F 152 -67.57 -0.17 11.66
N LEU F 153 -67.40 -0.56 12.91
CA LEU F 153 -67.83 0.26 14.03
C LEU F 153 -66.72 1.22 14.41
N LYS F 154 -66.99 2.52 14.33
CA LYS F 154 -65.99 3.53 14.68
C LYS F 154 -65.88 3.63 16.20
N LYS F 155 -64.74 4.11 16.66
CA LYS F 155 -64.39 4.06 18.08
C LYS F 155 -64.54 5.43 18.72
N ALA F 156 -65.09 5.47 19.95
CA ALA F 156 -65.12 6.67 20.76
C ALA F 156 -64.65 6.29 22.15
N SER F 157 -63.35 6.40 22.37
CA SER F 157 -62.78 6.00 23.65
C SER F 157 -63.37 6.81 24.79
N ILE F 158 -63.43 8.12 24.62
CA ILE F 158 -63.76 9.01 25.73
C ILE F 158 -65.16 8.82 26.26
N TYR F 159 -66.00 8.08 25.56
CA TYR F 159 -67.28 7.65 26.04
C TYR F 159 -67.38 6.15 26.19
N ASP F 160 -66.33 5.41 25.86
CA ASP F 160 -66.36 3.95 25.88
C ASP F 160 -67.51 3.42 25.04
N LEU F 161 -67.62 3.91 23.82
CA LEU F 161 -68.73 3.54 22.95
C LEU F 161 -68.23 3.41 21.52
N GLU F 162 -68.39 2.23 20.94
CA GLU F 162 -68.24 2.07 19.51
C GLU F 162 -69.57 2.39 18.86
N TYR F 163 -69.54 3.27 17.87
CA TYR F 163 -70.73 3.78 17.21
C TYR F 163 -70.60 3.58 15.72
N GLY F 164 -71.69 3.21 15.08
CA GLY F 164 -71.66 2.99 13.65
C GLY F 164 -72.97 3.37 12.99
N ASP F 165 -72.86 3.61 11.69
CA ASP F 165 -73.95 4.13 10.87
C ASP F 165 -74.76 2.96 10.38
N VAL F 166 -75.95 2.78 10.95
CA VAL F 166 -76.70 1.56 10.62
C VAL F 166 -77.06 1.61 9.15
N PRO F 167 -76.91 0.54 8.37
CA PRO F 167 -77.29 0.59 6.98
C PRO F 167 -78.77 0.75 6.68
N GLN F 168 -79.01 0.91 5.38
CA GLN F 168 -80.11 1.73 4.89
C GLN F 168 -81.45 1.17 5.30
N CYS F 169 -81.71 -0.07 5.00
CA CYS F 169 -83.08 -0.51 4.92
C CYS F 169 -83.75 -0.68 6.25
N MET F 170 -83.17 -0.34 7.40
CA MET F 170 -83.88 -0.31 8.67
C MET F 170 -83.53 0.96 9.42
N LYS F 171 -83.51 2.07 8.70
CA LYS F 171 -83.29 3.37 9.33
C LYS F 171 -84.52 3.77 10.13
N SER F 172 -85.70 3.47 9.63
CA SER F 172 -86.95 3.85 10.26
C SER F 172 -87.35 2.90 11.39
N ASP F 173 -86.45 2.05 11.85
CA ASP F 173 -86.71 0.96 12.76
C ASP F 173 -85.77 1.06 13.96
N THR F 174 -85.67 2.28 14.48
CA THR F 174 -84.68 2.64 15.47
C THR F 174 -85.33 3.53 16.53
N LEU F 175 -84.71 3.58 17.69
CA LEU F 175 -85.25 4.35 18.77
C LEU F 175 -84.98 5.83 18.55
N GLN F 176 -85.67 6.64 19.33
CA GLN F 176 -85.45 8.06 19.44
C GLN F 176 -84.97 8.35 20.84
N TYR F 177 -84.47 9.57 21.04
CA TYR F 177 -83.84 9.92 22.30
C TYR F 177 -84.03 11.40 22.55
N THR F 178 -84.06 11.77 23.81
CA THR F 178 -83.98 13.18 24.17
C THR F 178 -83.18 13.33 25.44
N SER F 179 -82.66 14.52 25.62
CA SER F 179 -82.01 14.91 26.86
C SER F 179 -82.98 15.40 27.91
N ASP F 180 -84.28 15.43 27.63
CA ASP F 180 -85.21 15.95 28.62
C ASP F 180 -85.41 14.82 29.61
N LYS F 181 -84.83 14.95 30.80
CA LYS F 181 -84.83 13.89 31.81
C LYS F 181 -85.24 14.40 33.18
N PRO F 182 -86.52 14.62 33.44
CA PRO F 182 -86.93 14.97 34.79
C PRO F 182 -86.62 13.84 35.75
N PRO F 183 -86.25 14.12 36.99
CA PRO F 183 -86.06 13.04 37.97
C PRO F 183 -87.34 12.26 38.21
N GLY F 184 -87.21 10.95 38.39
CA GLY F 184 -88.33 10.08 38.64
C GLY F 184 -88.03 8.67 38.16
N PHE F 185 -89.07 7.86 37.99
CA PHE F 185 -88.89 6.45 37.64
C PHE F 185 -88.91 6.32 36.12
N TYR F 186 -87.95 5.55 35.60
CA TYR F 186 -87.74 5.37 34.18
C TYR F 186 -87.62 3.88 33.89
N ASN F 187 -88.35 3.41 32.90
CA ASN F 187 -88.36 1.98 32.63
C ASN F 187 -87.04 1.51 32.04
N TRP F 188 -86.74 0.23 32.27
CA TRP F 188 -85.50 -0.38 31.87
C TRP F 188 -85.74 -1.88 31.90
N HIS F 189 -84.96 -2.62 31.12
CA HIS F 189 -85.17 -4.05 30.91
C HIS F 189 -85.54 -4.82 32.17
N HIS F 190 -84.74 -4.68 33.22
CA HIS F 190 -84.97 -5.49 34.40
C HIS F 190 -85.96 -4.86 35.36
N GLY F 191 -86.33 -3.61 35.14
CA GLY F 191 -87.27 -2.97 36.03
C GLY F 191 -87.16 -1.47 35.92
N ALA F 192 -87.52 -0.80 37.00
CA ALA F 192 -87.48 0.64 37.03
C ALA F 192 -86.13 1.12 37.52
N VAL F 193 -85.73 2.30 37.06
CA VAL F 193 -84.54 2.98 37.51
C VAL F 193 -84.98 4.35 38.00
N GLN F 194 -84.60 4.70 39.22
CA GLN F 194 -84.99 5.98 39.77
C GLN F 194 -83.88 6.97 39.51
N TYR F 195 -84.24 8.10 38.90
CA TYR F 195 -83.34 9.19 38.60
C TYR F 195 -83.53 10.27 39.63
N GLU F 196 -82.49 10.57 40.38
CA GLU F 196 -82.57 11.67 41.32
C GLU F 196 -81.16 12.13 41.58
N ASN F 197 -81.05 13.38 42.04
CA ASN F 197 -79.79 14.06 42.31
C ASN F 197 -78.77 13.76 41.22
N ASN F 198 -79.18 14.02 39.98
CA ASN F 198 -78.40 13.76 38.77
C ASN F 198 -77.66 12.43 38.85
N ARG F 199 -78.41 11.36 39.12
CA ARG F 199 -77.87 10.01 39.21
C ARG F 199 -78.97 9.01 38.92
N PHE F 200 -78.67 8.04 38.07
CA PHE F 200 -79.56 6.92 37.80
C PHE F 200 -79.19 5.77 38.73
N THR F 201 -80.16 5.26 39.47
CA THR F 201 -79.89 4.15 40.36
C THR F 201 -80.99 3.10 40.31
N VAL F 202 -80.58 1.83 40.17
CA VAL F 202 -81.49 0.68 40.17
C VAL F 202 -81.38 -0.07 41.49
N PRO F 203 -82.34 -0.94 41.84
CA PRO F 203 -82.24 -1.62 43.13
C PRO F 203 -81.05 -2.54 43.19
N ARG F 204 -80.72 -2.94 44.41
CA ARG F 204 -79.46 -3.60 44.68
C ARG F 204 -79.44 -4.98 44.04
N GLY F 205 -78.38 -5.26 43.30
CA GLY F 205 -78.17 -6.59 42.82
C GLY F 205 -78.74 -6.88 41.46
N VAL F 206 -79.60 -6.03 40.94
CA VAL F 206 -80.19 -6.25 39.63
C VAL F 206 -79.29 -5.58 38.60
N GLY F 207 -79.00 -6.31 37.53
CA GLY F 207 -77.95 -5.96 36.61
C GLY F 207 -76.61 -6.42 37.11
N GLY F 208 -75.63 -6.36 36.23
CA GLY F 208 -74.31 -6.86 36.52
C GLY F 208 -73.58 -7.18 35.24
N LYS F 209 -72.75 -8.21 35.32
CA LYS F 209 -71.99 -8.65 34.16
C LYS F 209 -72.97 -9.03 33.06
N GLY F 210 -72.81 -8.43 31.90
CA GLY F 210 -73.59 -8.79 30.74
C GLY F 210 -74.71 -7.83 30.40
N ASP F 211 -75.03 -6.90 31.29
CA ASP F 211 -76.11 -5.97 31.09
C ASP F 211 -75.63 -4.65 30.49
N SER F 212 -74.34 -4.56 30.13
CA SER F 212 -73.80 -3.37 29.49
C SER F 212 -74.41 -3.16 28.12
N GLY F 213 -74.59 -1.90 27.75
CA GLY F 213 -75.26 -1.56 26.52
C GLY F 213 -76.77 -1.57 26.59
N ARG F 214 -77.33 -1.83 27.74
CA ARG F 214 -78.77 -1.91 27.89
C ARG F 214 -79.38 -0.52 27.88
N PRO F 215 -80.23 -0.17 26.93
CA PRO F 215 -80.84 1.15 26.94
C PRO F 215 -81.73 1.36 28.15
N ILE F 216 -81.80 2.60 28.59
CA ILE F 216 -82.72 3.02 29.63
C ILE F 216 -83.70 3.94 28.96
N LEU F 217 -84.96 3.62 29.01
CA LEU F 217 -85.95 4.40 28.30
C LEU F 217 -86.70 5.26 29.28
N ASP F 218 -87.52 6.14 28.75
CA ASP F 218 -88.48 6.90 29.53
C ASP F 218 -89.84 6.34 29.22
N ASN F 219 -90.87 6.95 29.80
CA ASN F 219 -92.22 6.44 29.62
C ASN F 219 -92.57 6.37 28.14
N LYS F 220 -92.15 7.36 27.35
CA LYS F 220 -92.58 7.46 25.98
C LYS F 220 -91.65 6.74 25.02
N GLY F 221 -90.87 5.78 25.52
CA GLY F 221 -90.06 4.93 24.67
C GLY F 221 -88.77 5.57 24.19
N ARG F 222 -88.53 6.82 24.54
CA ARG F 222 -87.33 7.53 24.12
C ARG F 222 -86.18 7.13 25.02
N VAL F 223 -85.02 6.84 24.46
CA VAL F 223 -83.91 6.44 25.32
C VAL F 223 -83.36 7.66 26.02
N VAL F 224 -83.05 7.50 27.30
CA VAL F 224 -82.40 8.54 28.07
C VAL F 224 -80.92 8.22 28.33
N ALA F 225 -80.53 6.94 28.40
CA ALA F 225 -79.13 6.64 28.55
C ALA F 225 -78.89 5.18 28.19
N ILE F 226 -77.63 4.85 27.94
CA ILE F 226 -77.16 3.48 27.78
C ILE F 226 -76.26 3.14 28.97
N VAL F 227 -76.53 2.01 29.62
CA VAL F 227 -75.78 1.64 30.82
C VAL F 227 -74.48 0.99 30.42
N LEU F 228 -73.40 1.35 31.12
CA LEU F 228 -72.10 0.73 30.94
C LEU F 228 -71.52 0.11 32.19
N GLY F 229 -71.95 0.49 33.37
CA GLY F 229 -71.35 -0.08 34.57
C GLY F 229 -72.17 0.25 35.79
N GLY F 230 -71.61 -0.07 36.95
CA GLY F 230 -72.32 0.20 38.18
C GLY F 230 -71.41 0.17 39.39
N VAL F 231 -71.90 0.77 40.46
CA VAL F 231 -71.34 0.56 41.79
C VAL F 231 -72.48 0.44 42.77
N ASN F 232 -72.36 -0.52 43.67
CA ASN F 232 -73.41 -0.82 44.63
C ASN F 232 -73.15 0.07 45.85
N GLU F 233 -74.05 0.98 46.12
CA GLU F 233 -73.97 1.84 47.29
C GLU F 233 -75.17 1.56 48.18
N GLY F 234 -74.89 1.10 49.39
CA GLY F 234 -75.95 0.85 50.36
C GLY F 234 -76.97 -0.13 49.81
N SER F 235 -78.23 0.28 49.87
CA SER F 235 -79.35 -0.53 49.43
C SER F 235 -79.72 -0.27 47.98
N ARG F 236 -78.89 0.44 47.24
CA ARG F 236 -79.15 0.70 45.83
C ARG F 236 -77.86 0.47 45.06
N THR F 237 -77.94 0.51 43.73
CA THR F 237 -76.76 0.46 42.88
C THR F 237 -76.87 1.49 41.79
N ALA F 238 -75.92 2.42 41.76
CA ALA F 238 -75.91 3.52 40.81
C ALA F 238 -75.23 3.11 39.52
N LEU F 239 -75.82 3.50 38.40
CA LEU F 239 -75.40 3.06 37.09
C LEU F 239 -74.52 4.11 36.42
N SER F 240 -73.35 3.68 35.98
CA SER F 240 -72.48 4.49 35.12
C SER F 240 -72.96 4.37 33.68
N VAL F 241 -73.41 5.47 33.10
CA VAL F 241 -74.17 5.47 31.86
C VAL F 241 -73.56 6.47 30.89
N VAL F 242 -74.15 6.56 29.70
CA VAL F 242 -73.84 7.59 28.72
C VAL F 242 -75.14 8.31 28.40
N THR F 243 -75.18 9.58 28.69
CA THR F 243 -76.40 10.37 28.63
C THR F 243 -76.16 11.56 27.76
N TRP F 244 -77.11 12.47 27.71
CA TRP F 244 -76.93 13.73 27.01
C TRP F 244 -77.36 14.82 27.95
N ASN F 245 -76.55 15.86 28.07
CA ASN F 245 -76.73 16.84 29.13
C ASN F 245 -77.86 17.79 28.75
N GLN F 246 -78.06 18.83 29.55
CA GLN F 246 -79.17 19.74 29.28
C GLN F 246 -79.04 20.36 27.91
N LYS F 247 -77.84 20.75 27.52
CA LYS F 247 -77.60 21.18 26.15
C LYS F 247 -77.75 20.05 25.17
N GLY F 248 -77.60 18.82 25.61
CA GLY F 248 -77.81 17.67 24.77
C GLY F 248 -76.59 17.07 24.11
N VAL F 249 -75.40 17.51 24.44
CA VAL F 249 -74.23 16.81 23.96
C VAL F 249 -74.02 15.55 24.79
N THR F 250 -73.50 14.50 24.16
CA THR F 250 -73.21 13.26 24.84
C THR F 250 -72.20 13.44 25.96
N VAL F 251 -72.44 12.77 27.07
CA VAL F 251 -71.58 12.86 28.25
C VAL F 251 -71.64 11.54 29.00
N LYS F 252 -70.48 11.00 29.33
CA LYS F 252 -70.42 9.86 30.23
C LYS F 252 -70.63 10.32 31.65
N ASP F 253 -71.51 9.65 32.36
CA ASP F 253 -71.80 9.90 33.77
C ASP F 253 -71.33 8.70 34.55
N THR F 254 -70.39 8.89 35.46
CA THR F 254 -69.86 7.81 36.29
C THR F 254 -69.86 8.21 37.75
N PRO F 255 -70.71 7.61 38.57
CA PRO F 255 -70.50 7.65 40.00
C PRO F 255 -69.18 7.00 40.37
N GLU F 256 -68.58 7.49 41.44
CA GLU F 256 -67.24 7.07 41.84
C GLU F 256 -67.21 5.58 42.11
N GLY F 257 -66.18 4.91 41.61
CA GLY F 257 -66.05 3.49 41.82
C GLY F 257 -66.89 2.60 40.95
N SER F 258 -67.48 3.13 39.88
CA SER F 258 -68.22 2.28 38.96
C SER F 258 -67.30 1.25 38.32
N GLU F 259 -67.80 0.03 38.24
CA GLU F 259 -67.06 -1.10 37.71
C GLU F 259 -67.70 -1.49 36.39
N PRO F 260 -66.93 -1.68 35.32
CA PRO F 260 -67.55 -1.97 34.04
C PRO F 260 -68.27 -3.30 34.06
N TRP F 261 -69.33 -3.39 33.27
CA TRP F 261 -70.13 -4.59 33.20
C TRP F 261 -69.94 -5.29 31.86
N TYR G 1 14.60 -69.35 -2.92
CA TYR G 1 13.24 -69.39 -2.33
C TYR G 1 12.48 -68.12 -2.66
N GLU G 2 11.32 -68.30 -3.25
CA GLU G 2 10.63 -67.20 -3.90
C GLU G 2 9.81 -66.43 -2.88
N HIS G 3 9.94 -65.10 -2.89
CA HIS G 3 9.19 -64.23 -2.03
C HIS G 3 8.53 -63.15 -2.87
N THR G 4 7.23 -63.03 -2.76
CA THR G 4 6.43 -62.08 -3.51
C THR G 4 5.96 -60.95 -2.61
N ALA G 5 5.85 -59.76 -3.19
CA ALA G 5 5.45 -58.59 -2.42
C ALA G 5 5.02 -57.51 -3.37
N VAL G 6 4.60 -56.39 -2.82
CA VAL G 6 4.31 -55.18 -3.59
C VAL G 6 4.85 -54.00 -2.83
N MET G 7 5.60 -53.13 -3.50
CA MET G 7 6.22 -52.00 -2.82
C MET G 7 5.88 -50.71 -3.54
N PRO G 8 5.69 -49.60 -2.81
CA PRO G 8 5.32 -48.36 -3.48
C PRO G 8 6.41 -47.91 -4.42
N ASN G 9 6.01 -47.37 -5.56
CA ASN G 9 6.95 -46.85 -6.55
C ASN G 9 7.44 -45.46 -6.19
N LYS G 10 8.02 -45.29 -5.02
CA LYS G 10 8.76 -44.07 -4.71
C LYS G 10 10.23 -44.41 -4.54
N VAL G 11 11.09 -43.57 -5.11
CA VAL G 11 12.42 -44.03 -5.47
C VAL G 11 13.29 -44.20 -4.25
N GLY G 12 13.50 -43.13 -3.49
CA GLY G 12 14.42 -43.19 -2.38
C GLY G 12 14.20 -44.24 -1.31
N ILE G 13 13.08 -44.15 -0.61
CA ILE G 13 12.78 -44.98 0.57
C ILE G 13 12.95 -46.48 0.30
N PRO G 14 13.74 -47.23 1.07
CA PRO G 14 13.80 -48.65 0.83
C PRO G 14 12.49 -49.32 1.22
N TYR G 15 12.32 -50.53 0.71
CA TYR G 15 11.23 -51.41 1.08
C TYR G 15 11.87 -52.58 1.80
N LYS G 16 11.58 -52.68 3.08
CA LYS G 16 12.17 -53.68 3.94
C LYS G 16 11.16 -54.79 4.19
N ALA G 17 11.65 -56.02 4.30
CA ALA G 17 10.77 -57.12 4.61
C ALA G 17 11.61 -58.25 5.16
N LEU G 18 10.92 -59.22 5.73
CA LEU G 18 11.52 -60.47 6.19
C LEU G 18 10.96 -61.59 5.35
N VAL G 19 11.83 -62.49 4.93
CA VAL G 19 11.44 -63.68 4.22
C VAL G 19 11.46 -64.80 5.22
N GLU G 20 10.37 -65.54 5.31
CA GLU G 20 10.21 -66.64 6.21
C GLU G 20 10.12 -67.91 5.39
N ARG G 21 11.25 -68.56 5.23
CA ARG G 21 11.26 -69.89 4.67
C ARG G 21 10.91 -70.84 5.79
N PRO G 22 9.85 -71.63 5.69
CA PRO G 22 9.47 -72.45 6.85
C PRO G 22 10.54 -73.44 7.22
N GLY G 23 10.96 -73.37 8.47
CA GLY G 23 12.03 -74.17 8.99
C GLY G 23 13.35 -73.45 9.07
N TYR G 24 13.44 -72.22 8.58
CA TYR G 24 14.68 -71.46 8.58
C TYR G 24 14.45 -70.12 9.26
N ALA G 25 15.52 -69.58 9.82
CA ALA G 25 15.42 -68.30 10.48
C ALA G 25 15.14 -67.22 9.45
N PRO G 26 14.30 -66.24 9.78
CA PRO G 26 13.94 -65.23 8.78
C PRO G 26 15.15 -64.47 8.27
N VAL G 27 15.11 -64.10 7.00
CA VAL G 27 16.19 -63.35 6.37
C VAL G 27 15.65 -61.99 5.97
N HIS G 28 16.35 -60.96 6.37
CA HIS G 28 15.95 -59.59 6.13
C HIS G 28 16.42 -59.16 4.77
N LEU G 29 15.51 -58.63 3.96
CA LEU G 29 15.89 -58.10 2.66
C LEU G 29 15.29 -56.73 2.50
N GLN G 30 16.05 -55.85 1.86
CA GLN G 30 15.49 -54.58 1.44
C GLN G 30 15.83 -54.34 0.00
N ILE G 31 14.81 -53.94 -0.75
CA ILE G 31 14.91 -53.51 -2.13
C ILE G 31 14.78 -52.01 -2.14
N GLN G 32 15.69 -51.33 -2.81
CA GLN G 32 15.58 -49.89 -2.97
C GLN G 32 15.79 -49.54 -4.42
N LEU G 33 15.01 -48.61 -4.93
CA LEU G 33 15.10 -48.18 -6.31
C LEU G 33 15.92 -46.90 -6.37
N VAL G 34 16.75 -46.76 -7.40
CA VAL G 34 17.50 -45.53 -7.59
C VAL G 34 17.22 -44.86 -8.93
N ASN G 35 16.66 -45.57 -9.89
CA ASN G 35 16.13 -45.02 -11.12
C ASN G 35 14.80 -45.68 -11.38
N THR G 36 13.88 -44.93 -11.95
CA THR G 36 12.64 -45.50 -12.46
C THR G 36 12.35 -44.77 -13.76
N ARG G 37 12.77 -45.38 -14.85
CA ARG G 37 12.81 -44.75 -16.16
C ARG G 37 11.67 -45.29 -17.01
N ILE G 38 10.78 -44.41 -17.43
CA ILE G 38 9.79 -44.71 -18.44
C ILE G 38 10.38 -44.25 -19.75
N ILE G 39 10.61 -45.18 -20.67
CA ILE G 39 11.36 -44.91 -21.88
C ILE G 39 10.42 -45.12 -23.05
N PRO G 40 9.82 -44.06 -23.57
CA PRO G 40 8.90 -44.23 -24.69
C PRO G 40 9.61 -44.59 -25.97
N SER G 41 8.87 -45.26 -26.85
CA SER G 41 9.27 -45.43 -28.24
C SER G 41 8.78 -44.24 -29.03
N THR G 42 9.71 -43.53 -29.65
CA THR G 42 9.45 -42.33 -30.41
C THR G 42 9.99 -42.49 -31.82
N ASN G 43 9.30 -41.90 -32.80
CA ASN G 43 9.81 -41.82 -34.16
C ASN G 43 9.80 -40.37 -34.62
N LEU G 44 10.91 -39.93 -35.20
CA LEU G 44 11.03 -38.56 -35.63
C LEU G 44 10.05 -38.28 -36.74
N GLU G 45 9.36 -37.15 -36.64
CA GLU G 45 8.46 -36.66 -37.66
C GLU G 45 9.13 -35.62 -38.55
N TYR G 46 9.69 -34.58 -37.96
CA TYR G 46 10.43 -33.60 -38.72
C TYR G 46 11.25 -32.74 -37.79
N ILE G 47 12.30 -32.15 -38.32
CA ILE G 47 13.16 -31.24 -37.59
C ILE G 47 12.94 -29.86 -38.15
N THR G 48 12.91 -28.88 -37.26
CA THR G 48 12.74 -27.49 -37.64
C THR G 48 13.84 -26.62 -37.06
N CYS G 49 14.13 -25.54 -37.76
CA CYS G 49 15.18 -24.62 -37.36
C CYS G 49 14.95 -23.30 -38.08
N LYS G 50 15.75 -22.32 -37.70
CA LYS G 50 15.73 -21.04 -38.39
C LYS G 50 16.17 -21.25 -39.83
N TYR G 51 15.59 -20.48 -40.72
CA TYR G 51 15.86 -20.64 -42.13
C TYR G 51 16.96 -19.68 -42.54
N LYS G 52 17.40 -19.78 -43.78
CA LYS G 52 18.27 -18.78 -44.37
C LYS G 52 17.82 -18.66 -45.81
N THR G 53 17.59 -17.43 -46.23
CA THR G 53 16.94 -17.20 -47.50
C THR G 53 18.02 -16.83 -48.48
N LYS G 54 18.52 -17.81 -49.20
CA LYS G 54 19.63 -17.52 -50.08
C LYS G 54 19.10 -16.86 -51.34
N VAL G 55 19.86 -15.87 -51.81
CA VAL G 55 19.49 -15.08 -52.97
C VAL G 55 20.56 -15.28 -54.03
N PRO G 56 20.30 -16.07 -55.05
CA PRO G 56 21.25 -16.19 -56.14
C PRO G 56 21.42 -14.87 -56.85
N SER G 57 22.61 -14.68 -57.40
CA SER G 57 22.91 -13.45 -58.09
C SER G 57 21.94 -13.25 -59.24
N PRO G 58 21.27 -12.11 -59.34
CA PRO G 58 20.32 -11.92 -60.43
C PRO G 58 21.05 -11.82 -61.76
N VAL G 59 20.27 -11.91 -62.82
CA VAL G 59 20.76 -11.70 -64.17
C VAL G 59 20.21 -10.36 -64.60
N VAL G 60 20.92 -9.68 -65.47
CA VAL G 60 20.43 -8.45 -66.06
C VAL G 60 20.59 -8.64 -67.56
N LYS G 61 19.51 -9.02 -68.24
CA LYS G 61 19.47 -9.05 -69.68
C LYS G 61 19.35 -7.61 -70.09
N CYS G 62 20.46 -7.05 -70.54
CA CYS G 62 20.54 -5.60 -70.67
C CYS G 62 19.43 -5.03 -71.55
N CYS G 63 19.28 -5.55 -72.75
CA CYS G 63 18.24 -5.07 -73.65
C CYS G 63 17.52 -6.30 -74.16
N GLY G 64 16.20 -6.22 -74.15
CA GLY G 64 15.34 -7.38 -74.19
C GLY G 64 14.87 -7.72 -72.79
N ALA G 65 14.22 -8.87 -72.70
CA ALA G 65 13.68 -9.36 -71.45
C ALA G 65 13.88 -10.86 -71.37
N THR G 66 14.21 -11.35 -70.18
CA THR G 66 14.19 -12.77 -69.89
C THR G 66 12.98 -13.07 -69.03
N GLN G 67 12.28 -14.16 -69.32
CA GLN G 67 11.24 -14.66 -68.44
C GLN G 67 11.84 -15.76 -67.58
N CYS G 68 11.18 -16.07 -66.47
CA CYS G 68 11.72 -17.04 -65.53
C CYS G 68 10.87 -18.28 -65.38
N THR G 69 11.53 -19.32 -64.90
CA THR G 69 11.03 -20.68 -64.87
C THR G 69 11.08 -21.21 -63.46
N SER G 70 9.93 -21.57 -62.90
CA SER G 70 9.91 -22.09 -61.55
C SER G 70 10.73 -23.36 -61.45
N LYS G 71 11.49 -23.48 -60.36
CA LYS G 71 12.48 -24.53 -60.16
C LYS G 71 12.20 -25.26 -58.86
N PRO G 72 12.56 -26.53 -58.78
CA PRO G 72 12.18 -27.31 -57.60
C PRO G 72 12.99 -26.94 -56.38
N HIS G 73 12.72 -25.79 -55.79
CA HIS G 73 13.42 -25.28 -54.63
C HIS G 73 12.41 -24.88 -53.57
N PRO G 74 12.72 -25.02 -52.30
CA PRO G 74 11.74 -24.71 -51.26
C PRO G 74 11.36 -23.24 -51.23
N ASP G 75 10.08 -22.99 -51.50
CA ASP G 75 9.49 -21.65 -51.45
C ASP G 75 10.26 -20.73 -52.39
N TYR G 76 10.44 -21.21 -53.60
CA TYR G 76 11.15 -20.45 -54.61
C TYR G 76 10.29 -19.28 -55.04
N GLN G 77 10.95 -18.18 -55.36
CA GLN G 77 10.28 -16.99 -55.87
C GLN G 77 11.14 -16.41 -56.96
N CYS G 78 10.49 -15.99 -58.03
CA CYS G 78 11.14 -15.28 -59.12
C CYS G 78 10.24 -14.15 -59.60
N GLN G 79 10.85 -13.06 -60.03
CA GLN G 79 10.05 -11.96 -60.56
C GLN G 79 10.93 -11.11 -61.44
N VAL G 80 10.57 -11.01 -62.70
CA VAL G 80 11.31 -10.21 -63.65
C VAL G 80 10.80 -8.79 -63.54
N PHE G 81 11.71 -7.86 -63.35
CA PHE G 81 11.38 -6.45 -63.27
C PHE G 81 11.75 -5.78 -64.58
N SER G 82 11.16 -4.62 -64.83
CA SER G 82 11.29 -3.92 -66.10
C SER G 82 11.88 -2.54 -65.90
N GLY G 83 12.71 -2.13 -66.84
CA GLY G 83 13.34 -0.82 -66.82
C GLY G 83 14.17 -0.56 -65.59
N VAL G 84 15.02 -1.52 -65.24
CA VAL G 84 15.83 -1.37 -64.04
C VAL G 84 16.82 -0.22 -64.19
N TYR G 85 17.69 -0.31 -65.17
CA TYR G 85 18.80 0.62 -65.36
C TYR G 85 19.78 0.63 -64.19
N PRO G 86 20.41 -0.50 -63.86
CA PRO G 86 21.32 -0.52 -62.73
C PRO G 86 22.52 0.38 -62.93
N PHE G 87 23.18 0.71 -61.82
CA PHE G 87 24.43 1.44 -61.86
C PHE G 87 25.38 0.64 -60.99
N MET G 88 26.59 0.40 -61.48
CA MET G 88 27.61 -0.30 -60.72
C MET G 88 28.75 0.65 -60.41
N TRP G 89 29.79 0.12 -59.76
CA TRP G 89 30.97 0.93 -59.48
C TRP G 89 31.61 1.52 -60.72
N GLY G 90 31.40 0.91 -61.88
CA GLY G 90 32.12 1.34 -63.05
C GLY G 90 31.32 2.32 -63.85
N GLY G 91 30.07 2.00 -64.08
CA GLY G 91 29.26 2.82 -64.94
C GLY G 91 27.81 2.54 -64.75
N ALA G 92 27.07 2.87 -65.78
CA ALA G 92 25.70 2.42 -65.92
C ALA G 92 25.79 1.10 -66.65
N TYR G 93 25.28 0.05 -66.01
CA TYR G 93 25.69 -1.28 -66.37
C TYR G 93 25.25 -1.68 -67.76
N CYS G 94 24.24 -1.04 -68.34
CA CYS G 94 24.11 -1.19 -69.78
C CYS G 94 23.22 -0.09 -70.34
N PHE G 95 23.20 0.00 -71.67
CA PHE G 95 22.86 1.24 -72.37
C PHE G 95 21.38 1.59 -72.30
N CYS G 96 20.50 0.70 -72.78
CA CYS G 96 19.18 1.15 -73.20
C CYS G 96 18.31 1.46 -71.98
N ASP G 97 18.04 2.75 -71.75
CA ASP G 97 17.40 3.24 -70.52
C ASP G 97 16.21 2.42 -70.01
N THR G 98 15.25 2.09 -70.87
CA THR G 98 13.98 1.55 -70.44
C THR G 98 13.85 0.04 -70.54
N GLU G 99 14.69 -0.64 -71.31
CA GLU G 99 14.44 -2.02 -71.73
C GLU G 99 15.31 -3.05 -71.00
N ASN G 100 15.59 -2.82 -69.72
CA ASN G 100 16.54 -3.59 -68.92
C ASN G 100 15.81 -4.33 -67.81
N THR G 101 15.88 -5.65 -67.79
CA THR G 101 15.21 -6.43 -66.77
C THR G 101 16.19 -7.02 -65.77
N GLN G 102 15.63 -7.61 -64.71
CA GLN G 102 16.40 -8.21 -63.62
C GLN G 102 15.67 -9.44 -63.09
N MET G 103 16.41 -10.55 -62.95
CA MET G 103 15.81 -11.82 -62.55
C MET G 103 15.27 -11.79 -61.13
N SER G 104 16.14 -11.52 -60.16
CA SER G 104 15.72 -11.39 -58.77
C SER G 104 15.02 -12.64 -58.23
N GLU G 105 15.74 -13.76 -58.20
CA GLU G 105 15.20 -14.99 -57.63
C GLU G 105 15.78 -15.23 -56.25
N ALA G 106 14.94 -15.69 -55.32
CA ALA G 106 15.32 -16.00 -53.96
C ALA G 106 14.68 -17.30 -53.55
N TYR G 107 15.39 -18.13 -52.80
CA TYR G 107 14.83 -19.39 -52.35
C TYR G 107 15.40 -19.75 -51.00
N VAL G 108 14.57 -20.31 -50.13
CA VAL G 108 14.93 -20.46 -48.73
C VAL G 108 15.38 -21.88 -48.46
N GLU G 109 16.35 -22.01 -47.57
CA GLU G 109 16.94 -23.29 -47.23
C GLU G 109 17.23 -23.34 -45.75
N ARG G 110 17.78 -24.46 -45.32
CA ARG G 110 18.15 -24.66 -43.93
C ARG G 110 19.33 -23.78 -43.53
N SER G 111 19.24 -23.20 -42.35
CA SER G 111 20.35 -22.42 -41.84
C SER G 111 21.45 -23.36 -41.37
N GLU G 112 22.66 -22.82 -41.29
CA GLU G 112 23.77 -23.65 -40.88
C GLU G 112 23.66 -24.06 -39.43
N GLU G 113 22.96 -23.25 -38.64
CA GLU G 113 22.76 -23.56 -37.24
C GLU G 113 21.79 -24.70 -37.05
N CYS G 114 21.09 -25.11 -38.10
CA CYS G 114 20.25 -26.29 -37.99
C CYS G 114 21.07 -27.49 -37.58
N SER G 115 22.34 -27.57 -37.97
CA SER G 115 23.06 -28.76 -37.57
C SER G 115 23.30 -28.82 -36.07
N ILE G 116 23.23 -27.69 -35.37
CA ILE G 116 23.54 -27.62 -33.96
C ILE G 116 22.30 -27.48 -33.10
N ASP G 117 21.42 -26.52 -33.42
CA ASP G 117 20.18 -26.34 -32.67
C ASP G 117 19.01 -26.48 -33.62
N HIS G 118 18.07 -27.33 -33.22
CA HIS G 118 16.93 -27.65 -34.05
C HIS G 118 15.90 -28.36 -33.20
N ALA G 119 14.65 -27.92 -33.26
CA ALA G 119 13.60 -28.61 -32.53
C ALA G 119 13.21 -29.86 -33.27
N LYS G 120 13.14 -30.98 -32.57
CA LYS G 120 12.76 -32.24 -33.17
C LYS G 120 11.36 -32.61 -32.74
N ALA G 121 10.50 -32.92 -33.70
CA ALA G 121 9.14 -33.34 -33.44
C ALA G 121 9.06 -34.85 -33.42
N TYR G 122 8.44 -35.40 -32.40
CA TYR G 122 8.36 -36.83 -32.17
C TYR G 122 6.92 -37.22 -31.94
N LYS G 123 6.53 -38.38 -32.42
CA LYS G 123 5.30 -39.00 -31.99
C LYS G 123 5.66 -40.05 -30.96
N VAL G 124 5.10 -39.94 -29.76
CA VAL G 124 5.51 -40.73 -28.61
C VAL G 124 4.51 -41.84 -28.36
N HIS G 125 5.00 -43.07 -28.24
CA HIS G 125 4.20 -44.25 -27.95
C HIS G 125 4.54 -44.79 -26.55
N THR G 126 3.90 -45.91 -26.20
CA THR G 126 3.99 -46.43 -24.83
C THR G 126 5.40 -46.82 -24.45
N GLY G 127 6.08 -47.59 -25.29
CA GLY G 127 7.45 -47.90 -24.90
C GLY G 127 7.54 -48.83 -23.70
N THR G 128 8.70 -48.79 -23.06
CA THR G 128 9.06 -49.71 -22.00
C THR G 128 9.49 -48.93 -20.77
N VAL G 129 9.51 -49.63 -19.63
CA VAL G 129 9.85 -49.07 -18.33
C VAL G 129 10.90 -49.93 -17.69
N GLN G 130 11.99 -49.32 -17.23
CA GLN G 130 13.06 -50.05 -16.56
C GLN G 130 13.59 -49.24 -15.40
N ALA G 131 14.27 -49.93 -14.50
CA ALA G 131 14.77 -49.31 -13.28
C ALA G 131 16.15 -49.85 -12.94
N MET G 132 16.83 -49.11 -12.09
CA MET G 132 18.02 -49.54 -11.37
C MET G 132 17.60 -49.85 -9.94
N VAL G 133 17.90 -51.05 -9.47
CA VAL G 133 17.52 -51.45 -8.13
C VAL G 133 18.78 -51.87 -7.42
N ASN G 134 18.77 -51.77 -6.10
CA ASN G 134 19.85 -52.30 -5.28
C ASN G 134 19.22 -53.09 -4.15
N ILE G 135 19.79 -54.25 -3.93
CA ILE G 135 19.22 -55.29 -3.08
C ILE G 135 20.24 -55.62 -2.03
N THR G 136 19.80 -55.77 -0.80
CA THR G 136 20.64 -56.41 0.19
C THR G 136 19.80 -57.35 1.01
N TYR G 137 20.29 -58.56 1.21
CA TYR G 137 19.58 -59.58 1.93
C TYR G 137 20.56 -60.31 2.82
N GLY G 138 20.16 -60.54 4.07
CA GLY G 138 21.00 -61.25 5.00
C GLY G 138 22.34 -60.57 5.16
N SER G 139 23.39 -61.37 5.07
CA SER G 139 24.75 -60.85 5.16
C SER G 139 25.27 -60.31 3.85
N VAL G 140 24.59 -60.56 2.73
CA VAL G 140 25.12 -60.12 1.44
C VAL G 140 25.04 -58.61 1.33
N SER G 141 26.13 -58.00 0.90
CA SER G 141 26.19 -56.55 0.83
C SER G 141 25.33 -56.06 -0.32
N TRP G 142 25.31 -54.76 -0.51
CA TRP G 142 24.45 -54.18 -1.51
C TRP G 142 24.94 -54.56 -2.89
N ARG G 143 24.04 -55.05 -3.73
CA ARG G 143 24.33 -55.34 -5.12
C ARG G 143 23.24 -54.71 -5.97
N SER G 144 23.64 -53.98 -6.99
CA SER G 144 22.73 -53.22 -7.83
C SER G 144 22.73 -53.72 -9.26
N ALA G 145 21.58 -53.60 -9.92
CA ALA G 145 21.54 -53.92 -11.33
C ALA G 145 20.33 -53.28 -11.98
N ASP G 146 20.37 -53.21 -13.31
CA ASP G 146 19.22 -52.77 -14.09
C ASP G 146 18.22 -53.90 -14.24
N VAL G 147 16.97 -53.52 -14.29
CA VAL G 147 15.86 -54.45 -14.43
C VAL G 147 14.87 -53.83 -15.38
N TYR G 148 14.16 -54.66 -16.12
CA TYR G 148 13.05 -54.23 -16.92
C TYR G 148 11.79 -54.44 -16.11
N VAL G 149 10.96 -53.41 -16.02
CA VAL G 149 9.80 -53.46 -15.16
C VAL G 149 8.68 -54.04 -16.04
N ASN G 150 8.63 -55.35 -16.06
CA ASN G 150 7.63 -56.18 -16.70
C ASN G 150 7.82 -57.57 -16.13
N GLY G 151 6.75 -58.30 -16.01
CA GLY G 151 6.78 -59.52 -15.23
C GLY G 151 7.37 -60.71 -15.95
N GLU G 152 8.30 -60.51 -16.89
CA GLU G 152 8.82 -61.60 -17.70
C GLU G 152 10.33 -61.51 -17.85
N THR G 153 11.00 -60.58 -17.19
CA THR G 153 12.40 -60.28 -17.46
C THR G 153 13.15 -60.51 -16.16
N PRO G 154 13.57 -61.72 -15.87
CA PRO G 154 14.34 -61.93 -14.66
C PRO G 154 15.66 -61.24 -14.77
N ALA G 155 16.11 -60.70 -13.65
CA ALA G 155 17.39 -60.01 -13.56
C ALA G 155 18.17 -60.68 -12.45
N LYS G 156 19.29 -61.28 -12.80
CA LYS G 156 20.17 -61.89 -11.82
C LYS G 156 20.87 -60.75 -11.12
N ILE G 157 20.42 -60.43 -9.92
CA ILE G 157 21.02 -59.36 -9.14
C ILE G 157 21.83 -60.06 -8.07
N GLY G 158 23.11 -59.81 -8.05
CA GLY G 158 23.98 -60.58 -7.20
C GLY G 158 23.84 -62.03 -7.58
N ASP G 159 23.51 -62.86 -6.60
CA ASP G 159 23.16 -64.25 -6.82
C ASP G 159 21.64 -64.42 -6.84
N ALA G 160 20.89 -63.53 -6.22
CA ALA G 160 19.44 -63.68 -6.23
C ALA G 160 18.89 -63.40 -7.63
N LYS G 161 17.56 -63.55 -7.76
CA LYS G 161 16.92 -63.48 -9.07
C LYS G 161 15.62 -62.71 -8.94
N LEU G 162 15.54 -61.53 -9.55
CA LEU G 162 14.52 -60.52 -9.30
C LEU G 162 13.61 -60.33 -10.50
N ILE G 163 12.31 -60.25 -10.26
CA ILE G 163 11.33 -60.04 -11.31
C ILE G 163 10.34 -59.01 -10.79
N ILE G 164 10.34 -57.82 -11.38
CA ILE G 164 9.53 -56.70 -10.92
C ILE G 164 8.57 -56.32 -12.02
N GLY G 165 7.59 -55.50 -11.65
CA GLY G 165 6.66 -54.97 -12.61
C GLY G 165 5.49 -55.89 -12.85
N PRO G 166 4.52 -55.45 -13.64
CA PRO G 166 4.42 -54.19 -14.35
C PRO G 166 4.04 -53.08 -13.45
N LEU G 167 4.27 -51.82 -13.80
CA LEU G 167 3.80 -50.74 -12.96
C LEU G 167 2.28 -50.78 -12.84
N SER G 168 1.79 -50.53 -11.64
CA SER G 168 0.34 -50.58 -11.42
C SER G 168 -0.38 -49.53 -12.23
N SER G 169 0.27 -48.42 -12.55
CA SER G 169 -0.33 -47.34 -13.33
C SER G 169 0.42 -47.18 -14.63
N ALA G 170 -0.31 -47.08 -15.73
CA ALA G 170 0.28 -46.95 -17.04
C ALA G 170 0.44 -45.50 -17.45
N TRP G 171 0.41 -44.59 -16.49
CA TRP G 171 0.57 -43.18 -16.79
C TRP G 171 1.98 -42.89 -17.24
N SER G 172 2.12 -41.95 -18.17
CA SER G 172 3.37 -41.49 -18.67
C SER G 172 3.22 -39.99 -18.91
N PRO G 173 4.21 -39.18 -18.55
CA PRO G 173 4.02 -37.72 -18.68
C PRO G 173 3.79 -37.26 -20.09
N PHE G 174 4.38 -37.92 -21.07
CA PHE G 174 4.33 -37.45 -22.45
C PHE G 174 2.96 -37.66 -23.06
N ASP G 175 2.60 -36.77 -23.96
CA ASP G 175 1.41 -36.91 -24.77
C ASP G 175 1.82 -37.56 -26.09
N ASN G 176 0.90 -37.65 -27.04
CA ASN G 176 1.21 -38.35 -28.27
C ASN G 176 2.27 -37.63 -29.07
N LYS G 177 2.35 -36.31 -28.94
CA LYS G 177 3.22 -35.49 -29.75
C LYS G 177 4.10 -34.67 -28.84
N VAL G 178 5.42 -34.77 -29.02
CA VAL G 178 6.38 -34.12 -28.13
C VAL G 178 7.47 -33.50 -28.97
N VAL G 179 7.82 -32.24 -28.67
CA VAL G 179 8.90 -31.54 -29.37
C VAL G 179 10.08 -31.38 -28.41
N VAL G 180 11.24 -31.85 -28.83
CA VAL G 180 12.46 -31.87 -28.04
C VAL G 180 13.38 -30.77 -28.55
N TYR G 181 13.76 -29.86 -27.67
CA TYR G 181 14.69 -28.77 -27.97
C TYR G 181 15.82 -28.77 -26.97
N GLY G 182 17.04 -28.88 -27.43
CA GLY G 182 18.16 -28.88 -26.51
C GLY G 182 18.01 -29.94 -25.46
N HIS G 183 17.81 -29.56 -24.21
CA HIS G 183 17.65 -30.52 -23.11
C HIS G 183 16.25 -30.56 -22.53
N GLU G 184 15.26 -29.91 -23.15
CA GLU G 184 13.91 -29.91 -22.63
C GLU G 184 12.94 -30.44 -23.67
N VAL G 185 11.80 -30.94 -23.18
CA VAL G 185 10.74 -31.43 -24.03
C VAL G 185 9.51 -30.59 -23.76
N TYR G 186 8.63 -30.56 -24.74
CA TYR G 186 7.37 -29.87 -24.63
C TYR G 186 6.29 -30.73 -25.25
N ASN G 187 5.06 -30.49 -24.82
CA ASN G 187 3.92 -31.26 -25.26
C ASN G 187 3.20 -30.61 -26.42
N TYR G 188 3.92 -29.84 -27.23
CA TYR G 188 3.33 -29.10 -28.33
C TYR G 188 2.65 -30.05 -29.28
N ASP G 189 1.43 -29.74 -29.68
CA ASP G 189 0.74 -30.48 -30.73
C ASP G 189 1.22 -29.83 -32.02
N PHE G 190 2.40 -30.24 -32.43
CA PHE G 190 3.05 -29.64 -33.56
C PHE G 190 2.25 -29.90 -34.83
N PRO G 191 2.29 -29.00 -35.80
CA PRO G 191 1.54 -29.26 -37.03
C PRO G 191 2.16 -30.38 -37.83
N GLU G 192 1.34 -30.97 -38.69
CA GLU G 192 1.81 -32.06 -39.52
C GLU G 192 2.85 -31.56 -40.49
N TYR G 193 3.47 -32.48 -41.21
CA TYR G 193 4.66 -32.14 -41.98
C TYR G 193 4.39 -31.08 -43.02
N GLY G 194 3.32 -31.24 -43.79
CA GLY G 194 3.05 -30.30 -44.84
C GLY G 194 2.47 -29.00 -44.35
N THR G 195 1.73 -29.01 -43.25
CA THR G 195 1.10 -27.81 -42.77
C THR G 195 2.12 -27.03 -41.96
N GLY G 196 2.51 -25.89 -42.47
CA GLY G 196 3.28 -24.92 -41.71
C GLY G 196 2.50 -23.63 -41.75
N LYS G 197 2.51 -22.91 -40.65
CA LYS G 197 1.57 -21.83 -40.45
C LYS G 197 2.19 -20.49 -40.77
N ALA G 198 3.17 -20.48 -41.67
CA ALA G 198 3.67 -19.25 -42.23
C ALA G 198 4.47 -18.46 -41.22
N GLY G 199 5.10 -19.16 -40.29
CA GLY G 199 5.95 -18.51 -39.33
C GLY G 199 5.59 -18.63 -37.88
N SER G 200 4.88 -19.68 -37.43
CA SER G 200 4.60 -19.74 -36.01
C SER G 200 5.27 -20.87 -35.23
N PHE G 201 5.15 -22.17 -35.55
CA PHE G 201 6.22 -23.10 -35.25
C PHE G 201 6.82 -23.79 -36.45
N GLY G 202 5.97 -24.33 -37.30
CA GLY G 202 6.42 -25.06 -38.45
C GLY G 202 6.47 -24.09 -39.58
N ASP G 203 7.64 -23.60 -39.89
CA ASP G 203 7.85 -22.87 -41.11
C ASP G 203 9.01 -23.38 -41.91
N LEU G 204 9.95 -24.05 -41.27
CA LEU G 204 11.00 -24.82 -41.88
C LEU G 204 10.87 -26.25 -41.38
N GLN G 205 10.23 -27.11 -42.13
CA GLN G 205 10.01 -28.50 -41.74
C GLN G 205 10.86 -29.39 -42.63
N SER G 206 11.97 -29.86 -42.10
CA SER G 206 12.84 -30.79 -42.80
C SER G 206 12.64 -32.18 -42.20
N ARG G 207 12.43 -33.16 -43.05
CA ARG G 207 12.08 -34.50 -42.57
C ARG G 207 13.18 -35.09 -41.71
N THR G 208 14.44 -34.88 -42.08
CA THR G 208 15.55 -35.21 -41.23
C THR G 208 16.59 -34.12 -41.37
N SER G 209 17.64 -34.20 -40.55
CA SER G 209 18.60 -33.11 -40.51
C SER G 209 19.35 -32.93 -41.81
N THR G 210 19.41 -33.96 -42.66
CA THR G 210 20.11 -33.90 -43.94
C THR G 210 19.22 -34.33 -45.10
N SER G 211 17.91 -34.09 -45.00
CA SER G 211 17.03 -34.37 -46.12
C SER G 211 17.27 -33.36 -47.23
N ASN G 212 17.02 -33.80 -48.46
CA ASN G 212 17.23 -32.93 -49.61
C ASN G 212 16.02 -32.08 -49.93
N ASP G 213 14.83 -32.54 -49.61
CA ASP G 213 13.61 -31.77 -49.80
C ASP G 213 13.13 -31.32 -48.44
N LEU G 214 12.76 -30.06 -48.33
CA LEU G 214 12.28 -29.48 -47.10
C LEU G 214 11.13 -28.54 -47.42
N TYR G 215 10.19 -28.45 -46.49
CA TYR G 215 9.02 -27.63 -46.66
C TYR G 215 9.29 -26.30 -46.01
N ALA G 216 9.03 -25.23 -46.74
CA ALA G 216 9.28 -23.90 -46.25
C ALA G 216 8.10 -23.05 -46.65
N ASN G 217 7.47 -22.44 -45.67
CA ASN G 217 6.38 -21.50 -45.89
C ASN G 217 6.75 -20.27 -45.09
N THR G 218 7.47 -19.37 -45.73
CA THR G 218 7.87 -18.12 -45.11
C THR G 218 7.27 -16.91 -45.77
N ASN G 219 6.37 -17.08 -46.74
CA ASN G 219 5.73 -15.97 -47.42
C ASN G 219 6.76 -15.02 -48.00
N LEU G 220 7.79 -15.59 -48.59
CA LEU G 220 8.82 -14.80 -49.25
C LEU G 220 8.23 -14.12 -50.46
N LYS G 221 8.37 -12.79 -50.50
CA LYS G 221 7.93 -11.98 -51.62
C LYS G 221 9.07 -11.06 -52.00
N LEU G 222 9.36 -10.99 -53.29
CA LEU G 222 10.44 -10.17 -53.77
C LEU G 222 9.92 -8.76 -54.01
N GLN G 223 10.85 -7.83 -54.16
CA GLN G 223 10.49 -6.43 -54.32
C GLN G 223 11.33 -5.82 -55.42
N ARG G 224 10.85 -4.72 -55.95
CA ARG G 224 11.54 -4.03 -57.03
C ARG G 224 12.85 -3.50 -56.51
N PRO G 225 13.99 -3.84 -57.10
CA PRO G 225 15.19 -3.07 -56.79
C PRO G 225 15.00 -1.66 -57.31
N GLN G 226 15.25 -0.69 -56.47
CA GLN G 226 14.90 0.68 -56.79
C GLN G 226 16.16 1.49 -57.02
N ALA G 227 15.97 2.68 -57.58
CA ALA G 227 17.00 3.70 -57.60
C ALA G 227 18.25 3.27 -58.35
N GLY G 228 18.15 2.32 -59.26
CA GLY G 228 19.32 1.99 -60.05
C GLY G 228 20.48 1.41 -59.30
N ILE G 229 20.22 0.71 -58.20
CA ILE G 229 21.23 -0.07 -57.50
C ILE G 229 20.86 -1.52 -57.74
N VAL G 230 21.86 -2.37 -57.83
CA VAL G 230 21.62 -3.78 -58.15
C VAL G 230 21.66 -4.56 -56.84
N HIS G 231 20.54 -5.18 -56.53
CA HIS G 231 20.39 -6.03 -55.36
C HIS G 231 19.10 -6.80 -55.53
N THR G 232 18.85 -7.75 -54.63
CA THR G 232 17.63 -8.54 -54.63
C THR G 232 16.88 -8.28 -53.33
N PRO G 233 16.07 -7.24 -53.26
CA PRO G 233 15.34 -6.99 -52.03
C PRO G 233 14.19 -7.97 -51.89
N PHE G 234 13.94 -8.39 -50.66
CA PHE G 234 12.85 -9.31 -50.37
C PHE G 234 12.35 -9.07 -48.97
N THR G 235 11.06 -9.24 -48.79
CA THR G 235 10.44 -9.18 -47.48
C THR G 235 9.76 -10.51 -47.21
N GLN G 236 9.91 -11.01 -45.99
CA GLN G 236 9.28 -12.28 -45.67
C GLN G 236 9.04 -12.38 -44.18
N VAL G 237 8.17 -13.32 -43.82
CA VAL G 237 7.78 -13.46 -42.42
C VAL G 237 9.00 -13.85 -41.61
N PRO G 238 9.22 -13.28 -40.43
CA PRO G 238 10.33 -13.74 -39.60
C PRO G 238 10.23 -15.21 -39.25
N SER G 239 11.36 -15.74 -38.81
CA SER G 239 11.47 -17.15 -38.49
C SER G 239 10.52 -17.58 -37.41
N GLY G 240 9.77 -18.63 -37.69
CA GLY G 240 8.88 -19.18 -36.70
C GLY G 240 9.60 -19.77 -35.53
N PHE G 241 10.75 -20.36 -35.78
CA PHE G 241 11.49 -21.03 -34.72
C PHE G 241 11.92 -20.03 -33.66
N GLU G 242 12.40 -18.86 -34.06
CA GLU G 242 12.73 -17.82 -33.10
C GLU G 242 11.51 -17.40 -32.30
N ARG G 243 10.38 -17.21 -32.96
CA ARG G 243 9.19 -16.82 -32.23
C ARG G 243 8.82 -17.89 -31.22
N TRP G 244 8.94 -19.15 -31.60
CA TRP G 244 8.62 -20.21 -30.66
C TRP G 244 9.57 -20.18 -29.48
N LYS G 245 10.86 -19.96 -29.73
CA LYS G 245 11.80 -19.85 -28.63
C LYS G 245 11.42 -18.72 -27.70
N LYS G 246 11.02 -17.58 -28.24
CA LYS G 246 10.68 -16.46 -27.38
C LYS G 246 9.44 -16.75 -26.56
N ASP G 247 8.44 -17.39 -27.15
CA ASP G 247 7.14 -17.61 -26.51
C ASP G 247 6.83 -19.07 -26.29
N LYS G 248 7.84 -19.89 -26.08
CA LYS G 248 7.56 -21.26 -25.71
C LYS G 248 7.07 -21.30 -24.28
N GLY G 249 6.25 -22.30 -24.00
CA GLY G 249 5.65 -22.46 -22.70
C GLY G 249 6.65 -23.05 -21.74
N ALA G 250 6.14 -23.49 -20.62
CA ALA G 250 7.01 -24.12 -19.67
C ALA G 250 7.37 -25.51 -20.18
N PRO G 251 8.61 -25.95 -20.01
CA PRO G 251 8.95 -27.31 -20.40
C PRO G 251 8.26 -28.35 -19.55
N LEU G 252 8.18 -29.55 -20.10
CA LEU G 252 7.69 -30.68 -19.32
C LEU G 252 8.61 -30.96 -18.15
N ASN G 253 9.88 -30.59 -18.23
CA ASN G 253 10.77 -30.75 -17.09
C ASN G 253 10.25 -29.99 -15.88
N ASP G 254 9.63 -28.83 -16.11
CA ASP G 254 9.10 -27.96 -15.08
C ASP G 254 7.60 -28.06 -14.88
N VAL G 255 6.90 -28.94 -15.60
CA VAL G 255 5.46 -29.07 -15.47
C VAL G 255 5.02 -30.48 -15.14
N ALA G 256 5.85 -31.48 -15.37
CA ALA G 256 5.42 -32.86 -15.28
C ALA G 256 4.91 -33.18 -13.89
N PRO G 257 3.73 -33.77 -13.75
CA PRO G 257 3.26 -34.11 -12.41
C PRO G 257 4.06 -35.26 -11.87
N PHE G 258 3.88 -35.51 -10.58
CA PHE G 258 4.48 -36.61 -9.84
C PHE G 258 5.98 -36.46 -9.69
N GLY G 259 6.57 -35.38 -10.16
CA GLY G 259 7.97 -35.12 -9.95
C GLY G 259 8.90 -36.12 -10.56
N CYS G 260 8.91 -36.19 -11.89
CA CYS G 260 9.98 -36.82 -12.63
C CYS G 260 10.68 -35.86 -13.55
N SER G 261 12.00 -35.83 -13.43
CA SER G 261 12.80 -35.12 -14.38
C SER G 261 12.75 -35.87 -15.70
N ILE G 262 12.88 -35.12 -16.77
CA ILE G 262 12.95 -35.70 -18.10
C ILE G 262 14.40 -35.61 -18.52
N ALA G 263 14.98 -36.75 -18.88
CA ALA G 263 16.26 -36.74 -19.55
C ALA G 263 15.98 -36.82 -21.03
N LEU G 264 17.03 -36.86 -21.82
CA LEU G 264 16.82 -36.79 -23.26
C LEU G 264 17.45 -37.91 -24.07
N GLU G 265 18.61 -38.43 -23.69
CA GLU G 265 19.32 -39.35 -24.59
C GLU G 265 18.47 -40.53 -25.07
N PRO G 266 17.96 -41.42 -24.22
CA PRO G 266 16.82 -42.26 -24.61
C PRO G 266 15.47 -41.56 -24.63
N LEU G 267 15.36 -40.29 -24.25
CA LEU G 267 14.10 -39.57 -24.09
C LEU G 267 13.20 -40.27 -23.08
N ARG G 268 13.69 -40.32 -21.86
CA ARG G 268 13.09 -41.03 -20.76
C ARG G 268 12.54 -40.06 -19.73
N ALA G 269 11.55 -40.53 -18.98
CA ALA G 269 10.98 -39.81 -17.85
C ALA G 269 11.37 -40.57 -16.59
N GLU G 270 12.07 -39.89 -15.70
CA GLU G 270 12.84 -40.50 -14.64
C GLU G 270 12.24 -40.24 -13.27
N ASN G 271 11.99 -41.29 -12.52
CA ASN G 271 11.69 -41.19 -11.10
C ASN G 271 10.49 -40.31 -10.77
N CYS G 272 9.31 -40.69 -11.25
CA CYS G 272 8.08 -40.14 -10.72
C CYS G 272 7.22 -41.23 -10.12
N ALA G 273 6.77 -40.96 -8.90
CA ALA G 273 6.03 -41.89 -8.10
C ALA G 273 4.58 -41.95 -8.56
N VAL G 274 4.15 -43.14 -8.90
CA VAL G 274 2.74 -43.38 -9.12
C VAL G 274 2.55 -44.87 -8.92
N GLY G 275 1.53 -45.25 -8.20
CA GLY G 275 1.24 -46.67 -8.11
C GLY G 275 2.31 -47.43 -7.36
N SER G 276 2.31 -48.74 -7.59
CA SER G 276 3.17 -49.65 -6.87
C SER G 276 3.72 -50.69 -7.84
N ILE G 277 4.83 -51.30 -7.44
CA ILE G 277 5.53 -52.28 -8.25
C ILE G 277 5.45 -53.63 -7.53
N PRO G 278 4.88 -54.66 -8.13
CA PRO G 278 5.07 -56.00 -7.59
C PRO G 278 6.49 -56.50 -7.75
N ILE G 279 6.93 -57.29 -6.78
CA ILE G 279 8.28 -57.83 -6.69
C ILE G 279 8.17 -59.31 -6.46
N SER G 280 9.03 -60.07 -7.12
CA SER G 280 9.21 -61.48 -6.85
C SER G 280 10.70 -61.75 -6.88
N ILE G 281 11.29 -62.05 -5.73
CA ILE G 281 12.72 -62.26 -5.62
C ILE G 281 12.98 -63.67 -5.12
N ASP G 282 13.87 -64.37 -5.81
CA ASP G 282 14.32 -65.70 -5.39
C ASP G 282 15.65 -65.49 -4.70
N ILE G 283 15.62 -65.55 -3.37
CA ILE G 283 16.82 -65.51 -2.53
C ILE G 283 17.55 -66.85 -2.63
N PRO G 284 18.87 -66.88 -2.75
CA PRO G 284 19.55 -68.18 -2.87
C PRO G 284 19.32 -69.04 -1.64
N ASP G 285 19.27 -70.35 -1.87
CA ASP G 285 18.99 -71.27 -0.78
C ASP G 285 20.07 -71.22 0.28
N ALA G 286 21.33 -71.13 -0.12
CA ALA G 286 22.42 -71.13 0.86
C ALA G 286 22.39 -69.92 1.78
N ALA G 287 21.67 -68.87 1.42
CA ALA G 287 21.61 -67.67 2.24
C ALA G 287 20.71 -67.82 3.45
N PHE G 288 20.00 -68.94 3.58
CA PHE G 288 19.14 -69.21 4.71
C PHE G 288 19.87 -70.12 5.69
N THR G 289 19.65 -69.88 6.98
CA THR G 289 20.26 -70.71 8.01
C THR G 289 19.17 -71.46 8.76
N ARG G 290 19.56 -72.58 9.34
CA ARG G 290 18.61 -73.48 9.97
C ARG G 290 18.03 -72.80 11.21
N ILE G 291 16.76 -73.10 11.49
CA ILE G 291 16.11 -72.47 12.63
C ILE G 291 16.75 -72.87 13.95
N SER G 292 17.34 -74.05 14.02
CA SER G 292 17.94 -74.52 15.26
C SER G 292 19.29 -73.88 15.57
N GLU G 293 19.88 -73.12 14.65
CA GLU G 293 21.14 -72.44 14.92
C GLU G 293 20.96 -70.98 15.28
N THR G 294 19.75 -70.44 15.23
CA THR G 294 19.60 -69.02 15.45
C THR G 294 19.18 -68.75 16.89
N PRO G 295 19.61 -67.64 17.50
CA PRO G 295 19.30 -67.42 18.92
C PRO G 295 17.80 -67.26 19.16
N THR G 296 17.23 -68.16 19.95
CA THR G 296 15.86 -67.97 20.37
C THR G 296 15.77 -66.78 21.31
N VAL G 297 14.72 -66.00 21.17
CA VAL G 297 14.51 -64.77 21.92
C VAL G 297 13.19 -64.86 22.65
N SER G 298 13.20 -64.58 23.95
CA SER G 298 11.99 -64.63 24.75
C SER G 298 11.98 -63.48 25.74
N ASP G 299 10.86 -63.33 26.44
CA ASP G 299 10.72 -62.40 27.54
C ASP G 299 11.03 -60.97 27.08
N LEU G 300 10.22 -60.50 26.13
CA LEU G 300 10.47 -59.26 25.43
C LEU G 300 9.49 -58.19 25.86
N GLU G 301 10.00 -57.03 26.26
CA GLU G 301 9.18 -55.91 26.71
C GLU G 301 9.70 -54.65 26.07
N CYS G 302 8.87 -54.02 25.24
CA CYS G 302 9.22 -52.82 24.48
C CYS G 302 8.60 -51.58 25.10
N LYS G 303 9.42 -50.56 25.35
CA LYS G 303 8.93 -49.26 25.78
C LYS G 303 9.54 -48.19 24.89
N ILE G 304 8.72 -47.23 24.49
CA ILE G 304 9.14 -46.16 23.59
C ILE G 304 9.69 -45.04 24.46
N THR G 305 10.99 -44.79 24.37
CA THR G 305 11.56 -43.69 25.13
C THR G 305 11.02 -42.36 24.64
N GLU G 306 11.14 -42.08 23.35
CA GLU G 306 10.69 -40.78 22.88
C GLU G 306 10.39 -40.85 21.40
N CYS G 307 9.23 -40.37 20.99
CA CYS G 307 8.86 -40.44 19.59
C CYS G 307 8.10 -39.19 19.18
N THR G 308 8.50 -38.64 18.05
CA THR G 308 7.82 -37.56 17.38
C THR G 308 7.50 -38.00 15.97
N TYR G 309 6.30 -37.70 15.51
CA TYR G 309 5.92 -38.10 14.16
C TYR G 309 6.54 -37.12 13.21
N ALA G 310 7.72 -37.48 12.69
CA ALA G 310 8.43 -36.63 11.76
C ALA G 310 8.82 -37.45 10.57
N PHE G 311 9.23 -36.76 9.53
CA PHE G 311 9.61 -37.46 8.31
C PHE G 311 10.81 -38.35 8.55
N ASP G 312 11.80 -37.85 9.28
CA ASP G 312 12.97 -38.67 9.56
C ASP G 312 12.63 -39.63 10.68
N PHE G 313 13.62 -40.39 11.14
CA PHE G 313 13.39 -41.38 12.16
C PHE G 313 13.32 -40.69 13.51
N GLY G 314 12.15 -40.16 13.80
CA GLY G 314 11.94 -39.39 15.00
C GLY G 314 11.35 -40.20 16.10
N GLY G 315 11.79 -41.44 16.24
CA GLY G 315 11.39 -42.26 17.35
C GLY G 315 12.52 -43.12 17.81
N ILE G 316 12.72 -43.18 19.12
CA ILE G 316 13.70 -44.05 19.74
C ILE G 316 12.95 -44.91 20.74
N ALA G 317 13.19 -46.22 20.67
CA ALA G 317 12.61 -47.17 21.60
C ALA G 317 13.70 -48.13 22.03
N THR G 318 13.51 -48.75 23.18
CA THR G 318 14.42 -49.77 23.67
C THR G 318 13.59 -50.90 24.24
N VAL G 319 14.07 -52.13 24.03
CA VAL G 319 13.29 -53.33 24.33
C VAL G 319 14.06 -54.21 25.30
N ALA G 320 13.42 -54.54 26.42
CA ALA G 320 13.97 -55.51 27.34
C ALA G 320 13.95 -56.88 26.71
N TYR G 321 15.04 -57.61 26.86
CA TYR G 321 15.34 -58.74 26.01
C TYR G 321 16.08 -59.85 26.75
N LYS G 322 15.57 -61.07 26.62
CA LYS G 322 16.23 -62.29 27.09
C LYS G 322 16.50 -63.24 25.94
N SER G 323 17.68 -63.83 25.93
CA SER G 323 18.25 -64.59 24.83
C SER G 323 18.37 -66.07 25.15
N SER G 324 18.88 -66.80 24.17
CA SER G 324 19.46 -68.12 24.36
C SER G 324 20.96 -68.14 24.12
N LYS G 325 21.46 -67.42 23.13
CA LYS G 325 22.90 -67.30 22.94
C LYS G 325 23.19 -66.04 22.15
N ALA G 326 24.44 -65.60 22.23
CA ALA G 326 24.83 -64.40 21.52
C ALA G 326 24.76 -64.66 20.03
N GLY G 327 24.39 -63.64 19.28
CA GLY G 327 24.19 -63.81 17.86
C GLY G 327 23.83 -62.49 17.22
N ASN G 328 23.22 -62.57 16.05
CA ASN G 328 22.78 -61.37 15.35
C ASN G 328 21.60 -61.75 14.48
N CYS G 329 20.41 -61.33 14.88
CA CYS G 329 19.18 -61.63 14.14
C CYS G 329 18.36 -60.38 13.92
N PRO G 330 17.59 -60.33 12.83
CA PRO G 330 17.07 -59.07 12.33
C PRO G 330 15.79 -58.61 13.04
N ILE G 331 15.38 -57.40 12.70
CA ILE G 331 14.18 -56.77 13.25
C ILE G 331 13.31 -56.32 12.09
N HIS G 332 12.01 -56.24 12.32
CA HIS G 332 11.14 -55.70 11.30
C HIS G 332 9.76 -55.47 11.88
N SER G 333 9.09 -54.40 11.43
CA SER G 333 7.71 -54.15 11.81
C SER G 333 6.81 -54.48 10.62
N PRO G 334 6.06 -55.58 10.61
CA PRO G 334 5.24 -55.87 9.44
C PRO G 334 4.23 -54.80 9.11
N SER G 335 3.64 -54.18 10.11
CA SER G 335 2.63 -53.18 9.86
C SER G 335 3.28 -51.95 9.25
N GLY G 336 2.48 -51.20 8.52
CA GLY G 336 2.96 -49.99 7.92
C GLY G 336 2.98 -48.81 8.84
N VAL G 337 2.63 -49.00 10.10
CA VAL G 337 2.62 -47.89 11.04
C VAL G 337 4.01 -47.32 11.22
N ALA G 338 5.02 -48.18 11.39
CA ALA G 338 6.36 -47.74 11.70
C ALA G 338 7.39 -48.34 10.76
N VAL G 339 8.39 -47.54 10.44
CA VAL G 339 9.51 -47.94 9.57
C VAL G 339 10.77 -47.92 10.43
N ILE G 340 11.47 -49.04 10.50
CA ILE G 340 12.59 -49.19 11.42
C ILE G 340 13.88 -48.88 10.69
N LYS G 341 14.65 -47.92 11.19
CA LYS G 341 15.92 -47.60 10.55
C LYS G 341 16.89 -48.76 10.65
N GLU G 342 17.00 -49.35 11.83
CA GLU G 342 17.93 -50.44 12.02
C GLU G 342 17.49 -51.65 11.23
N ASN G 343 18.44 -52.37 10.67
CA ASN G 343 18.18 -53.57 9.89
C ASN G 343 18.24 -54.80 10.78
N ASP G 344 19.37 -55.01 11.43
CA ASP G 344 19.55 -56.09 12.37
C ASP G 344 20.32 -55.55 13.56
N VAL G 345 20.24 -56.27 14.66
CA VAL G 345 20.92 -55.86 15.88
C VAL G 345 21.77 -57.01 16.38
N THR G 346 22.89 -56.67 17.01
CA THR G 346 23.82 -57.64 17.53
C THR G 346 23.42 -57.94 18.96
N LEU G 347 23.08 -59.18 19.21
CA LEU G 347 22.50 -59.56 20.47
C LEU G 347 23.58 -60.02 21.43
N ALA G 348 23.25 -59.93 22.71
CA ALA G 348 24.07 -60.44 23.79
C ALA G 348 23.14 -61.18 24.74
N GLU G 349 23.71 -62.09 25.50
CA GLU G 349 22.91 -62.85 26.45
C GLU G 349 22.23 -61.91 27.46
N SER G 350 20.89 -61.88 27.42
CA SER G 350 20.07 -61.20 28.42
C SER G 350 20.41 -59.72 28.59
N GLY G 351 20.67 -59.05 27.48
CA GLY G 351 20.90 -57.63 27.46
C GLY G 351 19.65 -56.84 27.15
N SER G 352 19.84 -55.71 26.48
CA SER G 352 18.74 -54.91 25.97
C SER G 352 19.30 -53.96 24.93
N PHE G 353 18.43 -53.44 24.07
CA PHE G 353 18.91 -52.74 22.89
C PHE G 353 17.88 -51.74 22.42
N THR G 354 18.36 -50.79 21.61
CA THR G 354 17.56 -49.70 21.13
C THR G 354 17.41 -49.79 19.63
N PHE G 355 16.39 -49.12 19.12
CA PHE G 355 16.27 -48.92 17.69
C PHE G 355 15.54 -47.63 17.42
N HIS G 356 15.75 -47.14 16.22
CA HIS G 356 15.13 -45.93 15.73
C HIS G 356 14.01 -46.30 14.78
N PHE G 357 13.01 -45.44 14.70
CA PHE G 357 11.87 -45.71 13.83
C PHE G 357 11.21 -44.39 13.49
N SER G 358 10.36 -44.45 12.48
CA SER G 358 9.61 -43.30 12.01
C SER G 358 8.17 -43.71 11.88
N THR G 359 7.29 -42.74 12.09
CA THR G 359 5.87 -43.03 12.08
C THR G 359 5.10 -41.76 11.83
N ALA G 360 3.80 -41.91 11.69
CA ALA G 360 2.87 -40.81 11.55
C ALA G 360 1.77 -40.86 12.56
N ASN G 361 1.57 -41.97 13.24
CA ASN G 361 0.45 -42.07 14.13
C ASN G 361 0.80 -41.34 15.41
N ILE G 362 -0.22 -40.75 16.01
CA ILE G 362 -0.05 -40.15 17.32
C ILE G 362 0.30 -41.23 18.31
N HIS G 363 -0.35 -42.39 18.19
CA HIS G 363 -0.14 -43.53 19.08
C HIS G 363 0.36 -44.69 18.24
N PRO G 364 1.64 -44.87 18.12
CA PRO G 364 2.14 -45.99 17.33
C PRO G 364 2.01 -47.34 18.00
N ALA G 365 1.12 -48.19 17.50
CA ALA G 365 0.86 -49.49 18.06
C ALA G 365 1.60 -50.60 17.32
N PHE G 366 2.76 -50.29 16.76
CA PHE G 366 3.46 -51.22 15.89
C PHE G 366 3.90 -52.45 16.65
N LYS G 367 3.92 -53.57 15.96
CA LYS G 367 4.36 -54.85 16.52
C LYS G 367 5.68 -55.20 15.85
N LEU G 368 6.77 -55.04 16.57
CA LEU G 368 8.08 -55.33 16.04
C LEU G 368 8.37 -56.80 16.29
N GLN G 369 8.77 -57.51 15.25
CA GLN G 369 9.23 -58.86 15.34
C GLN G 369 10.73 -58.92 15.18
N VAL G 370 11.36 -59.78 15.97
CA VAL G 370 12.80 -59.88 16.04
C VAL G 370 13.11 -61.33 16.33
N CYS G 371 13.95 -61.92 15.48
CA CYS G 371 14.46 -63.28 15.62
C CYS G 371 13.33 -64.26 15.93
N THR G 372 12.38 -64.33 15.01
CA THR G 372 11.16 -65.13 15.14
C THR G 372 10.54 -65.07 16.54
N SER G 373 10.41 -63.86 17.07
CA SER G 373 9.65 -63.60 18.28
C SER G 373 9.09 -62.19 18.14
N ALA G 374 7.88 -61.95 18.64
CA ALA G 374 7.22 -60.67 18.39
C ALA G 374 6.91 -59.95 19.69
N VAL G 375 6.93 -58.62 19.63
CA VAL G 375 6.69 -57.77 20.78
C VAL G 375 6.09 -56.46 20.30
N THR G 376 5.10 -55.95 21.04
CA THR G 376 4.40 -54.74 20.64
C THR G 376 4.93 -53.53 21.39
N CYS G 377 4.85 -52.35 20.75
CA CYS G 377 5.15 -51.10 21.41
C CYS G 377 4.02 -50.10 21.20
N LYS G 378 3.56 -49.48 22.28
CA LYS G 378 2.40 -48.57 22.22
C LYS G 378 2.77 -47.10 22.05
N GLY G 379 3.55 -46.56 22.96
CA GLY G 379 4.04 -45.20 22.94
C GLY G 379 2.94 -44.13 22.87
N ASP G 380 3.39 -42.89 22.68
CA ASP G 380 2.57 -41.74 22.30
C ASP G 380 3.51 -40.72 21.70
N CYS G 381 3.21 -40.26 20.49
CA CYS G 381 4.06 -39.32 19.77
C CYS G 381 3.65 -37.87 19.98
N LYS G 382 4.60 -36.97 19.68
CA LYS G 382 4.47 -35.54 19.85
C LYS G 382 4.87 -34.81 18.57
N PRO G 383 4.27 -33.67 18.29
CA PRO G 383 4.44 -33.05 16.98
C PRO G 383 5.87 -32.63 16.73
N PRO G 384 6.42 -32.85 15.53
CA PRO G 384 7.76 -32.37 15.25
C PRO G 384 7.79 -30.85 15.15
N LYS G 385 8.94 -30.27 15.50
CA LYS G 385 9.02 -28.81 15.49
C LYS G 385 9.23 -28.22 14.10
N ASP G 386 9.99 -28.88 13.23
CA ASP G 386 10.30 -28.34 11.91
C ASP G 386 9.05 -28.24 11.04
N HIS G 387 8.93 -27.14 10.30
CA HIS G 387 7.79 -27.02 9.39
C HIS G 387 8.05 -27.57 8.00
N ILE G 388 9.23 -27.34 7.45
CA ILE G 388 9.61 -27.77 6.11
C ILE G 388 10.92 -28.53 6.20
N VAL G 389 10.99 -29.68 5.55
CA VAL G 389 12.18 -30.50 5.53
C VAL G 389 12.58 -30.75 4.09
N ASP G 390 13.77 -31.29 3.90
CA ASP G 390 14.30 -31.61 2.60
C ASP G 390 14.10 -33.06 2.21
N TYR G 391 14.15 -33.94 3.15
CA TYR G 391 13.98 -35.36 2.86
C TYR G 391 12.49 -35.69 2.70
N PRO G 392 12.16 -36.68 1.87
CA PRO G 392 10.77 -37.14 1.81
C PRO G 392 10.37 -37.84 3.09
N ALA G 393 9.10 -38.17 3.19
CA ALA G 393 8.59 -38.89 4.35
C ALA G 393 9.01 -40.34 4.28
N GLN G 394 9.71 -40.82 5.30
CA GLN G 394 10.08 -42.21 5.34
C GLN G 394 8.92 -43.13 5.67
N HIS G 395 7.84 -42.60 6.22
CA HIS G 395 6.67 -43.38 6.61
C HIS G 395 5.56 -43.11 5.63
N THR G 396 4.45 -43.82 5.81
CA THR G 396 3.26 -43.60 5.01
C THR G 396 2.11 -43.30 5.93
N GLU G 397 1.38 -42.25 5.63
CA GLU G 397 0.27 -41.84 6.47
C GLU G 397 -0.90 -42.77 6.24
N SER G 398 -1.90 -42.65 7.10
CA SER G 398 -3.17 -43.31 6.86
C SER G 398 -4.27 -42.46 7.44
N PHE G 399 -5.49 -42.85 7.12
CA PHE G 399 -6.64 -42.03 7.48
C PHE G 399 -6.82 -41.98 9.00
N THR G 400 -6.65 -43.10 9.67
CA THR G 400 -6.74 -43.14 11.13
C THR G 400 -5.36 -42.96 11.76
N SER G 401 -4.71 -41.85 11.46
CA SER G 401 -3.38 -41.59 11.97
C SER G 401 -3.32 -40.41 12.90
N ALA G 402 -4.10 -39.38 12.68
CA ALA G 402 -4.09 -38.25 13.57
C ALA G 402 -5.11 -38.36 14.68
N ILE G 403 -5.88 -39.43 14.75
CA ILE G 403 -6.92 -39.49 15.77
C ILE G 403 -6.23 -39.75 17.08
N SER G 404 -6.53 -38.95 18.08
CA SER G 404 -5.57 -38.74 19.15
C SER G 404 -5.82 -39.54 20.41
N ALA G 405 -6.80 -40.43 20.44
CA ALA G 405 -7.20 -41.19 21.61
C ALA G 405 -7.90 -40.33 22.64
N THR G 406 -8.03 -39.03 22.41
CA THR G 406 -8.97 -38.14 23.05
C THR G 406 -10.10 -37.80 22.12
N ALA G 407 -9.77 -37.58 20.86
CA ALA G 407 -10.79 -37.39 19.85
C ALA G 407 -11.49 -38.69 19.55
N TRP G 408 -10.79 -39.81 19.70
CA TRP G 408 -11.47 -41.09 19.61
C TRP G 408 -12.50 -41.20 20.71
N SER G 409 -12.12 -40.84 21.93
CA SER G 409 -13.08 -40.89 23.01
C SER G 409 -14.25 -39.98 22.74
N TRP G 410 -14.02 -38.84 22.09
CA TRP G 410 -15.11 -37.94 21.78
C TRP G 410 -16.05 -38.52 20.73
N ILE G 411 -15.52 -39.03 19.62
CA ILE G 411 -16.42 -39.63 18.65
C ILE G 411 -17.13 -40.81 19.26
N LYS G 412 -16.44 -41.55 20.11
CA LYS G 412 -17.07 -42.70 20.73
C LYS G 412 -18.24 -42.27 21.59
N VAL G 413 -18.04 -41.25 22.43
CA VAL G 413 -19.13 -40.83 23.29
C VAL G 413 -20.25 -40.21 22.48
N LEU G 414 -19.92 -39.51 21.40
CA LEU G 414 -20.96 -38.92 20.58
C LEU G 414 -21.83 -39.99 19.91
N VAL G 415 -21.20 -40.97 19.27
CA VAL G 415 -21.96 -42.01 18.62
C VAL G 415 -22.69 -42.83 19.66
N GLY G 416 -22.06 -43.06 20.81
CA GLY G 416 -22.73 -43.78 21.88
C GLY G 416 -23.97 -43.05 22.35
N GLY G 417 -23.87 -41.74 22.51
CA GLY G 417 -25.02 -40.99 22.97
C GLY G 417 -26.16 -41.03 21.97
N THR G 418 -25.86 -40.78 20.70
CA THR G 418 -26.92 -40.81 19.71
C THR G 418 -27.52 -42.20 19.57
N SER G 419 -26.68 -43.23 19.52
CA SER G 419 -27.19 -44.58 19.40
C SER G 419 -28.03 -44.97 20.59
N ALA G 420 -27.57 -44.63 21.79
CA ALA G 420 -28.31 -44.98 22.99
C ALA G 420 -29.64 -44.25 23.03
N PHE G 421 -29.65 -43.01 22.54
CA PHE G 421 -30.89 -42.25 22.62
C PHE G 421 -31.91 -42.77 21.61
N ILE G 422 -31.45 -43.14 20.42
CA ILE G 422 -32.35 -43.79 19.47
C ILE G 422 -32.83 -45.12 20.01
N VAL G 423 -31.94 -45.89 20.63
CA VAL G 423 -32.37 -47.19 21.13
C VAL G 423 -33.41 -46.99 22.20
N LEU G 424 -33.24 -45.95 22.99
CA LEU G 424 -34.24 -45.60 23.99
C LEU G 424 -35.56 -45.27 23.32
N GLY G 425 -35.53 -44.54 22.23
CA GLY G 425 -36.78 -44.26 21.52
C GLY G 425 -37.46 -45.52 21.03
N LEU G 426 -36.70 -46.44 20.46
CA LEU G 426 -37.31 -47.67 19.98
C LEU G 426 -37.88 -48.49 21.13
N ILE G 427 -37.16 -48.58 22.25
CA ILE G 427 -37.70 -49.40 23.35
C ILE G 427 -38.92 -48.71 23.95
N ALA G 428 -38.97 -47.38 23.92
CA ALA G 428 -40.14 -46.68 24.43
C ALA G 428 -41.37 -46.99 23.59
N THR G 429 -41.25 -46.89 22.26
CA THR G 429 -42.43 -47.20 21.45
C THR G 429 -42.77 -48.68 21.50
N ALA G 430 -41.77 -49.54 21.71
CA ALA G 430 -42.08 -50.96 21.84
C ALA G 430 -42.88 -51.19 23.10
N VAL G 431 -42.43 -50.62 24.22
CA VAL G 431 -43.12 -50.94 25.46
C VAL G 431 -44.51 -50.34 25.49
N VAL G 432 -44.74 -49.18 24.86
CA VAL G 432 -46.10 -48.68 24.81
C VAL G 432 -47.00 -49.61 24.00
N ALA G 433 -46.59 -49.96 22.78
CA ALA G 433 -47.42 -50.85 21.99
C ALA G 433 -47.59 -52.21 22.65
N LEU G 434 -46.68 -52.60 23.54
CA LEU G 434 -46.78 -53.90 24.18
C LEU G 434 -47.78 -53.85 25.30
N VAL G 435 -47.71 -52.82 26.14
CA VAL G 435 -48.66 -52.73 27.24
C VAL G 435 -50.08 -52.56 26.69
N LEU G 436 -50.25 -51.76 25.65
CA LEU G 436 -51.62 -51.57 25.14
C LEU G 436 -52.13 -52.78 24.37
N PHE G 437 -51.28 -53.46 23.59
CA PHE G 437 -51.81 -54.49 22.70
C PHE G 437 -52.10 -55.77 23.45
N PHE G 438 -51.08 -56.36 24.06
CA PHE G 438 -51.27 -57.46 25.00
C PHE G 438 -51.17 -56.90 26.40
N HIS G 439 -51.59 -57.71 27.36
CA HIS G 439 -51.64 -57.36 28.78
C HIS G 439 -52.56 -56.15 29.07
N ARG G 440 -53.36 -55.71 28.09
CA ARG G 440 -54.53 -54.87 28.29
C ARG G 440 -55.80 -55.57 27.83
N HIS G 441 -55.70 -56.50 26.89
CA HIS G 441 -56.82 -57.31 26.40
C HIS G 441 -56.32 -58.23 25.28
N ASP H 1 46.74 -20.60 -41.33
CA ASP H 1 47.70 -21.69 -41.59
C ASP H 1 47.78 -21.93 -43.11
N LEU H 2 48.16 -23.13 -43.52
CA LEU H 2 48.52 -23.41 -44.90
C LEU H 2 47.85 -24.68 -45.42
N ASP H 3 46.98 -25.29 -44.65
CA ASP H 3 46.26 -26.48 -45.09
C ASP H 3 45.11 -26.01 -45.96
N THR H 4 44.22 -26.94 -46.32
CA THR H 4 43.10 -26.69 -47.21
C THR H 4 42.36 -25.39 -46.96
N HIS H 5 42.09 -25.08 -45.69
CA HIS H 5 41.28 -23.91 -45.35
C HIS H 5 41.72 -22.64 -46.06
N PHE H 6 42.96 -22.19 -45.86
CA PHE H 6 43.36 -20.93 -46.48
C PHE H 6 43.79 -21.10 -47.92
N THR H 7 44.37 -22.24 -48.24
CA THR H 7 44.79 -22.49 -49.61
C THR H 7 43.59 -22.42 -50.54
N GLN H 8 42.44 -22.91 -50.08
CA GLN H 8 41.25 -22.97 -50.90
C GLN H 8 40.75 -21.58 -51.27
N TYR H 9 41.14 -20.55 -50.54
CA TYR H 9 40.65 -19.22 -50.82
C TYR H 9 41.56 -18.49 -51.79
N LYS H 10 42.44 -19.22 -52.46
CA LYS H 10 43.23 -18.60 -53.50
C LYS H 10 42.38 -18.36 -54.73
N LEU H 11 41.36 -19.19 -54.94
CA LEU H 11 40.56 -19.08 -56.14
C LEU H 11 39.62 -17.89 -56.08
N ALA H 12 39.17 -17.52 -54.89
CA ALA H 12 38.26 -16.41 -54.69
C ALA H 12 38.97 -15.08 -54.82
N ARG H 13 38.22 -14.05 -55.17
CA ARG H 13 38.69 -12.68 -55.20
C ARG H 13 37.69 -11.78 -54.50
N PRO H 14 38.14 -10.65 -53.93
CA PRO H 14 37.17 -9.71 -53.38
C PRO H 14 36.31 -9.12 -54.48
N TYR H 15 35.29 -8.39 -54.06
CA TYR H 15 34.36 -7.83 -55.02
C TYR H 15 33.72 -6.61 -54.42
N ILE H 16 33.14 -5.80 -55.30
CA ILE H 16 32.57 -4.51 -54.94
C ILE H 16 31.07 -4.66 -55.09
N ALA H 17 30.37 -4.59 -53.96
CA ALA H 17 28.93 -4.66 -53.93
C ALA H 17 28.35 -3.38 -53.32
N ASP H 18 27.07 -3.17 -53.56
CA ASP H 18 26.36 -2.01 -53.06
C ASP H 18 26.23 -2.10 -51.55
N CYS H 19 26.93 -1.24 -50.80
CA CYS H 19 26.64 -1.14 -49.38
C CYS H 19 25.48 -0.16 -49.18
N PRO H 20 24.68 -0.31 -48.15
CA PRO H 20 23.56 0.62 -47.98
C PRO H 20 23.96 1.96 -47.43
N ASN H 21 24.96 2.03 -46.58
CA ASN H 21 25.44 3.33 -46.13
C ASN H 21 26.89 3.12 -45.73
N CYS H 22 27.82 3.64 -46.52
CA CYS H 22 29.17 3.88 -46.06
C CYS H 22 29.27 5.34 -45.65
N GLY H 23 29.19 5.62 -44.37
CA GLY H 23 29.31 6.98 -43.89
C GLY H 23 28.08 7.83 -44.15
N HIS H 24 27.69 7.92 -45.41
CA HIS H 24 26.56 8.70 -45.87
C HIS H 24 26.29 8.29 -47.29
N SER H 25 25.02 8.10 -47.63
CA SER H 25 24.64 7.77 -48.99
C SER H 25 25.11 6.38 -49.40
N ARG H 26 24.35 5.73 -50.26
CA ARG H 26 24.76 4.49 -50.86
C ARG H 26 26.09 4.64 -51.59
N CYS H 27 26.73 3.52 -51.82
CA CYS H 27 28.07 3.47 -52.35
C CYS H 27 28.32 2.06 -52.82
N ASP H 28 29.55 1.78 -53.19
CA ASP H 28 29.99 0.57 -53.86
C ASP H 28 31.22 0.06 -53.14
N SER H 29 31.10 0.05 -51.83
CA SER H 29 32.22 -0.02 -50.92
C SER H 29 32.95 -1.34 -51.07
N PRO H 30 34.29 -1.34 -51.03
CA PRO H 30 35.01 -2.59 -51.18
C PRO H 30 34.65 -3.62 -50.14
N ILE H 31 34.27 -3.18 -48.95
CA ILE H 31 33.89 -4.10 -47.89
C ILE H 31 32.39 -3.93 -47.69
N ALA H 32 31.63 -4.79 -48.35
CA ALA H 32 30.17 -4.74 -48.32
C ALA H 32 29.67 -5.85 -47.44
N ILE H 33 28.88 -5.49 -46.44
CA ILE H 33 28.36 -6.46 -45.50
C ILE H 33 27.26 -7.28 -46.16
N GLU H 34 27.35 -8.59 -46.02
CA GLU H 34 26.37 -9.54 -46.51
C GLU H 34 26.18 -10.58 -45.44
N GLU H 35 24.94 -10.89 -45.08
CA GLU H 35 24.68 -11.99 -44.17
C GLU H 35 25.42 -11.85 -42.84
N VAL H 36 25.13 -10.78 -42.10
CA VAL H 36 25.57 -10.79 -40.72
C VAL H 36 24.67 -11.75 -39.94
N ARG H 37 25.24 -12.88 -39.58
CA ARG H 37 24.53 -14.00 -38.96
C ARG H 37 24.74 -14.00 -37.45
N GLY H 38 23.89 -13.30 -36.71
CA GLY H 38 23.89 -13.47 -35.27
C GLY H 38 22.83 -14.42 -34.82
N ASP H 39 23.22 -15.65 -34.49
CA ASP H 39 22.35 -16.58 -33.80
C ASP H 39 23.03 -17.28 -32.64
N ALA H 40 24.34 -17.13 -32.47
CA ALA H 40 25.03 -17.73 -31.35
C ALA H 40 24.63 -17.04 -30.07
N HIS H 41 25.15 -17.53 -28.96
CA HIS H 41 24.61 -17.18 -27.65
C HIS H 41 25.33 -16.01 -27.01
N ALA H 42 26.58 -16.10 -26.84
CA ALA H 42 27.29 -15.15 -26.00
C ALA H 42 27.46 -13.82 -26.63
N GLY H 43 26.90 -13.46 -27.77
CA GLY H 43 27.22 -12.23 -28.46
C GLY H 43 28.21 -12.36 -29.59
N VAL H 44 28.75 -13.54 -29.83
CA VAL H 44 29.61 -13.70 -31.00
C VAL H 44 28.74 -13.69 -32.25
N ILE H 45 29.11 -12.86 -33.21
CA ILE H 45 28.47 -12.78 -34.51
C ILE H 45 29.51 -12.96 -35.60
N ARG H 46 29.01 -13.21 -36.79
CA ARG H 46 29.81 -13.46 -37.97
C ARG H 46 29.27 -12.60 -39.09
N ILE H 47 30.17 -11.98 -39.85
CA ILE H 47 29.81 -11.12 -40.96
C ILE H 47 30.52 -11.63 -42.20
N GLN H 48 29.79 -11.80 -43.27
CA GLN H 48 30.36 -12.15 -44.55
C GLN H 48 30.47 -10.89 -45.37
N THR H 49 31.68 -10.48 -45.62
CA THR H 49 31.95 -9.22 -46.27
C THR H 49 32.50 -9.50 -47.66
N SER H 50 32.74 -8.44 -48.39
CA SER H 50 33.14 -8.50 -49.78
C SER H 50 34.63 -8.39 -49.94
N ALA H 51 35.39 -8.37 -48.85
CA ALA H 51 36.83 -8.23 -48.91
C ALA H 51 37.44 -9.34 -48.09
N MET H 52 38.37 -10.05 -48.70
CA MET H 52 38.95 -11.23 -48.12
C MET H 52 40.00 -10.87 -47.09
N PHE H 53 40.11 -11.69 -46.05
CA PHE H 53 41.04 -11.43 -44.96
C PHE H 53 41.89 -12.67 -44.80
N GLY H 54 43.18 -12.53 -45.05
CA GLY H 54 44.16 -13.56 -44.77
C GLY H 54 45.01 -13.83 -45.99
N LEU H 55 44.39 -13.76 -47.15
CA LEU H 55 45.13 -13.65 -48.40
C LEU H 55 46.02 -12.42 -48.47
N LYS H 56 46.95 -12.49 -49.41
CA LYS H 56 47.69 -11.37 -49.95
C LYS H 56 47.83 -11.68 -51.45
N THR H 57 48.64 -10.88 -52.15
CA THR H 57 48.65 -10.97 -53.60
C THR H 57 49.15 -12.33 -54.08
N ASP H 58 50.01 -12.98 -53.30
CA ASP H 58 50.44 -14.33 -53.62
C ASP H 58 50.86 -14.99 -52.31
N GLY H 59 50.11 -16.00 -51.88
CA GLY H 59 50.30 -16.62 -50.59
C GLY H 59 49.29 -16.14 -49.58
N VAL H 60 49.39 -16.69 -48.37
CA VAL H 60 48.44 -16.43 -47.30
C VAL H 60 49.19 -16.02 -46.06
N ASP H 61 48.92 -14.81 -45.58
CA ASP H 61 49.44 -14.29 -44.33
C ASP H 61 48.31 -13.61 -43.60
N LEU H 62 48.10 -13.99 -42.33
CA LEU H 62 46.89 -13.59 -41.62
C LEU H 62 46.78 -12.07 -41.51
N ALA H 63 47.89 -11.40 -41.25
CA ALA H 63 47.82 -9.97 -41.00
C ALA H 63 47.40 -9.16 -42.22
N TYR H 64 47.51 -9.71 -43.43
CA TYR H 64 47.11 -8.94 -44.60
C TYR H 64 45.61 -9.08 -44.89
N MET H 65 45.15 -8.36 -45.90
CA MET H 65 43.76 -8.26 -46.29
C MET H 65 43.74 -7.84 -47.74
N SER H 66 42.91 -8.49 -48.55
CA SER H 66 42.83 -8.21 -49.98
C SER H 66 41.48 -7.61 -50.31
N PHE H 67 41.48 -6.53 -51.05
CA PHE H 67 40.25 -5.88 -51.44
C PHE H 67 40.44 -5.23 -52.80
N MET H 68 39.33 -5.01 -53.51
CA MET H 68 39.36 -4.46 -54.85
C MET H 68 39.02 -2.98 -54.80
N ASN H 69 40.00 -2.13 -55.08
CA ASN H 69 39.77 -0.73 -55.46
C ASN H 69 39.65 -0.49 -56.98
N GLY H 70 38.75 -1.23 -57.61
CA GLY H 70 38.58 -1.10 -59.04
C GLY H 70 38.69 -2.44 -59.71
N LYS H 71 39.22 -2.44 -60.91
CA LYS H 71 39.47 -3.68 -61.61
C LYS H 71 40.72 -4.40 -61.09
N THR H 72 41.49 -3.79 -60.20
CA THR H 72 42.73 -4.36 -59.71
C THR H 72 42.61 -4.71 -58.23
N GLN H 73 43.12 -5.88 -57.87
CA GLN H 73 43.16 -6.26 -56.47
C GLN H 73 44.15 -5.38 -55.73
N LYS H 74 44.15 -5.48 -54.42
CA LYS H 74 45.05 -4.68 -53.61
C LYS H 74 45.16 -5.30 -52.25
N SER H 75 46.38 -5.59 -51.82
CA SER H 75 46.63 -6.25 -50.56
C SER H 75 47.33 -5.28 -49.62
N ILE H 76 46.78 -5.11 -48.42
CA ILE H 76 47.37 -4.23 -47.43
C ILE H 76 47.37 -4.92 -46.09
N LYS H 77 48.18 -4.39 -45.18
CA LYS H 77 48.19 -4.88 -43.82
C LYS H 77 46.86 -4.60 -43.17
N ILE H 78 46.47 -5.43 -42.22
CA ILE H 78 45.26 -5.18 -41.49
C ILE H 78 45.64 -4.04 -40.56
N ASP H 79 45.19 -2.83 -40.87
CA ASP H 79 45.66 -1.66 -40.11
C ASP H 79 44.69 -1.31 -39.00
N ASN H 80 43.42 -1.10 -39.31
CA ASN H 80 42.42 -1.02 -38.26
C ASN H 80 41.14 -1.60 -38.84
N LEU H 81 40.90 -2.86 -38.57
CA LEU H 81 39.72 -3.57 -39.06
C LEU H 81 38.80 -3.69 -37.88
N HIS H 82 37.79 -2.84 -37.84
CA HIS H 82 36.92 -2.75 -36.69
C HIS H 82 35.49 -3.08 -37.08
N VAL H 83 34.86 -3.87 -36.23
CA VAL H 83 33.42 -4.13 -36.28
C VAL H 83 32.80 -3.42 -35.10
N ARG H 84 31.74 -2.68 -35.35
CA ARG H 84 31.09 -1.86 -34.34
C ARG H 84 29.59 -2.05 -34.44
N THR H 85 28.97 -2.58 -33.39
CA THR H 85 27.52 -2.70 -33.39
C THR H 85 26.80 -1.53 -32.71
N SER H 86 27.08 -1.28 -31.45
CA SER H 86 26.81 -0.01 -30.81
C SER H 86 28.00 0.52 -30.04
N ALA H 87 28.92 -0.34 -29.66
CA ALA H 87 30.21 -0.04 -29.10
C ALA H 87 31.19 -0.84 -29.93
N PRO H 88 32.43 -0.47 -29.97
CA PRO H 88 33.40 -1.28 -30.69
C PRO H 88 33.42 -2.73 -30.26
N CYS H 89 33.09 -3.63 -31.18
CA CYS H 89 33.19 -5.05 -30.90
C CYS H 89 34.66 -5.47 -30.89
N SER H 90 34.91 -6.67 -30.43
CA SER H 90 36.25 -7.24 -30.35
C SER H 90 36.40 -8.31 -31.42
N LEU H 91 37.36 -8.14 -32.31
CA LEU H 91 37.56 -9.12 -33.37
C LEU H 91 38.03 -10.42 -32.78
N VAL H 92 37.39 -11.52 -33.16
CA VAL H 92 37.81 -12.84 -32.74
C VAL H 92 38.71 -13.40 -33.81
N SER H 93 38.21 -13.48 -35.03
CA SER H 93 39.04 -14.05 -36.07
C SER H 93 38.47 -13.72 -37.44
N HIS H 94 39.35 -13.42 -38.38
CA HIS H 94 38.96 -13.09 -39.75
C HIS H 94 39.61 -14.06 -40.71
N HIS H 95 38.80 -14.68 -41.54
CA HIS H 95 39.26 -15.67 -42.51
C HIS H 95 38.46 -15.53 -43.78
N GLY H 96 39.16 -15.41 -44.90
CA GLY H 96 38.47 -15.24 -46.17
C GLY H 96 37.45 -14.15 -46.11
N TYR H 97 36.30 -14.39 -46.71
CA TYR H 97 35.25 -13.39 -46.74
C TYR H 97 34.70 -13.07 -45.36
N TYR H 98 34.95 -13.92 -44.38
CA TYR H 98 34.21 -13.93 -43.13
C TYR H 98 35.01 -13.28 -42.02
N ILE H 99 34.30 -12.60 -41.12
CA ILE H 99 34.91 -11.94 -39.97
C ILE H 99 34.03 -12.19 -38.75
N LEU H 100 34.62 -12.71 -37.69
CA LEU H 100 33.93 -13.11 -36.48
C LEU H 100 34.31 -12.19 -35.35
N ALA H 101 33.32 -11.57 -34.70
CA ALA H 101 33.59 -10.67 -33.60
C ALA H 101 32.62 -10.94 -32.47
N GLN H 102 32.90 -10.36 -31.31
CA GLN H 102 32.02 -10.41 -30.16
C GLN H 102 31.47 -9.01 -29.92
N CYS H 103 30.15 -8.87 -29.96
CA CYS H 103 29.52 -7.57 -30.04
C CYS H 103 28.52 -7.34 -28.92
N PRO H 104 28.41 -6.13 -28.38
CA PRO H 104 27.31 -5.83 -27.51
C PRO H 104 26.05 -5.68 -28.33
N PRO H 105 24.87 -5.76 -27.73
CA PRO H 105 23.65 -5.68 -28.51
C PRO H 105 23.55 -4.34 -29.18
N GLY H 106 22.93 -4.33 -30.34
CA GLY H 106 22.70 -3.07 -30.98
C GLY H 106 21.96 -3.29 -32.26
N ASP H 107 21.72 -2.19 -32.94
CA ASP H 107 20.73 -2.13 -33.98
C ASP H 107 21.33 -2.00 -35.37
N THR H 108 22.62 -1.77 -35.47
CA THR H 108 23.36 -1.72 -36.71
C THR H 108 24.60 -2.58 -36.57
N VAL H 109 25.17 -3.00 -37.70
CA VAL H 109 26.50 -3.57 -37.72
C VAL H 109 27.30 -2.84 -38.77
N THR H 110 28.50 -2.38 -38.40
CA THR H 110 29.38 -1.67 -39.32
C THR H 110 30.77 -2.26 -39.27
N VAL H 111 31.38 -2.43 -40.44
CA VAL H 111 32.75 -2.88 -40.54
C VAL H 111 33.55 -1.87 -41.32
N GLY H 112 34.79 -1.65 -40.89
CA GLY H 112 35.64 -0.67 -41.52
C GLY H 112 37.10 -1.04 -41.49
N PHE H 113 37.81 -0.73 -42.56
CA PHE H 113 39.23 -0.98 -42.69
C PHE H 113 39.88 0.19 -43.39
N HIS H 114 41.03 0.60 -42.89
CA HIS H 114 41.76 1.71 -43.44
C HIS H 114 42.75 1.24 -44.50
N ASP H 115 43.18 2.17 -45.33
CA ASP H 115 44.43 2.08 -46.09
C ASP H 115 45.31 3.30 -45.87
N GLY H 116 44.82 4.30 -45.14
CA GLY H 116 45.61 5.36 -44.56
C GLY H 116 45.28 6.74 -45.07
N PRO H 117 45.01 6.89 -46.36
CA PRO H 117 44.23 8.04 -46.82
C PRO H 117 42.73 7.83 -46.95
N ASN H 118 42.20 6.62 -46.80
CA ASN H 118 40.78 6.37 -46.97
C ASN H 118 40.23 5.53 -45.82
N ARG H 119 38.92 5.65 -45.60
CA ARG H 119 38.27 5.00 -44.47
C ARG H 119 37.60 3.67 -44.81
N HIS H 120 36.89 3.58 -45.93
CA HIS H 120 36.31 2.33 -46.43
C HIS H 120 35.49 1.58 -45.38
N THR H 121 34.42 2.21 -44.90
CA THR H 121 33.49 1.58 -43.98
C THR H 121 32.21 1.16 -44.70
N CYS H 122 31.44 0.28 -44.07
CA CYS H 122 30.09 -0.03 -44.50
C CYS H 122 29.26 -0.41 -43.29
N THR H 123 28.00 0.02 -43.29
CA THR H 123 27.06 -0.24 -42.21
C THR H 123 25.83 -0.91 -42.80
N VAL H 124 25.05 -1.56 -41.94
CA VAL H 124 23.88 -2.31 -42.35
C VAL H 124 22.96 -2.41 -41.14
N ALA H 125 21.67 -2.41 -41.40
CA ALA H 125 20.66 -2.40 -40.35
C ALA H 125 20.32 -3.83 -40.02
N HIS H 126 21.01 -4.38 -39.03
CA HIS H 126 20.74 -5.71 -38.54
C HIS H 126 20.64 -5.66 -37.03
N LYS H 127 19.58 -6.25 -36.50
CA LYS H 127 19.34 -6.29 -35.07
C LYS H 127 20.11 -7.44 -34.49
N VAL H 128 21.17 -7.15 -33.77
CA VAL H 128 21.96 -8.17 -33.11
C VAL H 128 21.71 -8.02 -31.62
N GLU H 129 21.28 -9.10 -31.01
CA GLU H 129 20.83 -9.12 -29.64
C GLU H 129 21.64 -10.11 -28.86
N PHE H 130 22.06 -9.70 -27.67
CA PHE H 130 22.81 -10.57 -26.80
C PHE H 130 21.90 -11.63 -26.26
N ARG H 131 22.19 -12.88 -26.58
CA ARG H 131 21.32 -13.99 -26.25
C ARG H 131 21.87 -14.74 -25.06
N PRO H 132 21.42 -14.47 -23.85
CA PRO H 132 21.93 -15.23 -22.71
C PRO H 132 21.56 -16.70 -22.79
N VAL H 133 22.45 -17.54 -22.27
CA VAL H 133 22.18 -18.95 -22.12
C VAL H 133 21.80 -19.18 -20.68
N GLY H 134 20.74 -19.90 -20.46
CA GLY H 134 20.32 -20.29 -19.16
C GLY H 134 19.01 -19.63 -18.79
N ARG H 135 18.80 -19.50 -17.49
CA ARG H 135 17.59 -18.96 -16.93
C ARG H 135 17.74 -17.58 -16.35
N GLU H 136 18.90 -16.93 -16.52
CA GLU H 136 19.14 -15.59 -15.98
C GLU H 136 19.59 -14.70 -17.11
N LYS H 137 18.81 -13.69 -17.40
CA LYS H 137 19.07 -12.75 -18.46
C LYS H 137 20.17 -11.78 -18.07
N TYR H 138 21.40 -12.08 -18.47
CA TYR H 138 22.55 -11.25 -18.14
C TYR H 138 23.03 -10.58 -19.40
N ARG H 139 23.57 -9.39 -19.24
CA ARG H 139 23.88 -8.55 -20.38
C ARG H 139 25.29 -8.74 -20.90
N HIS H 140 26.26 -9.14 -20.08
CA HIS H 140 27.58 -9.51 -20.56
C HIS H 140 27.96 -10.86 -19.94
N PRO H 141 28.81 -11.66 -20.59
CA PRO H 141 29.13 -12.96 -20.03
C PRO H 141 29.75 -12.84 -18.65
N PRO H 142 29.37 -13.68 -17.70
CA PRO H 142 29.92 -13.57 -16.36
C PRO H 142 31.37 -14.01 -16.30
N GLU H 143 32.01 -13.65 -15.19
CA GLU H 143 33.35 -14.16 -14.93
C GLU H 143 33.28 -15.61 -14.49
N HIS H 144 32.36 -15.93 -13.60
CA HIS H 144 32.21 -17.26 -13.05
C HIS H 144 30.75 -17.67 -13.10
N GLY H 145 30.43 -18.79 -12.49
CA GLY H 145 29.07 -19.29 -12.46
C GLY H 145 28.99 -20.73 -12.85
N VAL H 146 28.02 -21.09 -13.68
CA VAL H 146 27.77 -22.48 -14.02
C VAL H 146 27.90 -22.63 -15.52
N GLU H 147 28.66 -23.62 -15.94
CA GLU H 147 28.79 -23.92 -17.36
C GLU H 147 27.51 -24.53 -17.88
N LEU H 148 27.12 -24.15 -19.09
CA LEU H 148 25.93 -24.69 -19.71
C LEU H 148 26.17 -24.92 -21.18
N PRO H 149 25.52 -25.92 -21.79
CA PRO H 149 25.57 -26.04 -23.24
C PRO H 149 25.10 -24.78 -23.92
N CYS H 150 25.80 -24.40 -24.98
CA CYS H 150 25.63 -23.10 -25.56
C CYS H 150 26.19 -23.14 -26.97
N ASN H 151 25.40 -22.71 -27.95
CA ASN H 151 25.88 -22.78 -29.32
C ASN H 151 26.65 -21.53 -29.65
N ARG H 152 27.86 -21.71 -30.13
CA ARG H 152 28.76 -20.65 -30.51
C ARG H 152 29.21 -20.89 -31.92
N TYR H 153 30.08 -20.02 -32.38
CA TYR H 153 30.77 -20.17 -33.63
C TYR H 153 32.18 -20.54 -33.31
N THR H 154 32.80 -21.28 -34.18
CA THR H 154 34.15 -21.71 -33.91
C THR H 154 35.08 -20.59 -34.30
N HIS H 155 36.24 -20.59 -33.66
CA HIS H 155 37.35 -19.78 -34.10
C HIS H 155 38.43 -20.67 -34.65
N LYS H 156 38.04 -21.86 -35.07
CA LYS H 156 38.83 -22.69 -35.95
C LYS H 156 38.43 -22.36 -37.37
N ARG H 157 39.40 -21.88 -38.13
CA ARG H 157 39.28 -21.77 -39.58
C ARG H 157 38.92 -23.11 -40.21
N ALA H 158 39.27 -24.20 -39.54
CA ALA H 158 39.15 -25.58 -40.03
C ALA H 158 37.85 -25.83 -40.79
N ASP H 159 38.03 -26.40 -41.97
CA ASP H 159 37.22 -26.36 -43.16
C ASP H 159 35.85 -27.02 -43.06
N GLN H 160 35.45 -27.62 -41.95
CA GLN H 160 34.59 -28.79 -42.04
C GLN H 160 33.11 -28.49 -42.22
N GLY H 161 32.47 -29.35 -43.03
CA GLY H 161 31.06 -29.67 -43.02
C GLY H 161 30.09 -28.67 -43.61
N HIS H 162 30.45 -27.39 -43.73
CA HIS H 162 29.59 -26.40 -44.35
C HIS H 162 30.26 -25.82 -45.59
N TYR H 163 29.46 -25.16 -46.43
CA TYR H 163 29.96 -24.66 -47.70
C TYR H 163 29.21 -23.42 -48.12
N VAL H 164 29.89 -22.60 -48.93
CA VAL H 164 29.25 -21.53 -49.66
C VAL H 164 29.63 -21.68 -51.12
N GLU H 165 28.80 -21.14 -52.00
CA GLU H 165 28.99 -21.27 -53.43
C GLU H 165 29.54 -20.00 -54.04
N MET H 166 30.61 -20.14 -54.83
CA MET H 166 31.28 -19.05 -55.52
C MET H 166 31.35 -19.36 -57.00
N HIS H 167 30.70 -18.54 -57.83
CA HIS H 167 30.73 -18.77 -59.26
C HIS H 167 31.75 -17.86 -59.96
N GLN H 168 31.77 -17.95 -61.28
CA GLN H 168 32.58 -17.07 -62.10
C GLN H 168 32.03 -15.66 -61.98
N PRO H 169 32.88 -14.65 -61.82
CA PRO H 169 32.32 -13.30 -61.74
C PRO H 169 31.82 -12.94 -63.12
N GLY H 170 30.57 -12.57 -63.20
CA GLY H 170 30.02 -12.17 -64.47
C GLY H 170 30.72 -10.94 -64.97
N LEU H 171 30.43 -10.59 -66.20
CA LEU H 171 31.05 -9.43 -66.80
C LEU H 171 30.77 -8.20 -65.94
N VAL H 172 31.85 -7.54 -65.53
CA VAL H 172 31.78 -6.40 -64.61
C VAL H 172 31.88 -5.11 -65.41
N ALA H 173 30.99 -4.17 -65.11
CA ALA H 173 30.95 -2.94 -65.86
C ALA H 173 32.16 -2.09 -65.54
N ASP H 174 32.65 -1.41 -66.57
CA ASP H 174 33.73 -0.45 -66.35
C ASP H 174 33.74 0.46 -67.57
N HIS H 175 34.08 1.72 -67.32
CA HIS H 175 34.17 2.72 -68.35
C HIS H 175 35.50 3.44 -68.38
N SER H 176 36.29 3.37 -67.32
CA SER H 176 37.64 3.89 -67.41
C SER H 176 38.48 3.14 -68.42
N LEU H 177 38.07 1.94 -68.83
CA LEU H 177 38.73 1.25 -69.94
C LEU H 177 38.19 1.67 -71.30
N LEU H 178 37.45 2.75 -71.39
CA LEU H 178 37.03 3.36 -72.63
C LEU H 178 37.66 4.75 -72.73
N SER H 179 38.35 5.02 -73.82
CA SER H 179 39.03 6.28 -74.01
C SER H 179 38.79 6.76 -75.42
N ILE H 180 38.68 8.07 -75.60
CA ILE H 180 38.50 8.63 -76.93
C ILE H 180 39.90 8.82 -77.50
N HIS H 181 40.21 8.04 -78.53
CA HIS H 181 41.47 8.14 -79.26
C HIS H 181 41.18 8.66 -80.65
N SER H 182 41.96 9.63 -81.09
CA SER H 182 41.74 10.30 -82.36
C SER H 182 40.30 10.82 -82.32
N ALA H 183 39.47 10.54 -83.32
CA ALA H 183 38.09 10.95 -83.34
C ALA H 183 37.11 9.88 -82.88
N LYS H 184 37.57 8.70 -82.43
CA LYS H 184 36.62 7.63 -82.11
C LYS H 184 37.00 6.88 -80.83
N VAL H 185 36.09 6.01 -80.40
CA VAL H 185 36.28 5.27 -79.16
C VAL H 185 37.44 4.28 -79.29
N LYS H 186 37.99 3.92 -78.15
CA LYS H 186 39.06 2.94 -78.06
C LYS H 186 38.85 2.16 -76.77
N ILE H 187 38.76 0.85 -76.89
CA ILE H 187 38.67 -0.03 -75.73
C ILE H 187 40.06 -0.60 -75.50
N THR H 188 40.53 -0.49 -74.28
CA THR H 188 41.82 -1.02 -73.88
C THR H 188 41.61 -2.32 -73.15
N VAL H 189 42.57 -3.22 -73.32
CA VAL H 189 42.49 -4.58 -72.82
C VAL H 189 43.37 -4.65 -71.57
N PRO H 190 43.02 -5.44 -70.55
CA PRO H 190 43.79 -5.44 -69.31
C PRO H 190 45.04 -6.30 -69.34
N SER H 191 45.50 -6.74 -70.51
CA SER H 191 46.61 -7.70 -70.60
C SER H 191 46.31 -9.00 -69.87
N GLY H 192 45.28 -9.68 -70.36
CA GLY H 192 44.93 -11.02 -69.91
C GLY H 192 43.46 -11.29 -69.73
N ALA H 193 42.62 -10.29 -69.94
CA ALA H 193 41.18 -10.41 -69.73
C ALA H 193 40.43 -9.89 -70.94
N GLN H 194 39.43 -10.63 -71.37
CA GLN H 194 38.61 -10.21 -72.49
C GLN H 194 37.79 -8.97 -72.12
N VAL H 195 37.37 -8.21 -73.12
CA VAL H 195 36.46 -7.09 -72.90
C VAL H 195 35.34 -7.16 -73.94
N LYS H 196 34.10 -7.17 -73.46
CA LYS H 196 32.91 -7.23 -74.29
C LYS H 196 32.33 -5.84 -74.42
N TYR H 197 32.21 -5.37 -75.66
CA TYR H 197 31.86 -3.98 -75.97
C TYR H 197 30.52 -3.95 -76.67
N TYR H 198 29.67 -3.03 -76.24
CA TYR H 198 28.37 -2.76 -76.86
C TYR H 198 28.27 -1.26 -77.06
N CYS H 199 28.39 -0.78 -78.30
CA CYS H 199 28.10 0.61 -78.59
C CYS H 199 27.00 0.70 -79.64
N LYS H 200 25.97 1.48 -79.33
CA LYS H 200 24.99 1.90 -80.33
C LYS H 200 25.35 3.30 -80.81
N CYS H 201 26.33 3.36 -81.63
CA CYS H 201 26.30 4.27 -82.76
C CYS H 201 25.42 3.61 -83.80
N PRO H 202 24.56 4.35 -84.50
CA PRO H 202 23.13 4.01 -84.48
C PRO H 202 22.79 2.66 -85.09
N ASP H 203 23.77 1.88 -85.55
CA ASP H 203 23.59 0.47 -85.82
C ASP H 203 24.47 -0.33 -84.88
N VAL H 204 23.90 -1.35 -84.26
CA VAL H 204 24.48 -1.98 -83.08
C VAL H 204 25.83 -2.60 -83.41
N ARG H 205 26.81 -2.33 -82.54
CA ARG H 205 28.16 -2.86 -82.68
C ARG H 205 28.52 -3.63 -81.43
N LYS H 206 28.85 -4.91 -81.60
CA LYS H 206 29.13 -5.82 -80.50
C LYS H 206 30.46 -6.51 -80.77
N GLY H 207 30.90 -7.33 -79.83
CA GLY H 207 32.12 -8.08 -79.97
C GLY H 207 32.85 -8.24 -78.65
N ILE H 208 33.56 -9.36 -78.54
CA ILE H 208 34.36 -9.71 -77.38
C ILE H 208 35.81 -9.69 -77.86
N THR H 209 36.48 -8.56 -77.66
CA THR H 209 37.79 -8.32 -78.24
C THR H 209 38.87 -8.50 -77.19
N SER H 210 39.86 -9.34 -77.50
CA SER H 210 40.97 -9.59 -76.60
C SER H 210 42.20 -8.76 -76.90
N SER H 211 42.18 -7.96 -77.96
CA SER H 211 43.24 -7.02 -78.28
C SER H 211 42.67 -5.62 -78.32
N ASP H 212 43.55 -4.63 -78.28
CA ASP H 212 43.09 -3.24 -78.25
C ASP H 212 42.34 -2.97 -79.54
N HIS H 213 41.05 -2.71 -79.42
CA HIS H 213 40.16 -2.57 -80.56
C HIS H 213 39.63 -1.15 -80.61
N THR H 214 39.57 -0.61 -81.81
CA THR H 214 38.95 0.68 -82.07
C THR H 214 37.70 0.46 -82.91
N THR H 215 36.57 0.99 -82.44
CA THR H 215 35.34 0.94 -83.21
C THR H 215 35.08 2.31 -83.80
N THR H 216 33.94 2.44 -84.47
CA THR H 216 33.64 3.61 -85.27
C THR H 216 32.71 4.58 -84.56
N CYS H 217 32.79 4.65 -83.23
CA CYS H 217 31.84 5.44 -82.45
C CYS H 217 32.43 6.77 -82.03
N THR H 218 31.62 7.82 -82.11
CA THR H 218 32.16 9.17 -81.93
C THR H 218 32.52 9.46 -80.48
N ASP H 219 31.54 9.38 -79.58
CA ASP H 219 31.74 9.73 -78.17
C ASP H 219 31.86 8.49 -77.29
N VAL H 220 32.43 8.70 -76.10
CA VAL H 220 32.54 7.61 -75.14
C VAL H 220 31.19 7.23 -74.58
N LYS H 221 30.23 8.16 -74.57
CA LYS H 221 28.99 7.93 -73.83
C LYS H 221 28.18 6.79 -74.43
N GLN H 222 28.08 6.73 -75.74
CA GLN H 222 27.27 5.72 -76.40
C GLN H 222 27.90 4.34 -76.42
N CYS H 223 29.12 4.18 -75.93
CA CYS H 223 29.71 2.85 -75.79
C CYS H 223 29.62 2.40 -74.34
N ARG H 224 29.53 1.09 -74.16
CA ARG H 224 29.66 0.46 -72.85
C ARG H 224 30.57 -0.74 -73.02
N ALA H 225 31.31 -1.06 -71.96
CA ALA H 225 32.27 -2.15 -72.04
C ALA H 225 32.34 -2.84 -70.70
N TYR H 226 32.58 -4.13 -70.74
CA TYR H 226 32.60 -4.95 -69.54
C TYR H 226 33.77 -5.92 -69.67
N LEU H 227 34.64 -5.96 -68.67
CA LEU H 227 35.77 -6.86 -68.75
C LEU H 227 35.38 -8.21 -68.19
N ILE H 228 35.83 -9.26 -68.87
CA ILE H 228 35.64 -10.63 -68.43
C ILE H 228 36.99 -11.10 -67.94
N ASP H 229 37.03 -11.36 -66.63
CA ASP H 229 38.09 -12.05 -65.92
C ASP H 229 37.51 -13.36 -65.42
N ASN H 230 38.13 -14.46 -65.80
CA ASN H 230 37.70 -15.79 -65.43
C ASN H 230 38.66 -16.48 -64.50
N LYS H 231 39.81 -15.86 -64.21
CA LYS H 231 40.85 -16.52 -63.45
C LYS H 231 40.44 -16.80 -62.01
N LYS H 232 39.50 -16.03 -61.48
CA LYS H 232 39.15 -16.03 -60.07
C LYS H 232 37.65 -16.20 -59.94
N TRP H 233 37.19 -16.47 -58.73
CA TRP H 233 35.79 -16.73 -58.43
C TRP H 233 35.27 -15.55 -57.61
N VAL H 234 33.95 -15.51 -57.44
CA VAL H 234 33.35 -14.62 -56.45
C VAL H 234 32.14 -15.29 -55.85
N TYR H 235 31.84 -14.93 -54.62
CA TYR H 235 30.63 -15.36 -53.95
C TYR H 235 29.42 -14.90 -54.73
N ASN H 236 28.40 -15.75 -54.84
CA ASN H 236 27.27 -15.41 -55.68
C ASN H 236 26.28 -14.60 -54.84
N SER H 237 26.75 -13.39 -54.52
CA SER H 237 25.95 -12.44 -53.79
C SER H 237 24.76 -12.03 -54.61
N GLY H 238 23.72 -11.60 -53.92
CA GLY H 238 22.62 -11.02 -54.61
C GLY H 238 22.91 -9.64 -55.12
N ARG H 239 24.06 -9.08 -54.76
CA ARG H 239 24.44 -7.73 -55.14
C ARG H 239 25.34 -7.69 -56.37
N LEU H 240 25.68 -8.84 -56.99
CA LEU H 240 26.48 -8.85 -58.21
C LEU H 240 25.64 -9.30 -59.41
N PRO H 241 25.77 -8.68 -60.58
CA PRO H 241 25.07 -9.17 -61.76
C PRO H 241 25.65 -10.47 -62.28
N ARG H 242 24.79 -11.44 -62.58
CA ARG H 242 25.21 -12.74 -63.06
C ARG H 242 25.10 -12.79 -64.58
N GLY H 243 26.00 -13.57 -65.18
CA GLY H 243 26.18 -13.57 -66.63
C GLY H 243 25.11 -14.28 -67.44
N GLU H 244 23.86 -13.85 -67.29
CA GLU H 244 22.73 -14.37 -68.07
C GLU H 244 22.66 -15.88 -67.85
N GLY H 245 22.63 -16.70 -68.89
CA GLY H 245 22.50 -18.13 -68.74
C GLY H 245 23.74 -18.89 -68.30
N ASP H 246 24.87 -18.23 -68.10
CA ASP H 246 26.11 -18.91 -67.74
C ASP H 246 26.08 -19.28 -66.25
N THR H 247 25.17 -20.21 -65.92
CA THR H 247 24.92 -20.61 -64.54
C THR H 247 25.78 -21.80 -64.12
N PHE H 248 27.10 -21.58 -64.06
CA PHE H 248 28.00 -22.58 -63.48
C PHE H 248 28.28 -22.25 -62.02
N LYS H 249 28.33 -23.30 -61.19
CA LYS H 249 28.36 -23.18 -59.73
C LYS H 249 29.61 -23.79 -59.15
N GLY H 250 30.00 -23.32 -57.96
CA GLY H 250 31.19 -23.76 -57.27
C GLY H 250 30.91 -23.91 -55.78
N LYS H 251 31.94 -24.35 -55.05
CA LYS H 251 31.85 -24.60 -53.62
C LYS H 251 33.07 -24.06 -52.91
N LEU H 252 32.90 -23.64 -51.67
CA LEU H 252 33.98 -23.12 -50.87
C LEU H 252 33.68 -23.38 -49.41
N HIS H 253 34.70 -23.74 -48.65
CA HIS H 253 34.54 -23.98 -47.22
C HIS H 253 34.27 -22.68 -46.49
N VAL H 254 33.42 -22.75 -45.48
CA VAL H 254 33.11 -21.59 -44.64
C VAL H 254 33.87 -21.74 -43.34
N PRO H 255 34.76 -20.82 -42.98
CA PRO H 255 35.65 -21.09 -41.85
C PRO H 255 34.97 -21.26 -40.52
N PHE H 256 34.12 -20.32 -40.16
CA PHE H 256 33.51 -20.31 -38.85
C PHE H 256 32.14 -20.95 -38.96
N VAL H 257 31.94 -22.00 -38.19
CA VAL H 257 30.82 -22.89 -38.34
C VAL H 257 30.22 -23.05 -36.95
N PRO H 258 28.91 -23.11 -36.78
CA PRO H 258 28.36 -23.28 -35.44
C PRO H 258 28.73 -24.61 -34.81
N VAL H 259 29.08 -24.58 -33.54
CA VAL H 259 29.30 -25.79 -32.76
C VAL H 259 28.72 -25.56 -31.36
N LYS H 260 28.66 -26.63 -30.58
CA LYS H 260 28.15 -26.61 -29.23
C LYS H 260 29.33 -26.56 -28.28
N ALA H 261 29.41 -25.50 -27.49
CA ALA H 261 30.45 -25.39 -26.49
C ALA H 261 29.80 -25.10 -25.15
N LYS H 262 30.62 -24.82 -24.14
CA LYS H 262 30.16 -24.47 -22.82
C LYS H 262 30.30 -22.97 -22.65
N CYS H 263 29.22 -22.30 -22.30
CA CYS H 263 29.27 -20.89 -21.94
C CYS H 263 28.85 -20.73 -20.50
N ILE H 264 29.57 -19.86 -19.80
CA ILE H 264 29.30 -19.61 -18.39
C ILE H 264 28.03 -18.80 -18.27
N ALA H 265 27.19 -19.17 -17.32
CA ALA H 265 25.99 -18.45 -16.97
C ALA H 265 26.09 -18.02 -15.52
N THR H 266 25.37 -16.95 -15.18
CA THR H 266 25.51 -16.43 -13.83
C THR H 266 24.71 -17.28 -12.87
N LEU H 267 25.11 -17.23 -11.61
CA LEU H 267 24.40 -17.89 -10.52
C LEU H 267 23.74 -16.82 -9.67
N ALA H 268 22.43 -16.90 -9.55
CA ALA H 268 21.70 -15.95 -8.75
C ALA H 268 22.09 -16.10 -7.28
N PRO H 269 22.01 -15.04 -6.49
CA PRO H 269 22.27 -15.17 -5.06
C PRO H 269 21.32 -16.16 -4.42
N GLU H 270 21.84 -16.88 -3.44
CA GLU H 270 21.04 -17.89 -2.76
C GLU H 270 19.85 -17.24 -2.08
N PRO H 271 18.61 -17.68 -2.36
CA PRO H 271 17.48 -17.02 -1.73
C PRO H 271 17.45 -17.25 -0.24
N LEU H 272 16.89 -16.29 0.48
CA LEU H 272 16.65 -16.47 1.90
C LEU H 272 15.39 -17.28 2.08
N VAL H 273 15.50 -18.46 2.66
CA VAL H 273 14.39 -19.38 2.79
C VAL H 273 13.89 -19.31 4.21
N GLU H 274 12.60 -19.08 4.36
CA GLU H 274 11.94 -18.98 5.66
C GLU H 274 10.76 -19.93 5.66
N HIS H 275 10.56 -20.60 6.77
CA HIS H 275 9.62 -21.69 6.87
C HIS H 275 8.40 -21.27 7.67
N LYS H 276 7.22 -21.66 7.21
CA LYS H 276 6.02 -21.56 8.00
C LYS H 276 5.22 -22.83 7.77
N HIS H 277 4.20 -23.02 8.58
CA HIS H 277 3.38 -24.20 8.49
C HIS H 277 2.77 -24.29 7.12
N ARG H 278 3.14 -25.30 6.36
CA ARG H 278 2.63 -25.55 5.02
C ARG H 278 2.96 -24.44 4.05
N THR H 279 3.86 -23.52 4.40
CA THR H 279 4.26 -22.47 3.48
C THR H 279 5.76 -22.38 3.48
N LEU H 280 6.32 -22.08 2.31
CA LEU H 280 7.71 -21.74 2.15
C LEU H 280 7.75 -20.32 1.65
N ILE H 281 8.42 -19.45 2.38
CA ILE H 281 8.58 -18.07 2.00
C ILE H 281 9.98 -17.92 1.46
N LEU H 282 10.09 -17.38 0.28
CA LEU H 282 11.36 -17.22 -0.41
C LEU H 282 11.54 -15.74 -0.63
N HIS H 283 12.60 -15.17 -0.05
CA HIS H 283 12.97 -13.79 -0.33
C HIS H 283 14.08 -13.88 -1.36
N LEU H 284 13.78 -13.41 -2.56
CA LEU H 284 14.68 -13.47 -3.68
C LEU H 284 15.19 -12.06 -3.98
N HIS H 285 16.51 -11.94 -4.17
CA HIS H 285 17.15 -10.67 -4.47
C HIS H 285 18.04 -10.82 -5.68
N PRO H 286 17.45 -10.97 -6.87
CA PRO H 286 18.26 -11.24 -8.05
C PRO H 286 19.00 -10.01 -8.52
N ASP H 287 20.18 -10.23 -9.10
CA ASP H 287 20.93 -9.13 -9.70
C ASP H 287 20.65 -8.97 -11.20
N HIS H 288 20.09 -9.97 -11.85
CA HIS H 288 19.62 -9.91 -13.22
C HIS H 288 18.26 -10.57 -13.26
N PRO H 289 17.42 -10.25 -14.24
CA PRO H 289 16.14 -10.95 -14.34
C PRO H 289 16.27 -12.46 -14.35
N THR H 290 15.65 -13.11 -13.39
CA THR H 290 15.87 -14.52 -13.11
C THR H 290 14.56 -15.29 -13.02
N LEU H 291 14.56 -16.47 -13.58
CA LEU H 291 13.40 -17.36 -13.54
C LEU H 291 13.25 -18.03 -12.21
N LEU H 292 12.02 -18.28 -11.82
CA LEU H 292 11.69 -19.05 -10.64
C LEU H 292 10.51 -19.91 -11.03
N THR H 293 10.70 -21.22 -10.97
CA THR H 293 9.67 -22.17 -11.38
C THR H 293 9.47 -23.17 -10.27
N THR H 294 8.23 -23.37 -9.88
CA THR H 294 7.87 -24.29 -8.84
C THR H 294 6.83 -25.26 -9.37
N ARG H 295 6.89 -26.49 -8.87
CA ARG H 295 5.89 -27.49 -9.19
C ARG H 295 5.69 -28.39 -8.00
N SER H 296 4.45 -28.70 -7.69
CA SER H 296 4.20 -29.68 -6.66
C SER H 296 4.59 -31.04 -7.17
N LEU H 297 4.91 -31.93 -6.26
CA LEU H 297 5.31 -33.27 -6.60
C LEU H 297 4.16 -34.27 -6.54
N GLY H 298 2.95 -33.81 -6.30
CA GLY H 298 1.79 -34.69 -6.30
C GLY H 298 1.20 -34.85 -7.66
N SER H 299 -0.03 -35.33 -7.69
CA SER H 299 -0.71 -35.56 -8.97
C SER H 299 -0.92 -34.26 -9.72
N ASP H 300 -1.30 -33.21 -9.02
CA ASP H 300 -1.53 -31.92 -9.64
C ASP H 300 -0.22 -31.17 -9.62
N ALA H 301 0.32 -30.90 -10.80
CA ALA H 301 1.63 -30.26 -10.87
C ALA H 301 1.57 -28.88 -10.28
N ASN H 302 0.55 -28.12 -10.63
CA ASN H 302 0.43 -26.73 -10.24
C ASN H 302 1.71 -25.97 -10.58
N PRO H 303 2.08 -25.90 -11.86
CA PRO H 303 3.34 -25.27 -12.22
C PRO H 303 3.20 -23.77 -12.21
N THR H 304 4.03 -23.10 -11.42
CA THR H 304 4.05 -21.64 -11.35
C THR H 304 5.43 -21.17 -11.73
N ARG H 305 5.52 -20.45 -12.84
CA ARG H 305 6.78 -19.91 -13.34
C ARG H 305 6.68 -18.41 -13.42
N GLN H 306 7.78 -17.72 -13.11
CA GLN H 306 7.75 -16.28 -13.28
C GLN H 306 9.16 -15.73 -13.33
N TRP H 307 9.27 -14.53 -13.86
CA TRP H 307 10.51 -13.78 -13.91
C TRP H 307 10.54 -12.81 -12.75
N ILE H 308 11.68 -12.72 -12.10
CA ILE H 308 11.90 -11.84 -10.97
C ILE H 308 12.99 -10.89 -11.36
N GLU H 309 12.70 -9.59 -11.31
CA GLU H 309 13.69 -8.55 -11.52
C GLU H 309 13.98 -7.78 -10.25
N ARG H 310 12.96 -7.26 -9.62
CA ARG H 310 13.07 -6.56 -8.37
C ARG H 310 13.25 -7.55 -7.24
N PRO H 311 13.85 -7.15 -6.13
CA PRO H 311 13.84 -8.02 -4.95
C PRO H 311 12.43 -8.22 -4.43
N THR H 312 11.97 -9.46 -4.42
CA THR H 312 10.60 -9.77 -4.05
C THR H 312 10.57 -10.88 -3.02
N THR H 313 9.36 -11.25 -2.63
CA THR H 313 9.10 -12.34 -1.70
C THR H 313 7.94 -13.13 -2.27
N VAL H 314 8.06 -14.44 -2.30
CA VAL H 314 7.01 -15.29 -2.82
C VAL H 314 6.74 -16.41 -1.83
N ASN H 315 5.47 -16.72 -1.62
CA ASN H 315 5.02 -17.77 -0.73
C ASN H 315 4.48 -18.92 -1.55
N PHE H 316 4.92 -20.13 -1.23
CA PHE H 316 4.46 -21.33 -1.90
C PHE H 316 3.88 -22.28 -0.89
N THR H 317 2.67 -22.76 -1.16
CA THR H 317 1.96 -23.62 -0.22
C THR H 317 2.48 -25.05 -0.37
N VAL H 318 3.59 -25.31 0.30
CA VAL H 318 4.18 -26.64 0.31
C VAL H 318 3.33 -27.55 1.16
N THR H 319 3.08 -28.74 0.65
CA THR H 319 2.25 -29.73 1.30
C THR H 319 3.06 -30.98 1.60
N GLY H 320 2.38 -32.00 2.10
CA GLY H 320 3.06 -33.24 2.39
C GLY H 320 3.56 -33.96 1.17
N GLU H 321 2.99 -33.70 0.01
CA GLU H 321 3.48 -34.29 -1.21
C GLU H 321 4.77 -33.63 -1.69
N GLY H 322 5.16 -32.51 -1.13
CA GLY H 322 6.38 -31.83 -1.51
C GLY H 322 6.20 -30.84 -2.64
N LEU H 323 7.28 -30.12 -2.90
CA LEU H 323 7.30 -29.05 -3.88
C LEU H 323 8.74 -28.81 -4.28
N GLU H 324 8.99 -28.72 -5.58
CA GLU H 324 10.32 -28.55 -6.12
C GLU H 324 10.36 -27.16 -6.71
N TYR H 325 11.36 -26.38 -6.35
CA TYR H 325 11.55 -25.06 -6.93
C TYR H 325 12.94 -24.94 -7.48
N THR H 326 13.03 -24.32 -8.65
CA THR H 326 14.29 -24.01 -9.29
C THR H 326 14.38 -22.51 -9.40
N TRP H 327 15.54 -21.98 -9.02
CA TRP H 327 15.78 -20.56 -8.96
C TRP H 327 16.98 -20.24 -9.84
N GLY H 328 16.75 -19.63 -10.98
CA GLY H 328 17.90 -19.36 -11.82
C GLY H 328 18.52 -20.65 -12.30
N ASN H 329 19.83 -20.63 -12.46
CA ASN H 329 20.56 -21.79 -12.91
C ASN H 329 20.96 -22.70 -11.77
N HIS H 330 20.41 -22.51 -10.59
CA HIS H 330 20.66 -23.41 -9.50
C HIS H 330 20.04 -24.77 -9.78
N PRO H 331 20.60 -25.84 -9.24
CA PRO H 331 19.93 -27.13 -9.34
C PRO H 331 18.61 -27.07 -8.63
N PRO H 332 17.59 -27.80 -9.11
CA PRO H 332 16.31 -27.75 -8.43
C PRO H 332 16.41 -28.23 -7.01
N LYS H 333 15.66 -27.59 -6.12
CA LYS H 333 15.65 -27.93 -4.71
C LYS H 333 14.25 -28.34 -4.31
N ARG H 334 14.15 -29.44 -3.58
CA ARG H 334 12.89 -30.02 -3.17
C ARG H 334 12.66 -29.80 -1.69
N VAL H 335 11.45 -29.40 -1.32
CA VAL H 335 11.07 -29.24 0.07
C VAL H 335 9.74 -29.91 0.32
N TRP H 336 9.65 -30.59 1.45
CA TRP H 336 8.49 -31.36 1.88
C TRP H 336 8.06 -30.84 3.25
N ALA H 337 6.75 -30.73 3.47
CA ALA H 337 6.20 -29.95 4.58
C ALA H 337 5.60 -30.89 5.61
N GLN H 338 6.33 -31.03 6.71
CA GLN H 338 5.96 -31.85 7.84
C GLN H 338 4.63 -31.45 8.43
N GLU H 339 4.08 -32.37 9.20
CA GLU H 339 2.77 -32.25 9.81
C GLU H 339 2.76 -31.33 11.01
N SER H 340 3.82 -30.59 11.29
CA SER H 340 3.84 -29.76 12.47
C SER H 340 2.81 -28.66 12.36
N GLY H 341 2.22 -28.33 13.49
CA GLY H 341 1.04 -27.50 13.49
C GLY H 341 0.73 -27.06 14.91
N GLU H 342 -0.10 -26.03 15.00
CA GLU H 342 -0.51 -25.49 16.28
C GLU H 342 -1.73 -26.25 16.78
N GLY H 343 -1.86 -26.31 18.09
CA GLY H 343 -2.98 -27.00 18.70
C GLY H 343 -2.58 -28.32 19.31
N ASN H 344 -3.24 -28.66 20.41
CA ASN H 344 -2.90 -29.79 21.24
C ASN H 344 -4.02 -30.80 21.13
N PRO H 345 -3.85 -31.91 20.42
CA PRO H 345 -4.94 -32.87 20.29
C PRO H 345 -5.29 -33.61 21.56
N HIS H 346 -4.50 -33.46 22.62
CA HIS H 346 -4.68 -34.18 23.87
C HIS H 346 -5.45 -33.36 24.89
N GLY H 347 -6.00 -32.21 24.49
CA GLY H 347 -6.46 -31.21 25.41
C GLY H 347 -7.86 -30.76 25.04
N TRP H 348 -8.39 -29.87 25.86
CA TRP H 348 -9.78 -29.43 25.92
C TRP H 348 -10.33 -29.14 24.53
N PRO H 349 -11.61 -29.40 24.29
CA PRO H 349 -12.08 -29.61 22.91
C PRO H 349 -11.84 -28.44 21.98
N HIS H 350 -11.74 -27.22 22.48
CA HIS H 350 -11.38 -26.13 21.56
C HIS H 350 -9.95 -26.31 21.06
N GLU H 351 -9.06 -26.80 21.92
CA GLU H 351 -7.73 -27.15 21.44
C GLU H 351 -7.81 -28.24 20.38
N VAL H 352 -8.63 -29.26 20.60
CA VAL H 352 -8.66 -30.37 19.67
C VAL H 352 -9.20 -29.94 18.34
N VAL H 353 -10.20 -29.07 18.34
CA VAL H 353 -10.75 -28.66 17.06
C VAL H 353 -9.75 -27.78 16.33
N VAL H 354 -9.06 -26.89 17.04
CA VAL H 354 -8.13 -26.07 16.28
C VAL H 354 -6.97 -26.89 15.78
N TYR H 355 -6.63 -28.00 16.45
CA TYR H 355 -5.54 -28.81 15.94
C TYR H 355 -5.96 -29.53 14.68
N TYR H 356 -7.08 -30.23 14.74
CA TYR H 356 -7.55 -30.93 13.56
C TYR H 356 -8.00 -29.98 12.47
N TYR H 357 -8.11 -28.69 12.76
CA TYR H 357 -8.42 -27.71 11.73
C TYR H 357 -7.15 -27.29 11.02
N ASN H 358 -6.15 -26.83 11.77
CA ASN H 358 -4.93 -26.47 11.07
C ASN H 358 -4.29 -27.68 10.40
N ARG H 359 -4.56 -28.90 10.86
CA ARG H 359 -4.01 -30.06 10.17
C ARG H 359 -4.78 -30.38 8.90
N TYR H 360 -6.07 -30.65 9.03
CA TYR H 360 -6.94 -30.89 7.89
C TYR H 360 -7.89 -29.72 7.74
N PRO H 361 -7.75 -28.83 6.78
CA PRO H 361 -8.60 -27.66 6.78
C PRO H 361 -10.09 -27.90 6.56
N LEU H 362 -10.45 -28.65 5.54
CA LEU H 362 -11.84 -28.75 5.14
C LEU H 362 -12.51 -29.99 5.69
N THR H 363 -11.75 -31.05 5.96
CA THR H 363 -12.35 -32.26 6.48
C THR H 363 -12.96 -32.03 7.83
N THR H 364 -12.31 -31.27 8.70
CA THR H 364 -12.90 -31.02 10.00
C THR H 364 -14.18 -30.21 9.89
N ILE H 365 -14.25 -29.30 8.93
CA ILE H 365 -15.42 -28.43 8.85
C ILE H 365 -16.63 -29.25 8.44
N ILE H 366 -16.48 -30.08 7.41
CA ILE H 366 -17.59 -30.93 7.02
C ILE H 366 -17.85 -31.96 8.10
N GLY H 367 -16.81 -32.44 8.78
CA GLY H 367 -17.04 -33.41 9.84
C GLY H 367 -17.84 -32.82 10.97
N LEU H 368 -17.48 -31.62 11.41
CA LEU H 368 -18.24 -30.92 12.44
C LEU H 368 -19.66 -30.63 12.00
N CYS H 369 -19.82 -30.13 10.77
CA CYS H 369 -21.17 -29.85 10.30
C CYS H 369 -22.00 -31.12 10.27
N THR H 370 -21.41 -32.22 9.81
CA THR H 370 -22.10 -33.50 9.78
C THR H 370 -22.42 -33.97 11.19
N CYS H 371 -21.47 -33.84 12.11
CA CYS H 371 -21.71 -34.39 13.43
C CYS H 371 -22.77 -33.57 14.16
N VAL H 372 -22.74 -32.26 14.01
CA VAL H 372 -23.81 -31.48 14.64
C VAL H 372 -25.13 -31.79 13.96
N ALA H 373 -25.13 -31.97 12.65
CA ALA H 373 -26.36 -32.36 11.98
C ALA H 373 -26.91 -33.67 12.51
N ILE H 374 -26.08 -34.71 12.59
CA ILE H 374 -26.57 -36.00 13.03
C ILE H 374 -27.01 -35.94 14.48
N ILE H 375 -26.28 -35.22 15.33
CA ILE H 375 -26.65 -35.25 16.73
C ILE H 375 -27.93 -34.47 16.93
N MET H 376 -28.16 -33.43 16.15
CA MET H 376 -29.41 -32.70 16.34
C MET H 376 -30.56 -33.45 15.71
N VAL H 377 -30.35 -34.13 14.59
CA VAL H 377 -31.43 -34.92 14.04
C VAL H 377 -31.77 -36.06 14.98
N SER H 378 -30.77 -36.66 15.61
CA SER H 378 -31.01 -37.65 16.63
C SER H 378 -31.83 -37.08 17.78
N CYS H 379 -31.38 -35.96 18.33
CA CYS H 379 -32.07 -35.48 19.52
C CYS H 379 -33.47 -35.01 19.20
N VAL H 380 -33.69 -34.39 18.05
CA VAL H 380 -35.04 -33.96 17.72
C VAL H 380 -35.94 -35.15 17.44
N THR H 381 -35.45 -36.16 16.74
CA THR H 381 -36.33 -37.27 16.44
C THR H 381 -36.64 -38.04 17.72
N SER H 382 -35.66 -38.17 18.60
CA SER H 382 -35.91 -38.88 19.83
C SER H 382 -36.79 -38.08 20.78
N VAL H 383 -36.70 -36.76 20.76
CA VAL H 383 -37.58 -36.01 21.63
C VAL H 383 -39.00 -36.07 21.10
N TRP H 384 -39.15 -36.07 19.77
CA TRP H 384 -40.47 -36.30 19.21
C TRP H 384 -41.02 -37.64 19.64
N LEU H 385 -40.16 -38.65 19.67
CA LEU H 385 -40.59 -39.96 20.14
C LEU H 385 -41.04 -39.88 21.59
N LEU H 386 -40.28 -39.19 22.43
CA LEU H 386 -40.64 -39.19 23.84
C LEU H 386 -41.85 -38.32 24.13
N CYS H 387 -42.05 -37.25 23.37
CA CYS H 387 -43.27 -36.49 23.57
C CYS H 387 -44.46 -37.24 23.02
N ARG H 388 -44.24 -38.06 21.99
CA ARG H 388 -45.28 -38.98 21.55
C ARG H 388 -45.65 -39.91 22.70
N THR H 389 -44.66 -40.44 23.39
CA THR H 389 -44.96 -41.32 24.52
C THR H 389 -45.72 -40.57 25.60
N ARG H 390 -45.35 -39.32 25.84
CA ARG H 390 -46.11 -38.48 26.75
C ARG H 390 -47.57 -38.42 26.36
N ASN H 391 -47.83 -38.14 25.09
CA ASN H 391 -49.21 -38.03 24.65
C ASN H 391 -49.93 -39.33 24.86
N LEU H 392 -49.27 -40.45 24.58
CA LEU H 392 -49.88 -41.71 24.94
C LEU H 392 -49.94 -41.97 26.44
N CYS H 393 -49.28 -41.16 27.30
CA CYS H 393 -49.60 -41.25 28.72
C CYS H 393 -50.85 -40.47 29.05
N ILE H 394 -51.19 -39.51 28.23
CA ILE H 394 -52.31 -38.66 28.58
C ILE H 394 -53.60 -39.21 28.03
N THR H 395 -53.55 -39.72 26.82
CA THR H 395 -54.75 -40.18 26.15
C THR H 395 -55.55 -41.19 26.97
N PRO H 396 -54.96 -42.22 27.54
CA PRO H 396 -55.81 -43.20 28.21
C PRO H 396 -56.33 -42.70 29.53
N TYR H 397 -55.56 -41.85 30.21
CA TYR H 397 -55.86 -41.47 31.58
C TYR H 397 -56.74 -40.23 31.60
N LYS H 398 -57.97 -40.36 31.09
CA LYS H 398 -58.92 -39.25 31.10
C LYS H 398 -60.24 -39.59 31.79
N LEU H 399 -60.96 -38.48 32.00
CA LEU H 399 -62.17 -38.30 32.78
C LEU H 399 -61.93 -38.44 34.27
N ALA H 400 -60.72 -38.70 34.71
CA ALA H 400 -60.21 -38.60 36.07
C ALA H 400 -61.15 -39.02 37.21
N PRO H 401 -61.73 -40.22 37.21
CA PRO H 401 -62.05 -40.88 38.47
C PRO H 401 -60.97 -41.82 38.95
N ASN H 402 -59.95 -42.07 38.14
CA ASN H 402 -59.24 -43.33 38.18
C ASN H 402 -58.06 -43.28 39.13
N ALA H 403 -57.62 -44.47 39.53
CA ALA H 403 -56.40 -44.56 40.31
C ALA H 403 -55.23 -44.12 39.44
N GLN H 404 -54.31 -43.39 40.05
CA GLN H 404 -53.16 -42.90 39.28
C GLN H 404 -52.22 -44.04 38.90
N VAL H 405 -52.08 -45.03 39.77
CA VAL H 405 -51.12 -46.11 39.59
C VAL H 405 -49.76 -45.48 39.30
N PRO H 406 -49.12 -44.81 40.26
CA PRO H 406 -48.19 -43.73 39.91
C PRO H 406 -47.10 -44.15 38.95
N ILE H 407 -47.17 -43.53 37.79
CA ILE H 407 -46.17 -43.40 36.75
C ILE H 407 -46.07 -41.92 36.42
N LEU H 408 -46.98 -41.14 37.01
CA LEU H 408 -46.83 -39.70 37.08
C LEU H 408 -45.49 -39.31 37.67
N LEU H 409 -44.95 -40.08 38.60
CA LEU H 409 -43.58 -39.77 39.01
C LEU H 409 -42.60 -39.83 37.84
N ALA H 410 -42.86 -40.66 36.83
CA ALA H 410 -41.98 -40.76 35.67
C ALA H 410 -42.40 -39.87 34.50
N LEU H 411 -43.69 -39.84 34.24
CA LEU H 411 -44.29 -39.45 32.96
C LEU H 411 -44.85 -38.03 32.88
N LEU H 412 -44.44 -37.07 33.69
CA LEU H 412 -45.21 -36.57 34.81
C LEU H 412 -46.48 -35.89 34.36
N CYS H 413 -47.58 -36.49 34.81
CA CYS H 413 -48.91 -36.40 34.24
C CYS H 413 -49.82 -36.00 35.41
N CYS H 414 -49.34 -35.01 36.17
CA CYS H 414 -49.94 -34.37 37.36
C CYS H 414 -50.26 -35.43 38.41
N ILE H 415 -51.49 -35.46 38.94
CA ILE H 415 -51.96 -36.19 40.13
C ILE H 415 -53.41 -35.74 40.26
N LYS I 54 -83.27 -22.13 62.22
CA LYS I 54 -84.08 -20.94 61.97
C LYS I 54 -84.35 -20.18 63.26
N GLU I 109 -82.67 -20.63 66.23
CA GLU I 109 -81.42 -20.33 66.93
C GLU I 109 -80.59 -19.29 66.18
N SER I 110 -81.22 -18.14 65.92
CA SER I 110 -80.60 -17.06 65.18
C SER I 110 -79.87 -16.06 66.06
N ASP I 111 -80.13 -16.07 67.38
CA ASP I 111 -79.41 -15.21 68.32
C ASP I 111 -77.90 -15.33 68.15
N LYS I 112 -77.37 -16.57 68.19
CA LYS I 112 -75.93 -16.82 68.09
C LYS I 112 -75.29 -16.18 66.87
N THR I 113 -76.04 -15.97 65.79
CA THR I 113 -75.47 -15.49 64.53
C THR I 113 -75.29 -13.98 64.58
N PHE I 114 -74.04 -13.53 64.36
CA PHE I 114 -73.72 -12.10 64.27
C PHE I 114 -73.21 -11.76 62.87
N PRO I 115 -73.83 -10.81 62.15
CA PRO I 115 -73.16 -10.22 60.97
C PRO I 115 -71.95 -9.39 61.38
N ILE I 116 -70.99 -9.23 60.45
CA ILE I 116 -69.79 -8.44 60.75
C ILE I 116 -69.91 -7.10 60.04
N MET I 117 -69.74 -6.04 60.82
CA MET I 117 -70.39 -4.75 60.58
C MET I 117 -69.39 -3.78 60.00
N LEU I 118 -69.69 -3.23 58.83
CA LEU I 118 -69.14 -1.95 58.38
C LEU I 118 -70.25 -0.98 58.02
N ASN I 119 -70.24 0.18 58.67
CA ASN I 119 -71.03 1.34 58.26
C ASN I 119 -72.52 1.00 58.20
N GLY I 120 -72.95 0.14 59.12
CA GLY I 120 -74.33 -0.29 59.14
C GLY I 120 -74.74 -1.25 58.05
N GLN I 121 -73.79 -1.84 57.29
CA GLN I 121 -74.13 -2.94 56.40
C GLN I 121 -73.22 -4.16 56.59
N VAL I 122 -73.81 -5.31 56.26
CA VAL I 122 -73.26 -6.66 56.42
C VAL I 122 -72.18 -6.93 55.37
N ASN I 123 -70.96 -7.26 55.84
CA ASN I 123 -69.87 -7.63 54.92
C ASN I 123 -69.41 -9.09 55.00
N GLY I 124 -69.72 -9.79 56.08
CA GLY I 124 -69.31 -11.18 56.18
C GLY I 124 -69.94 -11.79 57.41
N TYR I 125 -69.65 -13.08 57.61
CA TYR I 125 -70.14 -13.76 58.80
C TYR I 125 -69.06 -14.57 59.49
N ALA I 126 -68.91 -14.29 60.79
CA ALA I 126 -68.04 -14.97 61.73
C ALA I 126 -68.92 -15.76 62.69
N CYS I 127 -68.58 -17.02 62.94
CA CYS I 127 -69.46 -17.89 63.71
C CYS I 127 -68.72 -18.47 64.91
N VAL I 128 -69.46 -18.59 66.02
CA VAL I 128 -68.96 -19.25 67.22
C VAL I 128 -69.45 -20.69 67.16
N VAL I 129 -68.51 -21.61 66.97
CA VAL I 129 -68.77 -23.04 66.86
C VAL I 129 -67.92 -23.76 67.90
N GLY I 130 -68.55 -24.65 68.67
CA GLY I 130 -67.80 -25.49 69.58
C GLY I 130 -66.99 -24.75 70.61
N GLY I 131 -67.50 -23.61 71.08
CA GLY I 131 -66.76 -22.82 72.04
C GLY I 131 -65.57 -22.08 71.47
N ARG I 132 -65.48 -21.91 70.15
CA ARG I 132 -64.43 -21.13 69.53
C ARG I 132 -65.00 -20.29 68.41
N VAL I 133 -64.48 -19.07 68.26
CA VAL I 133 -64.89 -18.19 67.17
C VAL I 133 -63.98 -18.42 65.98
N PHE I 134 -64.59 -18.68 64.84
CA PHE I 134 -63.93 -18.79 63.55
C PHE I 134 -64.41 -17.68 62.66
N LYS I 135 -63.50 -17.10 61.90
CA LYS I 135 -63.93 -16.20 60.84
C LYS I 135 -63.06 -16.40 59.61
N PRO I 136 -63.58 -16.03 58.44
CA PRO I 136 -62.73 -15.97 57.25
C PRO I 136 -61.76 -14.84 57.38
N LEU I 137 -60.51 -15.10 56.99
CA LEU I 137 -59.49 -14.10 57.23
C LEU I 137 -59.72 -12.86 56.37
N HIS I 138 -60.20 -13.04 55.13
CA HIS I 138 -60.31 -11.87 54.28
C HIS I 138 -61.45 -10.94 54.68
N VAL I 139 -62.46 -11.39 55.43
CA VAL I 139 -63.50 -10.46 55.88
C VAL I 139 -63.01 -9.75 57.15
N GLU I 140 -63.43 -8.49 57.30
CA GLU I 140 -63.07 -7.61 58.40
C GLU I 140 -64.31 -7.18 59.18
N GLY I 141 -64.11 -6.83 60.45
CA GLY I 141 -65.08 -6.04 61.19
C GLY I 141 -65.36 -6.55 62.58
N ARG I 142 -66.39 -5.98 63.19
CA ARG I 142 -66.68 -6.14 64.61
C ARG I 142 -67.98 -6.89 64.84
N ILE I 143 -67.98 -7.75 65.86
CA ILE I 143 -69.20 -8.37 66.36
C ILE I 143 -70.01 -7.34 67.13
N ASP I 144 -71.32 -7.33 66.91
CA ASP I 144 -72.24 -6.44 67.65
C ASP I 144 -72.54 -7.00 69.05
N ASN I 145 -71.48 -7.14 69.84
CA ASN I 145 -71.57 -7.71 71.17
C ASN I 145 -70.36 -7.25 71.98
N GLU I 146 -70.61 -6.65 73.14
CA GLU I 146 -69.55 -6.02 73.90
C GLU I 146 -68.50 -7.03 74.35
N GLN I 147 -68.93 -8.20 74.82
CA GLN I 147 -67.99 -9.17 75.37
C GLN I 147 -67.19 -9.86 74.27
N LEU I 148 -67.84 -10.15 73.12
CA LEU I 148 -67.21 -10.97 72.09
C LEU I 148 -66.10 -10.23 71.35
N ALA I 149 -66.25 -8.93 71.13
CA ALA I 149 -65.46 -8.23 70.12
C ALA I 149 -63.98 -8.09 70.49
N ALA I 150 -63.64 -8.15 71.78
CA ALA I 150 -62.27 -7.87 72.21
C ALA I 150 -61.34 -9.07 72.10
N ILE I 151 -61.83 -10.25 71.72
CA ILE I 151 -61.06 -11.48 71.86
C ILE I 151 -59.94 -11.53 70.82
N LYS I 152 -58.73 -11.90 71.28
CA LYS I 152 -57.60 -12.12 70.38
C LYS I 152 -57.85 -13.26 69.40
N LEU I 153 -57.60 -13.01 68.13
CA LEU I 153 -57.82 -13.96 67.04
C LEU I 153 -56.50 -14.29 66.38
N LYS I 154 -56.24 -15.59 66.13
CA LYS I 154 -54.98 -16.10 65.62
C LYS I 154 -55.15 -16.71 64.24
N LYS I 155 -54.20 -16.46 63.35
CA LYS I 155 -54.41 -16.64 61.92
C LYS I 155 -53.82 -17.95 61.42
N ALA I 156 -54.50 -18.55 60.44
CA ALA I 156 -54.00 -19.67 59.65
C ALA I 156 -54.14 -19.23 58.21
N SER I 157 -53.07 -18.65 57.68
CA SER I 157 -53.13 -17.99 56.38
C SER I 157 -53.41 -18.97 55.28
N ILE I 158 -52.83 -20.17 55.37
CA ILE I 158 -52.99 -21.16 54.31
C ILE I 158 -54.45 -21.51 54.14
N TYR I 159 -55.21 -21.48 55.22
CA TYR I 159 -56.60 -21.88 55.26
C TYR I 159 -57.54 -20.69 55.16
N ASP I 160 -57.01 -19.47 55.21
CA ASP I 160 -57.81 -18.26 55.25
C ASP I 160 -58.80 -18.43 56.40
N LEU I 161 -58.26 -18.79 57.55
CA LEU I 161 -59.12 -18.95 58.72
C LEU I 161 -58.47 -18.39 59.96
N GLU I 162 -59.24 -17.54 60.64
CA GLU I 162 -58.90 -16.88 61.87
C GLU I 162 -59.64 -17.60 62.98
N TYR I 163 -58.95 -18.02 64.04
CA TYR I 163 -59.66 -18.64 65.14
C TYR I 163 -59.24 -18.13 66.50
N GLY I 164 -60.18 -18.21 67.44
CA GLY I 164 -59.96 -17.83 68.81
C GLY I 164 -60.87 -18.61 69.75
N ASP I 165 -60.64 -18.44 71.04
CA ASP I 165 -61.50 -18.99 72.09
C ASP I 165 -62.56 -17.98 72.54
N VAL I 166 -63.82 -18.38 72.52
CA VAL I 166 -64.92 -17.56 73.03
C VAL I 166 -64.85 -17.55 74.56
N PRO I 167 -65.44 -16.58 75.24
CA PRO I 167 -65.35 -16.56 76.71
C PRO I 167 -66.07 -17.75 77.32
N GLN I 168 -65.75 -18.01 78.59
CA GLN I 168 -66.33 -19.15 79.29
C GLN I 168 -67.85 -19.04 79.44
N CYS I 169 -68.37 -17.81 79.52
CA CYS I 169 -69.80 -17.65 79.78
C CYS I 169 -70.66 -18.14 78.62
N MET I 170 -70.15 -18.09 77.40
CA MET I 170 -70.87 -18.49 76.20
C MET I 170 -70.45 -19.85 75.68
N LYS I 171 -69.62 -20.59 76.43
CA LYS I 171 -69.09 -21.85 75.92
C LYS I 171 -70.18 -22.90 75.75
N SER I 172 -71.22 -22.86 76.57
CA SER I 172 -72.30 -23.84 76.52
C SER I 172 -73.47 -23.40 75.64
N ASP I 173 -73.38 -22.25 74.98
CA ASP I 173 -74.44 -21.71 74.14
C ASP I 173 -73.94 -21.47 72.72
N THR I 174 -73.18 -22.42 72.18
CA THR I 174 -72.64 -22.35 70.83
C THR I 174 -73.12 -23.55 70.02
N LEU I 175 -73.32 -23.33 68.73
CA LEU I 175 -73.79 -24.39 67.84
C LEU I 175 -72.73 -25.48 67.69
N GLN I 176 -73.18 -26.72 67.65
CA GLN I 176 -72.29 -27.87 67.50
C GLN I 176 -71.97 -28.10 66.02
N TYR I 177 -70.83 -28.77 65.79
CA TYR I 177 -70.37 -29.13 64.46
C TYR I 177 -70.27 -30.65 64.32
N THR I 178 -70.28 -31.12 63.07
CA THR I 178 -70.18 -32.53 62.76
C THR I 178 -69.61 -32.71 61.36
N SER I 179 -68.75 -33.70 61.18
CA SER I 179 -68.05 -33.89 59.91
C SER I 179 -68.78 -34.79 58.94
N ASP I 180 -69.92 -35.37 59.33
CA ASP I 180 -70.64 -36.33 58.49
C ASP I 180 -71.54 -35.57 57.52
N LYS I 181 -71.12 -35.52 56.25
CA LYS I 181 -71.82 -34.76 55.21
C LYS I 181 -72.06 -35.66 54.00
N PRO I 182 -73.08 -36.52 54.06
CA PRO I 182 -73.45 -37.29 52.88
C PRO I 182 -74.04 -36.39 51.81
N PRO I 183 -73.95 -36.76 50.52
CA PRO I 183 -74.57 -35.92 49.50
C PRO I 183 -76.06 -35.77 49.73
N GLY I 184 -76.56 -34.55 49.49
CA GLY I 184 -77.97 -34.28 49.71
C GLY I 184 -78.20 -32.79 49.89
N PHE I 185 -79.22 -32.47 50.69
CA PHE I 185 -79.69 -31.11 50.91
C PHE I 185 -79.51 -30.70 52.36
N TYR I 186 -79.15 -29.44 52.58
CA TYR I 186 -79.02 -28.85 53.91
C TYR I 186 -79.76 -27.52 53.97
N ASN I 187 -80.23 -27.18 55.17
CA ASN I 187 -80.95 -25.93 55.38
C ASN I 187 -80.00 -24.74 55.41
N TRP I 188 -80.50 -23.61 54.94
CA TRP I 188 -79.79 -22.34 55.00
C TRP I 188 -80.83 -21.24 55.02
N HIS I 189 -80.40 -20.05 55.43
CA HIS I 189 -81.35 -18.95 55.65
C HIS I 189 -82.05 -18.57 54.36
N HIS I 190 -81.31 -18.53 53.26
CA HIS I 190 -81.86 -18.22 51.95
C HIS I 190 -82.35 -19.44 51.17
N GLY I 191 -82.20 -20.66 51.69
CA GLY I 191 -82.68 -21.84 50.93
C GLY I 191 -81.81 -23.07 51.18
N ALA I 192 -81.52 -23.80 50.10
CA ALA I 192 -80.90 -25.12 50.18
C ALA I 192 -79.43 -25.11 49.77
N VAL I 193 -78.65 -25.97 50.42
CA VAL I 193 -77.24 -26.25 50.08
C VAL I 193 -77.08 -27.71 49.68
N GLN I 194 -76.45 -27.97 48.53
CA GLN I 194 -76.18 -29.31 48.04
C GLN I 194 -74.77 -29.76 48.41
N TYR I 195 -74.65 -31.01 48.84
CA TYR I 195 -73.40 -31.77 48.79
C TYR I 195 -73.50 -32.81 47.70
N GLU I 196 -72.44 -32.92 46.88
CA GLU I 196 -72.37 -34.00 45.90
C GLU I 196 -70.96 -34.10 45.33
N ASN I 197 -70.45 -35.33 45.20
CA ASN I 197 -69.17 -35.62 44.54
C ASN I 197 -67.95 -34.99 45.22
N ASN I 198 -68.05 -34.62 46.49
CA ASN I 198 -67.02 -33.84 47.22
C ASN I 198 -66.97 -32.40 46.76
N ARG I 199 -68.09 -31.91 46.27
CA ARG I 199 -68.30 -30.50 46.02
C ARG I 199 -69.47 -30.05 46.88
N PHE I 200 -69.33 -28.87 47.45
CA PHE I 200 -70.47 -28.17 48.01
C PHE I 200 -71.02 -27.30 46.91
N THR I 201 -72.22 -27.65 46.45
CA THR I 201 -72.85 -27.00 45.31
C THR I 201 -74.14 -26.34 45.78
N VAL I 202 -74.49 -25.23 45.13
CA VAL I 202 -75.75 -24.58 45.42
C VAL I 202 -76.39 -24.28 44.07
N PRO I 203 -77.71 -24.26 43.90
CA PRO I 203 -78.28 -23.70 42.66
C PRO I 203 -77.84 -22.26 42.48
N ARG I 204 -77.60 -21.86 41.23
CA ARG I 204 -77.01 -20.55 41.00
C ARG I 204 -77.92 -19.46 41.55
N GLY I 205 -77.29 -18.41 42.07
CA GLY I 205 -77.94 -17.16 42.39
C GLY I 205 -78.54 -17.04 43.78
N VAL I 206 -78.47 -18.08 44.60
CA VAL I 206 -78.75 -17.99 46.03
C VAL I 206 -77.44 -18.15 46.78
N GLY I 207 -77.16 -17.22 47.69
CA GLY I 207 -75.84 -17.03 48.27
C GLY I 207 -75.05 -16.01 47.49
N GLY I 208 -73.98 -15.50 48.11
CA GLY I 208 -73.23 -14.46 47.44
C GLY I 208 -72.19 -13.80 48.32
N LYS I 209 -71.91 -12.54 47.99
CA LYS I 209 -70.89 -11.80 48.69
C LYS I 209 -71.39 -11.54 50.10
N GLY I 210 -70.46 -11.42 51.02
CA GLY I 210 -70.86 -11.23 52.40
C GLY I 210 -71.44 -12.45 53.06
N ASP I 211 -71.49 -13.58 52.36
CA ASP I 211 -71.97 -14.83 52.89
C ASP I 211 -70.85 -15.73 53.37
N SER I 212 -69.59 -15.41 53.04
CA SER I 212 -68.49 -16.27 53.40
C SER I 212 -68.39 -16.41 54.90
N GLY I 213 -67.96 -17.60 55.33
CA GLY I 213 -67.90 -17.91 56.73
C GLY I 213 -69.19 -18.43 57.29
N ARG I 214 -70.26 -18.42 56.52
CA ARG I 214 -71.55 -18.83 57.03
C ARG I 214 -71.53 -20.33 57.30
N PRO I 215 -71.99 -20.79 58.47
CA PRO I 215 -72.05 -22.23 58.70
C PRO I 215 -73.29 -22.80 58.03
N ILE I 216 -73.16 -24.05 57.61
CA ILE I 216 -74.20 -24.75 56.87
C ILE I 216 -74.88 -25.67 57.86
N LEU I 217 -76.21 -25.62 57.92
CA LEU I 217 -76.95 -26.33 58.95
C LEU I 217 -77.82 -27.41 58.31
N ASP I 218 -77.92 -28.54 59.02
CA ASP I 218 -78.80 -29.64 58.68
C ASP I 218 -80.15 -29.45 59.36
N GLY I 221 -79.19 -28.93 62.63
CA GLY I 221 -78.57 -27.64 62.83
C GLY I 221 -77.05 -27.60 62.88
N ARG I 222 -76.36 -28.73 62.70
CA ARG I 222 -74.92 -28.74 62.92
C ARG I 222 -74.13 -28.20 61.74
N VAL I 223 -72.99 -27.59 62.06
CA VAL I 223 -72.03 -27.09 61.07
C VAL I 223 -71.14 -28.22 60.57
N VAL I 224 -71.05 -28.39 59.24
CA VAL I 224 -70.16 -29.41 58.66
C VAL I 224 -69.06 -28.84 57.77
N ALA I 225 -69.14 -27.59 57.35
CA ALA I 225 -68.23 -27.05 56.35
C ALA I 225 -68.43 -25.54 56.37
N ILE I 226 -67.35 -24.79 56.17
CA ILE I 226 -67.38 -23.34 56.34
C ILE I 226 -67.03 -22.74 55.00
N VAL I 227 -68.02 -22.13 54.36
CA VAL I 227 -67.84 -21.64 53.00
C VAL I 227 -66.94 -20.42 53.02
N LEU I 228 -65.99 -20.40 52.10
CA LEU I 228 -65.15 -19.24 51.89
C LEU I 228 -65.32 -18.59 50.54
N GLY I 229 -65.74 -19.34 49.54
CA GLY I 229 -65.86 -18.77 48.22
C GLY I 229 -66.72 -19.63 47.34
N GLY I 230 -66.70 -19.30 46.06
CA GLY I 230 -67.55 -19.98 45.11
C GLY I 230 -67.02 -19.76 43.71
N VAL I 231 -67.61 -20.47 42.76
CA VAL I 231 -67.66 -19.98 41.40
C VAL I 231 -68.96 -20.46 40.79
N ASN I 232 -69.65 -19.54 40.11
CA ASN I 232 -70.98 -19.80 39.60
C ASN I 232 -70.80 -20.39 38.21
N GLU I 233 -71.23 -21.62 38.06
CA GLU I 233 -71.01 -22.38 36.85
C GLU I 233 -72.36 -22.83 36.33
N GLY I 234 -72.72 -22.37 35.14
CA GLY I 234 -73.96 -22.80 34.51
C GLY I 234 -75.12 -22.74 35.47
N SER I 235 -75.71 -23.91 35.75
CA SER I 235 -76.86 -23.99 36.63
C SER I 235 -76.50 -24.15 38.10
N ARG I 236 -75.22 -24.13 38.47
CA ARG I 236 -74.82 -24.50 39.82
C ARG I 236 -73.52 -23.80 40.22
N THR I 237 -73.51 -23.27 41.43
CA THR I 237 -72.35 -22.63 42.02
C THR I 237 -71.59 -23.65 42.85
N ALA I 238 -70.34 -23.91 42.50
CA ALA I 238 -69.51 -24.82 43.27
C ALA I 238 -68.76 -24.04 44.33
N LEU I 239 -68.85 -24.50 45.58
CA LEU I 239 -68.42 -23.71 46.73
C LEU I 239 -66.99 -24.08 47.12
N SER I 240 -66.14 -23.06 47.21
CA SER I 240 -64.83 -23.19 47.85
C SER I 240 -64.99 -23.22 49.35
N VAL I 241 -64.64 -24.33 49.99
CA VAL I 241 -64.94 -24.50 51.40
C VAL I 241 -63.79 -25.19 52.11
N VAL I 242 -63.59 -24.84 53.37
CA VAL I 242 -62.60 -25.46 54.23
C VAL I 242 -63.31 -26.51 55.04
N THR I 243 -62.74 -27.70 55.05
CA THR I 243 -63.44 -28.90 55.46
C THR I 243 -62.52 -29.70 56.35
N TRP I 244 -62.95 -30.91 56.66
CA TRP I 244 -62.14 -31.92 57.31
C TRP I 244 -62.01 -33.07 56.33
N ASN I 245 -60.79 -33.52 56.07
CA ASN I 245 -60.58 -34.59 55.11
C ASN I 245 -61.04 -35.91 55.71
N GLN I 246 -60.86 -36.97 54.91
CA GLN I 246 -61.40 -38.27 55.30
C GLN I 246 -60.80 -38.74 56.61
N LYS I 247 -59.55 -38.39 56.87
CA LYS I 247 -58.91 -38.68 58.15
C LYS I 247 -59.24 -37.66 59.23
N GLY I 248 -60.14 -36.71 59.00
CA GLY I 248 -60.41 -35.68 59.98
C GLY I 248 -59.50 -34.47 59.96
N VAL I 249 -58.48 -34.44 59.10
CA VAL I 249 -57.60 -33.28 58.99
C VAL I 249 -58.28 -32.13 58.28
N THR I 250 -58.01 -30.91 58.74
CA THR I 250 -58.52 -29.72 58.08
C THR I 250 -57.86 -29.47 56.73
N VAL I 251 -58.67 -29.31 55.69
CA VAL I 251 -58.20 -29.15 54.31
C VAL I 251 -59.05 -28.13 53.57
N LYS I 252 -58.44 -27.27 52.75
CA LYS I 252 -59.20 -26.40 51.86
C LYS I 252 -59.50 -27.08 50.55
N ASP I 253 -60.76 -27.04 50.14
CA ASP I 253 -61.23 -27.42 48.82
C ASP I 253 -61.56 -26.17 48.03
N THR I 254 -60.73 -25.82 47.06
CA THR I 254 -60.97 -24.61 46.26
C THR I 254 -61.20 -24.98 44.80
N PRO I 255 -62.43 -24.88 44.29
CA PRO I 255 -62.64 -25.07 42.86
C PRO I 255 -61.86 -24.05 42.08
N GLU I 256 -61.43 -24.42 40.88
CA GLU I 256 -60.59 -23.54 40.09
C GLU I 256 -61.34 -22.24 39.85
N GLY I 257 -60.63 -21.13 40.02
CA GLY I 257 -61.21 -19.85 39.73
C GLY I 257 -62.24 -19.37 40.72
N SER I 258 -62.20 -19.86 41.94
CA SER I 258 -63.19 -19.43 42.91
C SER I 258 -62.90 -18.03 43.40
N GLU I 259 -63.89 -17.15 43.32
CA GLU I 259 -63.81 -15.81 43.89
C GLU I 259 -64.28 -15.89 45.32
N PRO I 260 -63.49 -15.49 46.31
CA PRO I 260 -63.97 -15.57 47.69
C PRO I 260 -65.22 -14.74 47.89
N TRP I 261 -66.11 -15.23 48.73
CA TRP I 261 -67.38 -14.58 48.97
C TRP I 261 -67.27 -13.71 50.20
N TYR J 1 -32.89 16.17 -76.36
CA TYR J 1 -34.04 15.65 -75.59
C TYR J 1 -33.67 15.46 -74.14
N GLU J 2 -34.43 16.08 -73.26
CA GLU J 2 -34.05 16.12 -71.86
C GLU J 2 -34.55 14.85 -71.19
N HIS J 3 -33.66 14.17 -70.50
CA HIS J 3 -33.98 12.96 -69.76
C HIS J 3 -33.44 13.13 -68.36
N THR J 4 -34.33 13.01 -67.38
CA THR J 4 -34.00 13.24 -65.99
C THR J 4 -34.08 11.95 -65.21
N ALA J 5 -33.22 11.82 -64.22
CA ALA J 5 -33.22 10.64 -63.35
C ALA J 5 -32.40 10.97 -62.12
N VAL J 6 -32.17 9.96 -61.28
CA VAL J 6 -31.33 10.06 -60.10
C VAL J 6 -30.39 8.88 -60.08
N MET J 7 -29.09 9.14 -59.90
CA MET J 7 -28.08 8.09 -59.85
C MET J 7 -27.45 8.02 -58.47
N PRO J 8 -27.09 6.85 -57.98
CA PRO J 8 -26.37 6.81 -56.71
C PRO J 8 -25.03 7.47 -56.85
N ASN J 9 -24.56 8.06 -55.76
CA ASN J 9 -23.23 8.68 -55.75
C ASN J 9 -22.15 7.67 -55.44
N LYS J 10 -22.09 6.59 -56.20
CA LYS J 10 -21.02 5.61 -56.10
C LYS J 10 -20.17 5.76 -57.34
N VAL J 11 -18.85 5.77 -57.17
CA VAL J 11 -17.99 6.36 -58.18
C VAL J 11 -17.29 5.33 -59.06
N GLY J 12 -17.67 4.05 -59.01
CA GLY J 12 -17.35 3.18 -60.13
C GLY J 12 -18.50 2.49 -60.82
N ILE J 13 -19.62 2.31 -60.15
CA ILE J 13 -20.77 1.63 -60.71
C ILE J 13 -21.35 2.50 -61.81
N PRO J 14 -21.40 2.08 -63.07
CA PRO J 14 -22.10 2.90 -64.04
C PRO J 14 -23.58 2.92 -63.74
N TYR J 15 -24.23 3.93 -64.29
CA TYR J 15 -25.68 4.10 -64.25
C TYR J 15 -26.18 3.92 -65.67
N LYS J 16 -27.12 3.01 -65.86
CA LYS J 16 -27.61 2.67 -67.17
C LYS J 16 -29.07 3.07 -67.26
N ALA J 17 -29.48 3.60 -68.39
CA ALA J 17 -30.88 3.91 -68.60
C ALA J 17 -31.13 3.94 -70.09
N LEU J 18 -32.40 3.95 -70.48
CA LEU J 18 -32.79 4.11 -71.87
C LEU J 18 -33.66 5.36 -71.94
N VAL J 19 -33.31 6.27 -72.81
CA VAL J 19 -34.22 7.37 -73.08
C VAL J 19 -35.25 6.91 -74.10
N GLU J 20 -36.52 7.23 -73.80
CA GLU J 20 -37.70 6.94 -74.60
C GLU J 20 -38.27 8.24 -75.12
N ARG J 21 -37.94 8.55 -76.33
CA ARG J 21 -38.69 9.55 -77.05
C ARG J 21 -39.77 8.83 -77.82
N PRO J 22 -41.05 9.21 -77.70
CA PRO J 22 -42.06 8.57 -78.53
C PRO J 22 -41.76 8.77 -80.00
N GLY J 23 -41.97 7.72 -80.77
CA GLY J 23 -41.72 7.79 -82.18
C GLY J 23 -40.29 7.65 -82.61
N TYR J 24 -39.36 7.49 -81.67
CA TYR J 24 -37.99 7.12 -81.99
C TYR J 24 -37.59 5.96 -81.09
N ALA J 25 -36.78 5.06 -81.64
CA ALA J 25 -36.34 3.91 -80.87
C ALA J 25 -35.52 4.36 -79.68
N PRO J 26 -35.67 3.73 -78.52
CA PRO J 26 -34.96 4.20 -77.33
C PRO J 26 -33.47 4.08 -77.52
N VAL J 27 -32.72 5.00 -76.94
CA VAL J 27 -31.27 4.97 -77.03
C VAL J 27 -30.69 4.84 -75.63
N HIS J 28 -29.77 3.91 -75.48
CA HIS J 28 -29.10 3.64 -74.23
C HIS J 28 -28.21 4.79 -73.84
N LEU J 29 -28.02 4.97 -72.54
CA LEU J 29 -27.09 5.95 -72.04
C LEU J 29 -26.52 5.45 -70.74
N GLN J 30 -25.23 5.70 -70.56
CA GLN J 30 -24.45 5.19 -69.46
C GLN J 30 -23.68 6.36 -68.91
N ILE J 31 -24.09 6.79 -67.72
CA ILE J 31 -23.47 7.86 -66.98
C ILE J 31 -22.61 7.20 -65.94
N GLN J 32 -21.32 7.48 -65.90
CA GLN J 32 -20.46 6.84 -64.91
C GLN J 32 -19.51 7.87 -64.36
N LEU J 33 -19.52 8.07 -63.05
CA LEU J 33 -18.54 8.96 -62.48
C LEU J 33 -17.17 8.31 -62.55
N VAL J 34 -16.14 9.14 -62.45
CA VAL J 34 -14.77 8.67 -62.28
C VAL J 34 -14.19 9.17 -60.98
N ASN J 35 -14.35 10.45 -60.70
CA ASN J 35 -14.01 11.02 -59.41
C ASN J 35 -15.08 12.01 -59.01
N THR J 36 -15.16 12.29 -57.71
CA THR J 36 -16.13 13.26 -57.22
C THR J 36 -15.59 13.88 -55.96
N ARG J 37 -15.41 15.19 -56.01
CA ARG J 37 -14.59 15.93 -55.07
C ARG J 37 -15.46 16.91 -54.29
N ILE J 38 -15.38 16.86 -52.98
CA ILE J 38 -15.96 17.88 -52.11
C ILE J 38 -14.85 18.88 -51.82
N ILE J 39 -14.93 20.05 -52.41
CA ILE J 39 -13.84 21.03 -52.38
C ILE J 39 -14.23 22.19 -51.48
N PRO J 40 -13.95 22.13 -50.19
CA PRO J 40 -14.30 23.24 -49.31
C PRO J 40 -13.46 24.48 -49.52
N SER J 41 -14.11 25.62 -49.35
CA SER J 41 -13.43 26.91 -49.25
C SER J 41 -12.78 27.03 -47.89
N THR J 42 -11.51 27.43 -47.87
CA THR J 42 -10.75 27.55 -46.64
C THR J 42 -10.00 28.87 -46.59
N ASN J 43 -9.68 29.31 -45.37
CA ASN J 43 -8.82 30.46 -45.15
C ASN J 43 -7.77 30.12 -44.09
N LEU J 44 -6.52 30.41 -44.39
CA LEU J 44 -5.40 30.06 -43.51
C LEU J 44 -5.42 30.91 -42.27
N GLU J 45 -5.83 30.33 -41.15
CA GLU J 45 -5.76 31.05 -39.88
C GLU J 45 -4.32 31.32 -39.46
N TYR J 46 -3.46 30.31 -39.48
CA TYR J 46 -2.06 30.50 -39.11
C TYR J 46 -1.29 29.22 -39.39
N ILE J 47 0.02 29.26 -39.15
CA ILE J 47 0.86 28.07 -39.20
C ILE J 47 1.69 28.00 -37.93
N THR J 48 2.14 26.79 -37.64
CA THR J 48 2.96 26.53 -36.46
C THR J 48 4.10 25.62 -36.80
N CYS J 49 5.17 25.77 -36.04
CA CYS J 49 6.37 24.97 -36.23
C CYS J 49 7.15 24.98 -34.93
N LYS J 50 8.13 24.10 -34.86
CA LYS J 50 8.96 24.03 -33.68
C LYS J 50 9.70 25.34 -33.53
N TYR J 51 9.67 25.90 -32.34
CA TYR J 51 10.26 27.19 -32.10
C TYR J 51 11.77 27.06 -31.97
N LYS J 52 12.43 28.21 -31.96
CA LYS J 52 13.85 28.29 -31.66
C LYS J 52 14.02 29.53 -30.84
N THR J 53 14.89 29.44 -29.84
CA THR J 53 15.05 30.49 -28.85
C THR J 53 16.45 31.03 -28.96
N LYS J 54 16.60 32.08 -29.74
CA LYS J 54 17.89 32.71 -29.86
C LYS J 54 18.18 33.57 -28.65
N VAL J 55 19.39 33.40 -28.14
CA VAL J 55 19.90 34.11 -26.99
C VAL J 55 20.97 35.07 -27.52
N PRO J 56 20.68 36.36 -27.63
CA PRO J 56 21.73 37.29 -28.01
C PRO J 56 22.84 37.28 -26.99
N SER J 57 23.97 37.80 -27.41
CA SER J 57 25.14 37.80 -26.56
C SER J 57 24.83 38.64 -25.34
N PRO J 58 24.94 38.12 -24.12
CA PRO J 58 24.67 38.96 -22.97
C PRO J 58 25.65 40.11 -22.91
N VAL J 59 25.27 41.16 -22.20
CA VAL J 59 26.17 42.27 -21.97
C VAL J 59 26.54 42.19 -20.51
N VAL J 60 27.77 42.54 -20.21
CA VAL J 60 28.28 42.50 -18.86
C VAL J 60 29.03 43.78 -18.60
N LYS J 61 28.80 44.35 -17.44
CA LYS J 61 29.47 45.56 -17.03
C LYS J 61 30.56 45.20 -16.05
N CYS J 62 31.62 45.97 -16.08
CA CYS J 62 32.67 45.89 -15.09
C CYS J 62 32.45 47.09 -14.18
N CYS J 63 31.73 46.83 -13.08
CA CYS J 63 31.30 47.82 -12.12
C CYS J 63 30.19 48.64 -12.75
N GLY J 64 29.18 48.94 -11.96
CA GLY J 64 27.98 49.54 -12.45
C GLY J 64 26.96 48.51 -12.88
N ALA J 65 25.78 49.00 -13.24
CA ALA J 65 24.64 48.16 -13.54
C ALA J 65 23.97 48.66 -14.80
N THR J 66 23.14 47.80 -15.36
CA THR J 66 22.19 48.21 -16.38
C THR J 66 20.81 47.74 -15.95
N GLN J 67 19.81 48.27 -16.61
CA GLN J 67 18.45 47.74 -16.53
C GLN J 67 18.00 47.50 -17.95
N CYS J 68 17.15 46.49 -18.14
CA CYS J 68 16.77 46.16 -19.50
C CYS J 68 15.59 47.01 -19.91
N THR J 69 15.01 46.67 -21.06
CA THR J 69 13.99 47.47 -21.66
C THR J 69 13.12 46.53 -22.47
N SER J 70 11.86 46.90 -22.64
CA SER J 70 10.99 46.05 -23.42
C SER J 70 11.36 46.21 -24.89
N LYS J 71 11.10 45.17 -25.66
CA LYS J 71 11.49 45.12 -27.04
C LYS J 71 10.41 44.36 -27.80
N PRO J 72 10.00 44.84 -28.94
CA PRO J 72 8.83 44.26 -29.60
C PRO J 72 9.11 42.90 -30.22
N HIS J 73 9.28 41.83 -29.44
CA HIS J 73 9.64 40.53 -29.98
C HIS J 73 8.76 39.45 -29.41
N PRO J 74 8.66 38.29 -30.07
CA PRO J 74 7.96 37.16 -29.48
C PRO J 74 8.56 36.73 -28.16
N ASP J 75 7.74 36.68 -27.12
CA ASP J 75 8.10 36.16 -25.81
C ASP J 75 9.43 36.70 -25.31
N TYR J 76 9.62 37.99 -25.46
CA TYR J 76 10.86 38.62 -25.09
C TYR J 76 11.03 38.65 -23.60
N GLN J 77 12.22 38.32 -23.14
CA GLN J 77 12.50 38.22 -21.72
C GLN J 77 13.88 38.77 -21.44
N CYS J 78 13.94 39.67 -20.47
CA CYS J 78 15.17 40.29 -20.00
C CYS J 78 15.25 40.16 -18.50
N GLN J 79 16.45 39.91 -18.03
CA GLN J 79 16.75 39.92 -16.63
C GLN J 79 18.02 40.72 -16.45
N VAL J 80 18.40 40.93 -15.21
CA VAL J 80 19.72 41.43 -14.86
C VAL J 80 20.04 40.76 -13.55
N PHE J 81 21.32 40.56 -13.28
CA PHE J 81 21.71 39.88 -12.06
C PHE J 81 22.82 40.66 -11.39
N SER J 82 23.31 40.13 -10.28
CA SER J 82 24.21 40.84 -9.40
C SER J 82 25.40 39.96 -9.06
N GLY J 83 26.56 40.57 -8.96
CA GLY J 83 27.78 39.88 -8.60
C GLY J 83 28.04 38.67 -9.46
N VAL J 84 27.98 38.87 -10.77
CA VAL J 84 28.23 37.76 -11.68
C VAL J 84 29.68 37.31 -11.60
N TYR J 85 30.61 38.25 -11.64
CA TYR J 85 32.04 37.97 -11.69
C TYR J 85 32.40 36.91 -12.74
N PRO J 86 32.07 37.15 -14.00
CA PRO J 86 32.38 36.18 -15.05
C PRO J 86 33.85 35.91 -15.19
N PHE J 87 34.24 34.68 -14.96
CA PHE J 87 35.58 34.27 -15.35
C PHE J 87 35.56 33.99 -16.85
N MET J 88 36.72 33.76 -17.42
CA MET J 88 36.81 33.47 -18.84
C MET J 88 38.15 32.80 -19.07
N TRP J 89 38.45 32.49 -20.34
CA TRP J 89 39.75 31.92 -20.67
C TRP J 89 40.87 32.85 -20.27
N GLY J 90 40.77 34.12 -20.63
CA GLY J 90 41.88 35.03 -20.49
C GLY J 90 41.79 35.90 -19.27
N GLY J 91 41.34 35.35 -18.14
CA GLY J 91 41.30 36.09 -16.90
C GLY J 91 39.90 36.27 -16.38
N ALA J 92 39.79 37.00 -15.29
CA ALA J 92 38.56 37.18 -14.56
C ALA J 92 37.97 38.49 -15.05
N TYR J 93 37.06 38.37 -16.01
CA TYR J 93 36.79 39.41 -17.00
C TYR J 93 36.62 40.80 -16.39
N CYS J 94 35.64 40.98 -15.51
CA CYS J 94 35.49 42.24 -14.78
C CYS J 94 36.23 42.20 -13.44
N PHE J 95 36.81 43.34 -13.04
CA PHE J 95 37.65 43.27 -11.84
C PHE J 95 36.82 43.42 -10.55
N CYS J 96 35.73 44.18 -10.59
CA CYS J 96 34.81 44.31 -9.47
C CYS J 96 34.46 42.95 -8.91
N ASP J 97 34.47 42.84 -7.58
CA ASP J 97 33.93 41.67 -6.91
C ASP J 97 32.57 42.03 -6.34
N THR J 98 31.55 41.30 -6.77
CA THR J 98 30.19 41.38 -6.23
C THR J 98 29.46 42.65 -6.63
N GLU J 99 29.90 43.34 -7.69
CA GLU J 99 29.24 44.56 -8.14
C GLU J 99 28.83 44.51 -9.61
N ASN J 100 29.21 43.49 -10.36
CA ASN J 100 28.96 43.42 -11.79
C ASN J 100 27.56 42.88 -12.08
N THR J 101 27.05 43.21 -13.27
CA THR J 101 25.75 42.73 -13.72
C THR J 101 25.82 42.20 -15.15
N GLN J 102 24.97 41.20 -15.43
CA GLN J 102 24.83 40.58 -16.74
C GLN J 102 23.39 40.68 -17.20
N MET J 103 23.16 41.09 -18.45
CA MET J 103 21.80 41.28 -18.94
C MET J 103 21.14 39.96 -19.34
N SER J 104 21.76 39.20 -20.24
CA SER J 104 21.25 37.87 -20.58
C SER J 104 19.82 37.88 -21.09
N GLU J 105 19.57 38.56 -22.21
CA GLU J 105 18.22 38.56 -22.78
C GLU J 105 18.06 37.51 -23.86
N ALA J 106 16.90 36.87 -23.86
CA ALA J 106 16.51 35.83 -24.79
C ALA J 106 15.17 36.17 -25.41
N TYR J 107 14.91 35.63 -26.60
CA TYR J 107 13.56 35.61 -27.14
C TYR J 107 13.46 34.46 -28.12
N VAL J 108 12.27 34.30 -28.70
CA VAL J 108 11.93 33.12 -29.48
C VAL J 108 11.59 33.54 -30.90
N GLU J 109 11.66 32.59 -31.81
CA GLU J 109 11.44 32.87 -33.22
C GLU J 109 11.35 31.55 -33.99
N ARG J 110 10.80 31.65 -35.19
CA ARG J 110 10.53 30.48 -36.01
C ARG J 110 11.80 29.71 -36.30
N SER J 111 11.75 28.41 -36.14
CA SER J 111 12.89 27.60 -36.48
C SER J 111 13.06 27.59 -37.98
N GLU J 112 14.30 27.36 -38.40
CA GLU J 112 14.58 27.25 -39.82
C GLU J 112 13.85 26.10 -40.49
N GLU J 113 13.33 25.16 -39.72
CA GLU J 113 12.54 24.07 -40.26
C GLU J 113 11.09 24.47 -40.49
N CYS J 114 10.69 25.67 -40.08
CA CYS J 114 9.32 26.09 -40.36
C CYS J 114 9.07 26.18 -41.85
N SER J 115 10.06 26.60 -42.62
CA SER J 115 9.78 26.74 -44.03
C SER J 115 9.49 25.41 -44.68
N ILE J 116 10.07 24.32 -44.18
CA ILE J 116 9.95 23.06 -44.88
C ILE J 116 8.79 22.23 -44.36
N ASP J 117 8.46 22.35 -43.07
CA ASP J 117 7.31 21.66 -42.50
C ASP J 117 6.62 22.54 -41.47
N HIS J 118 5.32 22.44 -41.41
CA HIS J 118 4.53 23.25 -40.53
C HIS J 118 3.11 22.76 -40.55
N ALA J 119 2.43 22.92 -39.42
CA ALA J 119 1.02 22.61 -39.34
C ALA J 119 0.26 23.86 -39.73
N LYS J 120 -0.52 23.79 -40.79
CA LYS J 120 -1.34 24.91 -41.24
C LYS J 120 -2.76 24.73 -40.74
N ALA J 121 -3.25 25.71 -39.99
CA ALA J 121 -4.61 25.71 -39.48
C ALA J 121 -5.53 26.42 -40.46
N TYR J 122 -6.56 25.72 -40.91
CA TYR J 122 -7.56 26.24 -41.81
C TYR J 122 -8.91 26.23 -41.12
N LYS J 123 -9.76 27.19 -41.48
CA LYS J 123 -11.18 27.16 -41.18
C LYS J 123 -11.96 26.82 -42.44
N VAL J 124 -12.77 25.79 -42.37
CA VAL J 124 -13.45 25.21 -43.52
C VAL J 124 -14.88 25.73 -43.59
N HIS J 125 -15.34 26.05 -44.80
CA HIS J 125 -16.70 26.52 -45.09
C HIS J 125 -17.42 25.50 -45.97
N THR J 126 -18.65 25.83 -46.36
CA THR J 126 -19.47 24.88 -47.12
C THR J 126 -18.84 24.53 -48.46
N GLY J 127 -18.37 25.52 -49.19
CA GLY J 127 -17.67 25.22 -50.42
C GLY J 127 -18.53 24.63 -51.52
N THR J 128 -17.84 24.04 -52.49
CA THR J 128 -18.44 23.50 -53.71
C THR J 128 -18.14 22.01 -53.84
N VAL J 129 -18.83 21.39 -54.79
CA VAL J 129 -18.64 19.98 -55.14
C VAL J 129 -18.51 19.90 -56.65
N GLN J 130 -17.50 19.20 -57.13
CA GLN J 130 -17.35 18.98 -58.57
C GLN J 130 -16.82 17.59 -58.82
N ALA J 131 -17.18 17.04 -59.98
CA ALA J 131 -16.93 15.64 -60.28
C ALA J 131 -16.68 15.52 -61.77
N MET J 132 -16.03 14.43 -62.15
CA MET J 132 -15.68 14.15 -63.54
C MET J 132 -16.47 12.94 -63.95
N VAL J 133 -17.18 13.03 -65.06
CA VAL J 133 -18.14 12.01 -65.45
C VAL J 133 -17.79 11.53 -66.84
N ASN J 134 -18.39 10.42 -67.20
CA ASN J 134 -18.07 9.65 -68.39
C ASN J 134 -19.39 9.26 -69.03
N ILE J 135 -19.69 9.79 -70.22
CA ILE J 135 -20.99 9.64 -70.83
C ILE J 135 -20.80 8.77 -72.07
N THR J 136 -21.68 7.80 -72.25
CA THR J 136 -21.73 7.06 -73.50
C THR J 136 -23.18 6.85 -73.87
N TYR J 137 -23.46 6.82 -75.17
CA TYR J 137 -24.82 6.61 -75.62
C TYR J 137 -24.80 6.20 -77.08
N GLY J 138 -25.80 5.42 -77.46
CA GLY J 138 -25.94 5.03 -78.84
C GLY J 138 -24.73 4.28 -79.35
N SER J 139 -24.00 4.93 -80.24
CA SER J 139 -22.80 4.39 -80.83
C SER J 139 -21.58 5.27 -80.60
N VAL J 140 -21.75 6.48 -80.08
CA VAL J 140 -20.60 7.32 -79.83
C VAL J 140 -19.80 6.75 -78.67
N SER J 141 -18.48 6.91 -78.74
CA SER J 141 -17.61 6.31 -77.75
C SER J 141 -17.73 7.05 -76.42
N TRP J 142 -16.95 6.59 -75.45
CA TRP J 142 -16.89 7.25 -74.17
C TRP J 142 -16.37 8.67 -74.33
N ARG J 143 -17.05 9.63 -73.70
CA ARG J 143 -16.63 11.02 -73.67
C ARG J 143 -16.67 11.51 -72.23
N SER J 144 -15.53 11.93 -71.71
CA SER J 144 -15.36 12.28 -70.32
C SER J 144 -15.20 13.77 -70.16
N ALA J 145 -15.74 14.32 -69.08
CA ALA J 145 -15.65 15.74 -68.86
C ALA J 145 -15.85 16.06 -67.39
N ASP J 146 -15.11 17.06 -66.93
CA ASP J 146 -15.32 17.57 -65.59
C ASP J 146 -16.60 18.37 -65.58
N VAL J 147 -17.22 18.48 -64.41
CA VAL J 147 -18.47 19.18 -64.32
C VAL J 147 -18.72 19.56 -62.87
N TYR J 148 -19.26 20.76 -62.67
CA TYR J 148 -19.64 21.17 -61.35
C TYR J 148 -20.91 20.45 -60.91
N VAL J 149 -21.03 20.24 -59.61
CA VAL J 149 -22.22 19.65 -59.02
C VAL J 149 -23.06 20.78 -58.45
N ASN J 150 -23.99 21.27 -59.25
CA ASN J 150 -25.03 22.20 -58.84
C ASN J 150 -25.97 22.37 -60.02
N GLY J 151 -27.19 22.77 -59.74
CA GLY J 151 -28.19 22.58 -60.75
C GLY J 151 -28.12 23.51 -61.94
N GLU J 152 -27.16 24.43 -62.00
CA GLU J 152 -27.18 25.49 -63.00
C GLU J 152 -25.84 25.62 -63.70
N THR J 153 -25.23 24.52 -64.09
CA THR J 153 -23.97 24.54 -64.82
C THR J 153 -23.98 23.49 -65.93
N PRO J 154 -24.37 23.87 -67.14
CA PRO J 154 -24.36 22.89 -68.22
C PRO J 154 -22.94 22.53 -68.63
N ALA J 155 -22.73 21.25 -68.85
CA ALA J 155 -21.46 20.69 -69.28
C ALA J 155 -21.60 20.13 -70.68
N LYS J 156 -20.72 20.55 -71.58
CA LYS J 156 -20.84 20.26 -73.00
C LYS J 156 -19.99 19.03 -73.33
N ILE J 157 -20.52 17.86 -73.01
CA ILE J 157 -19.82 16.60 -73.23
C ILE J 157 -20.12 16.15 -74.65
N GLY J 158 -19.15 16.30 -75.53
CA GLY J 158 -19.38 16.06 -76.94
C GLY J 158 -20.44 17.00 -77.46
N ASP J 159 -21.61 16.46 -77.81
CA ASP J 159 -22.75 17.26 -78.21
C ASP J 159 -23.94 17.01 -77.30
N ALA J 160 -23.68 16.68 -76.04
CA ALA J 160 -24.71 16.48 -75.03
C ALA J 160 -24.51 17.48 -73.91
N LYS J 161 -25.60 18.12 -73.48
CA LYS J 161 -25.54 19.07 -72.38
C LYS J 161 -25.98 18.37 -71.11
N LEU J 162 -25.13 18.41 -70.09
CA LEU J 162 -25.32 17.66 -68.86
C LEU J 162 -25.49 18.60 -67.69
N ILE J 163 -26.50 18.34 -66.87
CA ILE J 163 -26.75 19.04 -65.62
C ILE J 163 -26.78 18.02 -64.50
N ILE J 164 -25.99 18.25 -63.45
CA ILE J 164 -25.98 17.36 -62.30
C ILE J 164 -26.22 18.16 -61.03
N GLY J 165 -26.57 17.43 -59.99
CA GLY J 165 -26.65 17.94 -58.65
C GLY J 165 -27.83 18.84 -58.38
N PRO J 166 -27.91 19.34 -57.15
CA PRO J 166 -26.94 19.20 -56.07
C PRO J 166 -26.99 17.84 -55.42
N LEU J 167 -25.97 17.50 -54.64
CA LEU J 167 -25.98 16.24 -53.91
C LEU J 167 -27.17 16.17 -52.98
N SER J 168 -27.81 15.01 -52.91
CA SER J 168 -28.97 14.84 -52.05
C SER J 168 -28.65 15.04 -50.58
N SER J 169 -27.39 14.86 -50.19
CA SER J 169 -26.95 15.10 -48.83
C SER J 169 -25.76 16.03 -48.87
N ALA J 170 -25.78 17.05 -48.03
CA ALA J 170 -24.72 18.04 -48.00
C ALA J 170 -23.59 17.67 -47.06
N TRP J 171 -23.47 16.39 -46.72
CA TRP J 171 -22.46 15.96 -45.77
C TRP J 171 -21.07 16.21 -46.32
N SER J 172 -20.15 16.57 -45.44
CA SER J 172 -18.75 16.77 -45.76
C SER J 172 -17.92 16.15 -44.66
N PRO J 173 -16.75 15.61 -44.97
CA PRO J 173 -15.94 14.98 -43.92
C PRO J 173 -15.24 15.96 -43.04
N PHE J 174 -15.04 17.19 -43.48
CA PHE J 174 -14.26 18.17 -42.74
C PHE J 174 -15.15 18.89 -41.76
N ASP J 175 -14.63 19.08 -40.55
CA ASP J 175 -15.30 19.89 -39.56
C ASP J 175 -14.96 21.34 -39.86
N ASN J 176 -15.32 22.24 -38.96
CA ASN J 176 -15.14 23.66 -39.23
C ASN J 176 -13.67 24.02 -39.25
N LYS J 177 -12.86 23.38 -38.42
CA LYS J 177 -11.45 23.69 -38.28
C LYS J 177 -10.64 22.44 -38.61
N VAL J 178 -9.59 22.60 -39.41
CA VAL J 178 -8.67 21.51 -39.73
C VAL J 178 -7.23 21.96 -39.59
N VAL J 179 -6.34 20.98 -39.48
CA VAL J 179 -4.90 21.19 -39.45
C VAL J 179 -4.27 20.30 -40.49
N VAL J 180 -3.56 20.88 -41.43
CA VAL J 180 -2.90 20.16 -42.50
C VAL J 180 -1.42 20.04 -42.14
N TYR J 181 -0.93 18.82 -42.12
CA TYR J 181 0.47 18.51 -41.83
C TYR J 181 0.97 17.57 -42.91
N GLY J 182 1.69 18.12 -43.85
CA GLY J 182 2.26 17.31 -44.90
C GLY J 182 1.16 16.76 -45.77
N HIS J 183 1.13 15.45 -45.96
CA HIS J 183 0.13 14.86 -46.82
C HIS J 183 -1.17 14.55 -46.11
N GLU J 184 -1.29 14.84 -44.82
CA GLU J 184 -2.45 14.38 -44.07
C GLU J 184 -3.09 15.51 -43.30
N VAL J 185 -4.41 15.43 -43.18
CA VAL J 185 -5.24 16.45 -42.53
C VAL J 185 -5.83 15.87 -41.25
N TYR J 186 -6.11 16.75 -40.31
CA TYR J 186 -6.67 16.38 -39.03
C TYR J 186 -7.82 17.29 -38.68
N ASN J 187 -8.82 16.72 -38.03
CA ASN J 187 -9.98 17.45 -37.53
C ASN J 187 -9.70 18.00 -36.14
N TYR J 188 -8.72 18.87 -36.05
CA TYR J 188 -8.39 19.43 -34.75
C TYR J 188 -9.27 20.64 -34.52
N ASP J 189 -9.36 21.04 -33.27
CA ASP J 189 -9.94 22.30 -32.85
C ASP J 189 -8.79 23.08 -32.28
N PHE J 190 -8.41 24.11 -32.94
CA PHE J 190 -7.07 24.60 -32.75
C PHE J 190 -7.12 25.96 -32.07
N PRO J 191 -6.21 26.25 -31.16
CA PRO J 191 -6.26 27.53 -30.47
C PRO J 191 -6.18 28.68 -31.44
N GLU J 192 -7.08 29.63 -31.28
CA GLU J 192 -7.17 30.77 -32.17
C GLU J 192 -5.98 31.67 -31.93
N TYR J 193 -5.83 32.69 -32.78
CA TYR J 193 -4.54 33.34 -32.98
C TYR J 193 -4.25 34.25 -31.80
N GLY J 194 -3.79 33.63 -30.73
CA GLY J 194 -3.41 34.33 -29.52
C GLY J 194 -3.80 33.59 -28.26
N THR J 195 -4.57 32.51 -28.38
CA THR J 195 -4.85 31.63 -27.26
C THR J 195 -3.86 30.46 -27.22
N GLY J 196 -2.58 30.78 -27.11
CA GLY J 196 -1.52 29.80 -27.15
C GLY J 196 -1.64 28.52 -26.34
N LYS J 197 -1.70 28.65 -25.03
CA LYS J 197 -1.75 27.56 -24.07
C LYS J 197 -0.39 26.92 -23.84
N ALA J 198 0.68 27.46 -24.43
CA ALA J 198 2.05 27.27 -23.94
C ALA J 198 2.45 25.81 -23.88
N GLY J 199 2.37 25.16 -25.03
CA GLY J 199 2.89 23.83 -25.21
C GLY J 199 1.95 22.77 -25.70
N SER J 200 0.76 23.07 -26.25
CA SER J 200 -0.05 21.96 -26.76
C SER J 200 -0.27 21.91 -28.27
N PHE J 201 -0.79 22.92 -28.96
CA PHE J 201 -0.49 23.07 -30.38
C PHE J 201 0.04 24.43 -30.77
N GLY J 202 -0.47 25.48 -30.15
CA GLY J 202 -0.02 26.82 -30.36
C GLY J 202 1.03 27.20 -29.37
N ASP J 203 2.27 27.17 -29.74
CA ASP J 203 3.27 27.94 -29.08
C ASP J 203 3.98 28.85 -30.06
N LEU J 204 3.70 28.72 -31.35
CA LEU J 204 4.22 29.65 -32.31
C LEU J 204 3.15 29.72 -33.38
N GLN J 205 2.31 30.71 -33.26
CA GLN J 205 1.27 31.01 -34.21
C GLN J 205 1.77 32.11 -35.15
N SER J 206 2.19 31.75 -36.34
CA SER J 206 2.62 32.72 -37.34
C SER J 206 1.58 32.78 -38.44
N ARG J 207 1.11 33.98 -38.73
CA ARG J 207 -0.02 34.16 -39.64
C ARG J 207 0.28 33.63 -41.03
N THR J 208 1.52 33.78 -41.48
CA THR J 208 1.93 33.32 -42.79
C THR J 208 3.38 32.89 -42.68
N SER J 209 3.78 31.93 -43.51
CA SER J 209 5.07 31.28 -43.35
C SER J 209 6.25 32.22 -43.40
N THR J 210 6.08 33.41 -43.96
CA THR J 210 7.13 34.42 -43.96
C THR J 210 6.69 35.71 -43.26
N SER J 211 5.86 35.59 -42.24
CA SER J 211 5.39 36.77 -41.53
C SER J 211 6.49 37.33 -40.65
N ASN J 212 6.17 38.41 -39.92
CA ASN J 212 7.14 39.10 -39.08
C ASN J 212 6.74 39.15 -37.61
N ASP J 213 5.47 39.07 -37.29
CA ASP J 213 5.03 38.89 -35.91
C ASP J 213 4.67 37.44 -35.67
N LEU J 214 4.99 36.96 -34.48
CA LEU J 214 4.62 35.62 -34.05
C LEU J 214 4.05 35.73 -32.66
N TYR J 215 2.83 35.28 -32.47
CA TYR J 215 2.40 35.05 -31.12
C TYR J 215 3.13 33.81 -30.65
N ALA J 216 4.13 34.01 -29.82
CA ALA J 216 4.90 32.94 -29.23
C ALA J 216 4.67 32.97 -27.74
N ASN J 217 4.29 31.84 -27.18
CA ASN J 217 4.11 31.72 -25.74
C ASN J 217 4.72 30.39 -25.36
N THR J 218 5.85 30.43 -24.66
CA THR J 218 6.53 29.21 -24.27
C THR J 218 7.05 29.24 -22.84
N ASN J 219 6.64 30.21 -22.03
CA ASN J 219 7.12 30.33 -20.68
C ASN J 219 8.65 30.39 -20.67
N LEU J 220 9.18 31.30 -21.46
CA LEU J 220 10.61 31.49 -21.50
C LEU J 220 10.98 32.24 -20.23
N LYS J 221 11.59 31.55 -19.29
CA LYS J 221 12.03 32.12 -18.04
C LYS J 221 13.53 31.91 -17.97
N LEU J 222 14.26 32.92 -17.50
CA LEU J 222 15.70 32.85 -17.45
C LEU J 222 16.17 32.56 -16.04
N GLN J 223 17.33 31.93 -15.95
CA GLN J 223 17.89 31.50 -14.70
C GLN J 223 19.27 32.13 -14.55
N ARG J 224 19.63 32.38 -13.33
CA ARG J 224 20.85 33.11 -13.05
C ARG J 224 22.05 32.30 -13.51
N PRO J 225 22.96 32.86 -14.30
CA PRO J 225 24.18 32.13 -14.59
C PRO J 225 24.94 31.86 -13.31
N GLN J 226 25.52 30.67 -13.20
CA GLN J 226 26.15 30.27 -11.96
C GLN J 226 27.65 30.12 -12.13
N ALA J 227 28.33 30.12 -10.99
CA ALA J 227 29.72 29.70 -10.90
C ALA J 227 30.65 30.53 -11.76
N GLY J 228 30.29 31.76 -12.07
CA GLY J 228 31.26 32.58 -12.76
C GLY J 228 31.59 32.16 -14.16
N ILE J 229 30.70 31.45 -14.81
CA ILE J 229 30.78 31.21 -16.23
C ILE J 229 29.81 32.18 -16.88
N VAL J 230 30.02 32.43 -18.16
CA VAL J 230 29.22 33.38 -18.92
C VAL J 230 28.36 32.58 -19.89
N HIS J 231 27.05 32.61 -19.66
CA HIS J 231 26.10 31.96 -20.54
C HIS J 231 24.74 32.54 -20.24
N THR J 232 23.75 32.06 -20.97
CA THR J 232 22.39 32.57 -20.90
C THR J 232 21.42 31.41 -20.67
N PRO J 233 21.31 30.94 -19.45
CA PRO J 233 20.38 29.85 -19.16
C PRO J 233 18.93 30.28 -19.33
N PHE J 234 18.11 29.31 -19.72
CA PHE J 234 16.68 29.56 -19.84
C PHE J 234 15.95 28.24 -19.76
N THR J 235 14.88 28.21 -18.98
CA THR J 235 13.98 27.07 -18.91
C THR J 235 12.71 27.40 -19.66
N GLN J 236 12.23 26.44 -20.43
CA GLN J 236 11.10 26.70 -21.29
C GLN J 236 10.32 25.43 -21.56
N VAL J 237 9.00 25.57 -21.67
CA VAL J 237 8.15 24.41 -21.97
C VAL J 237 8.56 23.85 -23.31
N PRO J 238 8.70 22.53 -23.48
CA PRO J 238 9.06 22.02 -24.79
C PRO J 238 8.07 22.39 -25.87
N SER J 239 8.49 22.13 -27.10
CA SER J 239 7.76 22.52 -28.29
C SER J 239 6.41 21.84 -28.36
N GLY J 240 5.36 22.64 -28.39
CA GLY J 240 4.04 22.10 -28.56
C GLY J 240 3.88 21.37 -29.86
N PHE J 241 4.58 21.83 -30.89
CA PHE J 241 4.53 21.14 -32.18
C PHE J 241 5.07 19.74 -32.06
N GLU J 242 6.17 19.56 -31.34
CA GLU J 242 6.74 18.22 -31.20
C GLU J 242 5.79 17.32 -30.43
N ARG J 243 5.19 17.83 -29.36
CA ARG J 243 4.26 17.03 -28.60
C ARG J 243 3.07 16.63 -29.46
N TRP J 244 2.56 17.56 -30.25
CA TRP J 244 1.45 17.25 -31.12
C TRP J 244 1.83 16.18 -32.12
N LYS J 245 3.03 16.29 -32.68
CA LYS J 245 3.48 15.31 -33.63
C LYS J 245 3.51 13.93 -33.01
N LYS J 246 3.97 13.84 -31.76
CA LYS J 246 3.97 12.54 -31.09
C LYS J 246 2.56 12.01 -30.87
N ASP J 247 1.64 12.85 -30.40
CA ASP J 247 0.34 12.40 -29.93
C ASP J 247 -0.83 12.91 -30.78
N LYS J 248 -0.57 13.22 -32.04
CA LYS J 248 -1.66 13.55 -32.94
C LYS J 248 -2.55 12.34 -33.18
N GLY J 249 -3.83 12.62 -33.37
CA GLY J 249 -4.81 11.58 -33.49
C GLY J 249 -4.73 10.91 -34.83
N ALA J 250 -5.72 10.10 -35.10
CA ALA J 250 -5.78 9.43 -36.36
C ALA J 250 -6.00 10.46 -37.47
N PRO J 251 -5.18 10.49 -38.51
CA PRO J 251 -5.44 11.43 -39.60
C PRO J 251 -6.76 11.13 -40.26
N LEU J 252 -7.41 12.19 -40.75
CA LEU J 252 -8.75 12.06 -41.31
C LEU J 252 -8.77 11.14 -42.53
N ASN J 253 -7.63 10.89 -43.15
CA ASN J 253 -7.59 9.88 -44.20
C ASN J 253 -7.99 8.52 -43.68
N ASP J 254 -7.77 8.24 -42.40
CA ASP J 254 -8.07 6.95 -41.80
C ASP J 254 -9.32 6.95 -40.94
N VAL J 255 -9.97 8.09 -40.76
CA VAL J 255 -11.21 8.16 -39.98
C VAL J 255 -12.40 8.61 -40.82
N ALA J 256 -12.20 9.02 -42.06
CA ALA J 256 -13.27 9.62 -42.84
C ALA J 256 -14.41 8.64 -43.09
N PRO J 257 -15.65 8.99 -42.78
CA PRO J 257 -16.76 8.10 -43.13
C PRO J 257 -16.98 8.03 -44.63
N PHE J 258 -17.68 6.98 -45.04
CA PHE J 258 -18.07 6.73 -46.43
C PHE J 258 -16.91 6.42 -47.34
N GLY J 259 -15.70 6.34 -46.82
CA GLY J 259 -14.54 6.05 -47.62
C GLY J 259 -14.22 7.21 -48.52
N CYS J 260 -13.87 8.32 -47.89
CA CYS J 260 -13.33 9.46 -48.59
C CYS J 260 -11.81 9.30 -48.58
N SER J 261 -11.22 9.30 -49.76
CA SER J 261 -9.82 9.61 -49.87
C SER J 261 -9.69 11.12 -49.85
N ILE J 262 -8.66 11.63 -49.18
CA ILE J 262 -8.47 13.07 -49.04
C ILE J 262 -7.16 13.43 -49.70
N ALA J 263 -7.23 14.35 -50.65
CA ALA J 263 -6.08 14.96 -51.27
C ALA J 263 -5.89 16.31 -50.63
N LEU J 264 -4.90 17.08 -51.10
CA LEU J 264 -4.50 18.26 -50.37
C LEU J 264 -4.36 19.55 -51.16
N GLU J 265 -4.17 19.53 -52.47
CA GLU J 265 -3.90 20.82 -53.13
C GLU J 265 -5.11 21.75 -53.10
N PRO J 266 -6.24 21.43 -53.72
CA PRO J 266 -7.51 22.03 -53.31
C PRO J 266 -7.93 21.80 -51.87
N LEU J 267 -7.35 20.82 -51.16
CA LEU J 267 -7.86 20.38 -49.86
C LEU J 267 -9.30 19.87 -50.00
N ARG J 268 -9.42 18.84 -50.84
CA ARG J 268 -10.67 18.25 -51.23
C ARG J 268 -10.83 16.89 -50.59
N ALA J 269 -12.03 16.35 -50.73
CA ALA J 269 -12.44 15.07 -50.15
C ALA J 269 -12.94 14.22 -51.31
N GLU J 270 -12.12 13.28 -51.73
CA GLU J 270 -12.28 12.60 -52.99
C GLU J 270 -13.09 11.33 -52.83
N ASN J 271 -14.06 11.16 -53.72
CA ASN J 271 -14.66 9.87 -54.01
C ASN J 271 -15.25 9.20 -52.79
N CYS J 272 -16.24 9.84 -52.18
CA CYS J 272 -17.01 9.15 -51.16
C CYS J 272 -18.51 9.24 -51.37
N ALA J 273 -19.13 8.09 -51.16
CA ALA J 273 -20.51 7.79 -51.49
C ALA J 273 -21.44 8.30 -50.41
N VAL J 274 -22.15 9.36 -50.70
CA VAL J 274 -23.19 9.87 -49.83
C VAL J 274 -24.35 10.28 -50.71
N GLY J 275 -25.55 9.84 -50.36
CA GLY J 275 -26.71 10.36 -51.03
C GLY J 275 -26.73 9.97 -52.49
N SER J 276 -27.38 10.80 -53.30
CA SER J 276 -27.54 10.54 -54.72
C SER J 276 -27.49 11.85 -55.47
N ILE J 277 -27.21 11.75 -56.76
CA ILE J 277 -27.05 12.88 -57.66
C ILE J 277 -28.22 12.89 -58.62
N PRO J 278 -29.02 13.95 -58.68
CA PRO J 278 -29.90 14.12 -59.83
C PRO J 278 -29.10 14.29 -61.10
N ILE J 279 -29.66 13.79 -62.20
CA ILE J 279 -29.05 13.83 -63.52
C ILE J 279 -30.10 14.38 -64.46
N SER J 280 -29.69 15.28 -65.35
CA SER J 280 -30.57 15.75 -66.42
C SER J 280 -29.71 15.97 -67.65
N ILE J 281 -29.89 15.14 -68.68
CA ILE J 281 -29.06 15.21 -69.88
C ILE J 281 -29.94 15.50 -71.08
N ASP J 282 -29.60 16.53 -71.84
CA ASP J 282 -30.30 16.86 -73.09
C ASP J 282 -29.54 16.16 -74.21
N ILE J 283 -29.98 14.95 -74.52
CA ILE J 283 -29.27 14.13 -75.51
C ILE J 283 -29.52 14.74 -76.90
N PRO J 284 -28.56 14.79 -77.83
CA PRO J 284 -28.85 15.40 -79.12
C PRO J 284 -29.88 14.60 -79.91
N ASP J 285 -30.64 15.30 -80.73
CA ASP J 285 -31.72 14.69 -81.49
C ASP J 285 -31.20 13.78 -82.59
N ALA J 286 -30.08 14.14 -83.20
CA ALA J 286 -29.59 13.35 -84.32
C ALA J 286 -29.19 11.95 -83.89
N ALA J 287 -28.77 11.79 -82.64
CA ALA J 287 -28.34 10.50 -82.13
C ALA J 287 -29.49 9.50 -82.05
N PHE J 288 -30.73 9.96 -82.12
CA PHE J 288 -31.89 9.10 -82.09
C PHE J 288 -32.05 8.42 -83.44
N THR J 289 -33.07 7.58 -83.56
CA THR J 289 -33.32 6.93 -84.84
C THR J 289 -34.79 6.60 -84.96
N ARG J 290 -35.25 6.58 -86.20
CA ARG J 290 -36.66 6.39 -86.49
C ARG J 290 -37.05 4.95 -86.22
N ILE J 291 -38.34 4.75 -85.98
CA ILE J 291 -38.82 3.39 -85.76
C ILE J 291 -38.61 2.55 -87.00
N SER J 292 -38.75 3.15 -88.18
CA SER J 292 -38.69 2.40 -89.42
C SER J 292 -37.35 1.69 -89.57
N GLU J 293 -36.25 2.39 -89.28
CA GLU J 293 -34.94 1.78 -89.39
C GLU J 293 -34.59 0.91 -88.19
N THR J 294 -35.44 0.88 -87.16
CA THR J 294 -35.15 0.11 -85.96
C THR J 294 -35.82 -1.26 -86.08
N PRO J 295 -35.09 -2.37 -85.97
CA PRO J 295 -35.74 -3.67 -86.13
C PRO J 295 -36.78 -3.93 -85.05
N THR J 296 -37.88 -4.54 -85.46
CA THR J 296 -38.90 -5.00 -84.53
C THR J 296 -38.53 -6.38 -84.01
N VAL J 297 -38.75 -6.57 -82.72
CA VAL J 297 -38.27 -7.74 -81.99
C VAL J 297 -39.48 -8.47 -81.43
N SER J 298 -39.58 -9.77 -81.66
CA SER J 298 -40.79 -10.49 -81.32
C SER J 298 -40.50 -11.93 -80.93
N ASP J 299 -41.47 -12.55 -80.28
CA ASP J 299 -41.41 -13.95 -79.88
C ASP J 299 -40.21 -14.24 -78.99
N LEU J 300 -40.20 -13.58 -77.86
CA LEU J 300 -39.09 -13.61 -76.91
C LEU J 300 -39.35 -14.62 -75.82
N GLU J 301 -38.30 -15.31 -75.36
CA GLU J 301 -38.45 -16.19 -74.21
C GLU J 301 -37.09 -16.31 -73.51
N CYS J 302 -37.02 -15.78 -72.29
CA CYS J 302 -35.80 -15.72 -71.53
C CYS J 302 -35.66 -16.92 -70.60
N LYS J 303 -34.48 -17.50 -70.60
CA LYS J 303 -34.20 -18.74 -69.87
C LYS J 303 -32.87 -18.53 -69.19
N ILE J 304 -32.86 -18.39 -67.88
CA ILE J 304 -31.60 -18.13 -67.20
C ILE J 304 -30.88 -19.45 -67.03
N THR J 305 -29.59 -19.47 -67.33
CA THR J 305 -28.84 -20.71 -67.29
C THR J 305 -28.18 -20.93 -65.94
N GLU J 306 -27.35 -19.97 -65.53
CA GLU J 306 -26.65 -20.12 -64.26
C GLU J 306 -26.60 -18.78 -63.59
N CYS J 307 -27.08 -18.66 -62.36
CA CYS J 307 -26.96 -17.39 -61.66
C CYS J 307 -26.67 -17.62 -60.20
N THR J 308 -25.70 -16.88 -59.69
CA THR J 308 -25.46 -16.79 -58.26
C THR J 308 -25.29 -15.34 -57.89
N TYR J 309 -25.76 -14.98 -56.71
CA TYR J 309 -25.77 -13.57 -56.35
C TYR J 309 -24.43 -13.12 -55.79
N ALA J 310 -23.37 -13.33 -56.54
CA ALA J 310 -22.11 -12.74 -56.18
C ALA J 310 -22.14 -11.27 -56.51
N PHE J 311 -21.16 -10.55 -55.99
CA PHE J 311 -21.06 -9.14 -56.32
C PHE J 311 -20.76 -8.94 -57.79
N ASP J 312 -19.89 -9.76 -58.36
CA ASP J 312 -19.57 -9.57 -59.77
C ASP J 312 -20.71 -10.12 -60.60
N PHE J 313 -20.55 -10.12 -61.90
CA PHE J 313 -21.63 -10.47 -62.81
C PHE J 313 -21.79 -11.98 -62.82
N GLY J 314 -22.42 -12.48 -61.78
CA GLY J 314 -22.52 -13.91 -61.56
C GLY J 314 -23.80 -14.50 -62.06
N GLY J 315 -24.28 -14.06 -63.21
CA GLY J 315 -25.43 -14.67 -63.82
C GLY J 315 -25.40 -14.64 -65.33
N ILE J 316 -25.60 -15.78 -65.96
CA ILE J 316 -25.67 -15.91 -67.41
C ILE J 316 -27.09 -16.34 -67.74
N ALA J 317 -27.70 -15.61 -68.68
CA ALA J 317 -29.08 -15.80 -69.09
C ALA J 317 -29.19 -15.69 -70.60
N THR J 318 -29.86 -16.65 -71.22
CA THR J 318 -29.99 -16.69 -72.67
C THR J 318 -31.45 -16.50 -73.05
N VAL J 319 -31.67 -15.87 -74.20
CA VAL J 319 -33.03 -15.59 -74.66
C VAL J 319 -33.16 -15.92 -76.15
N ALA J 320 -34.28 -16.56 -76.48
CA ALA J 320 -34.72 -16.83 -77.83
C ALA J 320 -35.35 -15.59 -78.45
N TYR J 321 -35.01 -15.31 -79.70
CA TYR J 321 -35.23 -13.99 -80.27
C TYR J 321 -35.57 -14.09 -81.74
N LYS J 322 -36.53 -13.28 -82.19
CA LYS J 322 -36.81 -13.13 -83.62
C LYS J 322 -37.02 -11.66 -83.95
N SER J 323 -36.76 -11.32 -85.20
CA SER J 323 -36.93 -9.96 -85.67
C SER J 323 -37.18 -9.96 -87.17
N SER J 324 -37.15 -8.77 -87.75
CA SER J 324 -37.37 -8.56 -89.17
C SER J 324 -36.09 -8.38 -89.95
N LYS J 325 -35.16 -7.58 -89.45
CA LYS J 325 -33.84 -7.45 -90.07
C LYS J 325 -32.79 -7.41 -88.97
N ALA J 326 -31.59 -7.81 -89.35
CA ALA J 326 -30.49 -7.91 -88.40
C ALA J 326 -30.02 -6.52 -88.01
N GLY J 327 -29.04 -6.47 -87.13
CA GLY J 327 -28.58 -5.20 -86.60
C GLY J 327 -28.25 -5.32 -85.13
N ASN J 328 -28.64 -4.30 -84.37
CA ASN J 328 -28.54 -4.38 -82.92
C ASN J 328 -29.35 -3.25 -82.35
N CYS J 329 -29.81 -3.43 -81.12
CA CYS J 329 -30.51 -2.36 -80.44
C CYS J 329 -30.40 -2.60 -78.95
N PRO J 330 -30.42 -1.55 -78.15
CA PRO J 330 -29.96 -1.67 -76.77
C PRO J 330 -30.86 -2.54 -75.94
N ILE J 331 -30.27 -3.13 -74.90
CA ILE J 331 -30.98 -3.98 -73.97
C ILE J 331 -30.69 -3.50 -72.57
N HIS J 332 -31.70 -3.56 -71.69
CA HIS J 332 -31.55 -3.01 -70.35
C HIS J 332 -32.74 -3.45 -69.53
N SER J 333 -32.58 -3.46 -68.21
CA SER J 333 -33.66 -3.85 -67.31
C SER J 333 -33.99 -2.72 -66.36
N PRO J 334 -35.24 -2.24 -66.28
CA PRO J 334 -35.48 -1.04 -65.48
C PRO J 334 -35.46 -1.32 -64.00
N SER J 335 -35.95 -2.49 -63.63
CA SER J 335 -35.97 -2.85 -62.22
C SER J 335 -34.56 -2.95 -61.69
N GLY J 336 -34.39 -2.57 -60.45
CA GLY J 336 -33.08 -2.58 -59.85
C GLY J 336 -32.61 -3.94 -59.40
N VAL J 337 -33.41 -4.97 -59.62
CA VAL J 337 -33.04 -6.31 -59.15
C VAL J 337 -31.80 -6.82 -59.85
N ALA J 338 -31.65 -6.51 -61.13
CA ALA J 338 -30.54 -6.99 -61.94
C ALA J 338 -29.85 -5.82 -62.61
N VAL J 339 -28.53 -5.89 -62.74
CA VAL J 339 -27.80 -4.99 -63.62
C VAL J 339 -27.11 -5.81 -64.69
N ILE J 340 -27.14 -5.29 -65.91
CA ILE J 340 -26.77 -6.02 -67.13
C ILE J 340 -25.43 -5.50 -67.64
N LYS J 341 -24.46 -6.38 -67.82
CA LYS J 341 -23.16 -5.95 -68.31
C LYS J 341 -23.24 -5.37 -69.72
N GLU J 342 -23.91 -6.07 -70.62
CA GLU J 342 -24.00 -5.66 -72.00
C GLU J 342 -24.89 -4.44 -72.15
N ASN J 343 -24.68 -3.74 -73.25
CA ASN J 343 -25.37 -2.52 -73.58
C ASN J 343 -26.27 -2.74 -74.79
N ASP J 344 -25.70 -3.26 -75.86
CA ASP J 344 -26.44 -3.61 -77.06
C ASP J 344 -25.88 -4.94 -77.54
N VAL J 345 -26.76 -5.78 -78.06
CA VAL J 345 -26.42 -7.13 -78.47
C VAL J 345 -26.64 -7.24 -79.96
N THR J 346 -25.65 -7.80 -80.65
CA THR J 346 -25.82 -8.04 -82.08
C THR J 346 -26.93 -9.04 -82.31
N LEU J 347 -27.72 -8.80 -83.33
CA LEU J 347 -28.95 -9.53 -83.57
C LEU J 347 -29.04 -9.92 -85.04
N ALA J 348 -29.42 -11.17 -85.30
CA ALA J 348 -29.69 -11.64 -86.65
C ALA J 348 -31.09 -12.22 -86.70
N GLU J 349 -31.52 -12.63 -87.89
CA GLU J 349 -32.86 -13.16 -88.06
C GLU J 349 -32.97 -14.48 -87.32
N SER J 350 -34.03 -14.64 -86.53
CA SER J 350 -34.31 -15.88 -85.82
C SER J 350 -33.10 -16.38 -85.03
N GLY J 351 -32.68 -15.54 -84.08
CA GLY J 351 -31.49 -15.76 -83.28
C GLY J 351 -31.82 -16.15 -81.85
N SER J 352 -30.76 -16.36 -81.09
CA SER J 352 -30.93 -16.55 -79.65
C SER J 352 -29.61 -16.19 -79.00
N PHE J 353 -29.61 -15.11 -78.23
CA PHE J 353 -28.38 -14.55 -77.67
C PHE J 353 -28.28 -14.82 -76.19
N THR J 354 -27.20 -14.33 -75.59
CA THR J 354 -26.95 -14.48 -74.18
C THR J 354 -26.47 -13.16 -73.60
N PHE J 355 -26.64 -13.02 -72.28
CA PHE J 355 -26.15 -11.84 -71.60
C PHE J 355 -25.85 -12.17 -70.15
N HIS J 356 -25.09 -11.27 -69.56
CA HIS J 356 -24.59 -11.39 -68.20
C HIS J 356 -25.29 -10.39 -67.31
N PHE J 357 -25.45 -10.75 -66.05
CA PHE J 357 -26.07 -9.84 -65.11
C PHE J 357 -25.64 -10.18 -63.70
N SER J 358 -25.86 -9.22 -62.81
CA SER J 358 -25.55 -9.39 -61.40
C SER J 358 -26.76 -8.94 -60.60
N THR J 359 -27.09 -9.72 -59.58
CA THR J 359 -28.26 -9.48 -58.75
C THR J 359 -27.92 -9.67 -57.30
N ALA J 360 -28.92 -9.45 -56.47
CA ALA J 360 -28.89 -9.69 -55.05
C ALA J 360 -29.95 -10.68 -54.63
N ASN J 361 -31.01 -10.83 -55.42
CA ASN J 361 -32.15 -11.60 -55.00
C ASN J 361 -31.91 -13.07 -55.25
N ILE J 362 -32.39 -13.90 -54.33
CA ILE J 362 -32.33 -15.33 -54.56
C ILE J 362 -33.15 -15.73 -55.77
N HIS J 363 -34.18 -14.96 -56.08
CA HIS J 363 -35.12 -15.27 -57.15
C HIS J 363 -35.24 -14.09 -58.09
N PRO J 364 -34.29 -13.90 -59.01
CA PRO J 364 -34.30 -12.68 -59.82
C PRO J 364 -35.44 -12.68 -60.83
N ALA J 365 -36.36 -11.74 -60.66
CA ALA J 365 -37.56 -11.62 -61.46
C ALA J 365 -37.53 -10.40 -62.37
N PHE J 366 -36.37 -10.07 -62.91
CA PHE J 366 -36.22 -8.86 -63.71
C PHE J 366 -37.00 -8.94 -65.00
N LYS J 367 -37.37 -7.78 -65.52
CA LYS J 367 -37.90 -7.64 -66.86
C LYS J 367 -36.86 -6.90 -67.66
N LEU J 368 -36.54 -7.44 -68.82
CA LEU J 368 -35.50 -6.92 -69.70
C LEU J 368 -36.19 -6.38 -70.93
N GLN J 369 -35.83 -5.17 -71.30
CA GLN J 369 -36.31 -4.59 -72.55
C GLN J 369 -35.22 -4.80 -73.57
N VAL J 370 -35.61 -5.39 -74.69
CA VAL J 370 -34.79 -5.47 -75.89
C VAL J 370 -35.54 -4.76 -77.01
N CYS J 371 -35.14 -3.53 -77.30
CA CYS J 371 -35.61 -2.79 -78.46
C CYS J 371 -37.13 -2.64 -78.45
N THR J 372 -37.63 -1.99 -77.41
CA THR J 372 -39.07 -1.78 -77.22
C THR J 372 -39.85 -3.09 -77.18
N SER J 373 -39.27 -4.14 -76.63
CA SER J 373 -39.98 -5.39 -76.44
C SER J 373 -39.49 -6.00 -75.15
N ALA J 374 -40.39 -6.29 -74.24
CA ALA J 374 -40.04 -6.70 -72.89
C ALA J 374 -40.21 -8.20 -72.74
N VAL J 375 -39.28 -8.81 -72.02
CA VAL J 375 -39.37 -10.22 -71.65
C VAL J 375 -39.06 -10.30 -70.17
N THR J 376 -39.48 -11.38 -69.54
CA THR J 376 -39.27 -11.58 -68.11
C THR J 376 -38.39 -12.80 -67.89
N CYS J 377 -37.53 -12.76 -66.88
CA CYS J 377 -36.65 -13.87 -66.54
C CYS J 377 -36.92 -14.37 -65.13
N LYS J 378 -37.15 -15.67 -65.02
CA LYS J 378 -37.71 -16.23 -63.78
C LYS J 378 -36.69 -16.27 -62.65
N GLY J 379 -35.59 -16.98 -62.85
CA GLY J 379 -34.51 -17.04 -61.88
C GLY J 379 -34.62 -18.05 -60.76
N ASP J 380 -33.57 -18.82 -60.49
CA ASP J 380 -33.29 -19.42 -59.18
C ASP J 380 -31.80 -19.29 -58.88
N CYS J 381 -31.40 -18.22 -58.20
CA CYS J 381 -30.01 -17.99 -57.88
C CYS J 381 -29.51 -18.87 -56.74
N LYS J 382 -28.19 -18.94 -56.63
CA LYS J 382 -27.44 -19.85 -55.79
C LYS J 382 -26.39 -19.08 -55.00
N PRO J 383 -26.05 -19.51 -53.80
CA PRO J 383 -25.15 -18.71 -52.94
C PRO J 383 -23.73 -18.66 -53.45
N PRO J 384 -23.08 -17.49 -53.51
CA PRO J 384 -21.64 -17.47 -53.80
C PRO J 384 -20.84 -18.10 -52.69
N LYS J 385 -19.59 -18.46 -53.00
CA LYS J 385 -18.76 -19.21 -52.06
C LYS J 385 -17.42 -18.52 -51.85
N ASP J 386 -17.42 -17.20 -51.65
CA ASP J 386 -16.18 -16.44 -51.64
C ASP J 386 -15.89 -15.67 -50.37
N HIS J 387 -16.88 -15.44 -49.52
CA HIS J 387 -16.70 -14.64 -48.32
C HIS J 387 -16.15 -13.27 -48.68
N ILE J 388 -14.91 -12.94 -48.33
CA ILE J 388 -14.41 -11.59 -48.56
C ILE J 388 -13.96 -11.48 -50.00
N VAL J 389 -14.34 -10.39 -50.65
CA VAL J 389 -13.93 -10.10 -52.01
C VAL J 389 -13.42 -8.66 -52.05
N ASP J 390 -12.62 -8.36 -53.07
CA ASP J 390 -11.92 -7.07 -53.12
C ASP J 390 -12.61 -6.01 -53.97
N TYR J 391 -13.43 -6.36 -54.86
CA TYR J 391 -14.20 -5.39 -55.64
C TYR J 391 -15.56 -5.12 -55.01
N PRO J 392 -16.13 -3.93 -55.19
CA PRO J 392 -17.39 -3.61 -54.52
C PRO J 392 -18.58 -4.23 -55.22
N ALA J 393 -19.71 -4.21 -54.53
CA ALA J 393 -20.93 -4.79 -55.08
C ALA J 393 -21.37 -4.01 -56.29
N GLN J 394 -21.77 -4.73 -57.32
CA GLN J 394 -22.22 -4.10 -58.55
C GLN J 394 -23.72 -3.91 -58.62
N HIS J 395 -24.46 -4.32 -57.59
CA HIS J 395 -25.90 -4.18 -57.56
C HIS J 395 -26.32 -3.56 -56.25
N THR J 396 -27.61 -3.48 -55.98
CA THR J 396 -28.13 -2.92 -54.74
C THR J 396 -29.10 -3.89 -54.13
N GLU J 397 -28.89 -4.20 -52.86
CA GLU J 397 -29.74 -5.12 -52.14
C GLU J 397 -30.99 -4.41 -51.68
N SER J 398 -32.12 -5.08 -51.80
CA SER J 398 -33.39 -4.57 -51.30
C SER J 398 -33.86 -5.43 -50.15
N PHE J 399 -34.91 -4.95 -49.48
CA PHE J 399 -35.41 -5.65 -48.31
C PHE J 399 -35.96 -7.02 -48.68
N THR J 400 -36.68 -7.12 -49.79
CA THR J 400 -37.13 -8.41 -50.29
C THR J 400 -36.13 -8.95 -51.30
N SER J 401 -34.95 -9.26 -50.80
CA SER J 401 -33.89 -9.85 -51.59
C SER J 401 -33.52 -11.24 -51.10
N ALA J 402 -33.37 -11.42 -49.81
CA ALA J 402 -32.97 -12.70 -49.27
C ALA J 402 -34.13 -13.66 -49.12
N ILE J 403 -35.31 -13.29 -49.59
CA ILE J 403 -36.51 -14.08 -49.38
C ILE J 403 -36.50 -15.20 -50.41
N SER J 404 -36.52 -16.44 -49.94
CA SER J 404 -36.06 -17.53 -50.78
C SER J 404 -37.16 -18.32 -51.42
N ALA J 405 -38.40 -17.83 -51.43
CA ALA J 405 -39.55 -18.47 -52.07
C ALA J 405 -40.00 -19.71 -51.33
N THR J 406 -39.32 -20.11 -50.26
CA THR J 406 -39.78 -21.07 -49.29
C THR J 406 -40.19 -20.36 -48.02
N ALA J 407 -39.34 -19.47 -47.53
CA ALA J 407 -39.73 -18.62 -46.43
C ALA J 407 -40.81 -17.66 -46.88
N TRP J 408 -40.81 -17.26 -48.14
CA TRP J 408 -41.94 -16.50 -48.66
C TRP J 408 -43.20 -17.32 -48.56
N SER J 409 -43.12 -18.60 -48.90
CA SER J 409 -44.28 -19.45 -48.77
C SER J 409 -44.66 -19.56 -47.31
N TRP J 410 -43.67 -19.65 -46.45
CA TRP J 410 -43.92 -19.80 -45.03
C TRP J 410 -44.60 -18.56 -44.46
N ILE J 411 -44.12 -17.36 -44.78
CA ILE J 411 -44.76 -16.20 -44.17
C ILE J 411 -46.15 -16.10 -44.74
N LYS J 412 -46.34 -16.47 -46.01
CA LYS J 412 -47.68 -16.38 -46.57
C LYS J 412 -48.62 -17.32 -45.85
N VAL J 413 -48.19 -18.56 -45.60
CA VAL J 413 -49.11 -19.47 -44.94
C VAL J 413 -49.31 -19.09 -43.49
N LEU J 414 -48.31 -18.52 -42.84
CA LEU J 414 -48.49 -18.07 -41.46
C LEU J 414 -49.47 -16.91 -41.37
N VAL J 415 -49.27 -15.88 -42.21
CA VAL J 415 -50.16 -14.74 -42.21
C VAL J 415 -51.55 -15.16 -42.60
N GLY J 416 -51.65 -16.05 -43.58
CA GLY J 416 -52.95 -16.56 -43.97
C GLY J 416 -53.60 -17.34 -42.85
N GLY J 417 -52.82 -18.13 -42.11
CA GLY J 417 -53.41 -18.88 -41.02
C GLY J 417 -53.93 -17.99 -39.93
N THR J 418 -53.15 -16.99 -39.55
CA THR J 418 -53.62 -16.03 -38.55
C THR J 418 -54.86 -15.31 -39.04
N SER J 419 -54.80 -14.75 -40.24
CA SER J 419 -55.91 -13.95 -40.75
C SER J 419 -57.15 -14.81 -40.93
N ALA J 420 -56.97 -16.02 -41.45
CA ALA J 420 -58.09 -16.93 -41.63
C ALA J 420 -58.70 -17.32 -40.31
N PHE J 421 -57.89 -17.54 -39.29
CA PHE J 421 -58.46 -17.93 -38.01
C PHE J 421 -59.27 -16.78 -37.43
N ILE J 422 -58.73 -15.57 -37.48
CA ILE J 422 -59.46 -14.41 -36.97
C ILE J 422 -60.72 -14.21 -37.78
N VAL J 423 -60.65 -14.34 -39.10
CA VAL J 423 -61.83 -14.13 -39.93
C VAL J 423 -62.88 -15.17 -39.62
N LEU J 424 -62.47 -16.41 -39.43
CA LEU J 424 -63.39 -17.44 -39.01
C LEU J 424 -64.05 -17.06 -37.71
N GLY J 425 -63.28 -16.53 -36.76
CA GLY J 425 -63.87 -16.07 -35.52
C GLY J 425 -64.88 -14.96 -35.71
N LEU J 426 -64.56 -13.99 -36.54
CA LEU J 426 -65.48 -12.87 -36.74
C LEU J 426 -66.75 -13.33 -37.42
N ILE J 427 -66.64 -14.17 -38.43
CA ILE J 427 -67.82 -14.72 -39.07
C ILE J 427 -68.59 -15.60 -38.10
N ALA J 428 -67.91 -16.31 -37.21
CA ALA J 428 -68.60 -17.10 -36.20
C ALA J 428 -69.45 -16.22 -35.30
N THR J 429 -68.87 -15.11 -34.83
CA THR J 429 -69.63 -14.23 -33.96
C THR J 429 -70.80 -13.63 -34.73
N ALA J 430 -70.57 -13.25 -35.98
CA ALA J 430 -71.65 -12.70 -36.76
C ALA J 430 -72.78 -13.71 -36.92
N VAL J 431 -72.46 -14.92 -37.38
CA VAL J 431 -73.51 -15.90 -37.61
C VAL J 431 -74.26 -16.19 -36.34
N VAL J 432 -73.57 -16.28 -35.19
CA VAL J 432 -74.34 -16.60 -33.99
C VAL J 432 -75.23 -15.44 -33.60
N ALA J 433 -74.79 -14.20 -33.80
CA ALA J 433 -75.70 -13.15 -33.44
C ALA J 433 -76.83 -13.01 -34.45
N LEU J 434 -76.63 -13.49 -35.66
CA LEU J 434 -77.70 -13.37 -36.63
C LEU J 434 -78.68 -14.49 -36.46
N VAL J 435 -78.22 -15.65 -36.00
CA VAL J 435 -79.18 -16.71 -35.76
C VAL J 435 -79.91 -16.46 -34.47
N LEU J 436 -79.38 -15.62 -33.59
CA LEU J 436 -80.20 -15.21 -32.47
C LEU J 436 -81.23 -14.15 -32.87
N PHE J 437 -80.85 -13.17 -33.69
CA PHE J 437 -81.84 -12.18 -34.12
C PHE J 437 -82.93 -12.81 -34.96
N PHE J 438 -82.60 -13.85 -35.72
CA PHE J 438 -83.63 -14.64 -36.40
C PHE J 438 -84.41 -15.46 -35.39
N HIS J 439 -83.74 -15.93 -34.34
CA HIS J 439 -84.38 -16.74 -33.31
C HIS J 439 -85.65 -16.09 -32.80
N ARG J 440 -85.57 -14.80 -32.50
CA ARG J 440 -86.67 -14.11 -31.83
C ARG J 440 -87.99 -14.24 -32.61
N HIS J 441 -88.11 -13.74 -33.85
CA HIS J 441 -87.31 -12.78 -34.60
C HIS J 441 -87.66 -11.34 -34.27
N ASP K 1 32.60 26.06 -55.38
CA ASP K 1 33.32 25.76 -54.12
C ASP K 1 33.59 27.02 -53.31
N LEU K 2 33.78 28.14 -54.01
CA LEU K 2 34.18 29.39 -53.39
C LEU K 2 33.37 30.59 -53.82
N ASP K 3 32.57 30.49 -54.89
CA ASP K 3 31.89 31.64 -55.50
C ASP K 3 31.24 32.56 -54.47
N THR K 4 30.30 32.02 -53.69
CA THR K 4 29.90 32.61 -52.42
C THR K 4 29.82 31.57 -51.31
N HIS K 5 29.93 30.29 -51.63
CA HIS K 5 29.68 29.22 -50.66
C HIS K 5 30.57 29.36 -49.45
N PHE K 6 31.83 29.73 -49.66
CA PHE K 6 32.82 29.69 -48.60
C PHE K 6 33.55 31.00 -48.48
N THR K 7 33.62 31.79 -49.54
CA THR K 7 34.30 33.07 -49.46
C THR K 7 33.69 33.94 -48.38
N GLN K 8 32.40 33.76 -48.11
CA GLN K 8 31.70 34.61 -47.17
C GLN K 8 32.31 34.51 -45.79
N TYR K 9 32.78 33.33 -45.44
CA TYR K 9 33.37 33.05 -44.15
C TYR K 9 34.72 33.72 -43.90
N LYS K 10 35.35 34.43 -44.85
CA LYS K 10 36.60 35.08 -44.45
C LYS K 10 36.40 36.12 -43.35
N LEU K 11 35.17 36.54 -43.09
CA LEU K 11 34.94 37.54 -42.06
C LEU K 11 34.85 36.90 -40.68
N ALA K 12 34.05 35.86 -40.56
CA ALA K 12 33.93 35.10 -39.32
C ALA K 12 35.26 34.52 -38.89
N ARG K 13 35.46 34.44 -37.58
CA ARG K 13 36.61 33.80 -36.97
C ARG K 13 36.16 32.89 -35.85
N PRO K 14 36.95 31.87 -35.50
CA PRO K 14 36.59 31.03 -34.36
C PRO K 14 36.62 31.81 -33.06
N TYR K 15 35.94 31.28 -32.05
CA TYR K 15 35.95 31.85 -30.73
C TYR K 15 36.00 30.76 -29.68
N ILE K 16 36.24 31.16 -28.45
CA ILE K 16 36.41 30.25 -27.33
C ILE K 16 35.24 30.50 -26.37
N ALA K 17 34.23 29.66 -26.44
CA ALA K 17 33.09 29.69 -25.54
C ALA K 17 33.16 28.60 -24.49
N ASP K 18 32.37 28.77 -23.44
CA ASP K 18 32.28 27.79 -22.36
C ASP K 18 31.61 26.51 -22.83
N CYS K 19 32.26 25.38 -22.60
CA CYS K 19 31.71 24.06 -22.91
C CYS K 19 31.22 23.38 -21.63
N PRO K 20 30.04 22.76 -21.62
CA PRO K 20 29.58 22.09 -20.41
C PRO K 20 30.53 21.05 -19.89
N ASN K 21 31.21 20.31 -20.76
CA ASN K 21 32.14 19.30 -20.28
C ASN K 21 33.21 19.19 -21.35
N CYS K 22 34.43 19.58 -20.96
CA CYS K 22 35.64 19.48 -21.76
C CYS K 22 36.19 18.07 -21.77
N GLY K 23 35.64 17.19 -20.96
CA GLY K 23 35.98 15.79 -20.90
C GLY K 23 36.26 15.32 -19.49
N HIS K 24 36.85 16.14 -18.62
CA HIS K 24 36.71 15.93 -17.19
C HIS K 24 35.95 17.01 -16.46
N SER K 25 35.94 18.24 -16.94
CA SER K 25 35.31 19.32 -16.20
C SER K 25 34.93 20.44 -17.17
N ARG K 26 34.40 21.51 -16.60
CA ARG K 26 33.96 22.66 -17.38
C ARG K 26 35.14 23.54 -17.73
N CYS K 27 35.30 23.82 -19.02
CA CYS K 27 36.38 24.69 -19.47
C CYS K 27 35.92 25.42 -20.72
N ASP K 28 36.59 26.54 -21.01
CA ASP K 28 36.34 27.25 -22.24
C ASP K 28 37.08 26.53 -23.35
N SER K 29 36.34 25.97 -24.31
CA SER K 29 36.93 25.07 -25.28
C SER K 29 37.04 25.75 -26.64
N PRO K 30 38.10 25.52 -27.41
CA PRO K 30 38.11 26.02 -28.78
C PRO K 30 37.03 25.47 -29.67
N ILE K 31 36.32 24.43 -29.26
CA ILE K 31 35.21 23.88 -30.02
C ILE K 31 34.06 23.73 -29.03
N ALA K 32 33.17 24.72 -28.99
CA ALA K 32 32.03 24.72 -28.09
C ALA K 32 30.78 24.42 -28.87
N ILE K 33 30.02 23.42 -28.41
CA ILE K 33 28.79 23.07 -29.08
C ILE K 33 27.75 24.11 -28.73
N GLU K 34 27.07 24.61 -29.75
CA GLU K 34 25.88 25.43 -29.58
C GLU K 34 24.84 24.94 -30.57
N GLU K 35 23.61 24.79 -30.12
CA GLU K 35 22.50 24.51 -31.00
C GLU K 35 22.71 23.23 -31.82
N VAL K 36 22.84 22.11 -31.14
CA VAL K 36 22.65 20.86 -31.85
C VAL K 36 21.20 20.85 -32.30
N ARG K 37 20.98 20.90 -33.60
CA ARG K 37 19.64 21.01 -34.17
C ARG K 37 19.33 19.70 -34.87
N GLY K 38 18.77 18.75 -34.12
CA GLY K 38 18.25 17.55 -34.73
C GLY K 38 16.75 17.51 -34.82
N ASP K 39 16.23 17.70 -36.02
CA ASP K 39 14.82 17.50 -36.33
C ASP K 39 14.63 16.73 -37.62
N ALA K 40 15.69 16.36 -38.32
CA ALA K 40 15.53 15.59 -39.53
C ALA K 40 15.06 14.18 -39.20
N HIS K 41 14.86 13.40 -40.24
CA HIS K 41 14.25 12.09 -40.11
C HIS K 41 15.27 10.97 -39.95
N ALA K 42 16.24 10.93 -40.76
CA ALA K 42 17.19 9.83 -40.81
C ALA K 42 18.13 9.83 -39.68
N GLY K 43 18.04 10.65 -38.65
CA GLY K 43 19.11 10.77 -37.69
C GLY K 43 20.23 11.72 -38.05
N VAL K 44 20.09 12.48 -39.12
CA VAL K 44 21.09 13.48 -39.45
C VAL K 44 20.87 14.70 -38.56
N ILE K 45 21.94 15.16 -37.92
CA ILE K 45 21.92 16.31 -37.04
C ILE K 45 22.97 17.30 -37.50
N ARG K 46 22.66 18.57 -37.40
CA ARG K 46 23.59 19.66 -37.68
C ARG K 46 23.97 20.32 -36.39
N ILE K 47 25.26 20.36 -36.10
CA ILE K 47 25.74 20.92 -34.84
C ILE K 47 26.68 22.07 -35.12
N GLN K 48 26.51 23.14 -34.36
CA GLN K 48 27.20 24.40 -34.54
C GLN K 48 28.29 24.52 -33.50
N THR K 49 29.51 24.66 -33.96
CA THR K 49 30.67 24.68 -33.09
C THR K 49 31.19 26.10 -33.00
N SER K 50 32.28 26.25 -32.28
CA SER K 50 33.01 27.51 -32.21
C SER K 50 34.30 27.46 -33.00
N ALA K 51 34.38 26.56 -33.98
CA ALA K 51 35.54 26.41 -34.83
C ALA K 51 35.10 26.54 -36.27
N MET K 52 36.01 27.04 -37.10
CA MET K 52 35.73 27.27 -38.51
C MET K 52 36.24 26.05 -39.24
N PHE K 53 35.33 25.25 -39.79
CA PHE K 53 35.72 24.09 -40.54
C PHE K 53 35.72 24.46 -42.02
N GLY K 54 36.81 24.14 -42.68
CA GLY K 54 36.97 24.36 -44.09
C GLY K 54 37.57 25.69 -44.45
N LEU K 55 37.79 26.56 -43.48
CA LEU K 55 38.46 27.84 -43.68
C LEU K 55 39.87 27.76 -43.14
N LYS K 56 40.82 28.21 -43.93
CA LYS K 56 42.21 28.38 -43.55
C LYS K 56 42.54 29.85 -43.72
N THR K 57 43.23 30.41 -42.74
CA THR K 57 43.44 31.85 -42.54
C THR K 57 43.73 32.57 -43.85
N ASP K 58 44.53 31.95 -44.72
CA ASP K 58 44.73 32.52 -46.04
C ASP K 58 43.50 32.33 -46.93
N GLY K 59 42.89 31.15 -46.91
CA GLY K 59 41.67 30.97 -47.67
C GLY K 59 41.18 29.53 -47.62
N VAL K 60 40.21 29.24 -48.49
CA VAL K 60 39.55 27.93 -48.45
C VAL K 60 40.51 26.86 -48.90
N ASP K 61 40.58 25.74 -48.17
CA ASP K 61 41.03 24.49 -48.75
C ASP K 61 40.16 23.28 -48.43
N LEU K 62 39.20 23.41 -47.53
CA LEU K 62 38.18 22.40 -47.25
C LEU K 62 38.70 21.09 -46.68
N ALA K 63 40.00 20.98 -46.40
CA ALA K 63 40.52 19.98 -45.48
C ALA K 63 41.11 20.58 -44.23
N TYR K 64 41.08 21.90 -44.07
CA TYR K 64 41.59 22.60 -42.91
C TYR K 64 40.48 23.05 -41.99
N MET K 65 40.87 23.38 -40.77
CA MET K 65 39.98 23.83 -39.72
C MET K 65 40.74 24.81 -38.87
N SER K 66 40.13 25.94 -38.56
CA SER K 66 40.79 26.97 -37.78
C SER K 66 40.10 27.10 -36.43
N PHE K 67 40.90 27.39 -35.40
CA PHE K 67 40.41 27.49 -34.04
C PHE K 67 41.35 28.39 -33.28
N MET K 68 40.90 28.89 -32.13
CA MET K 68 41.65 29.88 -31.39
C MET K 68 42.36 29.19 -30.24
N ASN K 69 43.68 29.11 -30.33
CA ASN K 69 44.55 28.71 -29.22
C ASN K 69 45.01 29.97 -28.48
N GLY K 70 44.06 30.79 -28.04
CA GLY K 70 44.40 32.03 -27.38
C GLY K 70 43.80 33.21 -28.08
N LYS K 71 44.51 34.34 -28.01
CA LYS K 71 44.16 35.46 -28.86
C LYS K 71 44.56 35.22 -30.31
N THR K 72 45.30 34.15 -30.60
CA THR K 72 45.87 33.94 -31.92
C THR K 72 45.15 32.81 -32.61
N GLN K 73 44.70 33.05 -33.83
CA GLN K 73 44.07 32.00 -34.58
C GLN K 73 45.11 30.97 -35.01
N LYS K 74 44.65 29.76 -35.32
CA LYS K 74 45.55 28.81 -35.94
C LYS K 74 44.75 27.80 -36.73
N SER K 75 45.27 27.43 -37.89
CA SER K 75 44.61 26.53 -38.82
C SER K 75 45.40 25.24 -38.94
N ILE K 76 44.70 24.11 -38.87
CA ILE K 76 45.34 22.81 -38.94
C ILE K 76 44.55 21.89 -39.86
N LYS K 77 45.26 20.89 -40.37
CA LYS K 77 44.63 19.80 -41.10
C LYS K 77 43.74 19.00 -40.17
N ILE K 78 42.56 18.62 -40.66
CA ILE K 78 41.60 17.94 -39.80
C ILE K 78 42.18 16.58 -39.50
N ASP K 79 42.58 16.36 -38.24
CA ASP K 79 43.25 15.12 -37.90
C ASP K 79 42.27 14.02 -37.56
N ASN K 80 41.41 14.25 -36.58
CA ASN K 80 40.24 13.39 -36.41
C ASN K 80 39.15 14.29 -35.86
N LEU K 81 38.31 14.79 -36.73
CA LEU K 81 37.10 15.51 -36.34
C LEU K 81 36.02 14.47 -36.16
N HIS K 82 35.70 14.13 -34.93
CA HIS K 82 34.70 13.10 -34.68
C HIS K 82 33.56 13.68 -33.89
N VAL K 83 32.36 13.25 -34.26
CA VAL K 83 31.12 13.49 -33.55
C VAL K 83 30.67 12.16 -32.98
N ARG K 84 30.09 12.17 -31.79
CA ARG K 84 29.72 10.93 -31.14
C ARG K 84 28.51 11.20 -30.26
N THR K 85 27.49 10.34 -30.36
CA THR K 85 26.35 10.43 -29.47
C THR K 85 26.20 9.25 -28.53
N SER K 86 26.17 8.03 -29.04
CA SER K 86 26.41 6.84 -28.24
C SER K 86 27.45 5.93 -28.88
N ALA K 87 27.58 6.03 -30.18
CA ALA K 87 28.59 5.38 -30.98
C ALA K 87 29.08 6.46 -31.93
N PRO K 88 30.27 6.31 -32.49
CA PRO K 88 30.76 7.32 -33.42
C PRO K 88 29.78 7.59 -34.54
N CYS K 89 29.62 8.87 -34.85
CA CYS K 89 28.75 9.31 -35.91
C CYS K 89 29.54 9.46 -37.20
N SER K 90 28.81 9.56 -38.30
CA SER K 90 29.39 9.65 -39.62
C SER K 90 29.35 11.10 -40.07
N LEU K 91 30.50 11.67 -40.34
CA LEU K 91 30.56 13.09 -40.68
C LEU K 91 30.15 13.28 -42.13
N VAL K 92 28.91 13.71 -42.35
CA VAL K 92 28.44 13.94 -43.70
C VAL K 92 29.20 15.09 -44.33
N SER K 93 29.32 16.21 -43.62
CA SER K 93 30.02 17.35 -44.19
C SER K 93 30.35 18.34 -43.09
N HIS K 94 31.14 19.35 -43.44
CA HIS K 94 31.41 20.44 -42.54
C HIS K 94 31.65 21.71 -43.31
N HIS K 95 31.17 22.82 -42.76
CA HIS K 95 31.31 24.13 -43.38
C HIS K 95 31.07 25.25 -42.38
N GLY K 96 32.08 26.11 -42.25
CA GLY K 96 32.02 27.19 -41.29
C GLY K 96 31.87 26.63 -39.92
N TYR K 97 30.88 27.14 -39.21
CA TYR K 97 30.65 26.75 -37.84
C TYR K 97 29.96 25.42 -37.72
N TYR K 98 29.42 24.89 -38.80
CA TYR K 98 28.49 23.80 -38.71
C TYR K 98 29.14 22.53 -39.21
N ILE K 99 28.76 21.41 -38.61
CA ILE K 99 29.08 20.10 -39.16
C ILE K 99 27.82 19.27 -39.16
N LEU K 100 27.58 18.60 -40.27
CA LEU K 100 26.41 17.77 -40.49
C LEU K 100 26.85 16.34 -40.35
N ALA K 101 26.26 15.63 -39.39
CA ALA K 101 26.66 14.27 -39.11
C ALA K 101 25.44 13.39 -38.95
N GLN K 102 25.54 12.18 -39.47
CA GLN K 102 24.54 11.16 -39.27
C GLN K 102 24.87 10.42 -37.99
N CYS K 103 23.93 10.36 -37.07
CA CYS K 103 24.24 9.92 -35.71
C CYS K 103 23.28 8.83 -35.25
N PRO K 104 23.75 7.89 -34.42
CA PRO K 104 22.84 6.95 -33.82
C PRO K 104 21.96 7.65 -32.82
N PRO K 105 20.83 7.10 -32.47
CA PRO K 105 20.01 7.80 -31.50
C PRO K 105 20.70 7.66 -30.19
N GLY K 106 21.27 8.74 -29.72
CA GLY K 106 21.99 8.73 -28.48
C GLY K 106 21.39 9.72 -27.53
N ASP K 107 22.18 10.11 -26.54
CA ASP K 107 21.67 10.92 -25.47
C ASP K 107 22.53 12.13 -25.14
N THR K 108 23.82 12.14 -25.49
CA THR K 108 24.70 13.30 -25.33
C THR K 108 25.48 13.51 -26.60
N VAL K 109 25.58 14.75 -27.09
CA VAL K 109 26.31 15.06 -28.31
C VAL K 109 27.71 15.54 -27.98
N THR K 110 28.71 14.92 -28.57
CA THR K 110 30.12 15.20 -28.32
C THR K 110 30.81 15.46 -29.64
N VAL K 111 31.67 16.46 -29.67
CA VAL K 111 32.51 16.71 -30.83
C VAL K 111 33.94 16.82 -30.34
N GLY K 112 34.87 16.69 -31.27
CA GLY K 112 36.26 16.72 -30.87
C GLY K 112 37.20 16.63 -32.02
N PHE K 113 38.31 17.36 -31.93
CA PHE K 113 39.30 17.43 -32.97
C PHE K 113 40.68 17.41 -32.35
N HIS K 114 41.59 16.66 -32.94
CA HIS K 114 42.93 16.59 -32.41
C HIS K 114 43.77 17.69 -33.03
N ASP K 115 44.87 18.00 -32.37
CA ASP K 115 45.74 19.11 -32.69
C ASP K 115 47.19 18.70 -32.91
N GLY K 116 47.56 17.48 -32.56
CA GLY K 116 48.90 17.15 -32.20
C GLY K 116 48.82 16.34 -30.92
N PRO K 117 49.44 16.79 -29.84
CA PRO K 117 49.21 16.11 -28.57
C PRO K 117 47.78 16.21 -28.07
N ASN K 118 47.08 17.31 -28.33
CA ASN K 118 45.96 17.75 -27.52
C ASN K 118 44.62 17.31 -28.12
N ARG K 119 43.65 17.08 -27.23
CA ARG K 119 42.39 16.42 -27.53
C ARG K 119 41.29 17.39 -27.95
N HIS K 120 41.10 18.49 -27.22
CA HIS K 120 40.13 19.54 -27.57
C HIS K 120 38.74 19.04 -27.94
N THR K 121 38.09 18.40 -26.98
CA THR K 121 36.75 17.83 -27.15
C THR K 121 35.74 18.51 -26.24
N CYS K 122 34.49 18.58 -26.71
CA CYS K 122 33.40 19.14 -25.92
C CYS K 122 32.18 18.25 -26.02
N THR K 123 31.32 18.37 -25.00
CA THR K 123 30.17 17.48 -24.84
C THR K 123 29.01 18.24 -24.25
N VAL K 124 27.85 18.12 -24.85
CA VAL K 124 26.64 18.76 -24.35
C VAL K 124 25.59 17.69 -24.17
N ALA K 125 24.67 17.94 -23.24
CA ALA K 125 23.58 17.02 -22.96
C ALA K 125 22.43 17.43 -23.86
N HIS K 126 22.22 16.68 -24.92
CA HIS K 126 21.13 16.95 -25.85
C HIS K 126 20.62 15.62 -26.36
N LYS K 127 19.31 15.43 -26.31
CA LYS K 127 18.69 14.18 -26.73
C LYS K 127 18.60 14.13 -28.25
N VAL K 128 19.32 13.21 -28.86
CA VAL K 128 19.24 12.99 -30.30
C VAL K 128 18.35 11.77 -30.50
N GLU K 129 17.27 11.97 -31.23
CA GLU K 129 16.25 10.97 -31.42
C GLU K 129 16.23 10.59 -32.89
N PHE K 130 16.21 9.30 -33.15
CA PHE K 130 16.03 8.81 -34.50
C PHE K 130 14.56 8.89 -34.85
N ARG K 131 14.22 9.63 -35.89
CA ARG K 131 12.84 9.93 -36.21
C ARG K 131 12.47 9.20 -37.49
N PRO K 132 11.98 7.97 -37.40
CA PRO K 132 11.60 7.26 -38.61
C PRO K 132 10.44 7.91 -39.30
N VAL K 133 10.45 7.81 -40.62
CA VAL K 133 9.40 8.36 -41.45
C VAL K 133 8.52 7.22 -41.86
N GLY K 134 7.23 7.38 -41.69
CA GLY K 134 6.27 6.43 -42.18
C GLY K 134 5.50 5.81 -41.04
N ARG K 135 4.79 4.75 -41.38
CA ARG K 135 3.90 4.11 -40.46
C ARG K 135 4.54 2.96 -39.70
N GLU K 136 5.81 2.68 -39.93
CA GLU K 136 6.54 1.70 -39.14
C GLU K 136 7.78 2.34 -38.57
N LYS K 137 8.00 2.10 -37.29
CA LYS K 137 9.14 2.62 -36.56
C LYS K 137 10.32 1.72 -36.81
N TYR K 138 11.46 2.29 -37.15
CA TYR K 138 12.57 1.47 -37.56
C TYR K 138 13.84 2.14 -37.09
N ARG K 139 14.64 1.35 -36.42
CA ARG K 139 15.75 1.90 -35.67
C ARG K 139 16.91 2.36 -36.57
N HIS K 140 16.86 2.12 -37.87
CA HIS K 140 17.97 2.47 -38.77
C HIS K 140 17.56 2.41 -40.23
N PRO K 141 17.97 3.34 -41.10
CA PRO K 141 17.40 3.43 -42.43
C PRO K 141 17.59 2.15 -43.23
N PRO K 142 16.52 1.52 -43.70
CA PRO K 142 16.66 0.24 -44.37
C PRO K 142 17.41 0.35 -45.69
N GLU K 143 17.75 -0.82 -46.22
CA GLU K 143 18.35 -0.92 -47.54
C GLU K 143 17.30 -0.74 -48.64
N HIS K 144 16.12 -1.28 -48.45
CA HIS K 144 15.08 -1.26 -49.46
C HIS K 144 13.74 -1.02 -48.79
N GLY K 145 12.76 -0.66 -49.60
CA GLY K 145 11.45 -0.38 -49.08
C GLY K 145 10.68 0.52 -50.01
N VAL K 146 10.09 1.58 -49.46
CA VAL K 146 9.31 2.53 -50.24
C VAL K 146 9.81 3.92 -49.92
N GLU K 147 10.04 4.72 -50.95
CA GLU K 147 10.49 6.09 -50.74
C GLU K 147 9.33 6.92 -50.23
N LEU K 148 9.54 7.64 -49.14
CA LEU K 148 8.56 8.53 -48.58
C LEU K 148 9.16 9.91 -48.38
N PRO K 149 8.37 10.97 -48.48
CA PRO K 149 8.90 12.31 -48.23
C PRO K 149 9.37 12.46 -46.80
N CYS K 150 10.48 13.16 -46.64
CA CYS K 150 11.07 13.39 -45.34
C CYS K 150 11.84 14.68 -45.41
N ASN K 151 12.15 15.23 -44.25
CA ASN K 151 12.91 16.47 -44.15
C ASN K 151 14.29 16.13 -43.63
N ARG K 152 15.30 16.55 -44.37
CA ARG K 152 16.67 16.28 -44.00
C ARG K 152 17.52 17.48 -44.36
N TYR K 153 18.55 17.68 -43.57
CA TYR K 153 19.45 18.79 -43.80
C TYR K 153 20.27 18.50 -45.04
N THR K 154 20.12 19.32 -46.05
CA THR K 154 20.87 19.10 -47.27
C THR K 154 22.35 19.26 -46.99
N HIS K 155 23.15 18.49 -47.69
CA HIS K 155 24.59 18.58 -47.51
C HIS K 155 25.21 19.58 -48.46
N LYS K 156 24.43 20.11 -49.38
CA LYS K 156 24.89 21.25 -50.13
C LYS K 156 24.93 22.47 -49.23
N ARG K 157 25.93 23.28 -49.44
CA ARG K 157 26.21 24.49 -48.68
C ARG K 157 25.54 25.71 -49.28
N ALA K 158 24.89 25.56 -50.42
CA ALA K 158 24.38 26.69 -51.17
C ALA K 158 23.25 27.37 -50.42
N ASP K 159 23.20 28.69 -50.58
CA ASP K 159 22.24 29.53 -49.88
C ASP K 159 20.81 29.12 -50.18
N GLN K 160 19.95 29.15 -49.16
CA GLN K 160 18.52 28.94 -49.35
C GLN K 160 17.68 30.01 -48.65
N GLY K 161 18.29 31.06 -48.12
CA GLY K 161 17.54 32.10 -47.45
C GLY K 161 17.41 31.91 -45.97
N HIS K 162 18.35 31.22 -45.35
CA HIS K 162 18.41 31.00 -43.92
C HIS K 162 19.72 31.57 -43.43
N TYR K 163 19.67 32.41 -42.40
CA TYR K 163 20.82 33.23 -42.04
C TYR K 163 21.17 33.10 -40.57
N VAL K 164 22.44 33.31 -40.29
CA VAL K 164 22.98 33.38 -38.94
C VAL K 164 23.46 34.79 -38.71
N GLU K 165 23.08 35.33 -37.57
CA GLU K 165 23.49 36.66 -37.18
C GLU K 165 24.89 36.66 -36.60
N MET K 166 25.68 37.64 -37.00
CA MET K 166 27.02 37.87 -36.48
C MET K 166 27.25 39.32 -36.13
N HIS K 167 28.03 39.55 -35.08
CA HIS K 167 28.35 40.90 -34.66
C HIS K 167 29.84 41.00 -34.37
N GLN K 168 30.23 42.23 -34.05
CA GLN K 168 31.62 42.54 -33.77
C GLN K 168 32.07 41.76 -32.54
N PRO K 169 33.23 41.15 -32.53
CA PRO K 169 33.61 40.46 -31.31
C PRO K 169 33.88 41.48 -30.24
N GLY K 170 33.04 41.50 -29.24
CA GLY K 170 33.21 42.43 -28.14
C GLY K 170 34.55 42.24 -27.47
N LEU K 171 34.86 43.19 -26.62
CA LEU K 171 36.15 43.23 -25.95
C LEU K 171 36.43 41.93 -25.22
N VAL K 172 37.51 41.27 -25.63
CA VAL K 172 37.85 39.94 -25.16
C VAL K 172 38.91 40.05 -24.08
N ALA K 173 38.65 39.39 -22.95
CA ALA K 173 39.53 39.53 -21.80
C ALA K 173 40.82 38.80 -22.01
N ASP K 174 41.92 39.41 -21.59
CA ASP K 174 43.22 38.77 -21.73
C ASP K 174 44.16 39.38 -20.71
N HIS K 175 44.57 38.59 -19.73
CA HIS K 175 45.54 39.01 -18.74
C HIS K 175 46.96 38.70 -19.15
N SER K 176 47.16 37.84 -20.14
CA SER K 176 48.51 37.54 -20.60
C SER K 176 49.19 38.73 -21.26
N LEU K 177 48.47 39.79 -21.60
CA LEU K 177 49.08 40.98 -22.16
C LEU K 177 49.48 42.01 -21.11
N LEU K 178 49.32 41.70 -19.82
CA LEU K 178 49.84 42.50 -18.73
C LEU K 178 51.12 41.89 -18.18
N SER K 179 52.19 42.68 -18.15
CA SER K 179 53.50 42.24 -17.64
C SER K 179 54.06 43.29 -16.69
N ILE K 180 55.31 43.12 -16.24
CA ILE K 180 56.00 44.11 -15.41
C ILE K 180 57.24 44.58 -16.16
N HIS K 181 57.32 45.88 -16.46
CA HIS K 181 58.38 46.29 -17.37
C HIS K 181 59.74 46.35 -16.68
N SER K 182 59.88 47.20 -15.66
CA SER K 182 60.74 46.86 -14.52
C SER K 182 60.07 46.91 -13.17
N ALA K 183 59.17 47.89 -12.94
CA ALA K 183 58.58 48.07 -11.62
C ALA K 183 57.09 48.37 -11.57
N LYS K 184 56.38 48.37 -12.69
CA LYS K 184 54.94 48.57 -12.65
C LYS K 184 54.33 47.80 -13.81
N VAL K 185 53.01 47.95 -13.99
CA VAL K 185 52.32 47.16 -14.99
C VAL K 185 52.64 47.71 -16.37
N LYS K 186 52.75 46.81 -17.34
CA LYS K 186 52.99 47.14 -18.73
C LYS K 186 51.93 46.46 -19.57
N ILE K 187 51.32 47.23 -20.47
CA ILE K 187 50.31 46.71 -21.38
C ILE K 187 50.98 46.62 -22.74
N THR K 188 51.12 45.41 -23.23
CA THR K 188 51.63 45.19 -24.58
C THR K 188 50.46 45.25 -25.54
N VAL K 189 50.74 45.08 -26.82
CA VAL K 189 49.80 45.34 -27.90
C VAL K 189 49.89 44.20 -28.91
N PRO K 190 48.78 43.86 -29.57
CA PRO K 190 48.81 42.71 -30.47
C PRO K 190 49.35 43.02 -31.86
N SER K 191 50.00 44.16 -32.06
CA SER K 191 50.49 44.55 -33.36
C SER K 191 49.36 44.64 -34.40
N GLY K 192 48.42 45.54 -34.11
CA GLY K 192 47.34 45.85 -35.02
C GLY K 192 45.97 45.97 -34.39
N ALA K 193 45.89 45.83 -33.07
CA ALA K 193 44.63 45.86 -32.36
C ALA K 193 44.72 46.81 -31.19
N GLN K 194 43.63 47.53 -30.96
CA GLN K 194 43.55 48.41 -29.80
C GLN K 194 43.39 47.58 -28.54
N VAL K 195 43.80 48.12 -27.39
CA VAL K 195 43.71 47.46 -26.11
C VAL K 195 43.05 48.39 -25.10
N LYS K 196 41.99 47.92 -24.46
CA LYS K 196 41.36 48.63 -23.35
C LYS K 196 42.00 48.20 -22.06
N TYR K 197 42.14 49.12 -21.12
CA TYR K 197 42.69 48.82 -19.80
C TYR K 197 41.84 49.50 -18.75
N TYR K 198 41.68 48.84 -17.61
CA TYR K 198 41.01 49.44 -16.48
C TYR K 198 41.83 48.97 -15.30
N CYS K 199 42.54 49.88 -14.65
CA CYS K 199 43.52 49.52 -13.64
C CYS K 199 43.13 50.24 -12.37
N LYS K 200 42.76 49.46 -11.35
CA LYS K 200 42.47 49.97 -10.02
C LYS K 200 43.71 49.90 -9.12
N CYS K 201 44.69 50.74 -9.43
CA CYS K 201 45.46 51.27 -8.32
C CYS K 201 44.60 52.38 -7.77
N PRO K 202 44.82 52.87 -6.55
CA PRO K 202 43.70 53.45 -5.79
C PRO K 202 43.01 54.65 -6.44
N ASP K 203 43.54 55.12 -7.57
CA ASP K 203 42.86 56.04 -8.47
C ASP K 203 42.58 55.29 -9.77
N VAL K 204 41.31 55.27 -10.18
CA VAL K 204 40.89 54.49 -11.34
C VAL K 204 41.56 55.01 -12.61
N ARG K 205 42.34 54.14 -13.26
CA ARG K 205 43.08 54.46 -14.48
C ARG K 205 42.50 53.66 -15.63
N LYS K 206 41.67 54.28 -16.45
CA LYS K 206 40.99 53.59 -17.53
C LYS K 206 41.33 54.26 -18.85
N GLY K 207 41.32 53.47 -19.92
CA GLY K 207 41.61 54.06 -21.22
C GLY K 207 41.77 53.01 -22.29
N ILE K 208 41.89 53.51 -23.52
CA ILE K 208 41.94 52.71 -24.73
C ILE K 208 43.23 53.06 -25.44
N THR K 209 44.21 52.19 -25.39
CA THR K 209 45.57 52.45 -25.90
C THR K 209 45.81 51.68 -27.17
N SER K 210 46.43 52.35 -28.14
CA SER K 210 46.86 51.69 -29.37
C SER K 210 48.29 51.23 -29.31
N SER K 211 49.17 51.94 -28.62
CA SER K 211 50.56 51.56 -28.43
C SER K 211 50.79 51.06 -27.01
N ASP K 212 52.02 50.66 -26.73
CA ASP K 212 52.36 50.12 -25.42
C ASP K 212 52.26 51.21 -24.37
N HIS K 213 51.38 51.01 -23.40
CA HIS K 213 51.15 51.96 -22.30
C HIS K 213 51.61 51.32 -21.00
N THR K 214 52.47 52.04 -20.28
CA THR K 214 52.86 51.71 -18.92
C THR K 214 52.08 52.60 -17.96
N THR K 215 51.38 52.01 -17.01
CA THR K 215 50.56 52.77 -16.07
C THR K 215 51.09 52.64 -14.65
N THR K 216 50.50 53.44 -13.76
CA THR K 216 51.08 53.74 -12.46
C THR K 216 50.69 52.77 -11.37
N CYS K 217 50.27 51.55 -11.70
CA CYS K 217 49.83 50.59 -10.70
C CYS K 217 50.89 49.50 -10.50
N THR K 218 50.93 48.95 -9.29
CA THR K 218 52.07 48.13 -8.89
C THR K 218 52.12 46.80 -9.59
N ASP K 219 51.06 45.99 -9.48
CA ASP K 219 51.11 44.57 -9.87
C ASP K 219 49.94 44.19 -10.78
N VAL K 220 50.04 42.96 -11.29
CA VAL K 220 49.10 42.52 -12.33
C VAL K 220 47.70 42.40 -11.77
N LYS K 221 47.55 41.76 -10.61
CA LYS K 221 46.23 41.29 -10.17
C LYS K 221 45.22 42.41 -10.08
N GLN K 222 45.64 43.60 -9.66
CA GLN K 222 44.69 44.70 -9.53
C GLN K 222 44.25 45.23 -10.88
N CYS K 223 45.10 45.18 -11.89
CA CYS K 223 44.74 45.69 -13.20
C CYS K 223 44.02 44.65 -14.02
N ARG K 224 43.26 45.10 -15.02
CA ARG K 224 42.72 44.18 -16.02
C ARG K 224 42.56 44.85 -17.36
N ALA K 225 43.12 44.23 -18.39
CA ALA K 225 43.12 44.77 -19.74
C ALA K 225 42.49 43.79 -20.70
N TYR K 226 41.63 44.33 -21.55
CA TYR K 226 40.90 43.60 -22.56
C TYR K 226 41.46 43.96 -23.93
N LEU K 227 41.40 43.01 -24.84
CA LEU K 227 41.83 43.25 -26.21
C LEU K 227 40.61 43.61 -27.02
N ILE K 228 40.78 44.57 -27.94
CA ILE K 228 39.75 44.91 -28.90
C ILE K 228 40.20 44.36 -30.24
N ASP K 229 39.36 43.55 -30.85
CA ASP K 229 39.50 43.07 -32.22
C ASP K 229 38.30 43.56 -33.01
N ASN K 230 38.54 44.06 -34.20
CA ASN K 230 37.52 44.76 -34.95
C ASN K 230 37.51 44.33 -36.41
N LYS K 231 38.31 43.34 -36.79
CA LYS K 231 38.44 42.94 -38.18
C LYS K 231 37.46 41.81 -38.50
N LYS K 232 37.55 40.71 -37.77
CA LYS K 232 36.81 39.51 -38.03
C LYS K 232 35.58 39.42 -37.13
N TRP K 233 34.43 39.09 -37.70
CA TRP K 233 33.19 38.99 -36.95
C TRP K 233 33.17 37.73 -36.10
N VAL K 234 32.13 37.60 -35.27
CA VAL K 234 31.89 36.40 -34.50
C VAL K 234 30.38 36.22 -34.41
N TYR K 235 29.94 35.02 -34.09
CA TYR K 235 28.52 34.74 -34.08
C TYR K 235 28.01 35.02 -32.69
N ASN K 236 26.96 35.84 -32.57
CA ASN K 236 26.50 36.17 -31.24
C ASN K 236 25.98 34.91 -30.59
N SER K 237 26.40 34.70 -29.36
CA SER K 237 26.05 33.52 -28.63
C SER K 237 25.90 33.92 -27.19
N GLY K 238 25.16 33.13 -26.44
CA GLY K 238 25.05 33.41 -25.04
C GLY K 238 26.36 33.30 -24.30
N ARG K 239 27.36 32.69 -24.90
CA ARG K 239 28.62 32.40 -24.25
C ARG K 239 29.72 33.40 -24.57
N LEU K 240 29.38 34.53 -25.20
CA LEU K 240 30.30 35.61 -25.46
C LEU K 240 29.72 36.91 -24.91
N PRO K 241 30.50 37.75 -24.23
CA PRO K 241 29.97 39.06 -23.85
C PRO K 241 29.86 40.00 -25.03
N ARG K 242 28.96 40.96 -24.90
CA ARG K 242 28.79 42.06 -25.83
C ARG K 242 29.14 43.37 -25.15
N GLY K 243 29.53 44.35 -25.94
CA GLY K 243 30.04 45.61 -25.41
C GLY K 243 29.02 46.68 -25.04
N GLU K 244 28.21 46.44 -24.02
CA GLU K 244 27.19 47.40 -23.52
C GLU K 244 26.33 47.86 -24.69
N GLY K 245 26.15 49.16 -24.91
CA GLY K 245 25.36 49.65 -26.03
C GLY K 245 26.09 49.64 -27.36
N ASP K 246 26.69 48.52 -27.71
CA ASP K 246 27.42 48.36 -28.96
C ASP K 246 26.62 47.62 -30.03
N THR K 247 25.35 47.27 -29.75
CA THR K 247 24.56 46.36 -30.57
C THR K 247 24.67 46.67 -32.05
N PHE K 248 25.09 45.67 -32.82
CA PHE K 248 25.45 45.88 -34.21
C PHE K 248 25.29 44.58 -34.98
N LYS K 249 24.68 44.69 -36.14
CA LYS K 249 24.08 43.61 -36.91
C LYS K 249 25.10 42.82 -37.72
N GLY K 250 24.56 41.96 -38.58
CA GLY K 250 25.26 41.46 -39.75
C GLY K 250 25.33 39.96 -39.88
N LYS K 251 25.29 39.49 -41.13
CA LYS K 251 24.54 38.29 -41.45
C LYS K 251 25.28 37.40 -42.43
N LEU K 252 25.21 36.09 -42.21
CA LEU K 252 25.85 35.09 -43.07
C LEU K 252 24.88 33.95 -43.39
N HIS K 253 25.16 33.25 -44.47
CA HIS K 253 24.30 32.17 -44.92
C HIS K 253 24.57 30.89 -44.15
N VAL K 254 23.50 30.28 -43.63
CA VAL K 254 23.63 29.04 -42.88
C VAL K 254 23.88 27.93 -43.88
N PRO K 255 24.97 27.18 -43.77
CA PRO K 255 25.37 26.30 -44.85
C PRO K 255 24.39 25.20 -45.20
N PHE K 256 23.99 24.40 -44.21
CA PHE K 256 23.14 23.25 -44.42
C PHE K 256 21.76 23.60 -43.92
N VAL K 257 20.76 23.49 -44.79
CA VAL K 257 19.42 23.94 -44.46
C VAL K 257 18.48 22.75 -44.65
N PRO K 258 17.36 22.71 -43.97
CA PRO K 258 16.44 21.59 -44.15
C PRO K 258 15.74 21.64 -45.48
N VAL K 259 15.67 20.50 -46.16
CA VAL K 259 14.93 20.37 -47.41
C VAL K 259 14.16 19.07 -47.41
N LYS K 260 13.11 19.03 -48.24
CA LYS K 260 12.33 17.83 -48.44
C LYS K 260 13.01 16.93 -49.45
N ALA K 261 13.47 15.80 -48.98
CA ALA K 261 14.08 14.75 -49.77
C ALA K 261 13.23 13.51 -49.61
N LYS K 262 13.67 12.41 -50.17
CA LYS K 262 12.93 11.16 -50.10
C LYS K 262 13.79 10.11 -49.41
N CYS K 263 13.38 9.74 -48.21
CA CYS K 263 14.06 8.69 -47.45
C CYS K 263 13.31 7.38 -47.60
N ILE K 264 14.07 6.29 -47.71
CA ILE K 264 13.46 4.98 -47.88
C ILE K 264 12.96 4.49 -46.52
N ALA K 265 11.69 4.16 -46.45
CA ALA K 265 11.08 3.59 -45.25
C ALA K 265 11.13 2.06 -45.37
N THR K 266 10.49 1.36 -44.44
CA THR K 266 10.46 -0.09 -44.43
C THR K 266 9.09 -0.58 -44.83
N LEU K 267 9.06 -1.63 -45.63
CA LEU K 267 7.81 -2.34 -45.92
C LEU K 267 7.72 -3.54 -45.00
N ALA K 268 6.72 -3.54 -44.14
CA ALA K 268 6.49 -4.67 -43.28
C ALA K 268 6.10 -5.89 -44.12
N PRO K 269 6.44 -7.11 -43.68
CA PRO K 269 6.07 -8.28 -44.45
C PRO K 269 4.56 -8.40 -44.65
N GLU K 270 4.19 -8.93 -45.80
CA GLU K 270 2.80 -8.99 -46.19
C GLU K 270 1.96 -9.78 -45.19
N PRO K 271 0.87 -9.23 -44.68
CA PRO K 271 0.03 -10.01 -43.77
C PRO K 271 -0.56 -11.21 -44.47
N LEU K 272 -0.77 -12.29 -43.71
CA LEU K 272 -1.50 -13.44 -44.22
C LEU K 272 -2.98 -13.22 -43.98
N VAL K 273 -3.77 -13.31 -45.04
CA VAL K 273 -5.17 -12.93 -45.04
C VAL K 273 -5.98 -14.20 -45.18
N GLU K 274 -6.67 -14.59 -44.11
CA GLU K 274 -7.64 -15.67 -44.17
C GLU K 274 -9.01 -15.05 -44.05
N HIS K 275 -9.97 -15.64 -44.75
CA HIS K 275 -11.31 -15.13 -44.81
C HIS K 275 -12.24 -15.98 -43.97
N LYS K 276 -13.33 -15.36 -43.54
CA LYS K 276 -14.39 -16.06 -42.84
C LYS K 276 -15.63 -15.21 -43.05
N HIS K 277 -16.80 -15.75 -42.74
CA HIS K 277 -18.03 -15.03 -43.01
C HIS K 277 -18.04 -13.70 -42.28
N ARG K 278 -18.02 -12.62 -43.05
CA ARG K 278 -18.02 -11.28 -42.52
C ARG K 278 -16.86 -11.05 -41.58
N THR K 279 -15.76 -11.75 -41.77
CA THR K 279 -14.57 -11.55 -40.96
C THR K 279 -13.34 -11.67 -41.84
N LEU K 280 -12.36 -10.82 -41.57
CA LEU K 280 -11.10 -10.79 -42.29
C LEU K 280 -10.04 -11.03 -41.24
N ILE K 281 -9.65 -12.29 -41.09
CA ILE K 281 -8.58 -12.63 -40.18
C ILE K 281 -7.27 -12.24 -40.81
N LEU K 282 -6.46 -11.48 -40.08
CA LEU K 282 -5.17 -11.00 -40.54
C LEU K 282 -4.12 -11.47 -39.58
N HIS K 283 -3.15 -12.23 -40.06
CA HIS K 283 -2.00 -12.64 -39.27
C HIS K 283 -0.85 -11.72 -39.66
N LEU K 284 -0.37 -10.96 -38.69
CA LEU K 284 0.61 -9.91 -38.88
C LEU K 284 1.87 -10.31 -38.14
N HIS K 285 3.02 -10.23 -38.82
CA HIS K 285 4.31 -10.57 -38.27
C HIS K 285 5.30 -9.45 -38.50
N PRO K 286 5.24 -8.36 -37.73
CA PRO K 286 6.08 -7.22 -38.04
C PRO K 286 7.49 -7.40 -37.50
N ASP K 287 8.48 -7.08 -38.33
CA ASP K 287 9.86 -7.07 -37.83
C ASP K 287 10.23 -5.81 -37.08
N HIS K 288 9.45 -4.75 -37.18
CA HIS K 288 9.58 -3.55 -36.37
C HIS K 288 8.18 -3.08 -36.02
N PRO K 289 8.00 -2.33 -34.93
CA PRO K 289 6.66 -1.87 -34.57
C PRO K 289 5.92 -1.16 -35.68
N THR K 290 4.81 -1.72 -36.12
CA THR K 290 4.13 -1.29 -37.34
C THR K 290 2.70 -0.90 -37.03
N LEU K 291 2.24 0.13 -37.72
CA LEU K 291 0.92 0.70 -37.49
C LEU K 291 -0.10 0.02 -38.38
N LEU K 292 -1.22 -0.39 -37.79
CA LEU K 292 -2.31 -1.01 -38.54
C LEU K 292 -3.53 -0.17 -38.28
N THR K 293 -4.14 0.32 -39.35
CA THR K 293 -5.29 1.20 -39.25
C THR K 293 -6.36 0.68 -40.17
N THR K 294 -7.57 0.57 -39.65
CA THR K 294 -8.70 0.12 -40.42
C THR K 294 -9.85 1.09 -40.25
N ARG K 295 -10.73 1.11 -41.25
CA ARG K 295 -11.92 1.91 -41.17
C ARG K 295 -12.98 1.31 -42.07
N SER K 296 -14.22 1.40 -41.66
CA SER K 296 -15.29 0.95 -42.52
C SER K 296 -15.58 2.01 -43.57
N LEU K 297 -16.23 1.58 -44.63
CA LEU K 297 -16.64 2.46 -45.71
C LEU K 297 -18.12 2.78 -45.66
N GLY K 298 -18.80 2.49 -44.57
CA GLY K 298 -20.18 2.86 -44.39
C GLY K 298 -20.31 4.17 -43.67
N SER K 299 -21.52 4.44 -43.18
CA SER K 299 -21.78 5.70 -42.50
C SER K 299 -20.96 5.81 -41.23
N ASP K 300 -20.83 4.73 -40.48
CA ASP K 300 -20.04 4.73 -39.25
C ASP K 300 -18.64 4.32 -39.62
N ALA K 301 -17.68 5.22 -39.41
CA ALA K 301 -16.32 4.92 -39.78
C ALA K 301 -15.77 3.77 -38.97
N ASN K 302 -16.02 3.78 -37.67
CA ASN K 302 -15.51 2.78 -36.74
C ASN K 302 -14.01 2.60 -36.90
N PRO K 303 -13.23 3.66 -36.75
CA PRO K 303 -11.80 3.55 -36.98
C PRO K 303 -11.13 2.76 -35.90
N THR K 304 -10.18 1.94 -36.30
CA THR K 304 -9.30 1.24 -35.37
C THR K 304 -7.88 1.57 -35.77
N ARG K 305 -7.03 1.75 -34.77
CA ARG K 305 -5.65 2.12 -35.01
C ARG K 305 -4.83 1.51 -33.90
N GLN K 306 -3.79 0.76 -34.25
CA GLN K 306 -2.98 0.19 -33.20
C GLN K 306 -1.61 -0.17 -33.72
N TRP K 307 -0.66 -0.20 -32.82
CA TRP K 307 0.71 -0.56 -33.12
C TRP K 307 0.91 -2.01 -32.79
N ILE K 308 1.49 -2.76 -33.73
CA ILE K 308 1.73 -4.17 -33.58
C ILE K 308 3.23 -4.32 -33.43
N GLU K 309 3.66 -4.93 -32.33
CA GLU K 309 5.04 -5.29 -32.10
C GLU K 309 5.30 -6.77 -32.26
N ARG K 310 4.56 -7.58 -31.58
CA ARG K 310 4.64 -9.03 -31.58
C ARG K 310 3.77 -9.60 -32.69
N PRO K 311 4.06 -10.80 -33.17
CA PRO K 311 3.16 -11.44 -34.12
C PRO K 311 1.79 -11.66 -33.53
N THR K 312 0.75 -11.18 -34.22
CA THR K 312 -0.60 -11.25 -33.70
C THR K 312 -1.56 -11.59 -34.81
N THR K 313 -2.70 -12.13 -34.43
CA THR K 313 -3.86 -12.23 -35.29
C THR K 313 -4.86 -11.16 -34.89
N VAL K 314 -5.46 -10.51 -35.88
CA VAL K 314 -6.51 -9.53 -35.63
C VAL K 314 -7.66 -9.81 -36.56
N ASN K 315 -8.86 -9.92 -36.00
CA ASN K 315 -10.10 -10.06 -36.72
C ASN K 315 -10.70 -8.71 -37.03
N PHE K 316 -11.48 -8.64 -38.10
CA PHE K 316 -12.11 -7.40 -38.50
C PHE K 316 -13.43 -7.72 -39.16
N THR K 317 -14.51 -7.13 -38.67
CA THR K 317 -15.83 -7.42 -39.20
C THR K 317 -16.03 -6.61 -40.46
N VAL K 318 -16.16 -7.30 -41.58
CA VAL K 318 -16.23 -6.67 -42.88
C VAL K 318 -17.67 -6.82 -43.35
N THR K 319 -18.44 -5.76 -43.26
CA THR K 319 -19.82 -5.80 -43.72
C THR K 319 -19.85 -5.71 -45.24
N GLY K 320 -21.04 -5.66 -45.79
CA GLY K 320 -21.17 -5.39 -47.20
C GLY K 320 -20.76 -3.99 -47.58
N GLU K 321 -20.70 -3.09 -46.61
CA GLU K 321 -20.29 -1.72 -46.88
C GLU K 321 -18.81 -1.64 -47.20
N GLY K 322 -18.01 -2.56 -46.68
CA GLY K 322 -16.60 -2.60 -46.99
C GLY K 322 -15.73 -2.07 -45.87
N LEU K 323 -14.48 -2.54 -45.87
CA LEU K 323 -13.48 -2.20 -44.89
C LEU K 323 -12.16 -1.95 -45.59
N GLU K 324 -11.46 -0.91 -45.19
CA GLU K 324 -10.16 -0.55 -45.72
C GLU K 324 -9.14 -0.70 -44.62
N TYR K 325 -8.10 -1.48 -44.87
CA TYR K 325 -7.02 -1.65 -43.91
C TYR K 325 -5.70 -1.30 -44.56
N THR K 326 -4.88 -0.62 -43.79
CA THR K 326 -3.52 -0.25 -44.14
C THR K 326 -2.60 -0.84 -43.10
N TRP K 327 -1.58 -1.56 -43.57
CA TRP K 327 -0.62 -2.26 -42.72
C TRP K 327 0.74 -1.67 -43.00
N GLY K 328 1.22 -0.83 -42.11
CA GLY K 328 2.51 -0.23 -42.35
C GLY K 328 2.43 0.70 -43.53
N ASN K 329 3.50 0.76 -44.30
CA ASN K 329 3.60 1.65 -45.44
C ASN K 329 2.99 1.08 -46.69
N HIS K 330 2.36 -0.08 -46.60
CA HIS K 330 1.70 -0.64 -47.75
C HIS K 330 0.53 0.24 -48.18
N PRO K 331 0.18 0.25 -49.46
CA PRO K 331 -0.96 1.04 -49.87
C PRO K 331 -2.23 0.49 -49.24
N PRO K 332 -3.22 1.33 -48.97
CA PRO K 332 -4.46 0.82 -48.37
C PRO K 332 -5.13 -0.20 -49.27
N LYS K 333 -5.74 -1.20 -48.65
CA LYS K 333 -6.43 -2.27 -49.35
C LYS K 333 -7.86 -2.33 -48.88
N ARG K 334 -8.78 -2.46 -49.81
CA ARG K 334 -10.20 -2.45 -49.54
C ARG K 334 -10.79 -3.81 -49.77
N VAL K 335 -11.72 -4.23 -48.92
CA VAL K 335 -12.35 -5.53 -49.03
C VAL K 335 -13.81 -5.40 -48.68
N TRP K 336 -14.64 -6.19 -49.37
CA TRP K 336 -16.08 -6.21 -49.23
C TRP K 336 -16.54 -7.63 -48.98
N ALA K 337 -17.35 -7.86 -47.96
CA ALA K 337 -17.82 -9.21 -47.73
C ALA K 337 -19.05 -9.47 -48.58
N GLN K 338 -19.18 -10.70 -49.06
CA GLN K 338 -20.33 -11.04 -49.87
C GLN K 338 -21.46 -11.40 -48.92
N GLU K 339 -22.56 -11.90 -49.45
CA GLU K 339 -23.52 -12.65 -48.66
C GLU K 339 -23.23 -14.14 -48.80
N SER K 340 -22.09 -14.54 -48.27
CA SER K 340 -21.71 -15.94 -48.22
C SER K 340 -21.93 -16.38 -46.79
N GLY K 341 -22.93 -17.23 -46.58
CA GLY K 341 -23.28 -17.67 -45.26
C GLY K 341 -23.65 -19.14 -45.31
N GLU K 342 -23.81 -19.72 -44.14
CA GLU K 342 -24.15 -21.12 -44.09
C GLU K 342 -25.65 -21.24 -43.99
N GLY K 343 -26.18 -22.29 -44.58
CA GLY K 343 -27.60 -22.56 -44.53
C GLY K 343 -28.03 -23.20 -45.83
N ASN K 344 -29.31 -23.56 -45.87
CA ASN K 344 -29.92 -24.12 -47.07
C ASN K 344 -31.24 -23.39 -47.15
N PRO K 345 -31.28 -22.23 -47.81
CA PRO K 345 -32.50 -21.41 -47.80
C PRO K 345 -33.74 -22.08 -48.37
N HIS K 346 -33.64 -23.29 -48.93
CA HIS K 346 -34.78 -23.99 -49.49
C HIS K 346 -34.90 -25.34 -48.79
N GLY K 347 -35.79 -25.45 -47.83
CA GLY K 347 -35.92 -26.74 -47.17
C GLY K 347 -36.56 -26.61 -45.81
N TRP K 348 -36.13 -27.48 -44.92
CA TRP K 348 -36.81 -27.70 -43.66
C TRP K 348 -36.66 -26.46 -42.79
N PRO K 349 -37.54 -26.27 -41.80
CA PRO K 349 -37.50 -25.02 -41.05
C PRO K 349 -36.19 -24.75 -40.34
N HIS K 350 -35.43 -25.79 -40.00
CA HIS K 350 -34.20 -25.50 -39.27
C HIS K 350 -33.14 -24.87 -40.16
N GLU K 351 -32.98 -25.37 -41.40
CA GLU K 351 -31.96 -24.76 -42.24
C GLU K 351 -32.36 -23.35 -42.67
N VAL K 352 -33.65 -23.12 -42.93
CA VAL K 352 -34.06 -21.76 -43.29
C VAL K 352 -33.76 -20.80 -42.15
N VAL K 353 -34.17 -21.16 -40.93
CA VAL K 353 -33.97 -20.21 -39.85
C VAL K 353 -32.48 -20.01 -39.57
N VAL K 354 -31.66 -21.05 -39.70
CA VAL K 354 -30.24 -20.82 -39.44
C VAL K 354 -29.65 -19.95 -40.53
N TYR K 355 -30.17 -20.04 -41.76
CA TYR K 355 -29.62 -19.19 -42.81
C TYR K 355 -29.96 -17.74 -42.55
N TYR K 356 -31.22 -17.47 -42.27
CA TYR K 356 -31.60 -16.09 -42.03
C TYR K 356 -31.10 -15.57 -40.71
N TYR K 357 -30.53 -16.42 -39.87
CA TYR K 357 -29.91 -15.95 -38.65
C TYR K 357 -28.47 -15.59 -38.94
N ASN K 358 -27.72 -16.45 -39.60
CA ASN K 358 -26.37 -16.02 -39.91
C ASN K 358 -26.32 -14.92 -40.96
N ARG K 359 -27.40 -14.65 -41.69
CA ARG K 359 -27.37 -13.49 -42.58
C ARG K 359 -27.73 -12.20 -41.86
N TYR K 360 -28.85 -12.19 -41.14
CA TYR K 360 -29.32 -11.01 -40.41
C TYR K 360 -29.43 -11.39 -38.94
N PRO K 361 -28.35 -11.27 -38.15
CA PRO K 361 -28.42 -11.83 -36.80
C PRO K 361 -29.47 -11.21 -35.92
N LEU K 362 -29.75 -9.92 -36.07
CA LEU K 362 -30.70 -9.28 -35.17
C LEU K 362 -32.10 -9.27 -35.70
N THR K 363 -32.26 -9.04 -37.00
CA THR K 363 -33.59 -8.98 -37.58
C THR K 363 -34.30 -10.30 -37.44
N THR K 364 -33.58 -11.40 -37.63
CA THR K 364 -34.21 -12.70 -37.54
C THR K 364 -34.76 -12.96 -36.16
N ILE K 365 -34.03 -12.55 -35.11
CA ILE K 365 -34.49 -12.87 -33.77
C ILE K 365 -35.72 -12.04 -33.42
N ILE K 366 -35.73 -10.75 -33.80
CA ILE K 366 -36.91 -9.94 -33.50
C ILE K 366 -38.05 -10.38 -34.39
N GLY K 367 -37.75 -10.82 -35.61
CA GLY K 367 -38.79 -11.33 -36.47
C GLY K 367 -39.42 -12.59 -35.94
N LEU K 368 -38.59 -13.50 -35.42
CA LEU K 368 -39.13 -14.71 -34.82
C LEU K 368 -39.97 -14.37 -33.62
N CYS K 369 -39.50 -13.44 -32.79
CA CYS K 369 -40.27 -13.04 -31.63
C CYS K 369 -41.60 -12.43 -32.06
N THR K 370 -41.62 -11.62 -33.10
CA THR K 370 -42.90 -11.02 -33.45
C THR K 370 -43.82 -12.05 -34.09
N CYS K 371 -43.28 -13.02 -34.85
CA CYS K 371 -44.22 -13.95 -35.46
C CYS K 371 -44.81 -14.85 -34.38
N VAL K 372 -44.00 -15.27 -33.41
CA VAL K 372 -44.57 -16.05 -32.32
C VAL K 372 -45.54 -15.19 -31.52
N ALA K 373 -45.24 -13.90 -31.37
CA ALA K 373 -46.17 -13.03 -30.66
C ALA K 373 -47.51 -12.94 -31.37
N ILE K 374 -47.50 -12.76 -32.68
CA ILE K 374 -48.76 -12.60 -33.39
C ILE K 374 -49.48 -13.93 -33.43
N ILE K 375 -48.78 -15.03 -33.65
CA ILE K 375 -49.49 -16.31 -33.69
C ILE K 375 -50.07 -16.61 -32.32
N MET K 376 -49.36 -16.25 -31.24
CA MET K 376 -49.90 -16.45 -29.90
C MET K 376 -51.15 -15.59 -29.71
N VAL K 377 -51.06 -14.30 -30.05
CA VAL K 377 -52.20 -13.42 -29.79
C VAL K 377 -53.38 -13.85 -30.64
N SER K 378 -53.12 -14.26 -31.87
CA SER K 378 -54.18 -14.73 -32.75
C SER K 378 -54.81 -15.99 -32.18
N CYS K 379 -54.01 -16.93 -31.70
CA CYS K 379 -54.58 -18.16 -31.21
C CYS K 379 -55.40 -17.92 -29.95
N VAL K 380 -54.93 -17.05 -29.05
CA VAL K 380 -55.72 -16.79 -27.85
C VAL K 380 -57.01 -16.09 -28.22
N THR K 381 -56.94 -15.07 -29.09
CA THR K 381 -58.17 -14.35 -29.38
C THR K 381 -59.14 -15.23 -30.11
N SER K 382 -58.64 -16.12 -30.97
CA SER K 382 -59.55 -16.96 -31.71
C SER K 382 -60.15 -18.05 -30.84
N VAL K 383 -59.38 -18.62 -29.92
CA VAL K 383 -60.00 -19.62 -29.05
C VAL K 383 -61.00 -18.95 -28.14
N TRP K 384 -60.70 -17.74 -27.67
CA TRP K 384 -61.68 -17.01 -26.89
C TRP K 384 -62.96 -16.77 -27.69
N LEU K 385 -62.82 -16.33 -28.94
CA LEU K 385 -63.99 -16.14 -29.79
C LEU K 385 -64.75 -17.44 -29.98
N LEU K 386 -64.03 -18.53 -30.22
CA LEU K 386 -64.70 -19.78 -30.49
C LEU K 386 -65.36 -20.33 -29.24
N CYS K 387 -64.76 -20.10 -28.08
CA CYS K 387 -65.37 -20.56 -26.85
C CYS K 387 -66.60 -19.72 -26.54
N ARG K 388 -66.55 -18.43 -26.83
CA ARG K 388 -67.73 -17.61 -26.64
C ARG K 388 -68.82 -18.07 -27.59
N THR K 389 -68.46 -18.46 -28.79
CA THR K 389 -69.46 -18.97 -29.71
C THR K 389 -70.05 -20.25 -29.18
N ARG K 390 -69.21 -21.16 -28.68
CA ARG K 390 -69.74 -22.40 -28.14
C ARG K 390 -70.69 -22.12 -27.00
N ASN K 391 -70.35 -21.20 -26.10
CA ASN K 391 -71.29 -20.87 -25.04
C ASN K 391 -72.60 -20.37 -25.62
N LEU K 392 -72.54 -19.35 -26.45
CA LEU K 392 -73.75 -18.82 -27.03
C LEU K 392 -74.52 -19.86 -27.84
N CYS K 393 -73.91 -20.97 -28.23
CA CYS K 393 -74.66 -22.03 -28.89
C CYS K 393 -75.25 -23.02 -27.88
N ILE K 394 -74.49 -23.47 -26.88
CA ILE K 394 -75.01 -24.51 -26.00
C ILE K 394 -75.83 -24.00 -24.83
N THR K 395 -75.61 -22.78 -24.35
CA THR K 395 -76.29 -22.36 -23.13
C THR K 395 -77.79 -22.43 -23.21
N PRO K 396 -78.47 -21.99 -24.27
CA PRO K 396 -79.90 -22.18 -24.32
C PRO K 396 -80.27 -23.63 -24.20
N TYR K 397 -79.59 -24.47 -24.93
CA TYR K 397 -79.91 -25.88 -24.89
C TYR K 397 -79.66 -26.51 -23.54
N LYS K 398 -78.62 -26.09 -22.81
CA LYS K 398 -78.45 -26.77 -21.54
C LYS K 398 -79.42 -26.28 -20.48
N LEU K 399 -79.83 -25.01 -20.52
CA LEU K 399 -80.94 -24.58 -19.66
C LEU K 399 -82.31 -24.83 -20.28
N ALA K 400 -82.36 -25.25 -21.54
CA ALA K 400 -83.46 -25.84 -22.29
C ALA K 400 -84.00 -27.11 -21.66
N PRO K 401 -83.26 -27.84 -20.85
CA PRO K 401 -82.72 -29.14 -21.23
C PRO K 401 -83.59 -30.11 -21.97
N ASN K 402 -84.89 -30.18 -21.81
CA ASN K 402 -85.62 -31.12 -22.63
C ASN K 402 -86.02 -30.32 -23.87
N ALA K 403 -85.60 -30.82 -25.02
CA ALA K 403 -85.80 -30.17 -26.30
C ALA K 403 -85.30 -31.15 -27.35
N GLN K 404 -85.82 -31.01 -28.57
CA GLN K 404 -85.20 -31.70 -29.68
C GLN K 404 -83.96 -30.91 -30.05
N VAL K 405 -82.89 -31.62 -30.39
CA VAL K 405 -81.57 -30.98 -30.48
C VAL K 405 -81.30 -30.69 -31.96
N PRO K 406 -80.77 -29.53 -32.30
CA PRO K 406 -80.53 -29.22 -33.71
C PRO K 406 -79.32 -29.96 -34.23
N ILE K 407 -79.48 -31.24 -34.57
CA ILE K 407 -78.44 -32.27 -34.63
C ILE K 407 -77.17 -31.76 -35.29
N LEU K 408 -77.30 -31.04 -36.40
CA LEU K 408 -76.10 -30.45 -37.00
C LEU K 408 -75.42 -29.49 -36.04
N LEU K 409 -76.19 -28.76 -35.24
CA LEU K 409 -75.56 -27.98 -34.18
C LEU K 409 -75.01 -28.88 -33.11
N ALA K 410 -75.62 -30.04 -32.90
CA ALA K 410 -75.11 -30.97 -31.93
C ALA K 410 -73.72 -31.41 -32.31
N LEU K 411 -73.48 -31.65 -33.60
CA LEU K 411 -72.15 -32.01 -34.04
C LEU K 411 -71.21 -30.82 -33.96
N LEU K 412 -71.52 -29.71 -34.64
CA LEU K 412 -70.51 -28.67 -34.76
C LEU K 412 -70.17 -27.97 -33.44
N CYS K 413 -70.98 -28.11 -32.40
CA CYS K 413 -70.56 -27.86 -31.03
C CYS K 413 -70.44 -29.22 -30.35
N CYS K 414 -69.81 -29.26 -29.17
CA CYS K 414 -69.73 -30.50 -28.41
C CYS K 414 -70.99 -30.64 -27.57
N ILE K 415 -71.79 -31.67 -27.86
CA ILE K 415 -73.15 -31.80 -27.36
C ILE K 415 -73.41 -33.28 -27.17
N LYS K 416 -74.22 -33.60 -26.17
CA LYS K 416 -74.65 -34.97 -25.95
C LYS K 416 -76.11 -35.00 -26.35
N PRO K 417 -76.42 -35.17 -27.64
CA PRO K 417 -77.77 -34.92 -28.14
C PRO K 417 -78.80 -35.84 -27.52
N THR K 418 -80.06 -35.55 -27.86
CA THR K 418 -81.22 -36.00 -27.09
C THR K 418 -81.89 -37.21 -27.74
N ARG K 419 -82.67 -37.91 -26.94
CA ARG K 419 -83.38 -39.10 -27.36
C ARG K 419 -84.84 -38.77 -27.65
N LYS L 107 -99.80 -22.49 -7.28
CA LYS L 107 -99.68 -21.49 -6.24
C LYS L 107 -98.96 -22.06 -5.04
N LEU L 108 -99.45 -23.20 -4.56
CA LEU L 108 -98.95 -23.78 -3.33
C LEU L 108 -97.63 -24.50 -3.55
N GLU L 109 -97.42 -25.03 -4.74
CA GLU L 109 -96.19 -25.76 -5.04
C GLU L 109 -95.08 -24.78 -5.43
N SER L 110 -94.83 -23.83 -4.54
CA SER L 110 -93.93 -22.72 -4.79
C SER L 110 -92.78 -22.65 -3.80
N ASP L 111 -92.73 -23.53 -2.80
CA ASP L 111 -91.57 -23.56 -1.94
C ASP L 111 -90.43 -24.38 -2.54
N LYS L 112 -90.62 -24.89 -3.75
CA LYS L 112 -89.50 -25.16 -4.64
C LYS L 112 -88.76 -23.86 -4.99
N THR L 113 -89.50 -22.77 -5.19
CA THR L 113 -88.87 -21.47 -5.40
C THR L 113 -88.39 -20.94 -4.05
N PHE L 114 -87.22 -20.30 -4.04
CA PHE L 114 -86.55 -19.92 -2.79
C PHE L 114 -86.21 -18.44 -2.80
N PRO L 115 -86.56 -17.66 -1.77
CA PRO L 115 -86.18 -16.25 -1.77
C PRO L 115 -84.69 -16.07 -1.55
N ILE L 116 -83.99 -15.45 -2.49
CA ILE L 116 -82.63 -15.00 -2.18
C ILE L 116 -82.72 -13.83 -1.21
N MET L 117 -81.63 -13.58 -0.49
CA MET L 117 -81.55 -12.49 0.47
C MET L 117 -80.33 -11.63 0.18
N LEU L 118 -80.51 -10.32 0.13
CA LEU L 118 -79.39 -9.37 0.12
C LEU L 118 -79.57 -8.40 1.29
N ASN L 119 -78.62 -8.39 2.23
CA ASN L 119 -78.72 -7.64 3.50
C ASN L 119 -79.95 -8.02 4.33
N GLY L 120 -80.35 -9.27 4.33
CA GLY L 120 -81.32 -9.75 5.30
C GLY L 120 -82.76 -9.72 4.84
N GLN L 121 -83.10 -8.90 3.87
CA GLN L 121 -84.46 -8.79 3.36
C GLN L 121 -84.51 -9.36 1.96
N VAL L 122 -85.66 -9.91 1.59
CA VAL L 122 -85.75 -10.73 0.39
C VAL L 122 -85.60 -9.81 -0.82
N ASN L 123 -84.52 -9.98 -1.58
CA ASN L 123 -84.22 -9.13 -2.71
C ASN L 123 -84.78 -9.73 -3.98
N GLY L 124 -84.85 -11.04 -4.08
CA GLY L 124 -85.48 -11.65 -5.22
C GLY L 124 -85.77 -13.10 -4.94
N TYR L 125 -86.03 -13.85 -5.99
CA TYR L 125 -86.27 -15.28 -5.85
C TYR L 125 -85.48 -16.06 -6.87
N ALA L 126 -84.99 -17.22 -6.45
CA ALA L 126 -84.25 -18.16 -7.27
C ALA L 126 -85.10 -19.41 -7.42
N CYS L 127 -85.42 -19.76 -8.66
CA CYS L 127 -86.41 -20.79 -8.95
C CYS L 127 -85.71 -22.03 -9.45
N VAL L 128 -86.11 -23.17 -8.92
CA VAL L 128 -85.55 -24.46 -9.30
C VAL L 128 -86.48 -25.04 -10.35
N VAL L 129 -85.98 -25.20 -11.56
CA VAL L 129 -86.73 -25.86 -12.61
C VAL L 129 -85.81 -26.87 -13.25
N GLY L 130 -86.34 -28.03 -13.58
CA GLY L 130 -85.59 -28.96 -14.40
C GLY L 130 -84.29 -29.39 -13.79
N GLY L 131 -84.25 -29.58 -12.49
CA GLY L 131 -83.00 -29.94 -11.85
C GLY L 131 -81.95 -28.87 -11.89
N ARG L 132 -82.34 -27.63 -12.10
CA ARG L 132 -81.39 -26.54 -12.20
C ARG L 132 -81.92 -25.32 -11.48
N VAL L 133 -81.04 -24.67 -10.74
CA VAL L 133 -81.37 -23.47 -10.00
C VAL L 133 -81.11 -22.31 -10.93
N PHE L 134 -82.08 -21.43 -11.06
CA PHE L 134 -81.94 -20.20 -11.83
C PHE L 134 -82.08 -18.99 -10.92
N LYS L 135 -81.27 -17.98 -11.18
CA LYS L 135 -81.51 -16.67 -10.61
C LYS L 135 -81.16 -15.65 -11.68
N PRO L 136 -81.74 -14.45 -11.63
CA PRO L 136 -81.33 -13.43 -12.59
C PRO L 136 -80.09 -12.69 -12.13
N LEU L 137 -79.30 -12.24 -13.10
CA LEU L 137 -78.10 -11.49 -12.75
C LEU L 137 -78.47 -10.22 -12.00
N HIS L 138 -79.48 -9.50 -12.48
CA HIS L 138 -79.75 -8.17 -11.96
C HIS L 138 -80.08 -8.17 -10.48
N VAL L 139 -80.58 -9.28 -9.94
CA VAL L 139 -80.63 -9.47 -8.50
C VAL L 139 -79.30 -10.02 -8.04
N GLU L 140 -78.72 -9.36 -7.06
CA GLU L 140 -77.48 -9.74 -6.43
C GLU L 140 -77.85 -10.09 -5.01
N GLY L 141 -77.08 -10.95 -4.40
CA GLY L 141 -77.37 -11.38 -3.05
C GLY L 141 -77.04 -12.82 -2.88
N ARG L 142 -77.65 -13.43 -1.87
CA ARG L 142 -77.42 -14.82 -1.55
C ARG L 142 -78.73 -15.58 -1.52
N ILE L 143 -78.72 -16.81 -2.03
CA ILE L 143 -79.86 -17.70 -1.81
C ILE L 143 -80.05 -17.93 -0.31
N ASP L 144 -81.31 -18.00 0.11
CA ASP L 144 -81.66 -18.31 1.50
C ASP L 144 -81.77 -19.81 1.74
N ASN L 145 -80.70 -20.52 1.41
CA ASN L 145 -80.67 -21.96 1.67
C ASN L 145 -79.24 -22.45 1.62
N GLU L 146 -78.82 -23.14 2.67
CA GLU L 146 -77.42 -23.52 2.78
C GLU L 146 -77.04 -24.48 1.68
N GLN L 147 -77.90 -25.47 1.42
CA GLN L 147 -77.59 -26.47 0.40
C GLN L 147 -77.53 -25.82 -0.96
N LEU L 148 -78.44 -24.91 -1.24
CA LEU L 148 -78.35 -24.19 -2.49
C LEU L 148 -77.29 -23.11 -2.46
N ALA L 149 -76.73 -22.79 -1.29
CA ALA L 149 -75.76 -21.70 -1.20
C ALA L 149 -74.40 -22.08 -1.75
N ALA L 150 -74.20 -23.33 -2.12
CA ALA L 150 -72.88 -23.82 -2.42
C ALA L 150 -72.58 -23.74 -3.90
N ILE L 151 -73.57 -24.02 -4.74
CA ILE L 151 -73.27 -24.43 -6.11
C ILE L 151 -72.65 -23.26 -6.85
N LYS L 152 -71.64 -23.55 -7.64
CA LYS L 152 -71.07 -22.54 -8.51
C LYS L 152 -72.05 -22.28 -9.63
N LEU L 153 -72.56 -21.06 -9.70
CA LEU L 153 -73.58 -20.67 -10.65
C LEU L 153 -72.90 -20.10 -11.88
N LYS L 154 -73.15 -20.70 -13.04
CA LYS L 154 -72.55 -20.24 -14.28
C LYS L 154 -73.48 -19.24 -14.92
N LYS L 155 -72.91 -18.12 -15.37
CA LYS L 155 -73.70 -16.98 -15.81
C LYS L 155 -74.02 -17.09 -17.29
N ALA L 156 -75.10 -16.40 -17.68
CA ALA L 156 -75.49 -16.28 -19.08
C ALA L 156 -76.17 -14.93 -19.24
N SER L 157 -75.42 -13.96 -19.75
CA SER L 157 -75.91 -12.60 -19.76
C SER L 157 -77.01 -12.41 -20.77
N ILE L 158 -76.86 -13.03 -21.94
CA ILE L 158 -77.79 -12.82 -23.05
C ILE L 158 -79.20 -13.14 -22.62
N TYR L 159 -79.35 -14.16 -21.78
CA TYR L 159 -80.61 -14.60 -21.19
C TYR L 159 -80.80 -14.08 -19.77
N ASP L 160 -79.76 -13.49 -19.20
CA ASP L 160 -79.84 -12.88 -17.88
C ASP L 160 -80.25 -13.91 -16.84
N LEU L 161 -79.58 -15.05 -16.87
CA LEU L 161 -79.77 -16.09 -15.88
C LEU L 161 -78.44 -16.64 -15.44
N GLU L 162 -78.33 -16.98 -14.17
CA GLU L 162 -77.21 -17.77 -13.66
C GLU L 162 -77.81 -19.09 -13.23
N TYR L 163 -77.21 -20.17 -13.74
CA TYR L 163 -77.80 -21.49 -13.64
C TYR L 163 -76.84 -22.44 -12.94
N GLY L 164 -77.41 -23.37 -12.20
CA GLY L 164 -76.65 -24.35 -11.45
C GLY L 164 -77.30 -25.72 -11.31
N ASP L 165 -76.55 -26.79 -11.48
CA ASP L 165 -77.08 -28.14 -11.26
C ASP L 165 -77.36 -28.41 -9.79
N VAL L 166 -78.58 -28.81 -9.47
CA VAL L 166 -78.98 -29.00 -8.07
C VAL L 166 -78.32 -30.25 -7.51
N PRO L 167 -78.07 -30.34 -6.20
CA PRO L 167 -77.63 -31.61 -5.62
C PRO L 167 -78.68 -32.69 -5.78
N GLN L 168 -78.30 -33.91 -5.41
CA GLN L 168 -79.20 -35.05 -5.56
C GLN L 168 -80.42 -34.87 -4.67
N CYS L 169 -80.22 -34.36 -3.46
CA CYS L 169 -81.25 -34.52 -2.44
C CYS L 169 -82.55 -33.84 -2.85
N MET L 170 -82.47 -32.81 -3.69
CA MET L 170 -83.66 -32.25 -4.31
C MET L 170 -83.80 -32.61 -5.78
N LYS L 171 -83.07 -33.59 -6.31
CA LYS L 171 -83.05 -33.78 -7.75
C LYS L 171 -84.43 -34.15 -8.29
N SER L 172 -85.19 -34.93 -7.54
CA SER L 172 -86.51 -35.36 -7.97
C SER L 172 -87.60 -34.40 -7.55
N ASP L 173 -87.26 -33.29 -6.91
CA ASP L 173 -88.20 -32.42 -6.23
C ASP L 173 -88.15 -31.04 -6.83
N THR L 174 -88.11 -31.00 -8.14
CA THR L 174 -87.83 -29.81 -8.91
C THR L 174 -88.95 -29.55 -9.88
N LEU L 175 -89.20 -28.29 -10.11
CA LEU L 175 -90.26 -27.90 -11.00
C LEU L 175 -89.94 -28.42 -12.38
N GLN L 176 -90.98 -28.74 -13.12
CA GLN L 176 -90.85 -29.08 -14.53
C GLN L 176 -91.15 -27.81 -15.30
N TYR L 177 -90.89 -27.85 -16.60
CA TYR L 177 -91.21 -26.71 -17.45
C TYR L 177 -92.07 -27.18 -18.62
N THR L 178 -92.34 -26.30 -19.57
CA THR L 178 -93.05 -26.64 -20.78
C THR L 178 -92.92 -25.48 -21.72
N SER L 179 -92.78 -25.77 -22.99
CA SER L 179 -92.76 -24.75 -24.03
C SER L 179 -94.11 -24.60 -24.70
N ASP L 180 -95.14 -25.28 -24.24
CA ASP L 180 -96.48 -25.09 -24.77
C ASP L 180 -97.11 -23.95 -23.99
N LYS L 181 -97.37 -22.85 -24.68
CA LYS L 181 -97.95 -21.65 -24.08
C LYS L 181 -99.09 -21.14 -24.95
N PRO L 182 -100.28 -21.75 -24.87
CA PRO L 182 -101.42 -21.12 -25.50
C PRO L 182 -101.74 -19.81 -24.81
N PRO L 183 -102.20 -18.80 -25.54
CA PRO L 183 -102.63 -17.57 -24.87
C PRO L 183 -103.75 -17.85 -23.88
N GLY L 184 -103.66 -17.21 -22.72
CA GLY L 184 -104.60 -17.52 -21.66
C GLY L 184 -104.04 -17.14 -20.30
N PHE L 185 -104.71 -17.64 -19.27
CA PHE L 185 -104.36 -17.33 -17.89
C PHE L 185 -103.37 -18.36 -17.37
N TYR L 186 -102.28 -17.88 -16.76
CA TYR L 186 -101.32 -18.74 -16.09
C TYR L 186 -101.07 -18.23 -14.70
N ASN L 187 -101.21 -19.10 -13.72
CA ASN L 187 -101.09 -18.70 -12.32
C ASN L 187 -99.67 -18.26 -12.01
N TRP L 188 -99.57 -17.31 -11.09
CA TRP L 188 -98.32 -16.68 -10.70
C TRP L 188 -98.54 -16.22 -9.28
N HIS L 189 -97.46 -16.17 -8.50
CA HIS L 189 -97.56 -15.94 -7.06
C HIS L 189 -98.49 -14.79 -6.70
N HIS L 190 -98.32 -13.67 -7.38
CA HIS L 190 -99.06 -12.46 -7.07
C HIS L 190 -100.38 -12.37 -7.82
N GLY L 191 -100.76 -13.40 -8.54
CA GLY L 191 -102.00 -13.41 -9.26
C GLY L 191 -101.82 -14.08 -10.59
N ALA L 192 -102.79 -13.93 -11.46
CA ALA L 192 -102.75 -14.56 -12.76
C ALA L 192 -101.96 -13.69 -13.71
N VAL L 193 -101.44 -14.31 -14.77
CA VAL L 193 -100.87 -13.56 -15.88
C VAL L 193 -101.67 -13.95 -17.12
N GLN L 194 -101.83 -13.00 -18.02
CA GLN L 194 -102.56 -13.20 -19.24
C GLN L 194 -101.57 -13.15 -20.38
N TYR L 195 -101.62 -14.16 -21.24
CA TYR L 195 -100.77 -14.23 -22.42
C TYR L 195 -101.66 -13.96 -23.61
N GLU L 196 -101.36 -12.89 -24.33
CA GLU L 196 -102.13 -12.55 -25.51
C GLU L 196 -101.34 -11.59 -26.39
N ASN L 197 -101.50 -11.74 -27.71
CA ASN L 197 -100.64 -11.09 -28.71
C ASN L 197 -99.17 -11.43 -28.47
N ASN L 198 -98.92 -12.68 -28.09
CA ASN L 198 -97.58 -13.13 -27.77
C ASN L 198 -96.94 -12.25 -26.69
N ARG L 199 -97.74 -11.76 -25.76
CA ARG L 199 -97.31 -10.80 -24.75
C ARG L 199 -97.80 -11.25 -23.38
N PHE L 200 -96.92 -11.26 -22.38
CA PHE L 200 -97.28 -11.65 -21.02
C PHE L 200 -97.58 -10.39 -20.23
N THR L 201 -98.75 -10.35 -19.61
CA THR L 201 -99.19 -9.15 -18.91
C THR L 201 -99.86 -9.51 -17.59
N VAL L 202 -99.98 -8.50 -16.73
CA VAL L 202 -100.51 -8.64 -15.38
C VAL L 202 -101.37 -7.43 -15.08
N PRO L 203 -102.21 -7.49 -14.05
CA PRO L 203 -102.94 -6.27 -13.69
C PRO L 203 -101.98 -5.14 -13.34
N ARG L 204 -102.38 -3.92 -13.70
CA ARG L 204 -101.58 -2.71 -13.47
C ARG L 204 -101.48 -2.44 -11.99
N GLY L 205 -100.28 -2.63 -11.43
CA GLY L 205 -100.03 -2.24 -10.05
C GLY L 205 -99.73 -3.40 -9.15
N VAL L 206 -99.14 -4.45 -9.72
CA VAL L 206 -98.83 -5.64 -8.93
C VAL L 206 -97.55 -6.27 -9.43
N GLY L 207 -96.62 -6.40 -8.53
CA GLY L 207 -95.24 -6.75 -8.80
C GLY L 207 -94.40 -5.51 -8.67
N GLY L 208 -93.13 -5.68 -8.98
CA GLY L 208 -92.19 -4.58 -9.00
C GLY L 208 -90.91 -5.04 -8.36
N LYS L 209 -90.17 -4.12 -7.75
CA LYS L 209 -88.84 -4.45 -7.25
C LYS L 209 -88.94 -5.56 -6.24
N GLY L 210 -88.27 -6.66 -6.54
CA GLY L 210 -88.21 -7.83 -5.70
C GLY L 210 -88.87 -9.03 -6.33
N ASP L 211 -89.91 -8.82 -7.14
CA ASP L 211 -90.65 -9.94 -7.68
C ASP L 211 -90.02 -10.55 -8.91
N SER L 212 -88.80 -10.13 -9.27
CA SER L 212 -88.04 -10.80 -10.32
C SER L 212 -87.66 -12.21 -9.91
N GLY L 213 -87.64 -13.10 -10.88
CA GLY L 213 -87.15 -14.43 -10.64
C GLY L 213 -88.13 -15.32 -9.93
N ARG L 214 -89.39 -14.95 -9.88
CA ARG L 214 -90.49 -15.82 -9.49
C ARG L 214 -91.12 -16.49 -10.71
N PRO L 215 -91.23 -17.81 -10.77
CA PRO L 215 -91.89 -18.42 -11.90
C PRO L 215 -93.34 -18.08 -12.19
N ILE L 216 -93.68 -18.27 -13.45
CA ILE L 216 -95.04 -18.32 -13.93
C ILE L 216 -95.33 -19.79 -14.24
N LEU L 217 -96.40 -20.30 -13.68
CA LEU L 217 -96.82 -21.68 -13.84
C LEU L 217 -98.19 -21.67 -14.49
N ASP L 218 -98.63 -22.81 -15.01
CA ASP L 218 -99.96 -22.91 -15.56
C ASP L 218 -100.87 -23.58 -14.54
N ASN L 219 -102.12 -23.84 -14.94
CA ASN L 219 -103.08 -24.45 -14.02
C ASN L 219 -102.60 -25.83 -13.58
N GLY L 221 -99.38 -26.62 -13.62
CA GLY L 221 -98.32 -26.33 -12.67
C GLY L 221 -96.91 -26.39 -13.21
N ARG L 222 -96.73 -26.68 -14.49
CA ARG L 222 -95.39 -26.63 -15.06
C ARG L 222 -95.04 -25.18 -15.34
N VAL L 223 -93.75 -24.89 -15.32
CA VAL L 223 -93.31 -23.53 -15.63
C VAL L 223 -93.60 -23.26 -17.08
N VAL L 224 -94.19 -22.09 -17.33
CA VAL L 224 -94.32 -21.60 -18.67
C VAL L 224 -93.39 -20.42 -18.91
N ALA L 225 -93.01 -19.70 -17.87
CA ALA L 225 -92.08 -18.61 -18.01
C ALA L 225 -91.46 -18.33 -16.66
N ILE L 226 -90.31 -17.68 -16.67
CA ILE L 226 -89.72 -17.12 -15.46
C ILE L 226 -89.51 -15.64 -15.70
N VAL L 227 -90.02 -14.82 -14.80
CA VAL L 227 -90.16 -13.39 -15.01
C VAL L 227 -88.96 -12.65 -14.47
N LEU L 228 -88.64 -11.54 -15.14
CA LEU L 228 -87.46 -10.73 -14.84
C LEU L 228 -87.76 -9.24 -14.71
N GLY L 229 -88.84 -8.73 -15.26
CA GLY L 229 -89.14 -7.32 -15.10
C GLY L 229 -90.46 -6.94 -15.72
N GLY L 230 -90.69 -5.64 -15.90
CA GLY L 230 -91.88 -5.22 -16.59
C GLY L 230 -92.12 -3.73 -16.70
N VAL L 231 -92.83 -3.33 -17.75
CA VAL L 231 -93.17 -1.95 -18.04
C VAL L 231 -94.66 -1.75 -17.89
N ASN L 232 -95.05 -0.61 -17.34
CA ASN L 232 -96.47 -0.36 -17.17
C ASN L 232 -97.05 -0.01 -18.53
N GLU L 233 -97.60 -1.01 -19.19
CA GLU L 233 -98.24 -0.83 -20.50
C GLU L 233 -99.37 0.19 -20.42
N GLY L 234 -100.28 0.02 -19.48
CA GLY L 234 -101.63 0.48 -19.58
C GLY L 234 -102.26 0.09 -18.28
N SER L 235 -103.47 -0.46 -18.27
CA SER L 235 -104.08 -0.87 -17.02
C SER L 235 -103.98 -2.37 -16.84
N ARG L 236 -103.40 -3.07 -17.78
CA ARG L 236 -102.51 -4.20 -17.54
C ARG L 236 -101.06 -3.75 -17.77
N THR L 237 -100.13 -4.37 -17.04
CA THR L 237 -98.71 -4.07 -17.06
C THR L 237 -97.95 -5.20 -17.74
N ALA L 238 -97.31 -4.89 -18.86
CA ALA L 238 -96.52 -5.86 -19.62
C ALA L 238 -95.31 -6.31 -18.82
N LEU L 239 -94.85 -7.54 -19.09
CA LEU L 239 -93.74 -8.11 -18.36
C LEU L 239 -92.59 -8.48 -19.29
N SER L 240 -91.38 -8.38 -18.73
CA SER L 240 -90.16 -8.89 -19.34
C SER L 240 -89.91 -10.27 -18.77
N VAL L 241 -89.98 -11.27 -19.61
CA VAL L 241 -89.86 -12.66 -19.21
C VAL L 241 -88.85 -13.39 -20.08
N VAL L 242 -88.13 -14.36 -19.51
CA VAL L 242 -87.37 -15.33 -20.31
C VAL L 242 -88.28 -16.53 -20.59
N THR L 243 -89.05 -16.41 -21.66
CA THR L 243 -89.89 -17.49 -22.16
C THR L 243 -89.05 -18.50 -22.93
N TRP L 244 -89.70 -19.56 -23.40
CA TRP L 244 -89.06 -20.60 -24.18
C TRP L 244 -89.88 -20.69 -25.46
N ASN L 245 -89.25 -20.61 -26.62
CA ASN L 245 -90.01 -20.42 -27.85
C ASN L 245 -90.78 -21.68 -28.20
N GLN L 246 -91.55 -21.63 -29.29
CA GLN L 246 -92.30 -22.82 -29.71
C GLN L 246 -91.39 -24.00 -30.00
N LYS L 247 -90.17 -23.75 -30.47
CA LYS L 247 -89.19 -24.81 -30.59
C LYS L 247 -88.58 -25.20 -29.25
N GLY L 248 -88.84 -24.44 -28.21
CA GLY L 248 -88.38 -24.78 -26.90
C GLY L 248 -86.99 -24.30 -26.57
N VAL L 249 -86.32 -23.61 -27.47
CA VAL L 249 -85.09 -22.95 -27.11
C VAL L 249 -85.41 -21.69 -26.34
N THR L 250 -84.65 -21.43 -25.29
CA THR L 250 -84.95 -20.32 -24.40
C THR L 250 -84.68 -18.98 -25.03
N VAL L 251 -85.61 -18.05 -24.87
CA VAL L 251 -85.48 -16.71 -25.42
C VAL L 251 -86.00 -15.68 -24.44
N LYS L 252 -85.46 -14.47 -24.51
CA LYS L 252 -85.88 -13.37 -23.67
C LYS L 252 -86.90 -12.51 -24.41
N ASP L 253 -87.87 -11.98 -23.67
CA ASP L 253 -89.01 -11.27 -24.24
C ASP L 253 -89.22 -9.92 -23.54
N THR L 254 -88.72 -8.85 -24.13
CA THR L 254 -88.73 -7.54 -23.47
C THR L 254 -89.63 -6.56 -24.20
N PRO L 255 -90.77 -6.13 -23.63
CA PRO L 255 -91.42 -4.94 -24.19
C PRO L 255 -90.47 -3.77 -24.11
N GLU L 256 -90.66 -2.83 -25.01
CA GLU L 256 -89.68 -1.76 -25.13
C GLU L 256 -89.67 -0.94 -23.85
N GLY L 257 -88.49 -0.67 -23.34
CA GLY L 257 -88.35 0.19 -22.19
C GLY L 257 -88.65 -0.46 -20.86
N SER L 258 -88.80 -1.77 -20.81
CA SER L 258 -89.01 -2.38 -19.51
C SER L 258 -87.72 -2.36 -18.73
N GLU L 259 -87.87 -2.44 -17.42
CA GLU L 259 -86.75 -2.28 -16.51
C GLU L 259 -86.73 -3.44 -15.54
N PRO L 260 -85.56 -3.81 -15.04
CA PRO L 260 -85.50 -4.97 -14.16
C PRO L 260 -86.20 -4.69 -12.86
N TRP L 261 -86.71 -5.75 -12.27
CA TRP L 261 -87.34 -5.68 -10.97
C TRP L 261 -86.38 -6.26 -9.96
N THR M 4 35.97 -46.53 -55.12
CA THR M 4 36.74 -45.36 -55.49
C THR M 4 35.86 -44.34 -56.21
N VAL M 5 35.85 -43.12 -55.67
CA VAL M 5 35.09 -42.03 -56.27
C VAL M 5 35.76 -41.56 -57.55
N MET M 6 35.02 -40.79 -58.35
CA MET M 6 35.38 -40.56 -59.75
C MET M 6 34.66 -39.31 -60.23
N CYS M 7 35.44 -38.35 -60.71
CA CYS M 7 35.02 -37.03 -61.14
C CYS M 7 35.20 -36.89 -62.65
N VAL M 8 34.29 -36.15 -63.27
CA VAL M 8 34.35 -35.85 -64.70
C VAL M 8 34.94 -34.47 -64.90
N LEU M 9 35.90 -34.35 -65.83
CA LEU M 9 36.39 -33.06 -66.31
C LEU M 9 36.29 -33.02 -67.84
N ALA M 10 35.16 -32.52 -68.36
CA ALA M 10 35.04 -32.16 -69.77
C ALA M 10 35.47 -33.30 -70.72
N ASN M 11 34.75 -34.41 -70.63
CA ASN M 11 35.03 -35.71 -71.29
C ASN M 11 36.46 -36.22 -71.02
N ILE M 12 36.94 -35.98 -69.81
CA ILE M 12 38.04 -36.75 -69.23
C ILE M 12 37.55 -37.23 -67.87
N THR M 13 37.02 -38.45 -67.80
CA THR M 13 36.89 -39.04 -66.49
C THR M 13 38.26 -39.09 -65.82
N PHE M 14 38.25 -39.13 -64.50
CA PHE M 14 39.46 -39.21 -63.70
C PHE M 14 39.07 -39.40 -62.24
N PRO M 15 40.00 -39.80 -61.39
CA PRO M 15 39.69 -39.89 -59.96
C PRO M 15 39.54 -38.50 -59.37
N CYS M 16 39.28 -38.43 -58.07
CA CYS M 16 39.09 -37.16 -57.37
C CYS M 16 40.10 -36.97 -56.24
N ASP M 17 41.09 -37.83 -56.13
CA ASP M 17 42.20 -37.60 -55.21
C ASP M 17 43.48 -37.23 -55.92
N GLN M 18 43.65 -37.61 -57.19
CA GLN M 18 44.64 -37.01 -58.07
C GLN M 18 43.96 -36.38 -59.28
N PRO M 19 44.20 -35.10 -59.57
CA PRO M 19 43.88 -34.57 -60.90
C PRO M 19 45.05 -34.73 -61.86
N PRO M 20 44.88 -34.38 -63.14
CA PRO M 20 46.01 -34.35 -64.07
C PRO M 20 46.90 -33.12 -63.95
N CYS M 21 46.73 -32.30 -62.92
CA CYS M 21 47.45 -31.05 -62.73
C CYS M 21 48.20 -31.04 -61.41
N MET M 22 48.56 -32.24 -60.92
CA MET M 22 49.07 -32.48 -59.57
C MET M 22 50.05 -31.46 -58.99
N PRO M 23 51.17 -31.09 -59.66
CA PRO M 23 52.18 -30.27 -58.97
C PRO M 23 51.66 -28.95 -58.43
N CYS M 24 51.05 -28.14 -59.29
CA CYS M 24 50.38 -26.92 -58.84
C CYS M 24 49.25 -26.70 -59.85
N CYS M 25 48.02 -27.05 -59.46
CA CYS M 25 46.93 -26.96 -60.40
C CYS M 25 46.57 -25.52 -60.73
N TYR M 26 46.68 -24.61 -59.77
CA TYR M 26 46.20 -23.25 -59.97
C TYR M 26 47.21 -22.36 -60.66
N GLU M 27 48.26 -22.94 -61.24
CA GLU M 27 49.24 -22.18 -61.98
C GLU M 27 49.46 -22.71 -63.38
N LYS M 28 49.12 -23.96 -63.67
CA LYS M 28 49.11 -24.39 -65.07
C LYS M 28 48.00 -23.69 -65.84
N ASN M 29 46.77 -23.79 -65.36
CA ASN M 29 45.62 -23.17 -66.02
C ASN M 29 44.59 -22.94 -64.92
N PRO M 30 44.49 -21.73 -64.37
CA PRO M 30 43.44 -21.51 -63.35
C PRO M 30 42.03 -21.77 -63.85
N HIS M 31 41.64 -21.16 -64.99
CA HIS M 31 40.35 -21.43 -65.60
C HIS M 31 39.98 -22.90 -65.66
N GLU M 32 40.94 -23.77 -65.96
CA GLU M 32 40.64 -25.19 -66.04
C GLU M 32 40.44 -25.76 -64.65
N THR M 33 41.14 -25.22 -63.67
CA THR M 33 40.95 -25.61 -62.28
C THR M 33 39.50 -25.35 -61.88
N LEU M 34 39.02 -24.15 -62.14
CA LEU M 34 37.68 -23.83 -61.67
C LEU M 34 36.61 -24.49 -62.53
N THR M 35 36.84 -24.69 -63.83
CA THR M 35 35.85 -25.44 -64.60
C THR M 35 35.78 -26.88 -64.13
N MET M 36 36.88 -27.41 -63.58
CA MET M 36 36.86 -28.75 -63.05
C MET M 36 36.13 -28.79 -61.73
N LEU M 37 36.39 -27.81 -60.87
CA LEU M 37 35.76 -27.79 -59.57
C LEU M 37 34.32 -27.32 -59.63
N GLU M 38 33.83 -26.92 -60.79
CA GLU M 38 32.45 -26.51 -60.95
C GLU M 38 31.62 -27.50 -61.75
N GLN M 39 32.22 -28.30 -62.64
CA GLN M 39 31.48 -29.41 -63.19
C GLN M 39 31.15 -30.42 -62.12
N ASN M 40 32.14 -30.73 -61.28
CA ASN M 40 32.03 -31.74 -60.24
C ASN M 40 31.54 -31.13 -58.93
N TYR M 41 30.34 -30.58 -58.98
CA TYR M 41 29.81 -29.77 -57.88
C TYR M 41 29.05 -30.63 -56.89
N ASP M 42 28.33 -31.63 -57.37
CA ASP M 42 27.61 -32.56 -56.51
C ASP M 42 28.40 -33.82 -56.25
N SER M 43 29.68 -33.84 -56.61
CA SER M 43 30.54 -34.99 -56.34
C SER M 43 30.66 -35.17 -54.84
N ARG M 44 30.22 -36.33 -54.36
CA ARG M 44 30.31 -36.67 -52.94
C ARG M 44 31.69 -36.43 -52.35
N ALA M 45 32.74 -36.48 -53.17
CA ALA M 45 34.13 -36.41 -52.75
C ALA M 45 34.72 -35.05 -53.06
N TYR M 46 33.92 -34.00 -52.92
CA TYR M 46 34.33 -32.69 -53.40
C TYR M 46 35.45 -32.10 -52.55
N ASP M 47 35.60 -32.53 -51.30
CA ASP M 47 36.74 -32.01 -50.55
C ASP M 47 38.00 -32.74 -50.98
N GLN M 48 37.88 -33.98 -51.41
CA GLN M 48 39.00 -34.67 -52.00
C GLN M 48 39.43 -33.99 -53.28
N LEU M 49 38.48 -33.40 -54.00
CA LEU M 49 38.79 -32.72 -55.26
C LEU M 49 39.44 -31.38 -54.96
N LEU M 50 38.87 -30.65 -54.00
CA LEU M 50 39.40 -29.33 -53.69
C LEU M 50 40.81 -29.43 -53.14
N ASP M 51 41.02 -30.32 -52.16
CA ASP M 51 42.35 -30.44 -51.59
C ASP M 51 43.39 -30.93 -52.57
N ALA M 52 42.97 -31.44 -53.74
CA ALA M 52 43.90 -31.87 -54.77
C ALA M 52 43.97 -30.91 -55.95
N ALA M 53 43.06 -29.93 -56.03
CA ALA M 53 43.10 -28.89 -57.03
C ALA M 53 43.53 -27.55 -56.46
N VAL M 54 44.01 -27.54 -55.21
CA VAL M 54 44.47 -26.33 -54.56
C VAL M 54 45.86 -26.55 -53.96
N LYS M 55 46.36 -27.78 -54.02
CA LYS M 55 47.65 -28.09 -53.42
C LYS M 55 48.74 -27.68 -54.39
N CYS M 56 49.53 -26.67 -54.02
CA CYS M 56 50.71 -26.28 -54.77
C CYS M 56 51.96 -26.78 -54.06
N ASN M 57 53.11 -26.53 -54.68
CA ASN M 57 54.39 -26.97 -54.14
C ASN M 57 55.49 -25.98 -54.49
N THR N 4 15.62 49.69 -58.56
CA THR N 4 16.98 49.56 -58.04
C THR N 4 16.94 49.60 -56.51
N VAL N 5 17.97 49.02 -55.90
CA VAL N 5 18.04 48.82 -54.45
C VAL N 5 19.16 49.70 -53.90
N MET N 6 18.79 50.88 -53.40
CA MET N 6 19.71 51.72 -52.63
C MET N 6 20.19 51.02 -51.36
N CYS N 7 21.50 50.81 -51.25
CA CYS N 7 22.17 50.59 -49.98
C CYS N 7 22.73 51.92 -49.46
N VAL N 8 23.33 51.84 -48.28
CA VAL N 8 23.86 53.00 -47.56
C VAL N 8 25.17 52.61 -46.90
N LEU N 9 26.15 53.50 -46.96
CA LEU N 9 27.31 53.49 -46.09
C LEU N 9 27.47 54.93 -45.64
N ALA N 10 27.21 55.25 -44.38
CA ALA N 10 26.19 56.24 -44.01
C ALA N 10 26.13 57.47 -44.93
N ASN N 11 27.25 58.07 -45.27
CA ASN N 11 27.24 59.34 -46.00
C ASN N 11 27.30 59.13 -47.52
N ILE N 12 27.40 57.88 -47.97
CA ILE N 12 27.44 57.49 -49.38
C ILE N 12 26.30 56.50 -49.61
N THR N 13 25.15 57.00 -50.07
CA THR N 13 24.16 56.15 -50.70
C THR N 13 24.80 55.43 -51.89
N PHE N 14 24.20 54.31 -52.33
CA PHE N 14 24.88 53.47 -53.31
C PHE N 14 23.93 52.45 -53.91
N PRO N 15 24.06 52.07 -55.18
CA PRO N 15 23.41 50.83 -55.66
C PRO N 15 24.19 49.60 -55.20
N CYS N 16 23.49 48.67 -54.56
CA CYS N 16 24.11 47.56 -53.82
C CYS N 16 24.72 46.49 -54.71
N ASP N 17 24.72 46.64 -56.03
CA ASP N 17 25.27 45.60 -56.88
C ASP N 17 26.78 45.71 -56.93
N GLN N 18 27.28 46.87 -57.40
CA GLN N 18 28.71 47.13 -57.46
C GLN N 18 29.08 47.97 -56.24
N PRO N 19 29.69 47.40 -55.20
CA PRO N 19 29.96 48.16 -53.99
C PRO N 19 30.95 49.28 -54.25
N PRO N 20 31.21 50.12 -53.24
CA PRO N 20 32.31 51.09 -53.39
C PRO N 20 33.65 50.42 -53.65
N CYS N 21 34.02 49.39 -52.91
CA CYS N 21 35.34 48.78 -53.09
C CYS N 21 35.02 47.70 -54.10
N MET N 22 35.47 47.79 -55.36
CA MET N 22 35.29 46.56 -56.14
C MET N 22 36.32 45.46 -55.86
N PRO N 23 37.65 45.77 -55.87
CA PRO N 23 38.61 44.69 -56.19
C PRO N 23 38.66 43.44 -55.33
N CYS N 24 38.90 43.62 -54.03
CA CYS N 24 38.63 42.64 -52.98
C CYS N 24 38.30 43.51 -51.76
N CYS N 25 37.01 43.73 -51.50
CA CYS N 25 36.68 44.91 -50.70
C CYS N 25 37.29 44.73 -49.31
N TYR N 26 37.03 43.56 -48.71
CA TYR N 26 37.43 43.21 -47.35
C TYR N 26 38.91 43.34 -47.06
N GLU N 27 39.77 43.23 -48.07
CA GLU N 27 41.21 43.25 -47.81
C GLU N 27 41.77 44.66 -47.80
N LYS N 28 41.08 45.62 -48.39
CA LYS N 28 41.57 46.98 -48.35
C LYS N 28 41.28 47.62 -47.00
N ASN N 29 40.00 47.71 -46.63
CA ASN N 29 39.62 48.19 -45.30
C ASN N 29 38.61 47.21 -44.70
N PRO N 30 39.07 46.21 -43.92
CA PRO N 30 38.12 45.27 -43.32
C PRO N 30 37.04 45.92 -42.45
N HIS N 31 37.44 46.71 -41.44
CA HIS N 31 36.46 47.43 -40.61
C HIS N 31 35.39 48.15 -41.40
N GLU N 32 35.72 48.61 -42.60
CA GLU N 32 34.79 49.35 -43.44
C GLU N 32 34.05 48.42 -44.39
N THR N 33 34.55 47.21 -44.58
CA THR N 33 33.78 46.17 -45.24
C THR N 33 32.74 45.59 -44.31
N LEU N 34 32.91 45.79 -43.01
CA LEU N 34 32.04 45.23 -42.00
C LEU N 34 31.33 46.33 -41.23
N THR N 35 31.37 47.57 -41.72
CA THR N 35 30.37 48.57 -41.40
C THR N 35 29.31 48.67 -42.48
N MET N 36 29.62 48.26 -43.70
CA MET N 36 28.64 48.30 -44.79
C MET N 36 27.69 47.12 -44.74
N LEU N 37 28.11 46.04 -44.10
CA LEU N 37 27.28 44.86 -43.93
C LEU N 37 26.47 44.91 -42.64
N GLU N 38 26.59 45.98 -41.88
CA GLU N 38 25.83 46.16 -40.65
C GLU N 38 24.75 47.21 -40.83
N GLN N 39 25.09 48.34 -41.44
CA GLN N 39 24.09 49.36 -41.70
C GLN N 39 23.03 48.81 -42.64
N ASN N 40 23.46 48.13 -43.68
CA ASN N 40 22.53 47.54 -44.65
C ASN N 40 22.14 46.14 -44.24
N TYR N 41 21.63 46.04 -43.01
CA TYR N 41 21.24 44.75 -42.43
C TYR N 41 19.90 44.30 -42.96
N ASP N 42 18.89 45.16 -42.85
CA ASP N 42 17.52 44.82 -43.18
C ASP N 42 17.20 45.09 -44.64
N SER N 43 18.22 45.15 -45.49
CA SER N 43 18.08 45.60 -46.86
C SER N 43 17.78 44.40 -47.76
N ARG N 44 16.82 44.59 -48.66
CA ARG N 44 16.27 43.49 -49.45
C ARG N 44 17.35 42.80 -50.25
N ALA N 45 18.36 43.54 -50.68
CA ALA N 45 19.42 43.02 -51.54
C ALA N 45 20.67 42.71 -50.73
N TYR N 46 20.50 42.27 -49.49
CA TYR N 46 21.63 41.86 -48.66
C TYR N 46 22.46 40.80 -49.36
N ASP N 47 21.81 39.79 -49.93
CA ASP N 47 22.55 38.79 -50.68
C ASP N 47 23.40 39.41 -51.77
N GLN N 48 22.79 40.17 -52.68
CA GLN N 48 23.59 40.83 -53.69
C GLN N 48 24.54 41.89 -53.15
N LEU N 49 24.53 42.20 -51.86
CA LEU N 49 25.55 43.02 -51.24
C LEU N 49 26.71 42.18 -50.74
N LEU N 50 26.37 41.15 -49.97
CA LEU N 50 27.37 40.25 -49.42
C LEU N 50 28.17 39.60 -50.54
N ASP N 51 27.48 39.16 -51.59
CA ASP N 51 28.14 38.53 -52.72
C ASP N 51 29.26 39.39 -53.27
N ALA N 52 29.03 40.69 -53.37
CA ALA N 52 30.05 41.56 -53.94
C ALA N 52 31.09 41.98 -52.91
N ALA N 53 30.66 42.35 -51.68
CA ALA N 53 31.57 42.75 -50.62
C ALA N 53 32.65 41.71 -50.33
N VAL N 54 32.40 40.47 -50.72
CA VAL N 54 33.33 39.36 -50.54
C VAL N 54 34.14 39.06 -51.80
N LYS N 55 33.75 39.57 -52.98
CA LYS N 55 34.10 38.96 -54.26
C LYS N 55 35.53 39.31 -54.68
N CYS N 56 36.47 38.86 -53.85
CA CYS N 56 37.87 38.85 -54.26
C CYS N 56 38.11 37.75 -55.27
N ASN N 57 38.88 38.06 -56.30
CA ASN N 57 39.22 37.10 -57.34
C ASN N 57 40.64 37.36 -57.87
N THR O 4 55.22 10.94 21.20
CA THR O 4 56.18 9.91 20.80
C THR O 4 55.48 8.56 20.67
N VAL O 5 55.58 7.98 19.48
CA VAL O 5 54.92 6.72 19.17
C VAL O 5 55.94 5.58 19.29
N MET O 6 55.42 4.36 19.37
CA MET O 6 56.22 3.14 19.49
C MET O 6 55.82 2.21 18.36
N CYS O 7 56.71 2.02 17.40
CA CYS O 7 56.47 1.13 16.26
C CYS O 7 57.60 0.13 16.04
N VAL O 8 57.22 -1.14 16.15
CA VAL O 8 58.11 -2.30 16.30
C VAL O 8 58.88 -2.60 15.02
N LEU O 9 60.12 -3.06 15.19
CA LEU O 9 60.81 -3.87 14.19
C LEU O 9 61.50 -5.06 14.88
N ALA O 10 61.13 -5.36 16.12
CA ALA O 10 61.39 -6.56 16.91
C ALA O 10 62.79 -6.69 17.52
N ASN O 11 63.71 -5.75 17.30
CA ASN O 11 64.76 -5.52 18.30
C ASN O 11 64.85 -4.04 18.69
N ILE O 12 64.49 -3.17 17.75
CA ILE O 12 64.54 -1.73 17.97
C ILE O 12 63.22 -1.26 18.58
N THR O 13 63.26 -0.07 19.17
CA THR O 13 62.15 0.57 19.87
C THR O 13 61.97 1.98 19.35
N PHE O 14 62.25 2.18 18.05
CA PHE O 14 62.48 3.52 17.54
C PHE O 14 61.19 4.35 17.45
N PRO O 15 61.29 5.68 17.53
CA PRO O 15 60.13 6.52 17.19
C PRO O 15 59.74 6.42 15.73
N CYS O 16 58.43 6.50 15.48
CA CYS O 16 57.88 6.49 14.12
C CYS O 16 58.22 7.73 13.29
N ASP O 17 58.94 8.70 13.85
CA ASP O 17 59.38 9.89 13.12
C ASP O 17 60.87 9.87 12.84
N GLN O 18 61.62 9.00 13.51
CA GLN O 18 63.07 8.85 13.36
C GLN O 18 63.39 7.40 13.02
N PRO O 19 62.99 6.93 11.83
CA PRO O 19 63.31 5.55 11.41
C PRO O 19 64.80 5.26 11.50
N PRO O 20 65.21 4.00 11.47
CA PRO O 20 66.65 3.73 11.46
C PRO O 20 67.38 4.40 10.30
N CYS O 21 66.80 4.37 9.12
CA CYS O 21 67.52 4.55 7.87
C CYS O 21 67.14 5.88 7.22
N MET O 22 67.94 6.95 7.50
CA MET O 22 67.56 8.29 7.04
C MET O 22 67.70 8.59 5.56
N PRO O 23 68.85 8.36 4.90
CA PRO O 23 69.13 9.14 3.68
C PRO O 23 68.16 8.95 2.52
N CYS O 24 67.95 7.71 2.11
CA CYS O 24 66.81 7.31 1.28
C CYS O 24 66.50 5.89 1.73
N CYS O 25 65.54 5.75 2.63
CA CYS O 25 65.56 4.61 3.54
C CYS O 25 65.39 3.34 2.69
N TYR O 26 64.34 3.35 1.86
CA TYR O 26 64.01 2.26 0.94
C TYR O 26 65.19 1.87 0.06
N GLU O 27 65.86 2.83 -0.54
CA GLU O 27 66.72 2.58 -1.70
C GLU O 27 67.96 1.77 -1.37
N LYS O 28 68.15 1.32 -0.13
CA LYS O 28 69.36 0.62 0.31
C LYS O 28 69.07 -0.82 0.69
N ASN O 29 68.08 -1.08 1.55
CA ASN O 29 67.70 -2.45 1.93
C ASN O 29 66.20 -2.60 1.70
N PRO O 30 65.78 -2.86 0.45
CA PRO O 30 64.33 -2.88 0.15
C PRO O 30 63.51 -3.89 0.93
N HIS O 31 64.12 -4.90 1.54
CA HIS O 31 63.37 -5.96 2.20
C HIS O 31 63.15 -5.70 3.68
N GLU O 32 63.65 -4.58 4.22
CA GLU O 32 63.32 -4.14 5.57
C GLU O 32 62.44 -2.91 5.58
N THR O 33 62.49 -2.11 4.52
CA THR O 33 61.61 -0.96 4.41
C THR O 33 60.16 -1.37 4.25
N LEU O 34 59.91 -2.63 3.89
CA LEU O 34 58.57 -3.20 3.96
C LEU O 34 58.39 -3.87 5.30
N THR O 35 59.30 -4.79 5.65
CA THR O 35 59.23 -5.55 6.91
C THR O 35 58.94 -4.68 8.12
N MET O 36 59.39 -3.42 8.12
CA MET O 36 59.03 -2.50 9.19
C MET O 36 57.67 -1.88 8.95
N LEU O 37 57.19 -1.89 7.71
CA LEU O 37 55.85 -1.43 7.36
C LEU O 37 54.83 -2.55 7.40
N GLU O 38 55.23 -3.79 7.70
CA GLU O 38 54.29 -4.89 7.78
C GLU O 38 53.88 -5.18 9.23
N GLN O 39 54.84 -5.29 10.14
CA GLN O 39 54.47 -5.49 11.53
C GLN O 39 53.78 -4.26 12.10
N ASN O 40 54.06 -3.09 11.53
CA ASN O 40 53.47 -1.83 11.94
C ASN O 40 52.06 -1.61 11.42
N TYR O 41 51.48 -2.57 10.69
CA TYR O 41 50.14 -2.47 10.12
C TYR O 41 49.13 -1.85 11.06
N ASP O 42 48.97 -2.40 12.26
CA ASP O 42 47.92 -2.03 13.20
C ASP O 42 48.31 -0.85 14.08
N SER O 43 49.29 -0.06 13.68
CA SER O 43 49.89 0.97 14.51
C SER O 43 49.27 2.31 14.21
N ARG O 44 49.05 3.11 15.24
CA ARG O 44 48.14 4.25 15.15
C ARG O 44 48.71 5.33 14.26
N ALA O 45 49.88 5.86 14.61
CA ALA O 45 50.52 6.84 13.72
C ALA O 45 51.29 6.14 12.62
N TYR O 46 50.60 5.27 11.88
CA TYR O 46 51.20 4.63 10.72
C TYR O 46 51.61 5.63 9.67
N ASP O 47 50.76 6.62 9.39
CA ASP O 47 50.98 7.53 8.28
C ASP O 47 52.34 8.22 8.36
N GLN O 48 52.70 8.72 9.54
CA GLN O 48 53.97 9.41 9.67
C GLN O 48 55.13 8.49 9.34
N LEU O 49 54.97 7.20 9.62
CA LEU O 49 56.03 6.25 9.33
C LEU O 49 56.00 5.90 7.87
N LEU O 50 54.82 5.78 7.30
CA LEU O 50 54.70 5.49 5.89
C LEU O 50 55.34 6.58 5.05
N ASP O 51 55.16 7.83 5.46
CA ASP O 51 55.84 8.91 4.76
C ASP O 51 57.33 8.87 5.01
N ALA O 52 57.74 8.73 6.28
CA ALA O 52 59.16 8.68 6.63
C ALA O 52 59.88 7.59 5.86
N ALA O 53 59.34 6.37 5.90
CA ALA O 53 60.00 5.18 5.39
C ALA O 53 60.50 5.33 3.97
N VAL O 54 59.91 6.22 3.17
CA VAL O 54 60.34 6.39 1.79
C VAL O 54 60.61 7.89 1.56
N LYS O 55 60.81 8.65 2.64
CA LYS O 55 60.96 10.11 2.57
C LYS O 55 62.39 10.39 2.10
N CYS O 56 62.56 10.31 0.79
CA CYS O 56 63.84 10.18 0.10
C CYS O 56 64.05 11.32 -0.88
N ASN O 57 65.24 11.31 -1.50
CA ASN O 57 65.66 12.31 -2.47
C ASN O 57 65.52 13.73 -1.93
N THR P 4 47.59 27.60 18.75
CA THR P 4 48.53 28.31 19.62
C THR P 4 47.95 29.64 20.06
N VAL P 5 48.00 29.89 21.38
CA VAL P 5 47.47 31.14 21.91
C VAL P 5 48.40 32.30 21.56
N MET P 6 47.89 33.52 21.69
CA MET P 6 48.59 34.71 21.23
C MET P 6 48.00 35.91 21.95
N CYS P 7 48.84 36.67 22.64
CA CYS P 7 48.41 37.76 23.51
C CYS P 7 48.81 39.11 22.93
N VAL P 8 47.94 40.11 23.13
CA VAL P 8 48.13 41.49 22.69
C VAL P 8 48.71 42.32 23.83
N LEU P 9 49.75 43.11 23.53
CA LEU P 9 50.24 44.18 24.41
C LEU P 9 50.19 45.49 23.61
N ALA P 10 49.09 46.21 23.70
CA ALA P 10 48.93 47.52 23.06
C ALA P 10 49.33 47.50 21.59
N ASN P 11 48.60 46.68 20.82
CA ASN P 11 48.91 46.39 19.41
C ASN P 11 50.39 46.04 19.20
N ILE P 12 50.92 45.23 20.11
CA ILE P 12 52.14 44.45 19.88
C ILE P 12 51.76 43.01 20.20
N THR P 13 51.38 42.24 19.19
CA THR P 13 51.17 40.82 19.37
C THR P 13 52.43 40.17 19.96
N PHE P 14 52.24 39.03 20.61
CA PHE P 14 53.35 38.23 21.09
C PHE P 14 52.78 36.92 21.63
N PRO P 15 53.59 35.87 21.77
CA PRO P 15 53.07 34.64 22.37
C PRO P 15 52.88 34.83 23.87
N CYS P 16 52.29 33.83 24.50
CA CYS P 16 51.86 33.94 25.89
C CYS P 16 52.65 33.03 26.82
N ASP P 17 53.82 32.58 26.38
CA ASP P 17 54.87 32.09 27.26
C ASP P 17 56.20 32.77 27.03
N GLN P 18 56.36 33.50 25.93
CA GLN P 18 57.60 34.18 25.58
C GLN P 18 57.24 35.64 25.31
N PRO P 19 57.26 36.49 26.34
CA PRO P 19 56.96 37.91 26.11
C PRO P 19 58.04 38.58 25.28
N PRO P 20 57.85 39.87 24.96
CA PRO P 20 58.99 40.66 24.44
C PRO P 20 60.10 40.75 25.47
N CYS P 21 59.74 40.73 26.73
CA CYS P 21 60.57 41.01 27.90
C CYS P 21 60.57 39.75 28.78
N MET P 22 61.49 38.85 28.51
CA MET P 22 61.51 37.63 29.32
C MET P 22 62.09 37.82 30.72
N PRO P 23 63.32 38.40 30.86
CA PRO P 23 64.16 37.97 31.98
C PRO P 23 63.70 38.29 33.40
N CYS P 24 63.36 39.53 33.76
CA CYS P 24 62.28 39.83 34.70
C CYS P 24 61.75 41.23 34.42
N CYS P 25 60.57 41.36 33.80
CA CYS P 25 60.08 42.69 33.44
C CYS P 25 59.88 43.61 34.64
N TYR P 26 59.67 43.08 35.83
CA TYR P 26 59.13 43.87 36.91
C TYR P 26 60.19 44.78 37.55
N GLU P 27 61.36 44.92 36.93
CA GLU P 27 62.32 45.92 37.32
C GLU P 27 62.81 46.78 36.16
N LYS P 28 62.72 46.31 34.92
CA LYS P 28 63.11 47.18 33.80
C LYS P 28 62.10 48.32 33.64
N ASN P 29 60.81 47.98 33.57
CA ASN P 29 59.74 48.97 33.61
C ASN P 29 58.52 48.24 34.15
N PRO P 30 58.23 48.35 35.46
CA PRO P 30 57.04 47.64 35.99
C PRO P 30 55.74 47.99 35.28
N HIS P 31 55.44 49.28 35.14
CA HIS P 31 54.18 49.73 34.55
C HIS P 31 53.83 49.01 33.25
N GLU P 32 54.83 48.73 32.40
CA GLU P 32 54.51 48.05 31.15
C GLU P 32 54.17 46.58 31.38
N THR P 33 54.81 45.96 32.38
CA THR P 33 54.43 44.60 32.77
C THR P 33 52.97 44.56 33.14
N LEU P 34 52.60 45.48 34.03
CA LEU P 34 51.23 45.50 34.51
C LEU P 34 50.29 45.94 33.42
N THR P 35 50.78 46.66 32.40
CA THR P 35 50.01 46.92 31.20
C THR P 35 49.81 45.67 30.37
N MET P 36 50.72 44.69 30.44
CA MET P 36 50.51 43.46 29.68
C MET P 36 49.47 42.61 30.39
N LEU P 37 49.56 42.51 31.70
CA LEU P 37 48.67 41.59 32.40
C LEU P 37 47.27 42.16 32.56
N GLU P 38 47.02 43.40 32.13
CA GLU P 38 45.70 43.98 32.14
C GLU P 38 45.05 44.08 30.76
N GLN P 39 45.58 43.39 29.75
CA GLN P 39 44.94 43.30 28.44
C GLN P 39 44.32 41.94 28.19
N ASN P 40 45.08 40.89 28.44
CA ASN P 40 44.74 39.57 27.94
C ASN P 40 43.84 38.88 28.97
N TYR P 41 42.69 39.52 29.18
CA TYR P 41 41.94 39.30 30.41
C TYR P 41 41.05 38.09 30.30
N ASP P 42 40.52 37.84 29.13
CA ASP P 42 39.82 36.61 28.82
C ASP P 42 40.75 35.56 28.22
N SER P 43 42.05 35.86 28.14
CA SER P 43 43.00 34.97 27.50
C SER P 43 43.06 33.65 28.25
N ARG P 44 42.61 32.58 27.58
CA ARG P 44 42.51 31.25 28.18
C ARG P 44 43.81 30.76 28.80
N ALA P 45 44.95 31.33 28.40
CA ALA P 45 46.26 30.95 28.88
C ALA P 45 46.86 32.06 29.75
N TYR P 46 46.02 32.72 30.54
CA TYR P 46 46.50 33.88 31.27
C TYR P 46 47.41 33.48 32.42
N ASP P 47 47.25 32.26 32.95
CA ASP P 47 48.19 31.81 33.95
C ASP P 47 49.49 31.40 33.29
N GLN P 48 49.41 30.93 32.04
CA GLN P 48 50.62 30.68 31.26
C GLN P 48 51.35 31.98 30.98
N LEU P 49 50.62 33.10 30.90
CA LEU P 49 51.23 34.38 30.62
C LEU P 49 51.88 34.94 31.88
N LEU P 50 51.17 34.90 32.99
CA LEU P 50 51.72 35.45 34.21
C LEU P 50 52.91 34.65 34.70
N ASP P 51 52.79 33.31 34.74
CA ASP P 51 53.92 32.51 35.21
C ASP P 51 55.15 32.63 34.33
N ALA P 52 55.06 33.25 33.16
CA ALA P 52 56.21 33.62 32.36
C ALA P 52 56.56 35.11 32.46
N ALA P 53 55.65 35.92 33.01
CA ALA P 53 55.84 37.37 33.10
C ALA P 53 56.14 37.83 34.52
N VAL P 54 56.49 36.93 35.43
CA VAL P 54 56.85 37.30 36.80
C VAL P 54 58.19 36.71 37.24
N LYS P 55 58.79 35.86 36.41
CA LYS P 55 60.03 35.18 36.77
C LYS P 55 61.18 36.18 36.89
N CYS P 56 61.64 36.44 38.12
CA CYS P 56 62.91 37.12 38.37
C CYS P 56 63.82 36.19 39.15
N ASN P 57 64.95 35.83 38.55
CA ASN P 57 65.91 34.92 39.15
C ASN P 57 66.50 35.52 40.43
N CYS Q 1 19.73 10.28 -68.87
CA CYS Q 1 19.31 11.22 -67.85
C CYS Q 1 18.31 12.22 -68.41
N GLU Q 2 17.88 13.18 -67.57
CA GLU Q 2 16.89 14.18 -67.97
C GLU Q 2 17.59 15.39 -68.60
N PRO Q 3 16.95 16.09 -69.55
CA PRO Q 3 17.60 17.28 -70.12
C PRO Q 3 17.88 18.36 -69.08
N SER Q 4 17.01 18.49 -68.06
CA SER Q 4 17.20 19.48 -67.01
C SER Q 4 18.19 19.04 -65.94
N GLN Q 5 18.79 17.86 -66.07
CA GLN Q 5 19.72 17.32 -65.08
C GLN Q 5 21.05 17.03 -65.73
N PHE Q 6 22.13 17.30 -65.01
CA PHE Q 6 23.46 17.04 -65.50
C PHE Q 6 23.78 15.55 -65.45
N GLN Q 7 24.60 15.10 -66.39
CA GLN Q 7 25.09 13.73 -66.45
C GLN Q 7 26.59 13.74 -66.25
N CYS Q 8 27.06 13.00 -65.23
CA CYS Q 8 28.49 12.92 -64.95
C CYS Q 8 29.18 12.11 -66.04
N THR Q 9 30.52 12.09 -65.97
CA THR Q 9 31.32 11.28 -66.88
C THR Q 9 31.00 9.80 -66.77
N ASN Q 10 30.53 9.37 -65.58
CA ASN Q 10 30.17 7.97 -65.34
C ASN Q 10 28.66 7.77 -65.40
N GLY Q 11 27.97 8.52 -66.27
CA GLY Q 11 26.56 8.33 -66.50
C GLY Q 11 25.62 8.79 -65.42
N ARG Q 12 26.10 9.09 -64.22
CA ARG Q 12 25.20 9.37 -63.10
C ARG Q 12 24.50 10.71 -63.30
N CYS Q 13 23.19 10.72 -63.06
CA CYS Q 13 22.38 11.91 -63.23
C CYS Q 13 22.25 12.63 -61.89
N ILE Q 14 22.57 13.92 -61.89
CA ILE Q 14 22.38 14.78 -60.73
C ILE Q 14 21.67 16.05 -61.17
N THR Q 15 21.23 16.83 -60.18
CA THR Q 15 20.63 18.13 -60.47
C THR Q 15 21.71 19.12 -60.89
N LEU Q 16 21.33 20.04 -61.78
CA LEU Q 16 22.29 21.02 -62.29
C LEU Q 16 22.73 21.98 -61.19
N LEU Q 17 21.83 22.30 -60.26
CA LEU Q 17 22.18 23.19 -59.15
C LEU Q 17 23.25 22.61 -58.24
N TRP Q 18 23.48 21.28 -58.29
CA TRP Q 18 24.48 20.64 -57.46
C TRP Q 18 25.84 20.52 -58.15
N LYS Q 19 26.10 21.41 -59.11
CA LYS Q 19 27.31 21.41 -59.93
C LYS Q 19 28.19 22.58 -59.54
N CYS Q 20 29.48 22.31 -59.32
CA CYS Q 20 30.45 23.33 -58.91
C CYS Q 20 30.07 24.00 -57.59
N ASP Q 21 29.45 23.24 -56.70
CA ASP Q 21 29.19 23.70 -55.33
C ASP Q 21 30.28 23.26 -54.35
N GLY Q 22 31.39 22.69 -54.84
CA GLY Q 22 32.52 22.37 -54.01
C GLY Q 22 32.55 20.96 -53.46
N ASP Q 23 31.43 20.24 -53.50
CA ASP Q 23 31.29 18.95 -52.82
C ASP Q 23 31.11 17.86 -53.86
N GLU Q 24 31.95 16.83 -53.76
CA GLU Q 24 32.15 15.80 -54.78
C GLU Q 24 31.00 14.80 -54.77
N ASP Q 25 29.85 15.22 -55.30
CA ASP Q 25 28.69 14.34 -55.36
C ASP Q 25 29.01 13.06 -56.13
N CYS Q 26 29.37 13.18 -57.41
CA CYS Q 26 29.67 12.00 -58.20
C CYS Q 26 30.93 11.33 -57.70
N VAL Q 27 30.95 9.99 -57.76
CA VAL Q 27 32.10 9.22 -57.29
C VAL Q 27 33.41 9.68 -57.91
N ASP Q 28 33.40 9.96 -59.22
CA ASP Q 28 34.61 10.37 -59.91
C ASP Q 28 34.85 11.88 -59.91
N GLY Q 29 33.99 12.65 -59.25
CA GLY Q 29 34.19 14.09 -59.18
C GLY Q 29 34.04 14.78 -60.52
N SER Q 30 33.04 14.40 -61.32
CA SER Q 30 32.85 14.98 -62.63
C SER Q 30 32.06 16.27 -62.60
N ASP Q 31 31.19 16.45 -61.60
CA ASP Q 31 30.35 17.63 -61.52
C ASP Q 31 31.18 18.89 -61.28
N GLU Q 32 32.22 18.78 -60.46
CA GLU Q 32 33.03 19.92 -60.06
C GLU Q 32 34.14 20.26 -61.07
N LYS Q 33 34.27 19.49 -62.15
CA LYS Q 33 35.27 19.74 -63.17
C LYS Q 33 34.78 20.82 -64.15
N ASN Q 34 35.65 21.21 -65.07
CA ASN Q 34 35.41 22.30 -66.02
C ASN Q 34 34.81 23.53 -65.32
N CYS Q 35 35.37 23.86 -64.15
CA CYS Q 35 34.89 24.95 -63.30
C CYS Q 35 35.88 26.10 -63.39
N VAL Q 36 35.60 27.05 -64.28
CA VAL Q 36 36.45 28.22 -64.46
C VAL Q 36 36.41 29.07 -63.20
#